data_7JOV
#
_entry.id   7JOV
#
_cell.length_a   95.157
_cell.length_b   101.589
_cell.length_c   102.973
_cell.angle_alpha   83.50
_cell.angle_beta   73.77
_cell.angle_gamma   77.69
#
_symmetry.space_group_name_H-M   'P 1'
#
loop_
_entity.id
_entity.type
_entity.pdbx_description
1 polymer 'Rho-associated protein kinase 2'
2 non-polymer '2-(N-MORPHOLINO)-ETHANESULFONIC ACID'
3 non-polymer N-[(1S)-2-hydroxy-1-phenylethyl]-3-methoxy-4-(1H-pyrazol-4-yl)benzamide
4 non-polymer 'CHLORIDE ION'
5 water water
#
_entity_poly.entity_id   1
_entity_poly.type   'polypeptide(L)'
_entity_poly.pdbx_seq_one_letter_code
;GASRQRKLEALIRDPRSPINVESLLDGLNSLVLDLDFPALRKNKNIDNFLNRYEKIVKKIRGLQMKAEDYDVVKVIGRGA
FGEVQLVRHKASQKVYAMKLLSKFEMIKRSDSAFFWEERDIMAFANSPWVVQLFYAFQDDRYLYMVMEYMPGGDLVNLMS
NYDVPEKWAKFYTAEVVLALDAIHSMGLIHRDVKPDNMLLDKHGHLKLADFGTCMKMDETGMVHCDTAVGTPDYISPEVL
KSQGGDGFYGRECDWWSVGVFLYEMLVGDTPFYADSLVGTYSKIMDHKNSLCFPEDAEISKHAKNLICAFLTDREVRLGR
NGVEEIRQHPFFKNDQWHWDNIRETAAPVVPELSSDIDSSNFDDIEDDKGDVETFPIPKAFVGNQLPFIGFTYYR
;
_entity_poly.pdbx_strand_id   A,B,C,D,E,F,G,H
#
# COMPACT_ATOMS: atom_id res chain seq x y z
N SER A 3 -25.66 2.18 13.84
CA SER A 3 -25.62 1.70 15.21
C SER A 3 -24.45 2.36 16.00
N ARG A 4 -24.54 2.32 17.35
CA ARG A 4 -23.46 2.84 18.18
C ARG A 4 -22.20 1.98 17.99
N GLN A 5 -22.34 0.65 17.88
CA GLN A 5 -21.19 -0.22 17.64
C GLN A 5 -20.57 0.01 16.26
N ARG A 6 -21.38 0.43 15.26
CA ARG A 6 -20.90 0.74 13.92
C ARG A 6 -20.12 2.06 13.96
N LYS A 7 -20.62 3.06 14.72
CA LYS A 7 -19.99 4.37 14.90
C LYS A 7 -18.61 4.19 15.55
N LEU A 8 -18.53 3.33 16.56
CA LEU A 8 -17.32 3.03 17.30
C LEU A 8 -16.32 2.23 16.47
N GLU A 9 -16.80 1.26 15.68
CA GLU A 9 -15.91 0.48 14.82
C GLU A 9 -15.25 1.37 13.76
N ALA A 10 -15.92 2.46 13.35
CA ALA A 10 -15.38 3.39 12.35
C ALA A 10 -14.21 4.21 12.91
N LEU A 11 -14.33 4.65 14.18
CA LEU A 11 -13.28 5.42 14.86
C LEU A 11 -11.99 4.61 14.96
N ILE A 12 -12.12 3.33 15.29
CA ILE A 12 -10.97 2.46 15.46
C ILE A 12 -10.27 2.12 14.11
N ARG A 13 -11.02 2.21 12.99
CA ARG A 13 -10.45 1.93 11.66
C ARG A 13 -9.71 3.14 11.09
N ASP A 14 -10.17 4.35 11.41
CA ASP A 14 -9.61 5.63 10.96
C ASP A 14 -8.13 5.77 11.38
N PRO A 15 -7.22 5.92 10.39
CA PRO A 15 -5.79 6.07 10.74
C PRO A 15 -5.42 7.41 11.38
N ARG A 16 -6.28 8.42 11.24
CA ARG A 16 -6.06 9.71 11.88
C ARG A 16 -6.62 9.75 13.33
N SER A 17 -7.37 8.69 13.75
CA SER A 17 -8.00 8.60 15.06
C SER A 17 -7.02 8.25 16.16
N PRO A 18 -7.12 8.93 17.31
CA PRO A 18 -6.23 8.61 18.43
C PRO A 18 -6.50 7.24 19.08
N ILE A 19 -7.69 6.65 18.79
CA ILE A 19 -8.02 5.35 19.33
C ILE A 19 -8.00 4.25 18.27
N ASN A 20 -7.16 4.39 17.22
CA ASN A 20 -6.99 3.33 16.23
C ASN A 20 -6.22 2.13 16.89
N VAL A 21 -6.17 0.98 16.23
CA VAL A 21 -5.55 -0.21 16.81
C VAL A 21 -4.07 -0.05 17.16
N GLU A 22 -3.30 0.68 16.34
CA GLU A 22 -1.88 0.89 16.63
C GLU A 22 -1.72 1.73 17.88
N SER A 23 -2.60 2.74 18.09
CA SER A 23 -2.63 3.61 19.27
C SER A 23 -3.10 2.89 20.51
N LEU A 24 -4.03 1.94 20.35
CA LEU A 24 -4.53 1.15 21.47
C LEU A 24 -3.46 0.16 21.96
N LEU A 25 -2.65 -0.37 21.06
CA LEU A 25 -1.52 -1.24 21.38
C LEU A 25 -0.37 -0.43 22.01
N ASP A 26 -0.25 0.85 21.65
CA ASP A 26 0.73 1.75 22.24
C ASP A 26 0.36 1.98 23.69
N GLY A 27 -0.93 2.18 23.97
CA GLY A 27 -1.42 2.35 25.33
C GLY A 27 -1.09 1.17 26.23
N LEU A 28 -1.27 -0.05 25.72
CA LEU A 28 -0.96 -1.24 26.51
C LEU A 28 0.52 -1.36 26.74
N ASN A 29 1.32 -1.12 25.71
CA ASN A 29 2.77 -1.21 25.80
C ASN A 29 3.35 -0.22 26.79
N SER A 30 2.84 1.02 26.77
CA SER A 30 3.30 2.11 27.62
C SER A 30 2.91 1.90 29.09
N LEU A 31 1.78 1.27 29.31
CA LEU A 31 1.31 0.96 30.65
C LEU A 31 2.21 -0.09 31.26
N VAL A 32 2.59 -1.12 30.50
CA VAL A 32 3.47 -2.17 30.98
C VAL A 32 4.87 -1.62 31.22
N LEU A 33 5.35 -0.77 30.33
CA LEU A 33 6.69 -0.18 30.47
C LEU A 33 6.82 0.66 31.72
N ASP A 34 5.76 1.43 32.06
CA ASP A 34 5.75 2.31 33.22
C ASP A 34 5.37 1.68 34.54
N LEU A 35 5.04 0.38 34.56
CA LEU A 35 4.68 -0.31 35.78
C LEU A 35 5.66 -1.41 36.13
N ASP A 36 6.43 -1.95 35.16
CA ASP A 36 7.36 -3.04 35.43
C ASP A 36 8.65 -2.59 36.08
N PHE A 37 8.56 -2.26 37.36
CA PHE A 37 9.65 -1.87 38.24
C PHE A 37 9.37 -2.57 39.57
N PRO A 38 10.37 -3.21 40.20
CA PRO A 38 10.12 -3.96 41.43
C PRO A 38 9.59 -3.12 42.60
N ALA A 39 9.84 -1.81 42.58
CA ALA A 39 9.32 -0.89 43.61
C ALA A 39 7.79 -0.78 43.46
N LEU A 40 7.31 -0.63 42.22
CA LEU A 40 5.87 -0.49 41.92
C LEU A 40 5.17 -1.82 42.04
N ARG A 41 5.82 -2.91 41.59
CA ARG A 41 5.29 -4.26 41.65
C ARG A 41 4.96 -4.74 43.07
N LYS A 42 5.32 -3.96 44.11
CA LYS A 42 4.95 -4.29 45.49
C LYS A 42 3.41 -4.18 45.66
N ASN A 43 2.74 -3.31 44.85
CA ASN A 43 1.29 -3.10 44.78
C ASN A 43 0.68 -4.38 44.19
N LYS A 44 -0.36 -4.97 44.85
CA LYS A 44 -0.98 -6.21 44.36
C LYS A 44 -1.64 -6.03 43.00
N ASN A 45 -2.38 -4.91 42.81
CA ASN A 45 -3.04 -4.60 41.54
C ASN A 45 -2.05 -4.61 40.38
N ILE A 46 -0.91 -3.92 40.56
CA ILE A 46 0.16 -3.81 39.56
C ILE A 46 0.85 -5.14 39.31
N ASP A 47 1.25 -5.85 40.37
CA ASP A 47 1.94 -7.13 40.19
C ASP A 47 1.06 -8.15 39.48
N ASN A 48 -0.24 -8.19 39.80
CA ASN A 48 -1.13 -9.16 39.18
C ASN A 48 -1.46 -8.81 37.71
N PHE A 49 -1.62 -7.50 37.41
CA PHE A 49 -1.88 -7.05 36.04
C PHE A 49 -0.69 -7.39 35.16
N LEU A 50 0.53 -7.08 35.64
CA LEU A 50 1.76 -7.36 34.89
C LEU A 50 1.98 -8.83 34.67
N ASN A 51 1.53 -9.68 35.61
CA ASN A 51 1.68 -11.12 35.47
C ASN A 51 0.77 -11.64 34.34
N ARG A 52 -0.46 -11.10 34.26
CA ARG A 52 -1.44 -11.44 33.24
C ARG A 52 -0.97 -11.06 31.84
N TYR A 53 -0.44 -9.85 31.66
CA TYR A 53 -0.05 -9.38 30.33
C TYR A 53 1.42 -9.56 29.99
N GLU A 54 2.21 -10.17 30.85
CA GLU A 54 3.65 -10.36 30.59
C GLU A 54 3.92 -11.15 29.30
N LYS A 55 3.30 -12.33 29.17
CA LYS A 55 3.51 -13.21 28.02
C LYS A 55 3.07 -12.54 26.70
N ILE A 56 1.83 -12.03 26.64
CA ILE A 56 1.26 -11.43 25.45
C ILE A 56 2.03 -10.17 25.02
N VAL A 57 2.52 -9.36 25.97
CA VAL A 57 3.28 -8.17 25.62
C VAL A 57 4.69 -8.54 25.10
N LYS A 58 5.26 -9.66 25.55
CA LYS A 58 6.55 -10.13 25.03
C LYS A 58 6.32 -10.56 23.56
N LYS A 59 5.21 -11.29 23.30
CA LYS A 59 4.81 -11.78 21.99
C LYS A 59 4.59 -10.60 20.99
N ILE A 60 3.85 -9.54 21.43
CA ILE A 60 3.51 -8.33 20.65
C ILE A 60 4.76 -7.54 20.25
N ARG A 61 5.72 -7.42 21.17
CA ARG A 61 6.96 -6.70 20.88
C ARG A 61 7.77 -7.39 19.80
N GLY A 62 7.77 -8.72 19.81
CA GLY A 62 8.49 -9.53 18.84
C GLY A 62 7.88 -9.44 17.45
N LEU A 63 6.55 -9.29 17.39
CA LEU A 63 5.83 -9.18 16.11
C LEU A 63 5.89 -7.78 15.53
N GLN A 64 5.76 -6.73 16.36
CA GLN A 64 5.77 -5.34 15.88
C GLN A 64 7.11 -4.88 15.35
N MET A 65 7.09 -3.87 14.45
CA MET A 65 8.31 -3.29 13.84
C MET A 65 9.21 -2.73 14.91
N LYS A 66 10.52 -3.01 14.80
CA LYS A 66 11.52 -2.58 15.78
C LYS A 66 12.84 -2.15 15.12
N ALA A 67 13.70 -1.42 15.86
CA ALA A 67 14.99 -0.97 15.34
C ALA A 67 15.88 -2.13 14.89
N GLU A 68 15.72 -3.31 15.50
CA GLU A 68 16.49 -4.50 15.15
C GLU A 68 16.12 -5.04 13.76
N ASP A 69 14.98 -4.63 13.19
CA ASP A 69 14.59 -5.01 11.84
C ASP A 69 15.37 -4.26 10.75
N TYR A 70 16.04 -3.15 11.10
CA TYR A 70 16.79 -2.30 10.20
C TYR A 70 18.26 -2.44 10.46
N ASP A 71 19.07 -2.09 9.47
CA ASP A 71 20.51 -2.16 9.60
C ASP A 71 21.09 -0.78 9.41
N VAL A 72 21.88 -0.25 10.37
CA VAL A 72 22.38 1.13 10.23
C VAL A 72 23.61 1.24 9.35
N VAL A 73 23.47 2.00 8.26
CA VAL A 73 24.46 2.19 7.23
C VAL A 73 25.39 3.34 7.58
N LYS A 74 24.84 4.48 7.96
CA LYS A 74 25.64 5.65 8.28
C LYS A 74 24.76 6.70 8.97
N VAL A 75 25.32 7.58 9.80
CA VAL A 75 24.55 8.67 10.40
C VAL A 75 24.72 9.81 9.43
N ILE A 76 23.64 10.25 8.78
CA ILE A 76 23.73 11.32 7.79
C ILE A 76 23.28 12.70 8.33
N GLY A 77 22.88 12.76 9.60
CA GLY A 77 22.43 14.00 10.22
C GLY A 77 22.31 13.86 11.71
N ARG A 78 22.51 14.95 12.41
CA ARG A 78 22.43 14.98 13.87
C ARG A 78 21.77 16.28 14.25
N GLY A 79 20.94 16.21 15.26
CA GLY A 79 20.19 17.37 15.67
C GLY A 79 19.96 17.47 17.16
N ALA A 80 19.09 18.40 17.52
CA ALA A 80 18.74 18.74 18.88
C ALA A 80 18.47 17.49 19.78
N PHE A 81 17.46 16.68 19.44
CA PHE A 81 17.05 15.54 20.23
C PHE A 81 17.46 14.18 19.71
N GLY A 82 18.17 14.13 18.59
CA GLY A 82 18.58 12.84 18.05
C GLY A 82 19.47 12.87 16.83
N GLU A 83 19.22 11.93 15.91
CA GLU A 83 19.99 11.78 14.69
C GLU A 83 19.16 11.12 13.58
N VAL A 84 19.60 11.27 12.33
CA VAL A 84 18.97 10.69 11.16
C VAL A 84 19.96 9.68 10.61
N GLN A 85 19.58 8.41 10.52
CA GLN A 85 20.47 7.36 10.04
C GLN A 85 20.04 6.83 8.69
N LEU A 86 20.99 6.58 7.79
CA LEU A 86 20.72 5.93 6.54
C LEU A 86 20.64 4.44 6.92
N VAL A 87 19.47 3.80 6.76
CA VAL A 87 19.28 2.41 7.16
C VAL A 87 18.75 1.54 6.00
N ARG A 88 18.97 0.23 6.09
CA ARG A 88 18.44 -0.70 5.12
C ARG A 88 17.58 -1.69 5.88
N HIS A 89 16.31 -1.86 5.48
CA HIS A 89 15.42 -2.81 6.14
C HIS A 89 15.92 -4.23 5.88
N LYS A 90 16.28 -4.97 6.93
CA LYS A 90 16.84 -6.31 6.85
C LYS A 90 16.00 -7.30 6.00
N ALA A 91 14.68 -7.31 6.20
CA ALA A 91 13.82 -8.21 5.44
C ALA A 91 13.63 -7.85 3.94
N SER A 92 13.23 -6.60 3.62
CA SER A 92 12.94 -6.14 2.26
C SER A 92 14.11 -5.68 1.46
N GLN A 93 15.22 -5.38 2.13
CA GLN A 93 16.47 -4.84 1.55
C GLN A 93 16.34 -3.37 1.08
N LYS A 94 15.18 -2.73 1.29
CA LYS A 94 14.90 -1.36 0.90
C LYS A 94 15.62 -0.37 1.80
N VAL A 95 16.19 0.70 1.20
CA VAL A 95 16.92 1.73 1.93
C VAL A 95 16.02 2.93 2.31
N TYR A 96 16.10 3.34 3.57
CA TYR A 96 15.33 4.49 4.04
C TYR A 96 16.23 5.45 4.86
N ALA A 97 15.70 6.60 5.23
CA ALA A 97 16.35 7.55 6.14
C ALA A 97 15.49 7.44 7.42
N MET A 98 16.10 7.11 8.56
CA MET A 98 15.36 6.94 9.80
C MET A 98 15.72 7.96 10.84
N LYS A 99 14.75 8.76 11.25
CA LYS A 99 14.97 9.80 12.23
C LYS A 99 14.64 9.29 13.60
N LEU A 100 15.60 9.38 14.53
CA LEU A 100 15.47 8.94 15.93
C LEU A 100 15.33 10.15 16.85
N LEU A 101 14.48 10.06 17.87
CA LEU A 101 14.32 11.14 18.83
C LEU A 101 14.39 10.54 20.21
N SER A 102 15.32 11.02 21.06
CA SER A 102 15.47 10.54 22.43
C SER A 102 14.26 10.93 23.27
N LYS A 103 13.58 9.93 23.85
CA LYS A 103 12.42 10.16 24.73
C LYS A 103 12.89 10.88 25.99
N PHE A 104 14.06 10.46 26.53
CA PHE A 104 14.67 11.09 27.69
C PHE A 104 14.91 12.59 27.49
N GLU A 105 15.59 12.98 26.39
CA GLU A 105 15.86 14.38 26.11
C GLU A 105 14.60 15.17 25.91
N MET A 106 13.60 14.60 25.24
CA MET A 106 12.33 15.28 25.00
C MET A 106 11.59 15.58 26.27
N ILE A 107 11.66 14.68 27.24
CA ILE A 107 11.00 14.88 28.51
C ILE A 107 11.77 15.90 29.32
N LYS A 108 13.10 15.65 29.52
CA LYS A 108 14.02 16.53 30.25
C LYS A 108 13.95 17.98 29.75
N ARG A 109 14.21 18.21 28.47
CA ARG A 109 14.16 19.55 27.87
C ARG A 109 12.75 20.04 27.57
N SER A 110 11.75 19.57 28.37
CA SER A 110 10.31 19.88 28.36
C SER A 110 9.70 20.29 26.98
N ASP A 111 10.15 19.64 25.91
CA ASP A 111 9.66 19.88 24.56
C ASP A 111 9.21 18.50 24.09
N SER A 112 7.91 18.17 24.24
CA SER A 112 7.42 16.84 23.87
C SER A 112 6.09 16.82 23.08
N ALA A 113 5.91 17.76 22.15
CA ALA A 113 4.68 17.82 21.34
C ALA A 113 4.96 18.13 19.86
N PHE A 114 6.18 18.55 19.53
CA PHE A 114 6.57 18.93 18.19
C PHE A 114 6.52 17.78 17.18
N PHE A 115 6.74 16.55 17.65
CA PHE A 115 6.77 15.38 16.79
C PHE A 115 5.41 14.99 16.24
N TRP A 116 4.31 15.40 16.88
CA TRP A 116 2.99 15.05 16.42
C TRP A 116 2.71 15.66 15.06
N GLU A 117 3.00 16.96 14.86
CA GLU A 117 2.79 17.58 13.55
C GLU A 117 3.85 17.17 12.51
N GLU A 118 5.08 16.83 12.96
CA GLU A 118 6.12 16.37 12.06
C GLU A 118 5.71 15.01 11.49
N ARG A 119 5.21 14.12 12.33
CA ARG A 119 4.76 12.81 11.92
C ARG A 119 3.54 12.90 11.00
N ASP A 120 2.55 13.71 11.37
CA ASP A 120 1.34 13.86 10.59
C ASP A 120 1.63 14.46 9.25
N ILE A 121 2.51 15.50 9.17
CA ILE A 121 2.84 16.14 7.87
C ILE A 121 3.45 15.13 6.93
N MET A 122 4.44 14.37 7.40
CA MET A 122 5.11 13.40 6.54
C MET A 122 4.29 12.17 6.21
N ALA A 123 3.36 11.77 7.10
CA ALA A 123 2.55 10.58 6.85
C ALA A 123 1.36 10.84 5.95
N PHE A 124 0.74 12.04 6.07
CA PHE A 124 -0.51 12.31 5.37
C PHE A 124 -0.52 13.46 4.35
N ALA A 125 0.59 14.18 4.11
CA ALA A 125 0.57 15.29 3.15
C ALA A 125 0.14 14.91 1.75
N ASN A 126 0.63 13.77 1.25
CA ASN A 126 0.37 13.30 -0.11
C ASN A 126 0.74 14.34 -1.17
N SER A 127 1.90 15.00 -0.96
CA SER A 127 2.45 16.01 -1.86
C SER A 127 3.86 15.61 -2.25
N PRO A 128 4.23 15.78 -3.52
CA PRO A 128 5.61 15.45 -3.92
C PRO A 128 6.65 16.44 -3.36
N TRP A 129 6.20 17.51 -2.68
CA TRP A 129 7.08 18.50 -2.07
C TRP A 129 7.41 18.19 -0.61
N VAL A 130 6.82 17.15 -0.01
CA VAL A 130 7.06 16.78 1.38
C VAL A 130 7.69 15.36 1.43
N VAL A 131 8.74 15.18 2.25
CA VAL A 131 9.38 13.89 2.44
C VAL A 131 8.35 12.94 3.08
N GLN A 132 8.17 11.77 2.46
CA GLN A 132 7.18 10.81 2.89
C GLN A 132 7.63 9.89 3.97
N LEU A 133 6.78 9.71 4.99
CA LEU A 133 6.99 8.81 6.09
C LEU A 133 6.25 7.52 5.76
N PHE A 134 6.91 6.38 5.94
CA PHE A 134 6.33 5.08 5.70
C PHE A 134 5.91 4.45 7.01
N TYR A 135 6.76 4.51 8.03
CA TYR A 135 6.49 3.89 9.32
C TYR A 135 6.97 4.72 10.48
N ALA A 136 6.16 4.84 11.50
CA ALA A 136 6.54 5.49 12.74
C ALA A 136 6.38 4.37 13.80
N PHE A 137 7.38 4.22 14.64
CA PHE A 137 7.36 3.19 15.69
C PHE A 137 8.20 3.66 16.88
N GLN A 138 8.16 2.94 18.01
CA GLN A 138 8.92 3.37 19.19
C GLN A 138 9.36 2.22 20.06
N ASP A 139 10.38 2.45 20.88
CA ASP A 139 10.82 1.51 21.89
C ASP A 139 10.89 2.27 23.23
N ASP A 140 11.47 1.67 24.29
CA ASP A 140 11.56 2.36 25.58
C ASP A 140 12.44 3.64 25.52
N ARG A 141 13.40 3.71 24.58
CA ARG A 141 14.32 4.84 24.49
C ARG A 141 14.03 5.91 23.39
N TYR A 142 13.56 5.51 22.20
CA TYR A 142 13.36 6.46 21.11
C TYR A 142 12.04 6.36 20.35
N LEU A 143 11.75 7.42 19.58
CA LEU A 143 10.71 7.51 18.59
C LEU A 143 11.45 7.35 17.24
N TYR A 144 10.89 6.58 16.31
CA TYR A 144 11.51 6.36 15.01
C TYR A 144 10.60 6.80 13.91
N MET A 145 11.17 7.42 12.88
CA MET A 145 10.41 7.85 11.72
C MET A 145 11.13 7.39 10.47
N VAL A 146 10.60 6.36 9.80
CA VAL A 146 11.18 5.80 8.60
C VAL A 146 10.67 6.59 7.40
N MET A 147 11.55 7.35 6.76
CA MET A 147 11.20 8.22 5.64
C MET A 147 11.88 7.79 4.35
N GLU A 148 11.46 8.39 3.22
CA GLU A 148 12.12 8.12 1.96
C GLU A 148 13.44 8.82 1.98
N TYR A 149 14.49 8.08 1.63
CA TYR A 149 15.84 8.65 1.62
C TYR A 149 15.98 9.61 0.42
N MET A 150 16.60 10.79 0.63
CA MET A 150 16.83 11.82 -0.38
C MET A 150 18.30 11.84 -0.66
N PRO A 151 18.75 11.18 -1.75
CA PRO A 151 20.20 11.06 -1.96
C PRO A 151 20.94 12.28 -2.50
N GLY A 152 20.20 13.31 -2.90
CA GLY A 152 20.76 14.54 -3.44
C GLY A 152 21.31 15.52 -2.41
N GLY A 153 21.13 15.21 -1.13
CA GLY A 153 21.60 16.06 -0.06
C GLY A 153 20.77 17.32 0.09
N ASP A 154 21.20 18.23 0.96
CA ASP A 154 20.47 19.48 1.14
C ASP A 154 20.98 20.61 0.22
N LEU A 155 20.26 21.73 0.18
CA LEU A 155 20.63 22.85 -0.67
C LEU A 155 21.87 23.60 -0.16
N VAL A 156 22.28 23.40 1.11
CA VAL A 156 23.48 23.98 1.67
C VAL A 156 24.67 23.37 0.95
N ASN A 157 24.67 22.03 0.81
CA ASN A 157 25.71 21.25 0.13
C ASN A 157 25.81 21.65 -1.34
N LEU A 158 24.66 21.90 -2.00
CA LEU A 158 24.64 22.32 -3.40
C LEU A 158 25.31 23.68 -3.55
N MET A 159 24.97 24.65 -2.67
CA MET A 159 25.55 25.99 -2.75
C MET A 159 27.05 26.01 -2.45
N SER A 160 27.53 25.13 -1.57
CA SER A 160 28.96 25.07 -1.27
C SER A 160 29.78 24.35 -2.36
N ASN A 161 29.12 23.60 -3.24
CA ASN A 161 29.81 22.92 -4.33
C ASN A 161 29.62 23.58 -5.70
N TYR A 162 28.71 24.57 -5.81
CA TYR A 162 28.46 25.24 -7.09
C TYR A 162 28.29 26.74 -6.95
N ASP A 163 28.69 27.46 -7.98
CA ASP A 163 28.41 28.89 -8.05
C ASP A 163 27.01 28.87 -8.67
N VAL A 164 26.02 29.45 -7.98
CA VAL A 164 24.64 29.39 -8.47
C VAL A 164 24.26 30.46 -9.53
N PRO A 165 23.98 30.01 -10.76
CA PRO A 165 23.48 30.94 -11.78
C PRO A 165 21.98 31.28 -11.54
N GLU A 166 21.51 32.41 -12.11
CA GLU A 166 20.14 32.85 -11.96
C GLU A 166 19.12 31.88 -12.55
N LYS A 167 19.51 31.08 -13.55
CA LYS A 167 18.58 30.09 -14.13
C LYS A 167 18.30 28.97 -13.12
N TRP A 168 19.33 28.60 -12.34
CA TRP A 168 19.22 27.60 -11.29
C TRP A 168 18.46 28.18 -10.12
N ALA A 169 18.79 29.41 -9.72
CA ALA A 169 18.15 30.11 -8.62
C ALA A 169 16.66 30.32 -8.86
N LYS A 170 16.28 30.53 -10.11
CA LYS A 170 14.87 30.69 -10.51
C LYS A 170 14.13 29.36 -10.35
N PHE A 171 14.79 28.25 -10.68
CA PHE A 171 14.20 26.91 -10.54
C PHE A 171 14.01 26.53 -9.07
N TYR A 172 15.10 26.55 -8.26
CA TYR A 172 15.01 26.15 -6.87
C TYR A 172 14.07 27.06 -6.08
N THR A 173 14.01 28.37 -6.41
CA THR A 173 13.09 29.26 -5.72
C THR A 173 11.65 28.89 -6.01
N ALA A 174 11.32 28.64 -7.30
CA ALA A 174 9.98 28.25 -7.74
C ALA A 174 9.53 26.97 -7.05
N GLU A 175 10.46 26.01 -6.86
CA GLU A 175 10.14 24.77 -6.15
C GLU A 175 9.86 25.02 -4.68
N VAL A 176 10.64 25.91 -4.01
CA VAL A 176 10.41 26.30 -2.61
C VAL A 176 9.03 26.98 -2.47
N VAL A 177 8.69 27.84 -3.43
CA VAL A 177 7.40 28.55 -3.49
C VAL A 177 6.25 27.54 -3.53
N LEU A 178 6.33 26.52 -4.41
CA LEU A 178 5.26 25.51 -4.48
C LEU A 178 5.22 24.61 -3.26
N ALA A 179 6.39 24.27 -2.71
CA ALA A 179 6.45 23.41 -1.52
C ALA A 179 5.85 24.12 -0.31
N LEU A 180 6.12 25.42 -0.17
CA LEU A 180 5.60 26.23 0.93
C LEU A 180 4.11 26.48 0.78
N ASP A 181 3.62 26.62 -0.46
CA ASP A 181 2.20 26.79 -0.70
C ASP A 181 1.44 25.51 -0.29
N ALA A 182 2.04 24.34 -0.52
CA ALA A 182 1.47 23.05 -0.14
C ALA A 182 1.35 22.92 1.37
N ILE A 183 2.37 23.34 2.12
CA ILE A 183 2.32 23.30 3.58
C ILE A 183 1.28 24.29 4.13
N HIS A 184 1.23 25.49 3.54
CA HIS A 184 0.28 26.52 3.91
C HIS A 184 -1.14 26.03 3.60
N SER A 185 -1.34 25.28 2.48
CA SER A 185 -2.64 24.68 2.10
C SER A 185 -3.18 23.74 3.18
N MET A 186 -2.29 23.09 3.91
CA MET A 186 -2.68 22.22 5.01
C MET A 186 -2.87 22.95 6.36
N GLY A 187 -2.90 24.27 6.32
CA GLY A 187 -3.08 25.08 7.50
C GLY A 187 -1.88 25.06 8.42
N LEU A 188 -0.67 25.04 7.85
CA LEU A 188 0.55 25.02 8.65
C LEU A 188 1.53 26.11 8.25
N ILE A 189 2.36 26.53 9.21
CA ILE A 189 3.43 27.49 9.01
C ILE A 189 4.73 26.77 9.38
N HIS A 190 5.71 26.70 8.46
CA HIS A 190 6.98 26.01 8.69
C HIS A 190 7.78 26.62 9.84
N ARG A 191 7.93 27.96 9.87
CA ARG A 191 8.69 28.73 10.87
C ARG A 191 10.21 28.52 10.78
N ASP A 192 10.70 27.62 9.91
CA ASP A 192 12.14 27.37 9.79
C ASP A 192 12.57 27.05 8.35
N VAL A 193 12.14 27.88 7.40
CA VAL A 193 12.52 27.69 6.00
C VAL A 193 13.98 28.13 5.87
N LYS A 194 14.84 27.21 5.43
CA LYS A 194 16.28 27.43 5.25
C LYS A 194 16.85 26.30 4.37
N PRO A 195 18.02 26.49 3.71
CA PRO A 195 18.51 25.45 2.81
C PRO A 195 18.96 24.14 3.48
N ASP A 196 19.12 24.12 4.81
CA ASP A 196 19.44 22.87 5.53
C ASP A 196 18.23 21.91 5.54
N ASN A 197 17.00 22.48 5.46
CA ASN A 197 15.71 21.80 5.46
C ASN A 197 15.11 21.65 4.04
N MET A 198 15.92 21.74 3.00
CA MET A 198 15.46 21.60 1.62
C MET A 198 16.30 20.48 1.04
N LEU A 199 15.71 19.31 0.81
CA LEU A 199 16.47 18.18 0.28
C LEU A 199 16.18 17.92 -1.19
N LEU A 200 17.12 17.29 -1.87
CA LEU A 200 16.97 16.97 -3.28
C LEU A 200 16.83 15.46 -3.46
N ASP A 201 15.88 15.03 -4.29
CA ASP A 201 15.61 13.60 -4.49
C ASP A 201 16.63 12.98 -5.52
N LYS A 202 16.43 11.70 -5.95
CA LYS A 202 17.34 11.05 -6.89
C LYS A 202 17.45 11.81 -8.22
N HIS A 203 16.46 12.64 -8.57
CA HIS A 203 16.48 13.37 -9.82
C HIS A 203 16.82 14.86 -9.73
N GLY A 204 17.13 15.36 -8.54
CA GLY A 204 17.48 16.76 -8.35
C GLY A 204 16.31 17.68 -8.02
N HIS A 205 15.15 17.11 -7.66
CA HIS A 205 13.95 17.89 -7.32
C HIS A 205 13.78 18.06 -5.81
N LEU A 206 13.35 19.23 -5.40
CA LEU A 206 13.20 19.58 -4.00
C LEU A 206 12.03 18.88 -3.26
N LYS A 207 12.24 18.67 -1.95
CA LYS A 207 11.29 18.20 -0.96
C LYS A 207 11.67 18.86 0.36
N LEU A 208 10.69 19.24 1.18
CA LEU A 208 10.94 19.86 2.48
C LEU A 208 11.04 18.81 3.58
N ALA A 209 11.87 19.06 4.58
CA ALA A 209 12.08 18.14 5.71
C ALA A 209 12.24 18.93 7.05
N ASP A 210 12.29 18.24 8.22
CA ASP A 210 12.41 18.87 9.54
C ASP A 210 11.21 19.77 9.85
N PHE A 211 10.08 19.14 10.11
CA PHE A 211 8.86 19.85 10.44
C PHE A 211 8.64 20.04 11.95
N GLY A 212 9.69 19.89 12.75
CA GLY A 212 9.62 20.05 14.20
C GLY A 212 9.18 21.43 14.66
N THR A 213 9.27 22.41 13.78
CA THR A 213 8.91 23.79 14.09
C THR A 213 7.53 24.20 13.58
N CYS A 214 6.76 23.30 12.97
CA CYS A 214 5.46 23.63 12.40
C CYS A 214 4.39 23.90 13.42
N MET A 215 3.41 24.72 13.03
CA MET A 215 2.28 25.08 13.85
C MET A 215 1.02 25.16 13.01
N LYS A 216 -0.10 24.62 13.51
CA LYS A 216 -1.36 24.71 12.79
C LYS A 216 -1.87 26.14 13.00
N MET A 217 -2.28 26.82 11.92
CA MET A 217 -2.76 28.20 12.02
C MET A 217 -4.16 28.23 12.61
N ASP A 218 -4.45 29.25 13.43
CA ASP A 218 -5.80 29.43 13.97
C ASP A 218 -6.76 30.02 12.90
N GLU A 219 -8.03 30.34 13.25
CA GLU A 219 -9.04 30.84 12.32
C GLU A 219 -8.57 32.01 11.41
N THR A 220 -7.73 32.91 11.94
CA THR A 220 -7.23 34.05 11.16
C THR A 220 -5.97 33.74 10.31
N GLY A 221 -5.31 32.62 10.60
CA GLY A 221 -4.08 32.26 9.90
C GLY A 221 -2.82 32.67 10.64
N MET A 222 -2.92 32.81 11.98
CA MET A 222 -1.82 33.22 12.84
C MET A 222 -1.34 32.09 13.79
N VAL A 223 -0.22 32.31 14.54
CA VAL A 223 0.37 31.30 15.44
C VAL A 223 0.80 31.88 16.85
N HIS A 224 1.42 31.04 17.74
CA HIS A 224 1.89 31.46 19.07
C HIS A 224 3.43 31.28 19.23
N THR A 231 16.55 29.84 13.91
CA THR A 231 17.82 30.02 13.16
C THR A 231 18.21 31.51 13.01
N PRO A 232 19.44 31.87 13.37
CA PRO A 232 19.84 33.30 13.36
C PRO A 232 19.76 34.02 12.01
N ASP A 233 20.33 33.44 10.94
CA ASP A 233 20.41 34.11 9.66
C ASP A 233 19.11 34.23 8.86
N TYR A 234 18.21 33.25 9.03
CA TYR A 234 16.97 33.21 8.27
C TYR A 234 15.72 33.69 9.01
N ILE A 235 15.87 34.11 10.27
CA ILE A 235 14.74 34.54 11.06
C ILE A 235 14.18 35.88 10.59
N SER A 236 12.87 36.02 10.69
CA SER A 236 12.14 37.22 10.31
C SER A 236 12.18 38.26 11.44
N PRO A 237 12.01 39.55 11.11
CA PRO A 237 12.06 40.58 12.17
C PRO A 237 10.90 40.45 13.15
N GLU A 238 9.70 40.10 12.66
CA GLU A 238 8.52 39.97 13.52
C GLU A 238 8.68 38.88 14.58
N VAL A 239 9.42 37.82 14.26
CA VAL A 239 9.69 36.74 15.21
C VAL A 239 10.75 37.20 16.21
N LEU A 240 11.77 37.95 15.74
CA LEU A 240 12.81 38.51 16.61
C LEU A 240 12.21 39.44 17.70
N LYS A 241 11.24 40.30 17.34
CA LYS A 241 10.58 41.17 18.30
C LYS A 241 9.65 40.36 19.25
N PHE A 248 2.04 36.65 17.90
CA PHE A 248 1.30 36.17 16.73
C PHE A 248 2.01 36.45 15.39
N TYR A 249 2.19 35.41 14.54
CA TYR A 249 2.88 35.51 13.25
C TYR A 249 2.13 34.65 12.19
N GLY A 250 2.06 35.12 10.95
CA GLY A 250 1.35 34.41 9.89
C GLY A 250 2.22 33.71 8.85
N ARG A 251 1.59 33.38 7.71
CA ARG A 251 2.27 32.69 6.61
C ARG A 251 3.38 33.51 5.94
N GLU A 252 3.21 34.84 5.82
CA GLU A 252 4.25 35.68 5.21
C GLU A 252 5.61 35.56 5.93
N CYS A 253 5.63 35.02 7.18
CA CYS A 253 6.84 34.76 7.94
C CYS A 253 7.75 33.73 7.23
N ASP A 254 7.15 32.80 6.48
CA ASP A 254 7.93 31.83 5.72
C ASP A 254 8.46 32.47 4.44
N TRP A 255 7.72 33.43 3.85
CA TRP A 255 8.12 34.15 2.64
C TRP A 255 9.34 35.06 2.85
N TRP A 256 9.61 35.46 4.10
CA TRP A 256 10.80 36.25 4.41
C TRP A 256 12.03 35.36 4.17
N SER A 257 11.99 34.15 4.73
CA SER A 257 13.04 33.15 4.64
C SER A 257 13.35 32.77 3.17
N VAL A 258 12.34 32.87 2.29
CA VAL A 258 12.52 32.61 0.86
C VAL A 258 13.37 33.71 0.24
N GLY A 259 13.12 34.98 0.60
CA GLY A 259 13.89 36.11 0.11
C GLY A 259 15.36 35.99 0.51
N VAL A 260 15.59 35.60 1.79
CA VAL A 260 16.94 35.38 2.33
C VAL A 260 17.62 34.26 1.52
N PHE A 261 16.86 33.20 1.17
CA PHE A 261 17.33 32.06 0.40
C PHE A 261 17.78 32.50 -1.01
N LEU A 262 16.94 33.26 -1.71
CA LEU A 262 17.26 33.74 -3.06
C LEU A 262 18.48 34.65 -3.03
N TYR A 263 18.63 35.47 -1.98
CA TYR A 263 19.79 36.34 -1.83
C TYR A 263 21.04 35.47 -1.64
N GLU A 264 21.02 34.52 -0.68
CA GLU A 264 22.19 33.65 -0.47
C GLU A 264 22.60 32.89 -1.74
N MET A 265 21.61 32.48 -2.55
CA MET A 265 21.90 31.75 -3.78
C MET A 265 22.63 32.59 -4.83
N LEU A 266 22.16 33.83 -5.06
CA LEU A 266 22.74 34.70 -6.07
C LEU A 266 24.00 35.43 -5.62
N VAL A 267 24.00 35.95 -4.39
CA VAL A 267 25.09 36.74 -3.83
C VAL A 267 26.22 35.88 -3.25
N GLY A 268 25.88 34.73 -2.70
CA GLY A 268 26.87 33.84 -2.12
C GLY A 268 27.03 33.97 -0.61
N ASP A 269 26.36 34.96 -0.01
CA ASP A 269 26.36 35.24 1.43
C ASP A 269 24.96 35.64 1.89
N THR A 270 24.72 35.64 3.21
CA THR A 270 23.41 36.02 3.79
C THR A 270 23.22 37.53 3.75
N PRO A 271 21.99 38.03 3.53
CA PRO A 271 21.81 39.50 3.52
C PRO A 271 22.10 40.20 4.84
N PHE A 272 21.95 39.49 5.98
CA PHE A 272 22.18 40.10 7.28
C PHE A 272 23.25 39.40 8.08
N TYR A 273 24.28 38.87 7.39
CA TYR A 273 25.39 38.21 8.06
C TYR A 273 26.23 39.22 8.86
N ALA A 274 26.59 38.83 10.09
CA ALA A 274 27.50 39.58 10.96
C ALA A 274 28.32 38.57 11.77
N ASP A 275 29.50 38.98 12.23
CA ASP A 275 30.38 38.11 13.03
C ASP A 275 29.76 37.72 14.37
N SER A 276 28.89 38.57 14.94
CA SER A 276 28.23 38.30 16.22
C SER A 276 26.73 37.99 16.05
N LEU A 277 26.13 37.33 17.04
CA LEU A 277 24.70 37.05 17.00
C LEU A 277 23.91 38.35 17.17
N VAL A 278 24.37 39.25 18.07
CA VAL A 278 23.72 40.54 18.30
C VAL A 278 23.79 41.47 17.08
N GLY A 279 24.85 41.33 16.28
CA GLY A 279 25.05 42.10 15.05
C GLY A 279 24.08 41.66 13.97
N THR A 280 23.79 40.35 13.92
CA THR A 280 22.85 39.75 12.98
C THR A 280 21.43 40.20 13.36
N TYR A 281 21.10 40.08 14.66
CA TYR A 281 19.81 40.51 15.23
C TYR A 281 19.59 42.02 15.03
N SER A 282 20.67 42.82 14.99
CA SER A 282 20.57 44.26 14.75
C SER A 282 20.32 44.54 13.28
N LYS A 283 21.05 43.83 12.37
CA LYS A 283 20.95 43.99 10.93
C LYS A 283 19.56 43.61 10.42
N ILE A 284 18.95 42.54 10.99
CA ILE A 284 17.60 42.11 10.58
C ILE A 284 16.55 43.14 11.01
N MET A 285 16.71 43.73 12.21
CA MET A 285 15.76 44.74 12.67
C MET A 285 15.84 46.01 11.84
N ASP A 286 17.07 46.40 11.44
CA ASP A 286 17.30 47.56 10.58
C ASP A 286 17.31 47.15 9.09
N HIS A 287 16.50 46.13 8.71
CA HIS A 287 16.45 45.62 7.34
C HIS A 287 16.15 46.68 6.29
N LYS A 288 15.47 47.77 6.67
CA LYS A 288 15.15 48.83 5.73
C LYS A 288 16.42 49.52 5.22
N ASN A 289 17.43 49.67 6.10
CA ASN A 289 18.68 50.33 5.74
C ASN A 289 19.88 49.40 5.59
N SER A 290 19.81 48.17 6.16
CA SER A 290 20.95 47.23 6.12
C SER A 290 20.98 46.32 4.89
N LEU A 291 19.86 46.18 4.19
CA LEU A 291 19.84 45.35 3.00
C LEU A 291 20.38 46.11 1.81
N CYS A 292 21.50 45.64 1.27
CA CYS A 292 22.08 46.23 0.08
C CYS A 292 22.86 45.19 -0.72
N PHE A 293 22.74 45.25 -2.04
CA PHE A 293 23.37 44.30 -2.92
C PHE A 293 24.78 44.73 -3.25
N PRO A 294 25.75 43.81 -3.09
CA PRO A 294 27.14 44.15 -3.41
C PRO A 294 27.32 44.56 -4.86
N GLU A 295 28.26 45.50 -5.11
CA GLU A 295 28.50 45.99 -6.45
C GLU A 295 29.05 44.91 -7.39
N ASP A 296 29.75 43.89 -6.83
CA ASP A 296 30.32 42.76 -7.56
C ASP A 296 29.35 41.58 -7.77
N ALA A 297 28.13 41.64 -7.18
CA ALA A 297 27.13 40.58 -7.27
C ALA A 297 26.41 40.60 -8.62
N GLU A 298 26.41 39.45 -9.32
CA GLU A 298 25.74 39.28 -10.60
C GLU A 298 24.24 38.96 -10.38
N ILE A 299 23.40 40.01 -10.38
CA ILE A 299 21.97 39.86 -10.10
C ILE A 299 21.12 40.80 -10.99
N SER A 300 20.06 40.27 -11.60
CA SER A 300 19.16 41.06 -12.46
C SER A 300 18.26 42.02 -11.68
N LYS A 301 17.61 42.98 -12.37
CA LYS A 301 16.70 43.92 -11.73
C LYS A 301 15.50 43.18 -11.16
N HIS A 302 14.98 42.19 -11.90
CA HIS A 302 13.84 41.38 -11.47
C HIS A 302 14.17 40.54 -10.24
N ALA A 303 15.38 39.97 -10.19
CA ALA A 303 15.82 39.17 -9.06
C ALA A 303 15.99 40.06 -7.84
N LYS A 304 16.55 41.27 -8.03
CA LYS A 304 16.74 42.23 -6.95
C LYS A 304 15.40 42.69 -6.41
N ASN A 305 14.45 42.97 -7.30
CA ASN A 305 13.13 43.46 -6.98
C ASN A 305 12.28 42.37 -6.27
N LEU A 306 12.53 41.07 -6.56
CA LEU A 306 11.81 39.99 -5.89
C LEU A 306 12.30 39.84 -4.46
N ILE A 307 13.63 39.84 -4.25
CA ILE A 307 14.24 39.75 -2.93
C ILE A 307 13.73 40.89 -2.02
N CYS A 308 13.57 42.08 -2.60
CA CYS A 308 13.10 43.24 -1.87
C CYS A 308 11.62 43.17 -1.53
N ALA A 309 10.80 42.47 -2.33
CA ALA A 309 9.37 42.30 -2.02
C ALA A 309 9.16 41.29 -0.85
N PHE A 310 10.12 40.38 -0.64
CA PHE A 310 10.07 39.42 0.44
C PHE A 310 10.69 39.99 1.71
N LEU A 311 11.74 40.80 1.56
CA LEU A 311 12.42 41.37 2.71
C LEU A 311 11.87 42.75 3.14
N THR A 312 10.54 42.87 3.32
CA THR A 312 9.86 44.09 3.78
C THR A 312 9.21 43.83 5.18
N ASP A 313 8.53 44.85 5.79
CA ASP A 313 7.77 44.65 7.04
C ASP A 313 6.58 43.74 6.68
N ARG A 314 6.22 42.83 7.62
CA ARG A 314 5.18 41.82 7.43
C ARG A 314 3.87 42.32 6.80
N GLU A 315 3.48 43.57 7.08
CA GLU A 315 2.23 44.17 6.59
C GLU A 315 2.12 44.31 5.07
N VAL A 316 3.26 44.59 4.42
CA VAL A 316 3.27 44.78 2.97
C VAL A 316 4.15 43.71 2.23
N ARG A 317 4.46 42.59 2.92
CA ARG A 317 5.29 41.52 2.37
C ARG A 317 4.60 40.74 1.24
N LEU A 318 5.40 40.28 0.25
CA LEU A 318 4.89 39.49 -0.88
C LEU A 318 4.50 38.10 -0.37
N GLY A 319 3.27 37.69 -0.66
CA GLY A 319 2.74 36.42 -0.15
C GLY A 319 1.70 36.60 0.94
N ARG A 320 1.57 37.83 1.48
CA ARG A 320 0.57 38.19 2.48
C ARG A 320 -0.83 38.05 1.84
N ASN A 321 -0.98 38.52 0.59
CA ASN A 321 -2.19 38.45 -0.21
C ASN A 321 -2.18 37.24 -1.18
N GLY A 322 -1.66 36.09 -0.75
CA GLY A 322 -1.66 34.86 -1.53
C GLY A 322 -0.42 34.51 -2.36
N VAL A 323 -0.39 33.26 -2.84
CA VAL A 323 0.71 32.77 -3.67
C VAL A 323 0.58 33.23 -5.15
N GLU A 324 -0.60 33.77 -5.55
CA GLU A 324 -0.80 34.24 -6.92
C GLU A 324 0.15 35.43 -7.24
N GLU A 325 0.37 36.30 -6.25
CA GLU A 325 1.25 37.47 -6.34
C GLU A 325 2.71 37.05 -6.58
N ILE A 326 3.18 35.99 -5.90
CA ILE A 326 4.54 35.49 -6.06
C ILE A 326 4.69 34.81 -7.41
N ARG A 327 3.70 33.98 -7.80
CA ARG A 327 3.69 33.24 -9.07
C ARG A 327 3.96 34.16 -10.27
N GLN A 328 3.19 35.27 -10.38
CA GLN A 328 3.27 36.22 -11.49
C GLN A 328 4.40 37.21 -11.42
N HIS A 329 5.38 37.08 -10.51
CA HIS A 329 6.49 38.03 -10.49
C HIS A 329 7.32 37.88 -11.76
N PRO A 330 7.75 38.98 -12.37
CA PRO A 330 8.52 38.90 -13.63
C PRO A 330 9.79 38.06 -13.57
N PHE A 331 10.40 37.90 -12.38
CA PHE A 331 11.61 37.11 -12.25
C PHE A 331 11.44 35.68 -12.76
N PHE A 332 10.30 35.04 -12.47
CA PHE A 332 10.04 33.66 -12.85
C PHE A 332 9.77 33.41 -14.34
N LYS A 333 9.80 34.47 -15.19
CA LYS A 333 9.56 34.32 -16.63
C LYS A 333 10.72 33.56 -17.27
N ASN A 334 10.44 32.41 -17.90
CA ASN A 334 11.47 31.56 -18.51
C ASN A 334 10.90 30.69 -19.66
N ASP A 335 11.79 30.06 -20.46
CA ASP A 335 11.36 29.22 -21.57
C ASP A 335 11.57 27.71 -21.32
N GLN A 336 11.66 27.28 -20.05
CA GLN A 336 11.92 25.87 -19.71
C GLN A 336 10.77 25.17 -18.99
N TRP A 337 10.19 25.81 -17.97
CA TRP A 337 9.09 25.23 -17.19
C TRP A 337 7.92 26.21 -16.95
N HIS A 338 6.79 25.66 -16.51
CA HIS A 338 5.58 26.36 -16.09
C HIS A 338 5.30 25.92 -14.66
N TRP A 339 4.47 26.68 -13.92
CA TRP A 339 4.13 26.29 -12.55
C TRP A 339 3.37 24.95 -12.50
N ASP A 340 2.67 24.59 -13.56
CA ASP A 340 1.91 23.35 -13.62
C ASP A 340 2.74 22.11 -13.98
N ASN A 341 4.06 22.27 -14.25
CA ASN A 341 4.88 21.12 -14.62
C ASN A 341 6.34 21.15 -14.15
N ILE A 342 6.77 22.18 -13.39
CA ILE A 342 8.18 22.33 -12.99
C ILE A 342 8.83 21.06 -12.42
N ARG A 343 8.10 20.28 -11.61
CA ARG A 343 8.64 19.06 -11.00
C ARG A 343 8.84 17.88 -11.98
N GLU A 344 8.26 17.98 -13.19
CA GLU A 344 8.46 16.96 -14.21
C GLU A 344 9.41 17.44 -15.35
N THR A 345 10.08 18.60 -15.16
CA THR A 345 11.09 19.12 -16.08
C THR A 345 12.47 18.69 -15.55
N ALA A 346 13.52 18.78 -16.38
CA ALA A 346 14.86 18.39 -15.93
C ALA A 346 15.46 19.37 -14.91
N ALA A 347 15.91 18.85 -13.76
CA ALA A 347 16.51 19.67 -12.71
C ALA A 347 17.90 20.19 -13.14
N PRO A 348 18.38 21.30 -12.57
CA PRO A 348 19.71 21.84 -12.94
C PRO A 348 20.85 20.89 -12.61
N VAL A 349 20.80 20.27 -11.43
CA VAL A 349 21.83 19.33 -11.02
C VAL A 349 21.17 18.00 -10.73
N VAL A 350 21.54 16.96 -11.48
CA VAL A 350 21.01 15.63 -11.25
C VAL A 350 22.07 14.80 -10.52
N PRO A 351 21.72 14.22 -9.35
CA PRO A 351 22.71 13.47 -8.59
C PRO A 351 23.31 12.29 -9.36
N GLU A 352 24.65 12.13 -9.27
CA GLU A 352 25.37 11.00 -9.88
C GLU A 352 25.70 10.08 -8.71
N LEU A 353 24.84 9.06 -8.53
CA LEU A 353 24.99 8.14 -7.41
C LEU A 353 25.56 6.80 -7.86
N SER A 354 26.45 6.22 -7.06
CA SER A 354 27.11 4.97 -7.38
C SER A 354 26.33 3.73 -6.92
N SER A 355 25.50 3.85 -5.85
CA SER A 355 24.71 2.75 -5.27
C SER A 355 23.44 3.25 -4.53
N ASP A 356 22.60 2.32 -4.03
CA ASP A 356 21.40 2.68 -3.25
C ASP A 356 21.74 3.27 -1.86
N ILE A 357 22.99 3.14 -1.43
CA ILE A 357 23.45 3.71 -0.15
C ILE A 357 24.54 4.76 -0.34
N ASP A 358 24.63 5.38 -1.53
CA ASP A 358 25.57 6.45 -1.78
C ASP A 358 25.12 7.66 -1.00
N SER A 359 25.86 8.03 0.06
CA SER A 359 25.55 9.19 0.91
C SER A 359 26.63 10.27 0.76
N SER A 360 27.16 10.42 -0.46
CA SER A 360 28.22 11.38 -0.76
C SER A 360 27.76 12.82 -0.79
N ASN A 361 26.45 13.08 -0.87
CA ASN A 361 25.94 14.44 -0.81
C ASN A 361 25.60 14.88 0.64
N PHE A 362 26.10 14.11 1.63
CA PHE A 362 25.93 14.39 3.04
C PHE A 362 27.31 14.33 3.69
N ASP A 363 27.61 15.32 4.53
CA ASP A 363 28.89 15.38 5.25
C ASP A 363 29.00 14.29 6.28
N ASP A 364 30.21 13.92 6.66
CA ASP A 364 30.39 12.88 7.68
C ASP A 364 30.00 13.44 9.05
N ILE A 365 29.36 12.61 9.90
CA ILE A 365 28.94 13.08 11.21
C ILE A 365 29.83 12.50 12.33
N GLU A 366 30.37 13.41 13.21
CA GLU A 366 31.24 13.10 14.36
C GLU A 366 30.40 12.68 15.57
N ASP A 367 30.83 11.60 16.26
CA ASP A 367 30.05 11.07 17.38
C ASP A 367 30.45 11.59 18.76
N VAL A 372 24.81 9.87 26.94
CA VAL A 372 24.47 8.44 27.13
C VAL A 372 23.22 8.23 28.05
N GLU A 373 22.62 9.35 28.53
CA GLU A 373 21.56 9.55 29.53
C GLU A 373 20.24 8.70 29.42
N THR A 374 20.08 7.77 30.38
CA THR A 374 18.91 6.89 30.50
C THR A 374 17.93 7.40 31.60
N PHE A 375 16.68 6.91 31.57
CA PHE A 375 15.67 7.27 32.56
C PHE A 375 15.97 6.63 33.93
N PRO A 376 15.75 7.37 35.03
CA PRO A 376 16.03 6.79 36.36
C PRO A 376 14.97 5.82 36.84
N ILE A 377 15.35 4.64 37.38
CA ILE A 377 14.37 3.67 37.87
C ILE A 377 13.54 4.28 39.00
N PRO A 378 12.21 4.34 38.85
CA PRO A 378 11.40 5.07 39.84
C PRO A 378 10.86 4.24 40.99
N LYS A 379 10.51 4.94 42.09
CA LYS A 379 9.95 4.34 43.30
C LYS A 379 8.44 4.28 43.19
N ALA A 380 7.81 5.34 42.63
CA ALA A 380 6.37 5.44 42.39
C ALA A 380 6.10 5.71 40.87
N PHE A 381 4.83 5.50 40.42
CA PHE A 381 4.44 5.72 39.03
C PHE A 381 4.77 7.12 38.53
N VAL A 382 5.57 7.21 37.45
CA VAL A 382 5.98 8.48 36.85
C VAL A 382 5.25 8.74 35.54
N GLY A 383 5.06 7.69 34.75
CA GLY A 383 4.39 7.78 33.46
C GLY A 383 5.19 8.48 32.38
N ASN A 384 6.45 8.08 32.18
CA ASN A 384 7.29 8.70 31.14
C ASN A 384 6.92 8.27 29.70
N GLN A 385 6.22 7.16 29.55
CA GLN A 385 5.79 6.70 28.23
C GLN A 385 4.46 7.28 27.77
N LEU A 386 3.68 7.86 28.70
CA LEU A 386 2.38 8.44 28.43
C LEU A 386 2.33 9.45 27.31
N PRO A 387 3.31 10.39 27.17
CA PRO A 387 3.20 11.39 26.08
C PRO A 387 3.46 10.87 24.66
N PHE A 388 3.83 9.57 24.54
CA PHE A 388 4.14 8.88 23.30
C PHE A 388 3.09 7.86 22.84
N ILE A 389 1.97 7.72 23.57
CA ILE A 389 0.91 6.81 23.17
C ILE A 389 0.24 7.33 21.89
N GLY A 390 0.26 6.52 20.84
CA GLY A 390 -0.34 6.88 19.57
C GLY A 390 0.64 7.28 18.49
N PHE A 391 1.96 7.20 18.79
CA PHE A 391 2.98 7.56 17.83
C PHE A 391 3.10 6.51 16.73
N THR A 392 2.96 5.21 17.06
CA THR A 392 3.10 4.17 16.06
C THR A 392 2.10 4.34 14.90
N TYR A 393 2.62 4.22 13.67
CA TYR A 393 1.88 4.34 12.43
C TYR A 393 2.46 3.38 11.41
N TYR A 394 1.62 2.55 10.78
CA TYR A 394 2.09 1.65 9.71
C TYR A 394 1.33 2.00 8.45
N ARG A 395 2.06 2.30 7.36
CA ARG A 395 1.42 2.62 6.08
C ARG A 395 0.85 1.32 5.51
N GLY B 1 8.12 -11.66 6.47
CA GLY B 1 7.96 -10.25 6.82
C GLY B 1 6.56 -9.89 7.30
N ALA B 2 5.63 -9.57 6.35
CA ALA B 2 4.21 -9.28 6.65
C ALA B 2 3.46 -10.53 7.17
N SER B 3 4.17 -11.69 7.32
CA SER B 3 3.64 -12.87 7.99
C SER B 3 3.50 -12.52 9.49
N ARG B 4 4.42 -11.70 10.05
CA ARG B 4 4.34 -11.22 11.42
C ARG B 4 3.13 -10.31 11.57
N GLN B 5 2.86 -9.42 10.61
CA GLN B 5 1.67 -8.56 10.67
C GLN B 5 0.36 -9.37 10.53
N ARG B 6 0.40 -10.48 9.81
CA ARG B 6 -0.76 -11.38 9.65
C ARG B 6 -1.01 -12.12 10.98
N LYS B 7 0.09 -12.58 11.65
CA LYS B 7 0.04 -13.28 12.94
C LYS B 7 -0.57 -12.36 13.98
N LEU B 8 -0.16 -11.10 14.00
CA LEU B 8 -0.61 -10.08 14.93
C LEU B 8 -2.06 -9.67 14.68
N GLU B 9 -2.45 -9.53 13.42
CA GLU B 9 -3.83 -9.17 13.09
C GLU B 9 -4.80 -10.25 13.55
N ALA B 10 -4.36 -11.53 13.54
CA ALA B 10 -5.18 -12.65 13.96
C ALA B 10 -5.44 -12.62 15.46
N LEU B 11 -4.41 -12.30 16.28
CA LEU B 11 -4.53 -12.23 17.74
C LEU B 11 -5.55 -11.19 18.15
N ILE B 12 -5.56 -10.03 17.47
CA ILE B 12 -6.48 -8.95 17.81
C ILE B 12 -7.94 -9.26 17.40
N ARG B 13 -8.14 -10.16 16.41
CA ARG B 13 -9.49 -10.54 15.98
C ARG B 13 -10.10 -11.62 16.88
N ASP B 14 -9.25 -12.52 17.40
CA ASP B 14 -9.63 -13.63 18.27
C ASP B 14 -10.38 -13.14 19.53
N PRO B 15 -11.63 -13.58 19.70
CA PRO B 15 -12.40 -13.13 20.88
C PRO B 15 -11.91 -13.72 22.20
N ARG B 16 -11.14 -14.81 22.16
CA ARG B 16 -10.55 -15.38 23.37
C ARG B 16 -9.20 -14.72 23.72
N SER B 17 -8.66 -13.86 22.85
CA SER B 17 -7.37 -13.23 23.06
C SER B 17 -7.43 -12.08 24.05
N PRO B 18 -6.42 -11.98 24.94
CA PRO B 18 -6.40 -10.86 25.90
C PRO B 18 -6.13 -9.50 25.25
N ILE B 19 -5.61 -9.49 24.01
CA ILE B 19 -5.36 -8.26 23.31
C ILE B 19 -6.34 -8.00 22.18
N ASN B 20 -7.59 -8.50 22.29
CA ASN B 20 -8.61 -8.18 21.29
C ASN B 20 -9.03 -6.67 21.42
N VAL B 21 -9.79 -6.13 20.46
CA VAL B 21 -10.14 -4.71 20.48
C VAL B 21 -10.94 -4.27 21.71
N GLU B 22 -11.85 -5.11 22.21
CA GLU B 22 -12.60 -4.73 23.42
C GLU B 22 -11.70 -4.66 24.63
N SER B 23 -10.73 -5.56 24.71
CA SER B 23 -9.74 -5.66 25.77
C SER B 23 -8.74 -4.54 25.71
N LEU B 24 -8.42 -4.01 24.50
CA LEU B 24 -7.50 -2.89 24.29
C LEU B 24 -8.19 -1.56 24.66
N LEU B 25 -9.50 -1.45 24.41
CA LEU B 25 -10.30 -0.30 24.81
C LEU B 25 -10.50 -0.28 26.35
N ASP B 26 -10.50 -1.46 26.98
CA ASP B 26 -10.59 -1.57 28.42
C ASP B 26 -9.34 -1.00 29.03
N GLY B 27 -8.18 -1.30 28.44
CA GLY B 27 -6.90 -0.76 28.88
C GLY B 27 -6.86 0.75 28.86
N LEU B 28 -7.38 1.37 27.78
CA LEU B 28 -7.42 2.82 27.69
C LEU B 28 -8.36 3.40 28.72
N ASN B 29 -9.53 2.81 28.86
CA ASN B 29 -10.53 3.30 29.79
C ASN B 29 -10.05 3.22 31.25
N SER B 30 -9.40 2.12 31.62
CA SER B 30 -8.90 1.88 32.97
C SER B 30 -7.72 2.79 33.33
N LEU B 31 -6.91 3.15 32.32
CA LEU B 31 -5.80 4.04 32.50
C LEU B 31 -6.33 5.44 32.78
N VAL B 32 -7.35 5.89 32.04
CA VAL B 32 -7.94 7.21 32.26
C VAL B 32 -8.65 7.26 33.61
N LEU B 33 -9.36 6.19 33.98
CA LEU B 33 -10.08 6.15 35.25
C LEU B 33 -9.17 6.26 36.43
N ASP B 34 -8.00 5.60 36.35
CA ASP B 34 -7.02 5.57 37.45
C ASP B 34 -6.06 6.75 37.49
N LEU B 35 -6.13 7.68 36.53
CA LEU B 35 -5.26 8.83 36.51
C LEU B 35 -6.02 10.13 36.69
N ASP B 36 -7.33 10.18 36.34
CA ASP B 36 -8.11 11.42 36.44
C ASP B 36 -8.52 11.76 37.88
N PHE B 37 -7.54 12.21 38.65
CA PHE B 37 -7.68 12.71 40.02
C PHE B 37 -6.79 13.95 40.10
N PRO B 38 -7.28 15.06 40.67
CA PRO B 38 -6.48 16.30 40.68
C PRO B 38 -5.14 16.20 41.42
N ALA B 39 -5.01 15.23 42.33
CA ALA B 39 -3.77 14.99 43.05
C ALA B 39 -2.71 14.42 42.07
N LEU B 40 -3.13 13.46 41.22
CA LEU B 40 -2.25 12.82 40.24
C LEU B 40 -1.98 13.75 39.06
N ARG B 41 -3.01 14.49 38.62
CA ARG B 41 -2.93 15.44 37.52
C ARG B 41 -1.90 16.57 37.74
N LYS B 42 -1.30 16.66 38.94
CA LYS B 42 -0.23 17.62 39.22
C LYS B 42 1.01 17.28 38.37
N ASN B 43 1.22 15.98 38.04
CA ASN B 43 2.27 15.43 37.18
C ASN B 43 2.01 15.92 35.74
N LYS B 44 3.01 16.51 35.07
CA LYS B 44 2.84 17.03 33.71
C LYS B 44 2.49 15.91 32.72
N ASN B 45 3.19 14.75 32.79
CA ASN B 45 2.94 13.60 31.91
C ASN B 45 1.48 13.16 31.97
N ILE B 46 0.94 13.02 33.20
CA ILE B 46 -0.44 12.61 33.45
C ILE B 46 -1.44 13.67 32.99
N ASP B 47 -1.23 14.94 33.36
CA ASP B 47 -2.17 15.99 32.97
C ASP B 47 -2.24 16.14 31.46
N ASN B 48 -1.10 16.05 30.77
CA ASN B 48 -1.10 16.21 29.31
C ASN B 48 -1.69 15.02 28.57
N PHE B 49 -1.45 13.79 29.08
CA PHE B 49 -2.03 12.58 28.48
C PHE B 49 -3.55 12.65 28.62
N LEU B 50 -4.05 12.97 29.82
CA LEU B 50 -5.48 13.06 30.06
C LEU B 50 -6.16 14.15 29.24
N ASN B 51 -5.44 15.23 28.95
CA ASN B 51 -5.98 16.32 28.15
C ASN B 51 -6.15 15.87 26.70
N ARG B 52 -5.18 15.09 26.18
CA ARG B 52 -5.21 14.55 24.83
C ARG B 52 -6.38 13.57 24.61
N TYR B 53 -6.59 12.65 25.56
CA TYR B 53 -7.61 11.62 25.42
C TYR B 53 -8.95 11.96 26.08
N GLU B 54 -9.11 13.14 26.67
CA GLU B 54 -10.36 13.53 27.34
C GLU B 54 -11.57 13.46 26.40
N LYS B 55 -11.48 14.11 25.23
CA LYS B 55 -12.57 14.15 24.26
C LYS B 55 -12.96 12.77 23.76
N ILE B 56 -11.97 11.99 23.24
CA ILE B 56 -12.22 10.67 22.69
C ILE B 56 -12.76 9.70 23.72
N VAL B 57 -12.30 9.77 24.99
CA VAL B 57 -12.78 8.87 26.02
C VAL B 57 -14.23 9.25 26.46
N LYS B 58 -14.61 10.53 26.34
CA LYS B 58 -15.99 10.95 26.62
C LYS B 58 -16.89 10.34 25.52
N LYS B 59 -16.45 10.44 24.25
CA LYS B 59 -17.12 9.92 23.06
C LYS B 59 -17.33 8.38 23.16
N ILE B 60 -16.25 7.64 23.52
CA ILE B 60 -16.21 6.18 23.66
C ILE B 60 -17.16 5.68 24.75
N ARG B 61 -17.22 6.38 25.90
CA ARG B 61 -18.10 5.98 27.00
C ARG B 61 -19.57 6.10 26.60
N GLY B 62 -19.89 7.12 25.80
CA GLY B 62 -21.25 7.35 25.31
C GLY B 62 -21.68 6.30 24.32
N LEU B 63 -20.74 5.79 23.53
CA LEU B 63 -21.04 4.77 22.53
C LEU B 63 -21.11 3.37 23.12
N GLN B 64 -20.18 3.03 24.04
CA GLN B 64 -20.14 1.69 24.62
C GLN B 64 -21.34 1.37 25.50
N MET B 65 -21.63 0.06 25.64
CA MET B 65 -22.76 -0.43 26.43
C MET B 65 -22.57 -0.03 27.88
N LYS B 66 -23.65 0.45 28.50
CA LYS B 66 -23.66 0.93 29.88
C LYS B 66 -24.94 0.53 30.62
N ALA B 67 -24.90 0.56 31.96
CA ALA B 67 -26.05 0.17 32.77
C ALA B 67 -27.26 1.03 32.51
N GLU B 68 -27.06 2.29 32.05
CA GLU B 68 -28.18 3.18 31.73
C GLU B 68 -28.98 2.70 30.50
N ASP B 69 -28.40 1.80 29.67
CA ASP B 69 -29.08 1.23 28.51
C ASP B 69 -30.19 0.22 28.90
N TYR B 70 -30.27 -0.19 30.20
CA TYR B 70 -31.21 -1.18 30.73
C TYR B 70 -32.09 -0.63 31.83
N ASP B 71 -33.29 -1.17 31.96
CA ASP B 71 -34.23 -0.79 33.01
C ASP B 71 -34.27 -1.93 34.01
N VAL B 72 -34.10 -1.66 35.31
CA VAL B 72 -34.15 -2.71 36.32
C VAL B 72 -35.56 -3.02 36.73
N VAL B 73 -35.99 -4.26 36.50
CA VAL B 73 -37.33 -4.73 36.81
C VAL B 73 -37.46 -5.25 38.24
N LYS B 74 -36.49 -6.04 38.69
CA LYS B 74 -36.52 -6.61 40.04
C LYS B 74 -35.17 -7.26 40.36
N VAL B 75 -34.80 -7.37 41.65
CA VAL B 75 -33.58 -8.09 42.02
C VAL B 75 -34.02 -9.52 42.25
N ILE B 76 -33.58 -10.46 41.43
CA ILE B 76 -34.01 -11.85 41.57
C ILE B 76 -32.99 -12.78 42.28
N GLY B 77 -31.86 -12.22 42.68
CA GLY B 77 -30.83 -12.98 43.37
C GLY B 77 -29.81 -12.07 44.00
N ARG B 78 -29.21 -12.54 45.08
CA ARG B 78 -28.18 -11.81 45.77
C ARG B 78 -27.07 -12.81 46.14
N GLY B 79 -25.84 -12.34 46.18
CA GLY B 79 -24.70 -13.21 46.47
C GLY B 79 -23.56 -12.50 47.12
N ALA B 80 -22.43 -13.21 47.20
CA ALA B 80 -21.21 -12.74 47.84
C ALA B 80 -20.77 -11.29 47.44
N PHE B 81 -20.46 -11.07 46.13
CA PHE B 81 -20.00 -9.76 45.72
C PHE B 81 -20.99 -8.95 44.91
N GLY B 82 -22.26 -9.36 44.89
CA GLY B 82 -23.26 -8.60 44.15
C GLY B 82 -24.68 -9.10 44.16
N GLU B 83 -25.35 -8.90 43.03
CA GLU B 83 -26.75 -9.26 42.85
C GLU B 83 -27.07 -9.51 41.38
N VAL B 84 -28.17 -10.22 41.12
CA VAL B 84 -28.63 -10.54 39.78
C VAL B 84 -29.98 -9.86 39.58
N GLN B 85 -30.05 -8.95 38.63
CA GLN B 85 -31.27 -8.17 38.39
C GLN B 85 -31.99 -8.61 37.13
N LEU B 86 -33.30 -8.69 37.18
CA LEU B 86 -34.10 -8.94 36.00
C LEU B 86 -34.16 -7.57 35.31
N VAL B 87 -33.58 -7.42 34.10
CA VAL B 87 -33.57 -6.13 33.41
C VAL B 87 -34.17 -6.21 31.99
N ARG B 88 -34.59 -5.08 31.46
CA ARG B 88 -35.10 -5.02 30.10
C ARG B 88 -34.27 -4.02 29.35
N HIS B 89 -33.68 -4.41 28.21
CA HIS B 89 -32.88 -3.50 27.40
C HIS B 89 -33.78 -2.39 26.83
N LYS B 90 -33.53 -1.14 27.22
CA LYS B 90 -34.34 0.00 26.80
C LYS B 90 -34.58 0.10 25.28
N ALA B 91 -33.52 -0.08 24.47
CA ALA B 91 -33.65 0.01 23.02
C ALA B 91 -34.44 -1.15 22.36
N SER B 92 -34.01 -2.41 22.60
CA SER B 92 -34.59 -3.59 21.97
C SER B 92 -35.83 -4.14 22.62
N GLN B 93 -36.09 -3.74 23.87
CA GLN B 93 -37.20 -4.20 24.71
C GLN B 93 -37.03 -5.63 25.21
N LYS B 94 -35.90 -6.30 24.88
CA LYS B 94 -35.60 -7.67 25.25
C LYS B 94 -35.26 -7.80 26.72
N VAL B 95 -35.79 -8.85 27.39
CA VAL B 95 -35.55 -9.07 28.82
C VAL B 95 -34.36 -10.02 29.09
N TYR B 96 -33.44 -9.62 29.98
CA TYR B 96 -32.31 -10.46 30.34
C TYR B 96 -32.15 -10.56 31.88
N ALA B 97 -31.24 -11.42 32.35
CA ALA B 97 -30.87 -11.51 33.75
C ALA B 97 -29.44 -10.91 33.80
N MET B 98 -29.21 -9.86 34.60
CA MET B 98 -27.91 -9.21 34.65
C MET B 98 -27.23 -9.34 35.98
N LYS B 99 -26.07 -9.97 36.00
CA LYS B 99 -25.31 -10.17 37.24
C LYS B 99 -24.31 -9.03 37.44
N LEU B 100 -24.35 -8.37 38.61
CA LEU B 100 -23.46 -7.24 38.97
C LEU B 100 -22.44 -7.68 40.01
N LEU B 101 -21.20 -7.24 39.90
CA LEU B 101 -20.16 -7.58 40.87
C LEU B 101 -19.46 -6.31 41.27
N SER B 102 -19.45 -5.98 42.57
CA SER B 102 -18.80 -4.78 43.08
C SER B 102 -17.29 -4.89 42.93
N LYS B 103 -16.69 -3.92 42.22
CA LYS B 103 -15.24 -3.87 42.03
C LYS B 103 -14.57 -3.61 43.39
N PHE B 104 -15.18 -2.69 44.18
CA PHE B 104 -14.73 -2.34 45.51
C PHE B 104 -14.62 -3.57 46.42
N GLU B 105 -15.71 -4.35 46.55
CA GLU B 105 -15.73 -5.53 47.41
C GLU B 105 -14.80 -6.64 46.93
N MET B 106 -14.57 -6.77 45.62
CA MET B 106 -13.67 -7.80 45.11
C MET B 106 -12.21 -7.42 45.40
N ILE B 107 -11.89 -6.11 45.39
CA ILE B 107 -10.54 -5.67 45.71
C ILE B 107 -10.31 -5.81 47.22
N LYS B 108 -11.18 -5.18 48.03
CA LYS B 108 -11.16 -5.21 49.50
C LYS B 108 -11.08 -6.66 50.03
N ARG B 109 -12.06 -7.52 49.71
CA ARG B 109 -12.04 -8.91 50.16
C ARG B 109 -11.10 -9.82 49.38
N SER B 110 -10.01 -9.24 48.81
CA SER B 110 -8.92 -9.85 48.03
C SER B 110 -9.28 -11.11 47.20
N ASP B 111 -10.47 -11.11 46.60
CA ASP B 111 -10.97 -12.18 45.75
C ASP B 111 -11.29 -11.51 44.41
N SER B 112 -10.33 -11.51 43.45
CA SER B 112 -10.55 -10.80 42.19
C SER B 112 -10.11 -11.58 40.92
N ALA B 113 -10.33 -12.90 40.86
CA ALA B 113 -9.98 -13.69 39.67
C ALA B 113 -11.06 -14.72 39.29
N PHE B 114 -12.05 -14.95 40.17
CA PHE B 114 -13.10 -15.93 39.97
C PHE B 114 -13.99 -15.65 38.76
N PHE B 115 -14.17 -14.36 38.44
CA PHE B 115 -15.05 -13.92 37.36
C PHE B 115 -14.53 -14.25 35.97
N TRP B 116 -13.23 -14.50 35.83
CA TRP B 116 -12.66 -14.79 34.52
C TRP B 116 -13.20 -16.10 33.96
N GLU B 117 -13.21 -17.18 34.76
CA GLU B 117 -13.76 -18.44 34.28
C GLU B 117 -15.29 -18.44 34.22
N GLU B 118 -15.95 -17.64 35.06
CA GLU B 118 -17.40 -17.53 35.02
C GLU B 118 -17.82 -16.89 33.69
N ARG B 119 -17.13 -15.82 33.30
CA ARG B 119 -17.41 -15.11 32.06
C ARG B 119 -17.09 -15.97 30.84
N ASP B 120 -15.95 -16.64 30.85
CA ASP B 120 -15.56 -17.49 29.74
C ASP B 120 -16.49 -18.66 29.56
N ILE B 121 -16.91 -19.32 30.66
CA ILE B 121 -17.83 -20.46 30.58
C ILE B 121 -19.15 -20.04 29.94
N MET B 122 -19.73 -18.94 30.39
CA MET B 122 -21.01 -18.48 29.86
C MET B 122 -20.94 -17.89 28.47
N ALA B 123 -19.81 -17.28 28.10
CA ALA B 123 -19.70 -16.67 26.78
C ALA B 123 -19.36 -17.68 25.68
N PHE B 124 -18.56 -18.71 26.00
CA PHE B 124 -18.07 -19.62 24.98
C PHE B 124 -18.43 -21.11 25.11
N ALA B 125 -19.20 -21.55 26.11
CA ALA B 125 -19.48 -22.98 26.25
C ALA B 125 -20.21 -23.57 25.07
N ASN B 126 -21.19 -22.82 24.53
CA ASN B 126 -22.03 -23.28 23.42
C ASN B 126 -22.69 -24.63 23.71
N SER B 127 -23.19 -24.76 24.93
CA SER B 127 -23.88 -25.94 25.41
C SER B 127 -25.25 -25.54 25.89
N PRO B 128 -26.29 -26.33 25.59
CA PRO B 128 -27.62 -26.00 26.11
C PRO B 128 -27.73 -26.20 27.62
N TRP B 129 -26.70 -26.76 28.27
CA TRP B 129 -26.67 -26.95 29.70
C TRP B 129 -26.06 -25.79 30.47
N VAL B 130 -25.54 -24.75 29.81
CA VAL B 130 -24.90 -23.61 30.46
C VAL B 130 -25.66 -22.33 30.08
N VAL B 131 -25.92 -21.46 31.07
CA VAL B 131 -26.60 -20.19 30.82
C VAL B 131 -25.70 -19.32 29.93
N GLN B 132 -26.26 -18.79 28.84
CA GLN B 132 -25.51 -18.05 27.87
C GLN B 132 -25.36 -16.58 28.18
N LEU B 133 -24.14 -16.08 28.03
CA LEU B 133 -23.81 -14.69 28.24
C LEU B 133 -23.82 -14.00 26.87
N PHE B 134 -24.48 -12.84 26.79
CA PHE B 134 -24.57 -12.07 25.57
C PHE B 134 -23.60 -10.93 25.61
N TYR B 135 -23.54 -10.21 26.75
CA TYR B 135 -22.66 -9.07 26.87
C TYR B 135 -22.03 -8.98 28.23
N ALA B 136 -20.74 -8.72 28.28
CA ALA B 136 -20.04 -8.44 29.53
C ALA B 136 -19.54 -6.98 29.36
N PHE B 137 -19.88 -6.11 30.32
CA PHE B 137 -19.44 -4.72 30.29
C PHE B 137 -19.11 -4.21 31.70
N GLN B 138 -18.33 -3.14 31.83
CA GLN B 138 -17.94 -2.63 33.16
C GLN B 138 -18.01 -1.14 33.24
N ASP B 139 -18.28 -0.60 34.41
CA ASP B 139 -18.19 0.84 34.64
C ASP B 139 -17.16 1.06 35.77
N ASP B 140 -17.04 2.28 36.34
CA ASP B 140 -16.09 2.52 37.42
C ASP B 140 -16.42 1.73 38.70
N ARG B 141 -17.69 1.34 38.93
CA ARG B 141 -18.10 0.63 40.14
C ARG B 141 -18.33 -0.90 40.03
N TYR B 142 -18.88 -1.40 38.91
CA TYR B 142 -19.21 -2.82 38.77
C TYR B 142 -18.76 -3.50 37.48
N LEU B 143 -18.78 -4.84 37.50
CA LEU B 143 -18.67 -5.72 36.36
C LEU B 143 -20.12 -6.18 36.06
N TYR B 144 -20.54 -6.31 34.78
CA TYR B 144 -21.90 -6.72 34.42
C TYR B 144 -21.91 -7.92 33.49
N MET B 145 -22.82 -8.86 33.72
CA MET B 145 -22.93 -10.04 32.88
C MET B 145 -24.37 -10.21 32.43
N VAL B 146 -24.68 -9.81 31.20
CA VAL B 146 -26.02 -9.92 30.67
C VAL B 146 -26.20 -11.34 30.15
N MET B 147 -27.00 -12.15 30.82
CA MET B 147 -27.23 -13.54 30.43
C MET B 147 -28.70 -13.77 30.08
N GLU B 148 -29.00 -14.94 29.48
CA GLU B 148 -30.37 -15.27 29.13
C GLU B 148 -31.17 -15.50 30.38
N TYR B 149 -32.34 -14.84 30.48
CA TYR B 149 -33.17 -14.98 31.66
C TYR B 149 -33.81 -16.36 31.68
N MET B 150 -33.75 -17.04 32.84
CA MET B 150 -34.30 -18.37 33.09
C MET B 150 -35.53 -18.20 33.93
N PRO B 151 -36.74 -18.22 33.35
CA PRO B 151 -37.94 -17.91 34.13
C PRO B 151 -38.50 -19.00 35.02
N GLY B 152 -37.97 -20.22 34.87
CA GLY B 152 -38.42 -21.35 35.67
C GLY B 152 -37.89 -21.40 37.09
N GLY B 153 -37.00 -20.48 37.45
CA GLY B 153 -36.42 -20.44 38.78
C GLY B 153 -35.44 -21.55 39.03
N ASP B 154 -34.97 -21.70 40.27
CA ASP B 154 -34.00 -22.74 40.58
C ASP B 154 -34.67 -24.03 41.09
N LEU B 155 -33.88 -25.13 41.23
CA LEU B 155 -34.44 -26.40 41.69
C LEU B 155 -34.77 -26.42 43.18
N VAL B 156 -34.32 -25.40 43.96
CA VAL B 156 -34.69 -25.25 45.36
C VAL B 156 -36.17 -24.91 45.44
N ASN B 157 -36.61 -23.94 44.60
CA ASN B 157 -37.98 -23.49 44.50
C ASN B 157 -38.89 -24.62 44.05
N LEU B 158 -38.42 -25.46 43.13
CA LEU B 158 -39.20 -26.60 42.63
C LEU B 158 -39.46 -27.58 43.75
N MET B 159 -38.42 -27.90 44.52
CA MET B 159 -38.54 -28.86 45.62
C MET B 159 -39.43 -28.37 46.75
N SER B 160 -39.42 -27.06 47.01
CA SER B 160 -40.28 -26.50 48.07
C SER B 160 -41.74 -26.39 47.65
N ASN B 161 -42.04 -26.43 46.33
CA ASN B 161 -43.42 -26.38 45.84
C ASN B 161 -44.00 -27.73 45.41
N TYR B 162 -43.16 -28.77 45.29
CA TYR B 162 -43.62 -30.07 44.86
C TYR B 162 -43.04 -31.20 45.64
N ASP B 163 -43.88 -32.22 45.80
CA ASP B 163 -43.50 -33.50 46.36
C ASP B 163 -42.93 -34.17 45.10
N VAL B 164 -41.63 -34.48 45.15
CA VAL B 164 -40.96 -34.95 43.96
C VAL B 164 -40.97 -36.47 43.80
N PRO B 165 -41.63 -36.95 42.73
CA PRO B 165 -41.62 -38.39 42.43
C PRO B 165 -40.30 -38.84 41.82
N GLU B 166 -40.05 -40.15 41.91
CA GLU B 166 -38.83 -40.72 41.36
C GLU B 166 -38.70 -40.56 39.85
N LYS B 167 -39.82 -40.45 39.12
CA LYS B 167 -39.77 -40.22 37.68
C LYS B 167 -39.25 -38.81 37.40
N TRP B 168 -39.60 -37.82 38.24
CA TRP B 168 -39.10 -36.47 38.08
C TRP B 168 -37.64 -36.40 38.53
N ALA B 169 -37.30 -37.09 39.66
CA ALA B 169 -35.93 -37.14 40.20
C ALA B 169 -34.97 -37.81 39.23
N LYS B 170 -35.44 -38.80 38.48
CA LYS B 170 -34.65 -39.49 37.46
C LYS B 170 -34.37 -38.52 36.30
N PHE B 171 -35.34 -37.66 35.92
CA PHE B 171 -35.17 -36.66 34.86
C PHE B 171 -34.18 -35.58 35.25
N TYR B 172 -34.44 -34.84 36.36
CA TYR B 172 -33.54 -33.77 36.76
C TYR B 172 -32.15 -34.27 37.07
N THR B 173 -32.00 -35.52 37.58
CA THR B 173 -30.66 -36.07 37.85
C THR B 173 -29.92 -36.29 36.56
N ALA B 174 -30.59 -36.93 35.56
CA ALA B 174 -29.96 -37.14 34.25
C ALA B 174 -29.45 -35.84 33.62
N GLU B 175 -30.27 -34.77 33.70
CA GLU B 175 -29.92 -33.45 33.19
C GLU B 175 -28.73 -32.87 33.93
N VAL B 176 -28.62 -33.08 35.25
CA VAL B 176 -27.46 -32.62 36.03
C VAL B 176 -26.22 -33.40 35.59
N VAL B 177 -26.37 -34.73 35.41
CA VAL B 177 -25.31 -35.62 34.93
C VAL B 177 -24.75 -35.08 33.60
N LEU B 178 -25.61 -34.83 32.58
CA LEU B 178 -25.13 -34.32 31.30
C LEU B 178 -24.55 -32.94 31.39
N ALA B 179 -25.13 -32.07 32.22
CA ALA B 179 -24.61 -30.70 32.35
C ALA B 179 -23.22 -30.71 32.96
N LEU B 180 -22.97 -31.59 33.95
CA LEU B 180 -21.66 -31.64 34.61
C LEU B 180 -20.63 -32.22 33.70
N ASP B 181 -21.00 -33.26 32.91
CA ASP B 181 -20.10 -33.87 31.96
C ASP B 181 -19.67 -32.84 30.90
N ALA B 182 -20.58 -31.93 30.50
CA ALA B 182 -20.24 -30.86 29.58
C ALA B 182 -19.18 -29.94 30.20
N ILE B 183 -19.30 -29.60 31.50
CA ILE B 183 -18.33 -28.73 32.17
C ILE B 183 -16.96 -29.44 32.34
N HIS B 184 -17.01 -30.72 32.66
CA HIS B 184 -15.81 -31.53 32.81
C HIS B 184 -15.09 -31.65 31.48
N SER B 185 -15.85 -31.79 30.38
CA SER B 185 -15.31 -31.81 29.02
C SER B 185 -14.55 -30.51 28.75
N MET B 186 -15.14 -29.33 29.07
CA MET B 186 -14.43 -28.04 28.95
C MET B 186 -13.20 -27.92 29.88
N GLY B 187 -12.83 -29.01 30.56
CA GLY B 187 -11.71 -29.15 31.48
C GLY B 187 -11.89 -28.45 32.81
N LEU B 188 -13.14 -28.40 33.32
CA LEU B 188 -13.39 -27.68 34.57
C LEU B 188 -14.13 -28.51 35.61
N ILE B 189 -13.98 -28.11 36.86
CA ILE B 189 -14.68 -28.72 37.99
C ILE B 189 -15.54 -27.62 38.62
N HIS B 190 -16.86 -27.87 38.78
CA HIS B 190 -17.77 -26.87 39.32
C HIS B 190 -17.44 -26.48 40.76
N ARG B 191 -17.19 -27.48 41.64
CA ARG B 191 -16.90 -27.30 43.07
C ARG B 191 -18.10 -26.81 43.90
N ASP B 192 -19.25 -26.50 43.27
CA ASP B 192 -20.42 -26.01 43.99
C ASP B 192 -21.75 -26.47 43.37
N VAL B 193 -21.85 -27.76 43.08
CA VAL B 193 -23.07 -28.32 42.50
C VAL B 193 -24.10 -28.38 43.61
N LYS B 194 -25.23 -27.70 43.45
CA LYS B 194 -26.32 -27.61 44.42
C LYS B 194 -27.58 -27.07 43.73
N PRO B 195 -28.80 -27.31 44.27
CA PRO B 195 -30.01 -26.89 43.54
C PRO B 195 -30.22 -25.38 43.42
N ASP B 196 -29.49 -24.56 44.17
CA ASP B 196 -29.59 -23.10 44.03
C ASP B 196 -28.95 -22.63 42.71
N ASN B 197 -27.97 -23.41 42.19
CA ASN B 197 -27.20 -23.18 40.96
C ASN B 197 -27.71 -24.04 39.78
N MET B 198 -28.96 -24.52 39.85
CA MET B 198 -29.56 -25.32 38.77
C MET B 198 -30.80 -24.58 38.39
N LEU B 199 -30.81 -23.91 37.23
CA LEU B 199 -31.98 -23.13 36.81
C LEU B 199 -32.81 -23.84 35.74
N LEU B 200 -34.08 -23.47 35.63
CA LEU B 200 -34.97 -24.07 34.64
C LEU B 200 -35.34 -23.01 33.61
N ASP B 201 -35.25 -23.40 32.30
CA ASP B 201 -35.51 -22.51 31.14
C ASP B 201 -37.03 -22.33 30.92
N LYS B 202 -37.46 -21.55 29.91
CA LYS B 202 -38.89 -21.33 29.64
C LYS B 202 -39.68 -22.63 29.47
N HIS B 203 -39.00 -23.75 29.15
CA HIS B 203 -39.63 -25.05 28.94
C HIS B 203 -39.48 -26.09 30.06
N GLY B 204 -38.84 -25.72 31.15
CA GLY B 204 -38.65 -26.64 32.27
C GLY B 204 -37.40 -27.47 32.22
N HIS B 205 -36.43 -27.10 31.35
CA HIS B 205 -35.16 -27.82 31.20
C HIS B 205 -34.03 -27.16 31.94
N LEU B 206 -33.16 -27.96 32.53
CA LEU B 206 -32.04 -27.48 33.32
C LEU B 206 -30.91 -26.78 32.56
N LYS B 207 -30.27 -25.82 33.23
CA LYS B 207 -29.07 -25.09 32.83
C LYS B 207 -28.31 -24.77 34.12
N LEU B 208 -26.98 -24.83 34.10
CA LEU B 208 -26.16 -24.51 35.27
C LEU B 208 -25.80 -23.02 35.29
N ALA B 209 -25.68 -22.46 36.49
CA ALA B 209 -25.31 -21.05 36.66
C ALA B 209 -24.37 -20.89 37.89
N ASP B 210 -23.81 -19.68 38.14
CA ASP B 210 -22.88 -19.43 39.24
C ASP B 210 -21.59 -20.26 39.13
N PHE B 211 -20.77 -19.88 38.16
CA PHE B 211 -19.51 -20.56 37.92
C PHE B 211 -18.32 -19.90 38.65
N GLY B 212 -18.60 -19.06 39.67
CA GLY B 212 -17.56 -18.38 40.44
C GLY B 212 -16.59 -19.31 41.16
N THR B 213 -16.97 -20.56 41.30
CA THR B 213 -16.17 -21.56 41.99
C THR B 213 -15.42 -22.51 41.05
N CYS B 214 -15.51 -22.33 39.74
CA CYS B 214 -14.88 -23.24 38.79
C CYS B 214 -13.38 -23.13 38.75
N MET B 215 -12.73 -24.24 38.37
CA MET B 215 -11.29 -24.30 38.24
C MET B 215 -10.93 -25.16 37.05
N LYS B 216 -9.93 -24.72 36.26
CA LYS B 216 -9.46 -25.51 35.13
C LYS B 216 -8.62 -26.62 35.72
N MET B 217 -8.85 -27.86 35.31
CA MET B 217 -8.09 -28.99 35.84
C MET B 217 -6.71 -29.05 35.19
N ASP B 218 -5.69 -29.42 35.96
CA ASP B 218 -4.34 -29.60 35.40
C ASP B 218 -4.25 -30.97 34.62
N GLU B 219 -3.06 -31.35 34.11
CA GLU B 219 -2.87 -32.59 33.34
C GLU B 219 -3.40 -33.86 34.04
N THR B 220 -3.32 -33.92 35.38
CA THR B 220 -3.82 -35.08 36.14
C THR B 220 -5.34 -35.07 36.39
N GLY B 221 -5.98 -33.90 36.21
CA GLY B 221 -7.40 -33.71 36.41
C GLY B 221 -7.74 -33.24 37.82
N MET B 222 -6.78 -32.55 38.47
CA MET B 222 -6.90 -32.06 39.85
C MET B 222 -6.95 -30.53 39.92
N VAL B 223 -7.20 -29.99 41.10
CA VAL B 223 -7.32 -28.55 41.28
C VAL B 223 -6.48 -28.03 42.46
N PRO B 232 -22.19 -25.92 51.93
CA PRO B 232 -21.69 -26.56 53.16
C PRO B 232 -22.27 -27.97 53.29
N ASP B 233 -23.61 -28.08 53.12
CA ASP B 233 -24.43 -29.31 53.08
C ASP B 233 -24.10 -30.19 51.85
N TYR B 234 -23.59 -29.58 50.78
CA TYR B 234 -23.28 -30.30 49.55
C TYR B 234 -21.80 -30.56 49.31
N ILE B 235 -20.93 -30.08 50.19
CA ILE B 235 -19.49 -30.23 50.02
C ILE B 235 -19.06 -31.69 50.22
N SER B 236 -18.06 -32.14 49.46
CA SER B 236 -17.53 -33.50 49.57
C SER B 236 -16.56 -33.59 50.78
N PRO B 237 -16.30 -34.79 51.32
CA PRO B 237 -15.41 -34.88 52.48
C PRO B 237 -13.95 -34.50 52.16
N GLU B 238 -13.48 -34.91 50.97
CA GLU B 238 -12.11 -34.61 50.55
C GLU B 238 -11.86 -33.11 50.41
N VAL B 239 -12.91 -32.33 50.04
CA VAL B 239 -12.80 -30.89 49.92
C VAL B 239 -12.75 -30.27 51.33
N LEU B 240 -13.58 -30.79 52.25
CA LEU B 240 -13.59 -30.33 53.64
C LEU B 240 -12.22 -30.46 54.31
N LYS B 241 -11.54 -31.62 54.14
CA LYS B 241 -10.22 -31.85 54.71
C LYS B 241 -9.16 -31.01 53.92
N SER B 242 -9.09 -29.66 54.18
CA SER B 242 -8.19 -28.71 53.50
C SER B 242 -7.98 -27.44 54.33
N ASP B 246 -4.33 -27.85 52.78
CA ASP B 246 -4.73 -27.72 51.38
C ASP B 246 -4.21 -28.88 50.49
N GLY B 247 -5.14 -29.55 49.79
CA GLY B 247 -4.85 -30.70 48.93
C GLY B 247 -5.54 -30.76 47.57
N PHE B 248 -5.09 -31.69 46.69
CA PHE B 248 -5.61 -31.82 45.32
C PHE B 248 -6.81 -32.74 45.20
N TYR B 249 -7.92 -32.22 44.59
CA TYR B 249 -9.15 -33.00 44.36
C TYR B 249 -9.62 -32.92 42.91
N GLY B 250 -10.33 -33.94 42.46
CA GLY B 250 -10.75 -34.01 41.07
C GLY B 250 -12.22 -33.87 40.74
N ARG B 251 -12.61 -34.44 39.60
CA ARG B 251 -13.97 -34.39 39.09
C ARG B 251 -14.96 -35.14 39.97
N GLU B 252 -14.50 -36.18 40.68
CA GLU B 252 -15.32 -37.01 41.56
C GLU B 252 -16.00 -36.23 42.66
N CYS B 253 -15.49 -35.06 43.04
CA CYS B 253 -16.13 -34.23 44.07
C CYS B 253 -17.46 -33.65 43.54
N ASP B 254 -17.55 -33.38 42.23
CA ASP B 254 -18.78 -32.89 41.64
C ASP B 254 -19.82 -33.97 41.64
N TRP B 255 -19.44 -35.26 41.50
CA TRP B 255 -20.42 -36.34 41.50
C TRP B 255 -20.92 -36.65 42.91
N TRP B 256 -20.16 -36.33 43.98
CA TRP B 256 -20.62 -36.45 45.37
C TRP B 256 -21.86 -35.56 45.54
N SER B 257 -21.77 -34.30 45.05
CA SER B 257 -22.82 -33.31 45.08
C SER B 257 -24.09 -33.84 44.41
N VAL B 258 -23.95 -34.66 43.34
CA VAL B 258 -25.08 -35.27 42.63
C VAL B 258 -25.82 -36.27 43.51
N GLY B 259 -25.07 -37.03 44.33
CA GLY B 259 -25.60 -37.99 45.28
C GLY B 259 -26.44 -37.27 46.31
N VAL B 260 -25.90 -36.18 46.87
CA VAL B 260 -26.59 -35.32 47.83
C VAL B 260 -27.90 -34.74 47.26
N PHE B 261 -27.86 -34.30 46.01
CA PHE B 261 -29.00 -33.74 45.29
C PHE B 261 -30.10 -34.79 45.12
N LEU B 262 -29.75 -35.99 44.68
CA LEU B 262 -30.71 -37.04 44.46
C LEU B 262 -31.36 -37.47 45.79
N TYR B 263 -30.57 -37.47 46.88
CA TYR B 263 -31.10 -37.80 48.20
C TYR B 263 -32.08 -36.70 48.62
N GLU B 264 -31.70 -35.40 48.54
CA GLU B 264 -32.61 -34.32 48.91
C GLU B 264 -33.94 -34.38 48.10
N MET B 265 -33.86 -34.73 46.82
CA MET B 265 -35.04 -34.81 45.99
C MET B 265 -36.03 -35.87 46.43
N LEU B 266 -35.53 -37.07 46.69
CA LEU B 266 -36.38 -38.18 47.05
C LEU B 266 -36.80 -38.23 48.53
N VAL B 267 -35.84 -37.96 49.44
CA VAL B 267 -36.08 -38.01 50.88
C VAL B 267 -36.75 -36.73 51.40
N GLY B 268 -36.42 -35.59 50.81
CA GLY B 268 -37.02 -34.32 51.25
C GLY B 268 -36.14 -33.52 52.19
N ASP B 269 -35.00 -34.09 52.60
CA ASP B 269 -34.00 -33.47 53.48
C ASP B 269 -32.59 -33.84 52.98
N THR B 270 -31.55 -33.07 53.34
CA THR B 270 -30.18 -33.40 52.93
C THR B 270 -29.63 -34.55 53.77
N PRO B 271 -28.78 -35.42 53.19
CA PRO B 271 -28.30 -36.59 53.95
C PRO B 271 -27.47 -36.30 55.19
N PHE B 272 -26.81 -35.15 55.24
CA PHE B 272 -25.98 -34.79 56.39
C PHE B 272 -26.45 -33.51 57.05
N TYR B 273 -27.78 -33.30 57.08
CA TYR B 273 -28.34 -32.12 57.70
C TYR B 273 -28.19 -32.17 59.22
N ALA B 274 -27.76 -31.04 59.78
CA ALA B 274 -27.64 -30.81 61.20
C ALA B 274 -27.98 -29.35 61.48
N ASP B 275 -28.44 -29.09 62.70
CA ASP B 275 -28.85 -27.76 63.15
C ASP B 275 -27.69 -26.77 63.16
N SER B 276 -26.46 -27.25 63.37
CA SER B 276 -25.28 -26.38 63.39
C SER B 276 -24.42 -26.57 62.14
N LEU B 277 -23.53 -25.60 61.86
CA LEU B 277 -22.63 -25.71 60.72
C LEU B 277 -21.63 -26.82 60.97
N VAL B 278 -21.07 -26.87 62.19
CA VAL B 278 -20.08 -27.87 62.58
C VAL B 278 -20.64 -29.28 62.59
N GLY B 279 -21.94 -29.40 62.89
CA GLY B 279 -22.67 -30.67 62.92
C GLY B 279 -22.78 -31.28 61.55
N THR B 280 -23.01 -30.42 60.50
CA THR B 280 -23.10 -30.86 59.09
C THR B 280 -21.73 -31.38 58.68
N TYR B 281 -20.62 -30.65 59.05
CA TYR B 281 -19.23 -31.02 58.75
C TYR B 281 -18.92 -32.35 59.39
N SER B 282 -19.33 -32.51 60.67
CA SER B 282 -19.07 -33.73 61.41
C SER B 282 -19.74 -34.92 60.74
N LYS B 283 -21.02 -34.75 60.34
CA LYS B 283 -21.81 -35.78 59.68
C LYS B 283 -21.22 -36.14 58.31
N ILE B 284 -20.71 -35.14 57.56
CA ILE B 284 -20.13 -35.42 56.25
C ILE B 284 -18.85 -36.22 56.41
N MET B 285 -18.02 -35.84 57.40
CA MET B 285 -16.76 -36.55 57.62
C MET B 285 -17.00 -37.99 58.00
N ASP B 286 -18.02 -38.23 58.85
CA ASP B 286 -18.44 -39.56 59.30
C ASP B 286 -19.50 -40.17 58.35
N HIS B 287 -19.42 -39.85 57.05
CA HIS B 287 -20.37 -40.33 56.06
C HIS B 287 -20.54 -41.84 56.01
N LYS B 288 -19.52 -42.61 56.46
CA LYS B 288 -19.62 -44.07 56.45
C LYS B 288 -20.70 -44.53 57.41
N ASN B 289 -20.84 -43.85 58.56
CA ASN B 289 -21.82 -44.23 59.57
C ASN B 289 -23.01 -43.29 59.68
N SER B 290 -22.92 -42.06 59.16
CA SER B 290 -24.01 -41.10 59.27
C SER B 290 -25.03 -41.12 58.15
N LEU B 291 -24.70 -41.74 57.02
CA LEU B 291 -25.65 -41.81 55.91
C LEU B 291 -26.61 -42.95 56.14
N CYS B 292 -27.89 -42.63 56.29
CA CYS B 292 -28.92 -43.66 56.43
C CYS B 292 -30.25 -43.18 55.91
N PHE B 293 -30.98 -44.05 55.22
CA PHE B 293 -32.27 -43.68 54.64
C PHE B 293 -33.36 -43.87 55.65
N PRO B 294 -34.20 -42.83 55.84
CA PRO B 294 -35.31 -42.97 56.79
C PRO B 294 -36.25 -44.11 56.42
N GLU B 295 -36.80 -44.80 57.44
CA GLU B 295 -37.68 -45.95 57.17
C GLU B 295 -39.02 -45.53 56.53
N ASP B 296 -39.41 -44.24 56.67
CA ASP B 296 -40.61 -43.68 56.06
C ASP B 296 -40.39 -43.09 54.65
N ALA B 297 -39.12 -43.05 54.17
CA ALA B 297 -38.76 -42.48 52.87
C ALA B 297 -39.13 -43.38 51.70
N GLU B 298 -39.83 -42.81 50.72
CA GLU B 298 -40.28 -43.48 49.50
C GLU B 298 -39.16 -43.47 48.45
N ILE B 299 -38.31 -44.50 48.44
CA ILE B 299 -37.18 -44.59 47.53
C ILE B 299 -36.95 -46.05 47.09
N SER B 300 -36.68 -46.27 45.78
CA SER B 300 -36.44 -47.61 45.23
C SER B 300 -35.05 -48.15 45.60
N LYS B 301 -34.81 -49.46 45.39
CA LYS B 301 -33.51 -50.04 45.68
C LYS B 301 -32.46 -49.46 44.74
N HIS B 302 -32.81 -49.25 43.44
CA HIS B 302 -31.90 -48.65 42.45
C HIS B 302 -31.54 -47.24 42.80
N ALA B 303 -32.51 -46.46 43.27
CA ALA B 303 -32.26 -45.07 43.65
C ALA B 303 -31.36 -45.04 44.88
N LYS B 304 -31.61 -45.93 45.87
CA LYS B 304 -30.80 -46.00 47.08
C LYS B 304 -29.36 -46.42 46.73
N ASN B 305 -29.21 -47.38 45.83
CA ASN B 305 -27.94 -47.92 45.40
C ASN B 305 -27.15 -46.89 44.58
N LEU B 306 -27.82 -45.99 43.85
CA LEU B 306 -27.12 -44.95 43.08
C LEU B 306 -26.57 -43.89 44.04
N ILE B 307 -27.38 -43.42 45.00
CA ILE B 307 -26.96 -42.44 46.00
C ILE B 307 -25.75 -42.96 46.78
N CYS B 308 -25.72 -44.26 47.06
CA CYS B 308 -24.63 -44.88 47.78
C CYS B 308 -23.37 -45.01 46.98
N ALA B 309 -23.47 -45.12 45.65
CA ALA B 309 -22.29 -45.18 44.78
C ALA B 309 -21.62 -43.78 44.66
N PHE B 310 -22.39 -42.70 44.84
CA PHE B 310 -21.87 -41.34 44.81
C PHE B 310 -21.37 -40.91 46.19
N LEU B 311 -22.03 -41.37 47.27
CA LEU B 311 -21.64 -40.97 48.62
C LEU B 311 -20.64 -41.95 49.28
N THR B 312 -19.55 -42.27 48.59
CA THR B 312 -18.48 -43.15 49.10
C THR B 312 -17.16 -42.31 49.22
N ASP B 313 -16.06 -42.94 49.70
CA ASP B 313 -14.75 -42.28 49.70
C ASP B 313 -14.31 -42.10 48.24
N ARG B 314 -13.66 -40.97 47.95
CA ARG B 314 -13.24 -40.58 46.59
C ARG B 314 -12.57 -41.68 45.76
N GLU B 315 -11.85 -42.61 46.39
CA GLU B 315 -11.10 -43.67 45.73
C GLU B 315 -11.97 -44.67 44.97
N VAL B 316 -13.17 -44.96 45.50
CA VAL B 316 -14.07 -45.91 44.87
C VAL B 316 -15.44 -45.25 44.43
N ARG B 317 -15.48 -43.91 44.34
CA ARG B 317 -16.69 -43.18 43.95
C ARG B 317 -17.11 -43.38 42.48
N LEU B 318 -18.42 -43.36 42.21
CA LEU B 318 -18.96 -43.51 40.85
C LEU B 318 -18.69 -42.24 40.06
N GLY B 319 -18.16 -42.38 38.84
CA GLY B 319 -17.85 -41.23 38.00
C GLY B 319 -16.37 -40.93 37.83
N ARG B 320 -15.47 -41.77 38.46
CA ARG B 320 -14.00 -41.61 38.36
C ARG B 320 -13.53 -42.01 36.97
N ASN B 321 -14.04 -43.14 36.50
CA ASN B 321 -13.73 -43.71 35.20
C ASN B 321 -14.72 -43.19 34.14
N GLY B 322 -15.02 -41.90 34.21
CA GLY B 322 -15.91 -41.25 33.26
C GLY B 322 -17.39 -41.23 33.64
N VAL B 323 -18.22 -40.84 32.69
CA VAL B 323 -19.65 -40.75 32.91
C VAL B 323 -20.41 -41.99 32.39
N GLU B 324 -19.74 -42.90 31.65
CA GLU B 324 -20.40 -44.08 31.12
C GLU B 324 -20.94 -45.00 32.20
N GLU B 325 -20.17 -45.17 33.30
CA GLU B 325 -20.57 -46.01 34.43
C GLU B 325 -21.84 -45.49 35.10
N ILE B 326 -22.00 -44.15 35.17
CA ILE B 326 -23.17 -43.45 35.70
C ILE B 326 -24.36 -43.62 34.77
N ARG B 327 -24.19 -43.43 33.46
CA ARG B 327 -25.22 -43.53 32.44
C ARG B 327 -25.94 -44.85 32.41
N GLN B 328 -25.19 -45.95 32.57
CA GLN B 328 -25.81 -47.26 32.50
C GLN B 328 -26.23 -47.79 33.88
N HIS B 329 -26.36 -46.91 34.91
CA HIS B 329 -26.85 -47.38 36.20
C HIS B 329 -28.32 -47.77 36.04
N PRO B 330 -28.74 -48.87 36.67
CA PRO B 330 -30.12 -49.32 36.48
C PRO B 330 -31.19 -48.31 36.85
N PHE B 331 -30.89 -47.36 37.74
CA PHE B 331 -31.85 -46.35 38.14
C PHE B 331 -32.41 -45.56 36.96
N PHE B 332 -31.56 -45.20 35.98
CA PHE B 332 -31.98 -44.38 34.84
C PHE B 332 -32.84 -45.12 33.78
N LYS B 333 -33.17 -46.41 33.99
CA LYS B 333 -34.01 -47.18 33.06
C LYS B 333 -35.41 -46.57 33.05
N ASN B 334 -35.88 -46.06 31.89
CA ASN B 334 -37.21 -45.45 31.78
C ASN B 334 -37.81 -45.58 30.36
N ASP B 335 -39.12 -45.28 30.22
CA ASP B 335 -39.80 -45.37 28.93
C ASP B 335 -40.11 -44.02 28.30
N GLN B 336 -39.42 -42.94 28.72
CA GLN B 336 -39.71 -41.60 28.22
C GLN B 336 -38.60 -40.93 27.42
N TRP B 337 -37.36 -40.99 27.93
CA TRP B 337 -36.23 -40.35 27.27
C TRP B 337 -35.00 -41.29 27.18
N HIS B 338 -34.03 -40.88 26.36
CA HIS B 338 -32.73 -41.50 26.18
C HIS B 338 -31.70 -40.41 26.47
N TRP B 339 -30.44 -40.79 26.72
CA TRP B 339 -29.40 -39.79 26.98
C TRP B 339 -29.16 -38.89 25.78
N ASP B 340 -29.42 -39.39 24.55
CA ASP B 340 -29.22 -38.61 23.33
C ASP B 340 -30.36 -37.64 23.00
N ASN B 341 -31.45 -37.61 23.79
CA ASN B 341 -32.57 -36.71 23.49
C ASN B 341 -33.29 -36.12 24.67
N ILE B 342 -32.91 -36.42 25.91
CA ILE B 342 -33.63 -35.98 27.11
C ILE B 342 -34.01 -34.49 27.10
N ARG B 343 -33.12 -33.59 26.65
CA ARG B 343 -33.42 -32.16 26.62
C ARG B 343 -34.45 -31.73 25.57
N GLU B 344 -34.79 -32.63 24.64
CA GLU B 344 -35.81 -32.35 23.65
C GLU B 344 -37.12 -33.10 23.93
N THR B 345 -37.23 -33.78 25.10
CA THR B 345 -38.44 -34.46 25.56
C THR B 345 -39.21 -33.48 26.49
N ALA B 346 -40.49 -33.76 26.81
CA ALA B 346 -41.26 -32.86 27.67
C ALA B 346 -40.81 -32.94 29.13
N ALA B 347 -40.49 -31.78 29.71
CA ALA B 347 -40.05 -31.68 31.10
C ALA B 347 -41.21 -31.96 32.07
N PRO B 348 -40.92 -32.42 33.31
CA PRO B 348 -41.99 -32.71 34.29
C PRO B 348 -42.83 -31.50 34.65
N VAL B 349 -42.20 -30.32 34.82
CA VAL B 349 -42.90 -29.11 35.15
C VAL B 349 -42.54 -28.06 34.13
N VAL B 350 -43.53 -27.55 33.39
CA VAL B 350 -43.30 -26.50 32.40
C VAL B 350 -43.82 -25.18 32.98
N PRO B 351 -42.96 -24.15 33.03
CA PRO B 351 -43.40 -22.86 33.60
C PRO B 351 -44.61 -22.23 32.91
N GLU B 352 -45.58 -21.73 33.71
CA GLU B 352 -46.74 -21.01 33.17
C GLU B 352 -46.52 -19.56 33.54
N LEU B 353 -46.04 -18.77 32.57
CA LEU B 353 -45.68 -17.38 32.84
C LEU B 353 -46.68 -16.40 32.23
N SER B 354 -47.05 -15.35 33.00
CA SER B 354 -48.04 -14.33 32.61
C SER B 354 -47.49 -13.21 31.71
N SER B 355 -46.18 -12.90 31.81
CA SER B 355 -45.53 -11.87 31.02
C SER B 355 -44.01 -12.16 30.81
N ASP B 356 -43.34 -11.34 29.97
CA ASP B 356 -41.88 -11.50 29.76
C ASP B 356 -41.03 -11.13 31.00
N ILE B 357 -41.64 -10.49 32.01
CA ILE B 357 -41.00 -10.15 33.26
C ILE B 357 -41.62 -10.87 34.47
N ASP B 358 -42.31 -12.01 34.24
CA ASP B 358 -42.89 -12.79 35.33
C ASP B 358 -41.72 -13.45 36.04
N SER B 359 -41.46 -13.02 37.28
CA SER B 359 -40.38 -13.56 38.12
C SER B 359 -40.96 -14.25 39.35
N SER B 360 -42.12 -14.92 39.16
CA SER B 360 -42.84 -15.63 40.22
C SER B 360 -42.14 -16.88 40.69
N ASN B 361 -41.21 -17.44 39.91
CA ASN B 361 -40.45 -18.61 40.35
C ASN B 361 -39.17 -18.23 41.11
N PHE B 362 -39.06 -16.97 41.54
CA PHE B 362 -37.93 -16.45 42.30
C PHE B 362 -38.50 -15.75 43.52
N ASP B 363 -37.92 -16.03 44.69
CA ASP B 363 -38.39 -15.39 45.91
C ASP B 363 -38.04 -13.91 45.92
N ASP B 364 -38.75 -13.11 46.73
CA ASP B 364 -38.47 -11.67 46.79
C ASP B 364 -37.13 -11.42 47.44
N ILE B 365 -36.39 -10.44 46.91
CA ILE B 365 -35.05 -10.06 47.42
C ILE B 365 -34.93 -8.53 47.55
N VAL B 372 -23.90 2.11 49.42
CA VAL B 372 -22.89 1.28 48.74
C VAL B 372 -21.46 1.83 48.97
N GLU B 373 -20.54 1.00 49.57
CA GLU B 373 -19.14 1.36 49.86
C GLU B 373 -18.35 1.75 48.58
N THR B 374 -18.00 3.05 48.45
CA THR B 374 -17.31 3.62 47.29
C THR B 374 -15.78 3.72 47.47
N PHE B 375 -14.98 3.62 46.36
CA PHE B 375 -13.50 3.73 46.38
C PHE B 375 -13.05 5.11 46.85
N PRO B 376 -11.98 5.17 47.66
CA PRO B 376 -11.51 6.48 48.13
C PRO B 376 -10.66 7.21 47.10
N ILE B 377 -10.88 8.53 46.90
CA ILE B 377 -10.08 9.34 45.97
C ILE B 377 -8.61 9.32 46.42
N PRO B 378 -7.70 8.85 45.56
CA PRO B 378 -6.31 8.68 45.98
C PRO B 378 -5.38 9.86 45.74
N LYS B 379 -4.27 9.87 46.51
CA LYS B 379 -3.25 10.91 46.41
C LYS B 379 -2.21 10.50 45.35
N ALA B 380 -1.85 9.18 45.33
CA ALA B 380 -0.91 8.61 44.36
C ALA B 380 -1.57 7.46 43.58
N PHE B 381 -0.97 7.05 42.43
CA PHE B 381 -1.51 5.98 41.59
C PHE B 381 -1.71 4.67 42.35
N VAL B 382 -2.95 4.16 42.35
CA VAL B 382 -3.33 2.93 43.03
C VAL B 382 -3.58 1.80 42.05
N GLY B 383 -4.18 2.12 40.91
CA GLY B 383 -4.49 1.13 39.88
C GLY B 383 -5.58 0.14 40.23
N ASN B 384 -6.74 0.64 40.72
CA ASN B 384 -7.86 -0.22 41.08
C ASN B 384 -8.61 -0.82 39.87
N GLN B 385 -8.47 -0.21 38.69
CA GLN B 385 -9.12 -0.73 37.48
C GLN B 385 -8.30 -1.78 36.72
N LEU B 386 -6.99 -1.88 37.02
CA LEU B 386 -6.08 -2.81 36.37
C LEU B 386 -6.50 -4.27 36.37
N PRO B 387 -7.07 -4.84 37.47
CA PRO B 387 -7.45 -6.28 37.44
C PRO B 387 -8.69 -6.65 36.59
N PHE B 388 -9.36 -5.62 36.03
CA PHE B 388 -10.57 -5.75 35.23
C PHE B 388 -10.38 -5.47 33.73
N ILE B 389 -9.13 -5.18 33.29
CA ILE B 389 -8.85 -4.94 31.88
C ILE B 389 -9.08 -6.24 31.09
N GLY B 390 -9.99 -6.19 30.14
CA GLY B 390 -10.31 -7.34 29.29
C GLY B 390 -11.63 -8.00 29.60
N PHE B 391 -12.39 -7.48 30.58
CA PHE B 391 -13.65 -8.07 30.95
C PHE B 391 -14.72 -7.85 29.88
N THR B 392 -14.74 -6.66 29.25
CA THR B 392 -15.75 -6.36 28.24
C THR B 392 -15.75 -7.39 27.10
N TYR B 393 -16.95 -7.85 26.74
CA TYR B 393 -17.19 -8.79 25.66
C TYR B 393 -18.52 -8.45 25.00
N TYR B 394 -18.54 -8.32 23.67
CA TYR B 394 -19.78 -8.09 22.95
C TYR B 394 -19.98 -9.22 21.97
N ARG B 395 -21.14 -9.90 22.06
CA ARG B 395 -21.46 -11.02 21.18
C ARG B 395 -21.74 -10.42 19.80
N GLY C 1 17.59 -26.39 9.37
CA GLY C 1 18.28 -26.62 10.63
C GLY C 1 19.79 -26.61 10.50
N ALA C 2 20.40 -27.78 10.10
CA ALA C 2 21.84 -27.94 9.85
C ALA C 2 22.34 -27.12 8.64
N SER C 3 21.42 -26.38 7.97
CA SER C 3 21.78 -25.44 6.93
C SER C 3 22.50 -24.24 7.61
N ARG C 4 22.08 -23.85 8.83
CA ARG C 4 22.75 -22.81 9.60
C ARG C 4 24.17 -23.28 9.98
N GLN C 5 24.32 -24.55 10.41
CA GLN C 5 25.64 -25.09 10.76
C GLN C 5 26.53 -25.18 9.52
N ARG C 6 25.97 -25.43 8.34
CA ARG C 6 26.71 -25.49 7.08
C ARG C 6 27.18 -24.09 6.69
N LYS C 7 26.30 -23.07 6.85
CA LYS C 7 26.61 -21.66 6.55
C LYS C 7 27.78 -21.19 7.41
N LEU C 8 27.75 -21.54 8.69
CA LEU C 8 28.76 -21.18 9.67
C LEU C 8 30.07 -21.91 9.46
N GLU C 9 30.01 -23.21 9.12
CA GLU C 9 31.23 -23.97 8.85
C GLU C 9 31.96 -23.41 7.63
N ALA C 10 31.23 -22.83 6.65
CA ALA C 10 31.81 -22.26 5.45
C ALA C 10 32.59 -21.00 5.77
N LEU C 11 32.06 -20.13 6.65
CA LEU C 11 32.72 -18.88 7.06
C LEU C 11 34.05 -19.18 7.71
N ILE C 12 34.11 -20.19 8.56
CA ILE C 12 35.32 -20.54 9.29
C ILE C 12 36.39 -21.19 8.39
N ARG C 13 35.97 -21.80 7.25
CA ARG C 13 36.91 -22.40 6.30
C ARG C 13 37.53 -21.37 5.37
N ASP C 14 36.73 -20.35 4.98
CA ASP C 14 37.12 -19.29 4.06
C ASP C 14 38.35 -18.52 4.55
N PRO C 15 39.45 -18.54 3.77
CA PRO C 15 40.66 -17.84 4.20
C PRO C 15 40.53 -16.32 4.13
N ARG C 16 39.55 -15.79 3.39
CA ARG C 16 39.29 -14.35 3.34
C ARG C 16 38.35 -13.88 4.48
N SER C 17 37.81 -14.82 5.26
CA SER C 17 36.89 -14.59 6.37
C SER C 17 37.62 -14.13 7.64
N PRO C 18 37.07 -13.10 8.30
CA PRO C 18 37.71 -12.60 9.54
C PRO C 18 37.61 -13.58 10.71
N ILE C 19 36.70 -14.54 10.65
CA ILE C 19 36.53 -15.53 11.68
C ILE C 19 37.04 -16.91 11.27
N ASN C 20 38.05 -16.99 10.39
CA ASN C 20 38.68 -18.28 10.08
C ASN C 20 39.45 -18.80 11.33
N VAL C 21 39.99 -20.02 11.32
CA VAL C 21 40.64 -20.58 12.52
C VAL C 21 41.95 -19.84 12.95
N GLU C 22 42.76 -19.35 11.99
CA GLU C 22 43.98 -18.61 12.34
C GLU C 22 43.63 -17.32 13.07
N SER C 23 42.58 -16.61 12.59
CA SER C 23 42.06 -15.36 13.16
C SER C 23 41.34 -15.54 14.48
N LEU C 24 40.77 -16.75 14.74
CA LEU C 24 40.13 -17.06 16.00
C LEU C 24 41.20 -17.37 17.07
N LEU C 25 42.31 -17.99 16.67
CA LEU C 25 43.46 -18.25 17.55
C LEU C 25 44.20 -16.94 17.86
N ASP C 26 44.16 -15.97 16.93
CA ASP C 26 44.76 -14.67 17.15
C ASP C 26 44.03 -13.95 18.25
N GLY C 27 42.68 -14.05 18.25
CA GLY C 27 41.82 -13.47 19.27
C GLY C 27 42.16 -14.01 20.65
N LEU C 28 42.37 -15.32 20.77
CA LEU C 28 42.72 -15.92 22.06
C LEU C 28 44.11 -15.45 22.50
N ASN C 29 45.07 -15.45 21.60
CA ASN C 29 46.43 -15.05 21.91
C ASN C 29 46.53 -13.60 22.37
N SER C 30 45.81 -12.71 21.68
CA SER C 30 45.79 -11.28 21.97
C SER C 30 45.09 -10.95 23.28
N LEU C 31 44.08 -11.74 23.63
CA LEU C 31 43.36 -11.57 24.88
C LEU C 31 44.26 -11.95 26.04
N VAL C 32 45.02 -13.04 25.92
CA VAL C 32 45.93 -13.46 26.98
C VAL C 32 47.07 -12.45 27.13
N LEU C 33 47.60 -11.96 26.00
CA LEU C 33 48.70 -10.99 26.00
C LEU C 33 48.33 -9.71 26.70
N ASP C 34 47.09 -9.24 26.48
CA ASP C 34 46.61 -7.99 27.06
C ASP C 34 46.03 -8.10 28.45
N LEU C 35 45.98 -9.29 29.04
CA LEU C 35 45.45 -9.47 30.38
C LEU C 35 46.50 -9.96 31.36
N ASP C 36 47.57 -10.62 30.89
CA ASP C 36 48.58 -11.18 31.79
C ASP C 36 49.56 -10.13 32.33
N PHE C 37 49.06 -9.31 33.25
CA PHE C 37 49.78 -8.28 33.99
C PHE C 37 49.29 -8.41 35.43
N PRO C 38 50.19 -8.39 36.42
CA PRO C 38 49.75 -8.59 37.81
C PRO C 38 48.79 -7.53 38.34
N ALA C 39 48.78 -6.34 37.74
CA ALA C 39 47.86 -5.26 38.11
C ALA C 39 46.42 -5.67 37.70
N LEU C 40 46.28 -6.22 36.48
CA LEU C 40 44.98 -6.65 35.94
C LEU C 40 44.52 -7.94 36.58
N ARG C 41 45.46 -8.88 36.81
CA ARG C 41 45.21 -10.17 37.45
C ARG C 41 44.60 -10.08 38.86
N LYS C 42 44.52 -8.85 39.43
CA LYS C 42 43.88 -8.65 40.73
C LYS C 42 42.36 -8.96 40.62
N ASN C 43 41.77 -8.75 39.40
CA ASN C 43 40.37 -9.05 39.04
C ASN C 43 40.21 -10.59 39.06
N LYS C 44 39.18 -11.10 39.76
CA LYS C 44 38.96 -12.56 39.84
C LYS C 44 38.66 -13.17 38.47
N ASN C 45 37.78 -12.52 37.67
CA ASN C 45 37.44 -12.99 36.32
C ASN C 45 38.68 -13.20 35.45
N ILE C 46 39.59 -12.19 35.45
CA ILE C 46 40.82 -12.21 34.69
C ILE C 46 41.79 -13.23 35.21
N ASP C 47 42.02 -13.28 36.52
CA ASP C 47 42.97 -14.25 37.07
C ASP C 47 42.55 -15.68 36.82
N ASN C 48 41.24 -15.97 36.93
CA ASN C 48 40.75 -17.32 36.73
C ASN C 48 40.77 -17.74 35.27
N PHE C 49 40.43 -16.81 34.36
CA PHE C 49 40.47 -17.09 32.92
C PHE C 49 41.90 -17.40 32.50
N LEU C 50 42.86 -16.56 32.93
CA LEU C 50 44.27 -16.77 32.60
C LEU C 50 44.83 -18.05 33.16
N ASN C 51 44.33 -18.49 34.32
CA ASN C 51 44.79 -19.74 34.92
C ASN C 51 44.34 -20.92 34.07
N ARG C 52 43.08 -20.87 33.58
CA ARG C 52 42.51 -21.91 32.73
C ARG C 52 43.24 -22.08 31.39
N TYR C 53 43.57 -20.96 30.73
CA TYR C 53 44.19 -21.00 29.41
C TYR C 53 45.70 -20.86 29.40
N GLU C 54 46.35 -20.78 30.57
CA GLU C 54 47.82 -20.63 30.62
C GLU C 54 48.58 -21.79 29.93
N LYS C 55 48.22 -23.04 30.27
CA LYS C 55 48.89 -24.21 29.71
C LYS C 55 48.71 -24.31 28.19
N ILE C 56 47.45 -24.24 27.71
CA ILE C 56 47.13 -24.37 26.29
C ILE C 56 47.76 -23.25 25.45
N VAL C 57 47.82 -22.01 25.99
CA VAL C 57 48.41 -20.91 25.25
C VAL C 57 49.96 -21.04 25.18
N LYS C 58 50.58 -21.67 26.18
CA LYS C 58 52.01 -21.93 26.15
C LYS C 58 52.27 -22.97 25.02
N LYS C 59 51.45 -24.04 24.98
CA LYS C 59 51.50 -25.11 23.98
C LYS C 59 51.32 -24.56 22.54
N ILE C 60 50.29 -23.70 22.31
CA ILE C 60 49.94 -23.06 21.03
C ILE C 60 51.08 -22.17 20.50
N ARG C 61 51.73 -21.41 21.38
CA ARG C 61 52.84 -20.55 20.97
C ARG C 61 54.05 -21.34 20.47
N GLY C 62 54.27 -22.50 21.09
CA GLY C 62 55.36 -23.38 20.70
C GLY C 62 55.12 -24.03 19.36
N LEU C 63 53.85 -24.33 19.05
CA LEU C 63 53.48 -24.95 17.78
C LEU C 63 53.41 -23.96 16.63
N GLN C 64 52.89 -22.76 16.87
CA GLN C 64 52.75 -21.76 15.82
C GLN C 64 54.07 -21.18 15.33
N MET C 65 54.08 -20.70 14.09
CA MET C 65 55.26 -20.14 13.46
C MET C 65 55.71 -18.91 14.23
N LYS C 66 57.03 -18.80 14.44
CA LYS C 66 57.64 -17.72 15.20
C LYS C 66 58.96 -17.24 14.59
N ALA C 67 59.42 -16.04 14.95
CA ALA C 67 60.67 -15.48 14.41
C ALA C 67 61.88 -16.34 14.70
N GLU C 68 61.84 -17.13 15.79
CA GLU C 68 62.94 -18.04 16.13
C GLU C 68 63.08 -19.18 15.11
N ASP C 69 62.04 -19.46 14.31
CA ASP C 69 62.10 -20.48 13.28
C ASP C 69 62.99 -20.07 12.08
N TYR C 70 63.44 -18.80 12.00
CA TYR C 70 64.22 -18.25 10.89
C TYR C 70 65.56 -17.69 11.33
N ASP C 71 66.54 -17.73 10.44
CA ASP C 71 67.87 -17.19 10.69
C ASP C 71 67.99 -15.92 9.88
N VAL C 72 68.40 -14.80 10.50
CA VAL C 72 68.56 -13.56 9.74
C VAL C 72 69.91 -13.50 9.05
N VAL C 73 69.88 -13.40 7.73
CA VAL C 73 71.07 -13.32 6.90
C VAL C 73 71.57 -11.89 6.74
N LYS C 74 70.67 -10.96 6.45
CA LYS C 74 71.05 -9.55 6.24
C LYS C 74 69.81 -8.67 6.23
N VAL C 75 69.91 -7.38 6.56
CA VAL C 75 68.79 -6.45 6.43
C VAL C 75 68.93 -5.88 5.02
N ILE C 76 67.97 -6.17 4.11
CA ILE C 76 68.05 -5.69 2.74
C ILE C 76 67.16 -4.45 2.45
N GLY C 77 66.46 -3.97 3.46
CA GLY C 77 65.61 -2.80 3.32
C GLY C 77 65.18 -2.26 4.67
N ARG C 78 64.94 -0.97 4.71
CA ARG C 78 64.48 -0.30 5.92
C ARG C 78 63.48 0.76 5.52
N GLY C 79 62.54 1.06 6.40
CA GLY C 79 61.52 2.03 6.09
C GLY C 79 60.71 2.51 7.26
N ALA C 80 59.58 3.15 6.91
CA ALA C 80 58.61 3.74 7.83
C ALA C 80 58.42 2.98 9.24
N PHE C 81 57.71 1.81 9.28
CA PHE C 81 57.49 1.13 10.54
C PHE C 81 58.29 -0.16 10.70
N GLY C 82 59.42 -0.30 10.02
CA GLY C 82 60.26 -1.50 10.16
C GLY C 82 61.40 -1.69 9.20
N GLU C 83 61.62 -2.95 8.84
CA GLU C 83 62.70 -3.40 7.96
C GLU C 83 62.36 -4.71 7.27
N VAL C 84 63.04 -4.98 6.14
CA VAL C 84 62.91 -6.21 5.35
C VAL C 84 64.23 -7.01 5.51
N GLN C 85 64.17 -8.23 6.07
CA GLN C 85 65.37 -9.02 6.31
C GLN C 85 65.43 -10.21 5.36
N LEU C 86 66.61 -10.50 4.80
CA LEU C 86 66.81 -11.71 4.03
C LEU C 86 66.97 -12.81 5.09
N VAL C 87 66.07 -13.78 5.15
CA VAL C 87 66.11 -14.83 6.15
C VAL C 87 66.11 -16.23 5.54
N ARG C 88 66.56 -17.23 6.29
CA ARG C 88 66.52 -18.61 5.85
C ARG C 88 65.75 -19.39 6.88
N HIS C 89 64.69 -20.12 6.46
CA HIS C 89 63.89 -20.91 7.39
C HIS C 89 64.75 -22.05 7.96
N LYS C 90 64.99 -22.06 9.28
CA LYS C 90 65.83 -23.07 9.95
C LYS C 90 65.50 -24.53 9.60
N ALA C 91 64.21 -24.89 9.62
CA ALA C 91 63.80 -26.26 9.33
C ALA C 91 63.95 -26.69 7.85
N SER C 92 63.35 -25.93 6.89
CA SER C 92 63.36 -26.26 5.47
C SER C 92 64.60 -25.81 4.71
N GLN C 93 65.38 -24.90 5.27
CA GLN C 93 66.58 -24.29 4.65
C GLN C 93 66.27 -23.32 3.48
N LYS C 94 64.96 -23.08 3.20
CA LYS C 94 64.48 -22.19 2.16
C LYS C 94 64.72 -20.71 2.50
N VAL C 95 65.16 -19.91 1.52
CA VAL C 95 65.40 -18.48 1.71
C VAL C 95 64.19 -17.60 1.35
N TYR C 96 63.84 -16.67 2.23
CA TYR C 96 62.73 -15.75 1.98
C TYR C 96 63.14 -14.30 2.30
N ALA C 97 62.28 -13.33 2.00
CA ALA C 97 62.45 -11.93 2.38
C ALA C 97 61.34 -11.74 3.45
N MET C 98 61.69 -11.33 4.66
CA MET C 98 60.72 -11.14 5.73
C MET C 98 60.58 -9.67 6.16
N LYS C 99 59.42 -9.05 5.95
CA LYS C 99 59.13 -7.67 6.32
C LYS C 99 58.53 -7.63 7.75
N LEU C 100 59.21 -6.89 8.66
CA LEU C 100 58.84 -6.69 10.08
C LEU C 100 58.20 -5.33 10.26
N LEU C 101 57.17 -5.23 11.10
CA LEU C 101 56.51 -3.97 11.37
C LEU C 101 56.33 -3.87 12.88
N SER C 102 56.87 -2.81 13.49
CA SER C 102 56.77 -2.58 14.92
C SER C 102 55.35 -2.28 15.31
N LYS C 103 54.76 -3.09 16.22
CA LYS C 103 53.40 -2.89 16.72
C LYS C 103 53.36 -1.58 17.53
N PHE C 104 54.42 -1.36 18.37
CA PHE C 104 54.56 -0.15 19.18
C PHE C 104 54.61 1.11 18.33
N GLU C 105 55.53 1.17 17.37
CA GLU C 105 55.67 2.32 16.51
C GLU C 105 54.40 2.61 15.71
N MET C 106 53.61 1.58 15.35
CA MET C 106 52.39 1.79 14.56
C MET C 106 51.26 2.34 15.43
N ILE C 107 51.16 1.85 16.69
CA ILE C 107 50.14 2.35 17.59
C ILE C 107 50.47 3.81 17.95
N LYS C 108 51.72 4.07 18.40
CA LYS C 108 52.22 5.39 18.75
C LYS C 108 52.03 6.37 17.57
N ARG C 109 52.56 6.05 16.39
CA ARG C 109 52.43 6.94 15.22
C ARG C 109 51.05 6.83 14.54
N SER C 110 49.99 6.51 15.34
CA SER C 110 48.54 6.35 15.05
C SER C 110 48.18 5.85 13.61
N ASP C 111 49.05 5.02 13.03
CA ASP C 111 48.87 4.47 11.71
C ASP C 111 48.79 2.95 11.92
N SER C 112 47.51 2.46 12.12
CA SER C 112 47.18 1.07 12.49
C SER C 112 46.26 0.26 11.48
N ALA C 113 46.42 0.44 10.12
CA ALA C 113 45.57 -0.30 9.18
C ALA C 113 46.15 -0.56 7.78
N PHE C 114 47.22 0.12 7.43
CA PHE C 114 47.82 0.02 6.10
C PHE C 114 48.27 -1.39 5.71
N PHE C 115 48.64 -2.18 6.72
CA PHE C 115 49.17 -3.55 6.58
C PHE C 115 48.10 -4.59 6.21
N TRP C 116 46.81 -4.26 6.38
CA TRP C 116 45.76 -5.18 6.02
C TRP C 116 45.71 -5.34 4.52
N GLU C 117 45.74 -4.23 3.74
CA GLU C 117 45.72 -4.36 2.28
C GLU C 117 47.06 -4.83 1.72
N GLU C 118 48.18 -4.56 2.41
CA GLU C 118 49.49 -5.04 1.96
C GLU C 118 49.53 -6.56 2.08
N ARG C 119 49.00 -7.11 3.20
CA ARG C 119 48.95 -8.54 3.43
C ARG C 119 47.99 -9.24 2.49
N ASP C 120 46.81 -8.67 2.28
CA ASP C 120 45.83 -9.25 1.39
C ASP C 120 46.30 -9.24 -0.04
N ILE C 121 46.92 -8.15 -0.51
CA ILE C 121 47.43 -8.07 -1.89
C ILE C 121 48.46 -9.16 -2.14
N MET C 122 49.43 -9.30 -1.25
CA MET C 122 50.48 -10.29 -1.44
C MET C 122 50.06 -11.72 -1.22
N ALA C 123 49.05 -11.96 -0.37
CA ALA C 123 48.60 -13.33 -0.10
C ALA C 123 47.65 -13.86 -1.15
N PHE C 124 46.78 -12.99 -1.70
CA PHE C 124 45.71 -13.44 -2.59
C PHE C 124 45.68 -12.89 -4.02
N ALA C 125 46.64 -12.05 -4.45
CA ALA C 125 46.57 -11.49 -5.81
C ALA C 125 46.60 -12.55 -6.90
N ASN C 126 47.43 -13.58 -6.70
CA ASN C 126 47.62 -14.64 -7.68
C ASN C 126 47.96 -14.10 -9.08
N SER C 127 48.90 -13.13 -9.08
CA SER C 127 49.40 -12.47 -10.28
C SER C 127 50.89 -12.57 -10.24
N PRO C 128 51.51 -12.86 -11.40
CA PRO C 128 52.98 -12.89 -11.44
C PRO C 128 53.61 -11.49 -11.31
N TRP C 129 52.80 -10.43 -11.30
CA TRP C 129 53.28 -9.07 -11.13
C TRP C 129 53.31 -8.61 -9.69
N VAL C 130 52.88 -9.41 -8.72
CA VAL C 130 52.85 -9.06 -7.30
C VAL C 130 53.71 -10.05 -6.50
N VAL C 131 54.55 -9.53 -5.60
CA VAL C 131 55.40 -10.36 -4.73
C VAL C 131 54.51 -11.22 -3.83
N GLN C 132 54.74 -12.52 -3.81
CA GLN C 132 53.90 -13.45 -3.07
C GLN C 132 54.24 -13.62 -1.63
N LEU C 133 53.23 -13.59 -0.78
CA LEU C 133 53.36 -13.80 0.64
C LEU C 133 53.01 -15.29 0.92
N PHE C 134 53.85 -15.95 1.71
CA PHE C 134 53.66 -17.33 2.08
C PHE C 134 53.08 -17.41 3.46
N TYR C 135 53.62 -16.65 4.41
CA TYR C 135 53.19 -16.69 5.79
C TYR C 135 53.16 -15.33 6.42
N ALA C 136 52.09 -15.01 7.12
CA ALA C 136 51.98 -13.81 7.92
C ALA C 136 51.81 -14.33 9.36
N PHE C 137 52.58 -13.80 10.29
CA PHE C 137 52.51 -14.20 11.68
C PHE C 137 52.89 -13.03 12.58
N GLN C 138 52.70 -13.16 13.88
CA GLN C 138 52.99 -12.06 14.79
C GLN C 138 53.42 -12.54 16.16
N ASP C 139 54.12 -11.68 16.87
CA ASP C 139 54.48 -11.92 18.26
C ASP C 139 54.03 -10.68 19.07
N ASP C 140 54.43 -10.57 20.35
CA ASP C 140 54.04 -9.41 21.15
C ASP C 140 54.61 -8.09 20.61
N ARG C 141 55.74 -8.13 19.86
CA ARG C 141 56.39 -6.92 19.36
C ARG C 141 56.16 -6.55 17.87
N TYR C 142 56.11 -7.55 16.96
CA TYR C 142 56.03 -7.28 15.52
C TYR C 142 55.00 -8.09 14.74
N LEU C 143 54.71 -7.60 13.53
CA LEU C 143 53.96 -8.28 12.49
C LEU C 143 55.03 -8.75 11.50
N TYR C 144 54.92 -9.98 11.01
CA TYR C 144 55.90 -10.54 10.07
C TYR C 144 55.23 -10.92 8.77
N MET C 145 55.90 -10.68 7.67
CA MET C 145 55.38 -11.07 6.36
C MET C 145 56.50 -11.79 5.60
N VAL C 146 56.41 -13.12 5.47
CA VAL C 146 57.39 -13.94 4.78
C VAL C 146 57.02 -13.98 3.30
N MET C 147 57.83 -13.35 2.46
CA MET C 147 57.58 -13.22 1.04
C MET C 147 58.61 -13.95 0.21
N GLU C 148 58.37 -14.05 -1.12
CA GLU C 148 59.37 -14.63 -2.00
C GLU C 148 60.46 -13.63 -2.17
N TYR C 149 61.70 -14.07 -1.97
CA TYR C 149 62.85 -13.18 -2.12
C TYR C 149 63.08 -12.86 -3.61
N MET C 150 63.34 -11.57 -3.94
CA MET C 150 63.58 -11.04 -5.29
C MET C 150 65.01 -10.68 -5.38
N PRO C 151 65.85 -11.55 -5.94
CA PRO C 151 67.30 -11.31 -5.88
C PRO C 151 67.86 -10.30 -6.87
N GLY C 152 67.03 -9.86 -7.83
CA GLY C 152 67.44 -8.90 -8.85
C GLY C 152 67.49 -7.44 -8.41
N GLY C 153 67.06 -7.17 -7.17
CA GLY C 153 67.07 -5.82 -6.62
C GLY C 153 65.99 -4.94 -7.22
N ASP C 154 66.01 -3.66 -6.86
CA ASP C 154 65.00 -2.69 -7.33
C ASP C 154 65.42 -2.00 -8.64
N LEU C 155 64.50 -1.32 -9.32
CA LEU C 155 64.82 -0.65 -10.59
C LEU C 155 65.69 0.59 -10.42
N VAL C 156 65.82 1.13 -9.18
CA VAL C 156 66.70 2.25 -8.89
C VAL C 156 68.14 1.78 -9.09
N ASN C 157 68.47 0.61 -8.54
CA ASN C 157 69.78 -0.03 -8.62
C ASN C 157 70.11 -0.33 -10.07
N LEU C 158 69.13 -0.77 -10.86
CA LEU C 158 69.35 -1.06 -12.28
C LEU C 158 69.72 0.20 -13.02
N MET C 159 68.98 1.29 -12.80
CA MET C 159 69.24 2.56 -13.49
C MET C 159 70.58 3.17 -13.13
N SER C 160 71.02 3.01 -11.86
CA SER C 160 72.32 3.54 -11.44
C SER C 160 73.51 2.70 -11.93
N ASN C 161 73.27 1.45 -12.36
CA ASN C 161 74.33 0.61 -12.88
C ASN C 161 74.32 0.47 -14.41
N TYR C 162 73.30 1.00 -15.09
CA TYR C 162 73.19 0.95 -16.54
C TYR C 162 72.68 2.23 -17.20
N ASP C 163 73.20 2.47 -18.41
CA ASP C 163 72.66 3.48 -19.28
C ASP C 163 71.50 2.68 -19.92
N VAL C 164 70.26 3.07 -19.59
CA VAL C 164 69.11 2.31 -20.08
C VAL C 164 68.66 2.68 -21.52
N PRO C 165 68.86 1.77 -22.52
CA PRO C 165 68.37 2.06 -23.88
C PRO C 165 66.84 1.99 -23.98
N GLU C 166 66.29 2.59 -25.04
CA GLU C 166 64.83 2.62 -25.23
C GLU C 166 64.21 1.26 -25.41
N LYS C 167 64.97 0.27 -25.89
CA LYS C 167 64.45 -1.09 -26.00
C LYS C 167 64.24 -1.70 -24.60
N TRP C 168 65.12 -1.38 -23.65
CA TRP C 168 64.98 -1.84 -22.28
C TRP C 168 63.86 -1.06 -21.61
N ALA C 169 63.82 0.29 -21.87
CA ALA C 169 62.81 1.20 -21.33
C ALA C 169 61.41 0.81 -21.73
N LYS C 170 61.24 0.32 -22.97
CA LYS C 170 59.98 -0.17 -23.54
C LYS C 170 59.55 -1.45 -22.84
N PHE C 171 60.50 -2.34 -22.49
CA PHE C 171 60.21 -3.58 -21.77
C PHE C 171 59.77 -3.31 -20.35
N TYR C 172 60.59 -2.60 -19.54
CA TYR C 172 60.25 -2.34 -18.16
C TYR C 172 58.99 -1.51 -18.03
N THR C 173 58.73 -0.57 -18.97
CA THR C 173 57.47 0.19 -18.90
C THR C 173 56.28 -0.75 -19.13
N ALA C 174 56.35 -1.61 -20.16
CA ALA C 174 55.27 -2.56 -20.41
C ALA C 174 54.91 -3.45 -19.17
N GLU C 175 55.92 -4.02 -18.51
CA GLU C 175 55.74 -4.82 -17.30
C GLU C 175 55.12 -3.97 -16.17
N VAL C 176 55.48 -2.67 -16.05
CA VAL C 176 54.86 -1.79 -15.06
C VAL C 176 53.39 -1.55 -15.43
N VAL C 177 53.11 -1.33 -16.74
CA VAL C 177 51.74 -1.13 -17.25
C VAL C 177 50.86 -2.33 -16.89
N LEU C 178 51.33 -3.55 -17.15
CA LEU C 178 50.53 -4.75 -16.85
C LEU C 178 50.40 -4.98 -15.36
N ALA C 179 51.46 -4.67 -14.59
CA ALA C 179 51.41 -4.88 -13.13
C ALA C 179 50.38 -3.94 -12.51
N LEU C 180 50.29 -2.70 -13.03
CA LEU C 180 49.35 -1.71 -12.52
C LEU C 180 47.96 -2.07 -12.90
N ASP C 181 47.76 -2.54 -14.12
CA ASP C 181 46.43 -2.96 -14.56
C ASP C 181 45.90 -4.09 -13.68
N ALA C 182 46.79 -5.00 -13.25
CA ALA C 182 46.43 -6.10 -12.36
C ALA C 182 45.96 -5.58 -11.01
N ILE C 183 46.66 -4.61 -10.44
CA ILE C 183 46.32 -4.02 -9.15
C ILE C 183 44.98 -3.27 -9.26
N HIS C 184 44.80 -2.49 -10.35
CA HIS C 184 43.59 -1.74 -10.60
C HIS C 184 42.40 -2.71 -10.77
N SER C 185 42.64 -3.87 -11.43
CA SER C 185 41.63 -4.91 -11.61
C SER C 185 41.10 -5.42 -10.28
N MET C 186 41.93 -5.43 -9.24
CA MET C 186 41.49 -5.84 -7.91
C MET C 186 40.83 -4.71 -7.10
N GLY C 187 40.53 -3.58 -7.76
CA GLY C 187 39.91 -2.43 -7.14
C GLY C 187 40.85 -1.73 -6.19
N LEU C 188 42.14 -1.61 -6.56
CA LEU C 188 43.13 -0.91 -5.73
C LEU C 188 43.92 0.12 -6.49
N ILE C 189 44.38 1.15 -5.78
CA ILE C 189 45.23 2.20 -6.32
C ILE C 189 46.53 2.14 -5.52
N HIS C 190 47.69 2.03 -6.22
CA HIS C 190 48.99 1.94 -5.54
C HIS C 190 49.33 3.20 -4.75
N ARG C 191 49.15 4.38 -5.36
CA ARG C 191 49.46 5.70 -4.77
C ARG C 191 50.97 5.97 -4.64
N ASP C 192 51.84 4.99 -4.91
CA ASP C 192 53.28 5.19 -4.77
C ASP C 192 54.11 4.41 -5.80
N VAL C 193 53.74 4.52 -7.08
CA VAL C 193 54.48 3.85 -8.14
C VAL C 193 55.78 4.60 -8.32
N LYS C 194 56.93 3.93 -8.12
CA LYS C 194 58.28 4.51 -8.25
C LYS C 194 59.29 3.36 -8.36
N PRO C 195 60.51 3.58 -8.88
CA PRO C 195 61.43 2.44 -9.09
C PRO C 195 61.97 1.79 -7.84
N ASP C 196 61.80 2.38 -6.66
CA ASP C 196 62.22 1.75 -5.40
C ASP C 196 61.27 0.57 -5.06
N ASN C 197 60.02 0.64 -5.54
CA ASN C 197 58.95 -0.34 -5.33
C ASN C 197 58.74 -1.29 -6.54
N MET C 198 59.74 -1.41 -7.42
CA MET C 198 59.67 -2.28 -8.57
C MET C 198 60.85 -3.22 -8.44
N LEU C 199 60.61 -4.49 -8.13
CA LEU C 199 61.69 -5.44 -7.95
C LEU C 199 61.84 -6.39 -9.13
N LEU C 200 63.03 -6.96 -9.29
CA LEU C 200 63.29 -7.92 -10.34
C LEU C 200 63.50 -9.31 -9.74
N ASP C 201 62.85 -10.34 -10.33
CA ASP C 201 62.95 -11.72 -9.81
C ASP C 201 64.27 -12.41 -10.25
N LYS C 202 64.42 -13.72 -9.99
CA LYS C 202 65.64 -14.45 -10.38
C LYS C 202 65.92 -14.40 -11.88
N HIS C 203 64.89 -14.14 -12.72
CA HIS C 203 65.07 -14.08 -14.16
C HIS C 203 65.06 -12.69 -14.80
N GLY C 204 64.97 -11.65 -13.98
CA GLY C 204 64.98 -10.27 -14.49
C GLY C 204 63.63 -9.69 -14.80
N HIS C 205 62.56 -10.34 -14.33
CA HIS C 205 61.19 -9.89 -14.56
C HIS C 205 60.62 -9.13 -13.38
N LEU C 206 59.87 -8.08 -13.68
CA LEU C 206 59.30 -7.19 -12.68
C LEU C 206 58.20 -7.79 -11.82
N LYS C 207 58.15 -7.36 -10.55
CA LYS C 207 57.09 -7.60 -9.57
C LYS C 207 56.97 -6.32 -8.74
N LEU C 208 55.77 -5.94 -8.34
CA LEU C 208 55.57 -4.77 -7.49
C LEU C 208 55.64 -5.16 -6.01
N ALA C 209 56.14 -4.24 -5.17
CA ALA C 209 56.25 -4.47 -3.72
C ALA C 209 55.92 -3.16 -2.95
N ASP C 210 55.82 -3.20 -1.60
CA ASP C 210 55.48 -2.04 -0.78
C ASP C 210 54.07 -1.53 -1.07
N PHE C 211 53.08 -2.32 -0.63
CA PHE C 211 51.69 -1.97 -0.83
C PHE C 211 51.10 -1.22 0.37
N GLY C 212 51.92 -0.68 1.28
CA GLY C 212 51.46 0.07 2.44
C GLY C 212 50.69 1.34 2.12
N THR C 213 50.74 1.78 0.88
CA THR C 213 50.05 2.96 0.42
C THR C 213 48.76 2.65 -0.35
N CYS C 214 48.40 1.39 -0.54
CA CYS C 214 47.23 1.03 -1.33
C CYS C 214 45.93 1.34 -0.67
N MET C 215 44.90 1.56 -1.49
CA MET C 215 43.57 1.86 -1.04
C MET C 215 42.56 1.21 -1.94
N LYS C 216 41.51 0.61 -1.35
CA LYS C 216 40.45 0.02 -2.16
C LYS C 216 39.64 1.18 -2.68
N MET C 217 39.44 1.24 -4.00
CA MET C 217 38.65 2.33 -4.57
C MET C 217 37.19 2.11 -4.24
N ASP C 218 36.45 3.20 -4.01
CA ASP C 218 35.02 3.09 -3.73
C ASP C 218 34.24 2.88 -5.05
N GLU C 219 32.90 2.86 -5.00
CA GLU C 219 32.07 2.62 -6.19
C GLU C 219 32.36 3.57 -7.38
N THR C 220 32.79 4.83 -7.11
CA THR C 220 33.13 5.78 -8.18
C THR C 220 34.55 5.60 -8.76
N GLY C 221 35.40 4.83 -8.06
CA GLY C 221 36.78 4.56 -8.45
C GLY C 221 37.76 5.56 -7.88
N MET C 222 37.40 6.17 -6.72
CA MET C 222 38.18 7.21 -6.03
C MET C 222 38.70 6.75 -4.67
N VAL C 223 39.56 7.56 -4.05
CA VAL C 223 40.16 7.33 -2.74
C VAL C 223 40.26 8.73 -2.06
N HIS C 224 39.70 8.89 -0.84
CA HIS C 224 39.77 10.19 -0.14
C HIS C 224 40.97 10.19 0.83
N CYS C 225 40.99 9.23 1.80
CA CYS C 225 42.03 9.01 2.80
C CYS C 225 43.45 8.81 2.13
N ASP C 226 44.61 9.03 2.80
CA ASP C 226 44.85 9.44 4.19
C ASP C 226 46.31 9.93 4.30
N THR C 227 47.28 9.15 3.73
CA THR C 227 48.71 9.48 3.80
C THR C 227 49.11 10.70 2.92
N GLY C 230 55.80 11.47 1.37
CA GLY C 230 57.16 11.99 1.31
C GLY C 230 57.62 12.24 -0.12
N THR C 231 58.99 12.08 -0.42
CA THR C 231 59.69 12.24 -1.74
C THR C 231 58.68 12.27 -2.92
N PRO C 232 58.45 13.48 -3.43
CA PRO C 232 57.33 13.66 -4.34
C PRO C 232 57.65 13.65 -5.81
N ASP C 233 58.87 13.27 -6.22
CA ASP C 233 59.22 13.25 -7.64
C ASP C 233 58.21 12.51 -8.52
N TYR C 234 57.64 11.46 -7.94
CA TYR C 234 56.71 10.56 -8.61
C TYR C 234 55.22 10.81 -8.35
N ILE C 235 54.92 11.72 -7.44
CA ILE C 235 53.57 12.08 -7.08
C ILE C 235 53.00 12.96 -8.19
N SER C 236 51.68 12.90 -8.38
CA SER C 236 50.95 13.64 -9.41
C SER C 236 50.37 14.95 -8.83
N PRO C 237 50.07 15.98 -9.65
CA PRO C 237 49.52 17.22 -9.10
C PRO C 237 48.27 17.04 -8.25
N GLU C 238 47.27 16.27 -8.72
CA GLU C 238 46.05 16.06 -7.94
C GLU C 238 46.30 15.52 -6.54
N VAL C 239 47.19 14.52 -6.35
CA VAL C 239 47.48 14.00 -5.02
C VAL C 239 48.10 15.12 -4.13
N LEU C 240 48.90 16.01 -4.73
CA LEU C 240 49.50 17.13 -4.01
C LEU C 240 48.46 18.13 -3.59
N LYS C 241 47.56 18.55 -4.52
CA LYS C 241 46.50 19.53 -4.25
C LYS C 241 45.53 19.04 -3.20
N SER C 242 45.24 17.72 -3.20
CA SER C 242 44.33 17.07 -2.24
C SER C 242 44.88 17.10 -0.81
N GLN C 243 46.22 17.09 -0.66
CA GLN C 243 46.86 17.12 0.67
C GLN C 243 46.44 18.31 1.55
N GLY C 244 45.79 19.33 0.94
CA GLY C 244 45.27 20.51 1.62
C GLY C 244 43.75 20.52 1.69
N ASP C 246 39.57 15.51 1.94
CA ASP C 246 40.48 16.59 1.57
C ASP C 246 40.50 16.86 0.03
N GLY C 247 40.25 15.80 -0.75
CA GLY C 247 40.21 15.83 -2.22
C GLY C 247 40.27 14.42 -2.82
N PHE C 248 39.26 14.06 -3.64
CA PHE C 248 39.20 12.71 -4.20
C PHE C 248 40.03 12.54 -5.49
N TYR C 249 40.81 11.43 -5.59
CA TYR C 249 41.63 11.07 -6.78
C TYR C 249 41.46 9.57 -7.16
N GLY C 250 41.67 9.24 -8.44
CA GLY C 250 41.49 7.88 -8.95
C GLY C 250 42.69 7.09 -9.42
N ARG C 251 42.47 6.15 -10.33
CA ARG C 251 43.52 5.29 -10.87
C ARG C 251 44.52 6.08 -11.72
N GLU C 252 44.09 7.14 -12.37
CA GLU C 252 44.93 7.95 -13.23
C GLU C 252 46.17 8.50 -12.55
N CYS C 253 46.18 8.59 -11.22
CA CYS C 253 47.35 9.09 -10.51
C CYS C 253 48.52 8.14 -10.68
N ASP C 254 48.27 6.79 -10.77
CA ASP C 254 49.30 5.76 -10.97
C ASP C 254 49.88 5.89 -12.39
N TRP C 255 49.06 6.26 -13.40
CA TRP C 255 49.55 6.42 -14.76
C TRP C 255 50.44 7.67 -14.90
N TRP C 256 50.33 8.65 -13.99
CA TRP C 256 51.25 9.80 -13.96
C TRP C 256 52.63 9.24 -13.56
N SER C 257 52.67 8.42 -12.50
CA SER C 257 53.89 7.78 -12.01
C SER C 257 54.59 7.00 -13.12
N VAL C 258 53.85 6.51 -14.12
CA VAL C 258 54.45 5.79 -15.23
C VAL C 258 55.19 6.75 -16.18
N GLY C 259 54.65 7.92 -16.48
CA GLY C 259 55.33 8.89 -17.33
C GLY C 259 56.62 9.42 -16.71
N VAL C 260 56.60 9.62 -15.39
CA VAL C 260 57.76 10.08 -14.62
C VAL C 260 58.84 9.00 -14.70
N PHE C 261 58.44 7.70 -14.52
CA PHE C 261 59.34 6.55 -14.58
C PHE C 261 59.99 6.43 -15.95
N LEU C 262 59.20 6.52 -17.01
CA LEU C 262 59.72 6.43 -18.38
C LEU C 262 60.67 7.60 -18.68
N TYR C 263 60.37 8.79 -18.15
CA TYR C 263 61.24 9.94 -18.32
C TYR C 263 62.56 9.69 -17.59
N GLU C 264 62.55 9.29 -16.30
CA GLU C 264 63.77 9.01 -15.57
C GLU C 264 64.63 7.93 -16.27
N MET C 265 63.95 6.90 -16.81
CA MET C 265 64.60 5.81 -17.51
C MET C 265 65.39 6.23 -18.74
N LEU C 266 64.84 7.14 -19.57
CA LEU C 266 65.46 7.60 -20.80
C LEU C 266 66.35 8.84 -20.65
N VAL C 267 65.91 9.81 -19.87
CA VAL C 267 66.62 11.08 -19.67
C VAL C 267 67.76 10.96 -18.64
N GLY C 268 67.57 10.12 -17.64
CA GLY C 268 68.57 9.94 -16.59
C GLY C 268 68.31 10.75 -15.34
N ASP C 269 67.28 11.63 -15.36
CA ASP C 269 66.88 12.49 -14.25
C ASP C 269 65.35 12.53 -14.18
N THR C 270 64.76 12.89 -13.04
CA THR C 270 63.28 12.99 -12.94
C THR C 270 62.79 14.27 -13.60
N PRO C 271 61.58 14.27 -14.20
CA PRO C 271 61.11 15.47 -14.92
C PRO C 271 60.93 16.73 -14.07
N PHE C 272 60.68 16.58 -12.78
CA PHE C 272 60.47 17.75 -11.92
C PHE C 272 61.46 17.78 -10.79
N TYR C 273 62.72 17.39 -11.09
CA TYR C 273 63.75 17.39 -10.07
C TYR C 273 64.15 18.82 -9.70
N ALA C 274 64.30 19.03 -8.40
CA ALA C 274 64.78 20.26 -7.83
C ALA C 274 65.57 19.92 -6.57
N ASP C 275 66.48 20.80 -6.21
CA ASP C 275 67.37 20.62 -5.05
C ASP C 275 66.59 20.58 -3.74
N SER C 276 65.47 21.30 -3.66
CA SER C 276 64.63 21.37 -2.47
C SER C 276 63.32 20.56 -2.63
N LEU C 277 62.66 20.24 -1.50
CA LEU C 277 61.38 19.56 -1.55
C LEU C 277 60.29 20.49 -2.07
N VAL C 278 60.34 21.77 -1.65
CA VAL C 278 59.38 22.77 -2.12
C VAL C 278 59.53 23.08 -3.62
N GLY C 279 60.76 22.97 -4.13
CA GLY C 279 61.06 23.23 -5.54
C GLY C 279 60.50 22.14 -6.41
N THR C 280 60.63 20.89 -5.93
CA THR C 280 60.14 19.68 -6.59
C THR C 280 58.63 19.78 -6.65
N TYR C 281 57.96 20.15 -5.50
CA TYR C 281 56.50 20.30 -5.41
C TYR C 281 55.99 21.47 -6.26
N SER C 282 56.79 22.53 -6.43
CA SER C 282 56.40 23.67 -7.24
C SER C 282 56.45 23.34 -8.76
N LYS C 283 57.50 22.61 -9.18
CA LYS C 283 57.69 22.20 -10.57
C LYS C 283 56.56 21.24 -10.99
N ILE C 284 56.09 20.34 -10.09
CA ILE C 284 55.00 19.41 -10.37
C ILE C 284 53.71 20.15 -10.60
N MET C 285 53.46 21.18 -9.77
CA MET C 285 52.22 21.95 -9.91
C MET C 285 52.20 22.73 -11.21
N ASP C 286 53.37 23.28 -11.62
CA ASP C 286 53.52 24.01 -12.87
C ASP C 286 53.98 23.09 -14.01
N HIS C 287 53.56 21.81 -13.99
CA HIS C 287 53.96 20.84 -14.99
C HIS C 287 53.73 21.32 -16.42
N LYS C 288 52.67 22.15 -16.67
CA LYS C 288 52.35 22.64 -18.01
C LYS C 288 53.54 23.40 -18.62
N ASN C 289 54.26 24.16 -17.79
CA ASN C 289 55.41 24.94 -18.25
C ASN C 289 56.78 24.37 -17.85
N SER C 290 56.83 23.53 -16.80
CA SER C 290 58.10 22.99 -16.30
C SER C 290 58.58 21.70 -16.95
N LEU C 291 57.68 20.96 -17.62
CA LEU C 291 58.09 19.71 -18.28
C LEU C 291 58.72 20.02 -19.60
N CYS C 292 60.01 19.70 -19.74
CA CYS C 292 60.68 19.87 -21.03
C CYS C 292 61.85 18.89 -21.16
N PHE C 293 62.02 18.34 -22.37
CA PHE C 293 63.06 17.36 -22.62
C PHE C 293 64.34 18.01 -22.95
N PRO C 294 65.42 17.64 -22.26
CA PRO C 294 66.72 18.28 -22.55
C PRO C 294 67.14 18.10 -24.00
N GLU C 295 67.81 19.10 -24.57
CA GLU C 295 68.20 19.01 -25.97
C GLU C 295 69.21 17.90 -26.23
N ASP C 296 69.98 17.49 -25.20
CA ASP C 296 70.98 16.43 -25.28
C ASP C 296 70.46 15.04 -24.98
N ALA C 297 69.18 14.91 -24.56
CA ALA C 297 68.55 13.63 -24.21
C ALA C 297 68.19 12.83 -25.45
N GLU C 298 68.67 11.56 -25.51
CA GLU C 298 68.42 10.59 -26.58
C GLU C 298 67.05 9.91 -26.35
N ILE C 299 65.99 10.46 -26.95
CA ILE C 299 64.61 9.96 -26.79
C ILE C 299 63.84 10.09 -28.09
N SER C 300 63.08 9.05 -28.49
CA SER C 300 62.31 9.08 -29.75
C SER C 300 61.06 9.96 -29.66
N LYS C 301 60.41 10.27 -30.82
CA LYS C 301 59.20 11.08 -30.80
C LYS C 301 58.06 10.30 -30.12
N HIS C 302 57.98 8.97 -30.36
CA HIS C 302 56.98 8.11 -29.72
C HIS C 302 57.15 8.06 -28.23
N ALA C 303 58.39 7.98 -27.75
CA ALA C 303 58.68 7.94 -26.33
C ALA C 303 58.32 9.27 -25.69
N LYS C 304 58.66 10.39 -26.37
CA LYS C 304 58.35 11.75 -25.91
C LYS C 304 56.84 11.96 -25.84
N ASN C 305 56.13 11.49 -26.85
CA ASN C 305 54.68 11.62 -26.99
C ASN C 305 53.96 10.75 -25.95
N LEU C 306 54.54 9.60 -25.53
CA LEU C 306 53.90 8.76 -24.51
C LEU C 306 54.02 9.41 -23.15
N ILE C 307 55.22 9.91 -22.79
CA ILE C 307 55.46 10.60 -21.51
C ILE C 307 54.50 11.80 -21.38
N CYS C 308 54.26 12.51 -22.49
CA CYS C 308 53.38 13.66 -22.49
C CYS C 308 51.93 13.31 -22.35
N ALA C 309 51.50 12.13 -22.82
CA ALA C 309 50.10 11.68 -22.66
C ALA C 309 49.80 11.29 -21.19
N PHE C 310 50.83 10.88 -20.44
CA PHE C 310 50.70 10.54 -19.04
C PHE C 310 50.89 11.80 -18.18
N LEU C 311 51.80 12.69 -18.59
CA LEU C 311 52.12 13.90 -17.82
C LEU C 311 51.28 15.13 -18.22
N THR C 312 49.93 15.00 -18.10
CA THR C 312 48.92 16.04 -18.35
C THR C 312 47.93 16.08 -17.18
N ASP C 313 46.96 17.02 -17.20
CA ASP C 313 45.94 17.14 -16.16
C ASP C 313 45.07 15.88 -16.17
N ARG C 314 44.66 15.41 -14.99
CA ARG C 314 43.88 14.18 -14.80
C ARG C 314 42.71 13.96 -15.75
N GLU C 315 42.05 15.04 -16.18
CA GLU C 315 40.87 14.97 -17.05
C GLU C 315 41.14 14.42 -18.44
N VAL C 316 42.32 14.71 -19.00
CA VAL C 316 42.68 14.27 -20.33
C VAL C 316 43.93 13.30 -20.31
N ARG C 317 44.20 12.67 -19.14
CA ARG C 317 45.32 11.73 -18.99
C ARG C 317 45.09 10.37 -19.67
N LEU C 318 46.16 9.76 -20.22
CA LEU C 318 46.13 8.45 -20.87
C LEU C 318 45.91 7.36 -19.80
N GLY C 319 44.95 6.47 -20.03
CA GLY C 319 44.63 5.42 -19.06
C GLY C 319 43.34 5.67 -18.28
N ARG C 320 42.77 6.87 -18.47
CA ARG C 320 41.50 7.25 -17.87
C ARG C 320 40.39 6.43 -18.61
N ASN C 321 40.50 6.33 -19.96
CA ASN C 321 39.56 5.53 -20.73
C ASN C 321 40.09 4.07 -20.83
N GLY C 322 40.67 3.53 -19.76
CA GLY C 322 41.20 2.17 -19.76
C GLY C 322 42.65 1.96 -20.22
N VAL C 323 43.17 0.71 -20.01
CA VAL C 323 44.54 0.30 -20.35
C VAL C 323 44.71 -0.03 -21.85
N GLU C 324 43.61 -0.20 -22.62
CA GLU C 324 43.71 -0.52 -24.04
C GLU C 324 44.36 0.63 -24.82
N GLU C 325 44.02 1.88 -24.45
CA GLU C 325 44.52 3.15 -25.02
C GLU C 325 46.06 3.17 -24.92
N ILE C 326 46.60 2.69 -23.76
CA ILE C 326 48.04 2.64 -23.45
C ILE C 326 48.69 1.57 -24.28
N ARG C 327 48.13 0.35 -24.28
CA ARG C 327 48.64 -0.82 -24.97
C ARG C 327 48.94 -0.59 -26.41
N GLN C 328 48.07 0.18 -27.09
CA GLN C 328 48.26 0.41 -28.51
C GLN C 328 48.99 1.68 -28.84
N HIS C 329 49.68 2.31 -27.87
CA HIS C 329 50.48 3.50 -28.19
C HIS C 329 51.63 3.07 -29.09
N PRO C 330 51.97 3.86 -30.11
CA PRO C 330 53.03 3.47 -31.05
C PRO C 330 54.38 3.15 -30.42
N PHE C 331 54.69 3.72 -29.25
CA PHE C 331 55.96 3.47 -28.58
C PHE C 331 56.20 2.00 -28.33
N PHE C 332 55.18 1.25 -27.91
CA PHE C 332 55.35 -0.17 -27.58
C PHE C 332 55.54 -1.13 -28.76
N LYS C 333 55.50 -0.63 -30.02
CA LYS C 333 55.68 -1.47 -31.21
C LYS C 333 57.12 -2.01 -31.22
N ASN C 334 57.29 -3.35 -31.19
CA ASN C 334 58.59 -4.00 -31.16
C ASN C 334 58.59 -5.42 -31.81
N ASP C 335 59.78 -6.00 -32.02
CA ASP C 335 59.91 -7.32 -32.61
C ASP C 335 60.38 -8.39 -31.62
N GLN C 336 60.09 -8.23 -30.33
CA GLN C 336 60.53 -9.20 -29.34
C GLN C 336 59.41 -9.83 -28.53
N TRP C 337 58.48 -9.02 -28.04
CA TRP C 337 57.39 -9.52 -27.20
C TRP C 337 56.02 -8.97 -27.61
N HIS C 338 54.97 -9.59 -27.06
CA HIS C 338 53.57 -9.21 -27.17
C HIS C 338 53.06 -9.04 -25.74
N TRP C 339 51.95 -8.32 -25.56
CA TRP C 339 51.40 -8.13 -24.22
C TRP C 339 51.00 -9.46 -23.57
N ASP C 340 50.64 -10.46 -24.37
CA ASP C 340 50.21 -11.77 -23.86
C ASP C 340 51.36 -12.71 -23.48
N ASN C 341 52.62 -12.30 -23.68
CA ASN C 341 53.75 -13.19 -23.37
C ASN C 341 55.02 -12.52 -22.87
N ILE C 342 55.04 -11.18 -22.72
CA ILE C 342 56.23 -10.44 -22.33
C ILE C 342 56.97 -11.04 -21.13
N ARG C 343 56.24 -11.51 -20.10
CA ARG C 343 56.86 -12.09 -18.90
C ARG C 343 57.52 -13.46 -19.12
N GLU C 344 57.30 -14.08 -20.28
CA GLU C 344 57.96 -15.35 -20.63
C GLU C 344 58.99 -15.17 -21.74
N THR C 345 59.31 -13.92 -22.11
CA THR C 345 60.38 -13.61 -23.06
C THR C 345 61.66 -13.30 -22.23
N ALA C 346 62.82 -13.25 -22.88
CA ALA C 346 64.06 -12.99 -22.14
C ALA C 346 64.16 -11.53 -21.71
N ALA C 347 64.38 -11.31 -20.40
CA ALA C 347 64.50 -9.98 -19.82
C ALA C 347 65.81 -9.35 -20.26
N PRO C 348 65.89 -7.98 -20.29
CA PRO C 348 67.13 -7.30 -20.70
C PRO C 348 68.34 -7.63 -19.85
N VAL C 349 68.15 -7.69 -18.53
CA VAL C 349 69.23 -7.99 -17.60
C VAL C 349 68.80 -9.16 -16.74
N VAL C 350 69.54 -10.27 -16.80
CA VAL C 350 69.25 -11.45 -15.99
C VAL C 350 70.24 -11.51 -14.84
N PRO C 351 69.76 -11.58 -13.59
CA PRO C 351 70.69 -11.61 -12.43
C PRO C 351 71.67 -12.76 -12.44
N GLU C 352 72.96 -12.47 -12.16
CA GLU C 352 74.02 -13.46 -12.04
C GLU C 352 74.31 -13.54 -10.55
N LEU C 353 73.76 -14.55 -9.90
CA LEU C 353 73.91 -14.67 -8.46
C LEU C 353 74.86 -15.81 -8.07
N SER C 354 75.72 -15.59 -7.06
CA SER C 354 76.70 -16.57 -6.58
C SER C 354 76.14 -17.62 -5.61
N SER C 355 75.06 -17.29 -4.84
CA SER C 355 74.44 -18.19 -3.87
C SER C 355 72.96 -17.88 -3.64
N ASP C 356 72.24 -18.72 -2.88
CA ASP C 356 70.82 -18.46 -2.56
C ASP C 356 70.62 -17.25 -1.63
N ILE C 357 71.71 -16.74 -1.03
CA ILE C 357 71.67 -15.56 -0.18
C ILE C 357 72.51 -14.39 -0.76
N ASP C 358 72.75 -14.37 -2.07
CA ASP C 358 73.49 -13.29 -2.70
C ASP C 358 72.52 -12.09 -2.72
N SER C 359 72.84 -11.07 -1.94
CA SER C 359 72.03 -9.85 -1.86
C SER C 359 72.81 -8.66 -2.41
N SER C 360 73.62 -8.90 -3.46
CA SER C 360 74.47 -7.90 -4.10
C SER C 360 73.70 -6.87 -4.89
N ASN C 361 72.43 -7.13 -5.25
CA ASN C 361 71.63 -6.14 -5.95
C ASN C 361 70.85 -5.22 -4.98
N PHE C 362 71.21 -5.23 -3.70
CA PHE C 362 70.60 -4.42 -2.65
C PHE C 362 71.73 -3.74 -1.93
N ASP C 363 71.59 -2.44 -1.66
CA ASP C 363 72.63 -1.71 -0.95
C ASP C 363 72.73 -2.15 0.51
N ASP C 364 73.88 -1.91 1.15
CA ASP C 364 74.02 -2.27 2.55
C ASP C 364 73.19 -1.32 3.40
N ILE C 365 72.53 -1.84 4.45
CA ILE C 365 71.72 -0.99 5.32
C ILE C 365 72.44 -0.84 6.67
N GLU C 366 72.60 0.42 7.15
CA GLU C 366 73.29 0.73 8.41
C GLU C 366 72.41 0.30 9.63
N ASP C 367 72.87 -0.72 10.40
CA ASP C 367 72.10 -1.36 11.49
C ASP C 367 71.79 -0.48 12.74
N ASP C 368 70.82 -0.96 13.57
CA ASP C 368 70.33 -0.35 14.81
C ASP C 368 69.67 -1.43 15.67
N VAL C 372 65.00 0.02 20.24
CA VAL C 372 63.69 -0.53 19.91
C VAL C 372 62.67 -0.37 21.05
N GLU C 373 62.01 0.83 21.12
CA GLU C 373 61.02 1.28 22.13
C GLU C 373 59.86 0.27 22.39
N THR C 374 59.72 -0.16 23.64
CA THR C 374 58.72 -1.17 24.02
C THR C 374 57.45 -0.56 24.63
N PHE C 375 56.37 -1.36 24.69
CA PHE C 375 55.09 -0.97 25.30
C PHE C 375 55.20 -0.91 26.83
N PRO C 376 54.59 0.11 27.45
CA PRO C 376 54.66 0.21 28.92
C PRO C 376 53.70 -0.76 29.63
N ILE C 377 54.16 -1.46 30.69
CA ILE C 377 53.31 -2.36 31.48
C ILE C 377 52.13 -1.59 32.07
N PRO C 378 50.88 -1.98 31.74
CA PRO C 378 49.73 -1.17 32.16
C PRO C 378 49.10 -1.54 33.51
N LYS C 379 48.37 -0.57 34.07
CA LYS C 379 47.66 -0.74 35.33
C LYS C 379 46.23 -1.25 35.05
N ALA C 380 45.60 -0.75 33.97
CA ALA C 380 44.26 -1.15 33.52
C ALA C 380 44.32 -1.67 32.06
N PHE C 381 43.27 -2.41 31.61
CA PHE C 381 43.19 -2.94 30.24
C PHE C 381 43.31 -1.85 29.16
N VAL C 382 44.32 -2.01 28.29
CA VAL C 382 44.60 -1.06 27.21
C VAL C 382 44.21 -1.64 25.85
N GLY C 383 44.44 -2.93 25.67
CA GLY C 383 44.12 -3.64 24.44
C GLY C 383 45.00 -3.26 23.27
N ASN C 384 46.31 -3.30 23.44
CA ASN C 384 47.25 -2.97 22.35
C ASN C 384 47.35 -4.05 21.27
N GLN C 385 46.95 -5.29 21.58
CA GLN C 385 46.99 -6.37 20.61
C GLN C 385 45.72 -6.47 19.75
N LEU C 386 44.63 -5.82 20.16
CA LEU C 386 43.36 -5.84 19.48
C LEU C 386 43.39 -5.46 18.01
N PRO C 387 44.14 -4.43 17.57
CA PRO C 387 44.11 -4.06 16.14
C PRO C 387 44.83 -5.03 15.17
N PHE C 388 45.48 -6.07 15.73
CA PHE C 388 46.27 -7.08 15.01
C PHE C 388 45.61 -8.48 14.96
N ILE C 389 44.39 -8.63 15.54
CA ILE C 389 43.68 -9.91 15.52
C ILE C 389 43.28 -10.22 14.09
N GLY C 390 43.74 -11.35 13.58
CA GLY C 390 43.44 -11.78 12.23
C GLY C 390 44.56 -11.63 11.24
N PHE C 391 45.73 -11.16 11.70
CA PHE C 391 46.86 -10.96 10.83
C PHE C 391 47.48 -12.30 10.40
N THR C 392 47.55 -13.28 11.31
CA THR C 392 48.15 -14.57 10.97
C THR C 392 47.48 -15.26 9.75
N TYR C 393 48.31 -15.72 8.79
CA TYR C 393 47.96 -16.44 7.57
C TYR C 393 49.03 -17.48 7.24
N TYR C 394 48.68 -18.75 7.29
CA TYR C 394 49.59 -19.81 6.91
C TYR C 394 49.11 -20.24 5.52
N ARG C 395 49.99 -20.12 4.48
CA ARG C 395 49.62 -20.49 3.10
C ARG C 395 49.11 -21.95 3.03
N SER D 3 54.02 -33.09 12.04
CA SER D 3 54.35 -31.67 11.94
C SER D 3 53.69 -30.87 13.06
N ARG D 4 54.22 -29.64 13.31
CA ARG D 4 53.66 -28.74 14.32
C ARG D 4 52.26 -28.31 13.89
N GLN D 5 52.04 -28.04 12.59
CA GLN D 5 50.71 -27.65 12.11
C GLN D 5 49.70 -28.81 12.22
N ARG D 6 50.18 -30.06 12.08
CA ARG D 6 49.34 -31.24 12.20
C ARG D 6 48.95 -31.45 13.68
N LYS D 7 49.93 -31.24 14.60
CA LYS D 7 49.73 -31.37 16.06
C LYS D 7 48.66 -30.38 16.51
N LEU D 8 48.77 -29.13 16.02
CA LEU D 8 47.86 -28.04 16.33
C LEU D 8 46.47 -28.24 15.75
N GLU D 9 46.38 -28.74 14.51
CA GLU D 9 45.08 -29.00 13.89
C GLU D 9 44.30 -30.07 14.66
N ALA D 10 45.01 -31.02 15.30
CA ALA D 10 44.39 -32.08 16.09
C ALA D 10 43.75 -31.54 17.39
N LEU D 11 44.43 -30.60 18.06
CA LEU D 11 43.93 -29.98 19.29
C LEU D 11 42.63 -29.23 19.03
N ILE D 12 42.54 -28.53 17.90
CA ILE D 12 41.36 -27.75 17.56
C ILE D 12 40.17 -28.64 17.19
N ARG D 13 40.42 -29.88 16.72
CA ARG D 13 39.35 -30.83 16.36
C ARG D 13 38.77 -31.56 17.59
N ASP D 14 39.62 -31.82 18.60
CA ASP D 14 39.24 -32.51 19.83
C ASP D 14 38.10 -31.78 20.59
N PRO D 15 36.95 -32.43 20.80
CA PRO D 15 35.84 -31.77 21.51
C PRO D 15 36.06 -31.58 23.02
N ARG D 16 37.03 -32.29 23.58
CA ARG D 16 37.39 -32.11 24.99
C ARG D 16 38.46 -30.97 25.15
N SER D 17 39.03 -30.46 24.04
CA SER D 17 40.08 -29.43 24.06
C SER D 17 39.57 -28.05 24.36
N PRO D 18 40.30 -27.29 25.20
CA PRO D 18 39.87 -25.91 25.51
C PRO D 18 39.95 -24.94 24.33
N ILE D 19 40.73 -25.30 23.30
CA ILE D 19 40.88 -24.45 22.13
C ILE D 19 40.18 -25.03 20.91
N ASN D 20 39.09 -25.78 21.09
CA ASN D 20 38.29 -26.27 19.95
C ASN D 20 37.55 -25.07 19.31
N VAL D 21 36.96 -25.27 18.13
CA VAL D 21 36.31 -24.18 17.41
C VAL D 21 35.13 -23.54 18.18
N GLU D 22 34.41 -24.28 19.01
CA GLU D 22 33.33 -23.71 19.83
C GLU D 22 33.89 -22.79 20.88
N SER D 23 34.98 -23.22 21.54
CA SER D 23 35.63 -22.41 22.55
C SER D 23 36.22 -21.17 21.94
N LEU D 24 36.79 -21.28 20.73
CA LEU D 24 37.43 -20.15 20.03
C LEU D 24 36.40 -19.10 19.64
N LEU D 25 35.19 -19.55 19.26
CA LEU D 25 34.07 -18.66 18.93
C LEU D 25 33.46 -18.05 20.19
N ASP D 26 33.48 -18.79 21.29
CA ASP D 26 33.03 -18.30 22.56
C ASP D 26 33.93 -17.17 23.03
N GLY D 27 35.24 -17.31 22.82
CA GLY D 27 36.22 -16.29 23.15
C GLY D 27 35.97 -15.00 22.42
N LEU D 28 35.73 -15.08 21.10
CA LEU D 28 35.44 -13.89 20.31
C LEU D 28 34.12 -13.24 20.71
N ASN D 29 33.09 -14.04 20.97
CA ASN D 29 31.80 -13.53 21.39
C ASN D 29 31.87 -12.80 22.73
N SER D 30 32.61 -13.37 23.68
CA SER D 30 32.79 -12.83 25.02
C SER D 30 33.61 -11.57 25.04
N LEU D 31 34.57 -11.45 24.11
CA LEU D 31 35.40 -10.28 23.99
C LEU D 31 34.56 -9.11 23.46
N VAL D 32 33.70 -9.36 22.47
CA VAL D 32 32.84 -8.32 21.93
C VAL D 32 31.80 -7.89 22.98
N LEU D 33 31.23 -8.85 23.71
CA LEU D 33 30.23 -8.56 24.74
C LEU D 33 30.78 -7.68 25.85
N ASP D 34 32.04 -7.94 26.25
CA ASP D 34 32.69 -7.21 27.33
C ASP D 34 33.37 -5.92 26.95
N LEU D 35 33.36 -5.56 25.66
CA LEU D 35 33.99 -4.33 25.21
C LEU D 35 32.99 -3.35 24.63
N ASP D 36 31.82 -3.82 24.15
CA ASP D 36 30.83 -2.93 23.53
C ASP D 36 30.02 -2.12 24.53
N PHE D 37 30.67 -1.12 25.12
CA PHE D 37 30.12 -0.14 26.05
C PHE D 37 30.71 1.19 25.63
N PRO D 38 29.91 2.25 25.54
CA PRO D 38 30.43 3.54 25.05
C PRO D 38 31.55 4.16 25.90
N ALA D 39 31.63 3.77 27.17
CA ALA D 39 32.67 4.22 28.08
C ALA D 39 34.02 3.60 27.65
N LEU D 40 34.02 2.31 27.32
CA LEU D 40 35.21 1.58 26.92
C LEU D 40 35.58 1.94 25.48
N ARG D 41 34.58 2.09 24.60
CA ARG D 41 34.76 2.45 23.20
C ARG D 41 35.48 3.80 22.97
N LYS D 42 35.72 4.57 24.05
CA LYS D 42 36.50 5.82 23.98
C LYS D 42 37.98 5.50 23.59
N ASN D 43 38.48 4.29 23.98
CA ASN D 43 39.80 3.73 23.66
C ASN D 43 39.81 3.47 22.14
N LYS D 44 40.85 3.96 21.40
CA LYS D 44 40.93 3.75 19.95
C LYS D 44 41.05 2.27 19.58
N ASN D 45 41.91 1.52 20.31
CA ASN D 45 42.10 0.08 20.08
C ASN D 45 40.78 -0.68 20.13
N ILE D 46 39.97 -0.42 21.19
CA ILE D 46 38.67 -1.05 21.40
C ILE D 46 37.65 -0.62 20.37
N ASP D 47 37.52 0.67 20.10
CA ASP D 47 36.54 1.14 19.12
C ASP D 47 36.82 0.59 17.74
N ASN D 48 38.10 0.54 17.34
CA ASN D 48 38.44 0.04 16.00
C ASN D 48 38.27 -1.49 15.87
N PHE D 49 38.61 -2.24 16.94
CA PHE D 49 38.44 -3.70 16.94
C PHE D 49 36.97 -4.03 16.82
N LEU D 50 36.13 -3.37 17.63
CA LEU D 50 34.69 -3.60 17.62
C LEU D 50 34.06 -3.24 16.29
N ASN D 51 34.59 -2.25 15.59
CA ASN D 51 34.06 -1.86 14.30
C ASN D 51 34.30 -2.98 13.28
N ARG D 52 35.50 -3.60 13.34
CA ARG D 52 35.93 -4.68 12.44
C ARG D 52 35.11 -5.95 12.61
N TYR D 53 34.78 -6.30 13.85
CA TYR D 53 34.07 -7.54 14.12
C TYR D 53 32.58 -7.38 14.45
N GLU D 54 32.03 -6.17 14.40
CA GLU D 54 30.63 -5.94 14.73
C GLU D 54 29.66 -6.79 13.86
N LYS D 55 29.85 -6.69 12.51
CA LYS D 55 29.00 -7.37 11.55
C LYS D 55 29.07 -8.88 11.72
N ILE D 56 30.30 -9.44 11.70
CA ILE D 56 30.52 -10.88 11.77
C ILE D 56 29.98 -11.50 13.06
N VAL D 57 30.13 -10.82 14.22
CA VAL D 57 29.61 -11.40 15.46
C VAL D 57 28.08 -11.35 15.49
N LYS D 58 27.46 -10.34 14.84
CA LYS D 58 25.99 -10.30 14.75
C LYS D 58 25.51 -11.50 13.89
N LYS D 59 26.21 -11.75 12.78
CA LYS D 59 25.94 -12.86 11.85
C LYS D 59 26.09 -14.25 12.55
N ILE D 60 27.16 -14.43 13.35
CA ILE D 60 27.48 -15.65 14.11
C ILE D 60 26.43 -15.96 15.17
N ARG D 61 25.91 -14.93 15.87
CA ARG D 61 24.86 -15.14 16.89
C ARG D 61 23.56 -15.63 16.25
N GLY D 62 23.26 -15.13 15.05
CA GLY D 62 22.09 -15.53 14.29
C GLY D 62 22.16 -16.97 13.83
N LEU D 63 23.36 -17.44 13.49
CA LEU D 63 23.56 -18.80 13.02
C LEU D 63 23.63 -19.81 14.17
N GLN D 64 24.31 -19.47 15.27
CA GLN D 64 24.48 -20.38 16.40
C GLN D 64 23.19 -20.64 17.15
N MET D 65 23.14 -21.79 17.87
CA MET D 65 21.95 -22.19 18.63
C MET D 65 21.65 -21.15 19.70
N LYS D 66 20.38 -20.79 19.83
CA LYS D 66 19.90 -19.79 20.78
C LYS D 66 18.59 -20.18 21.46
N ALA D 67 18.25 -19.52 22.57
CA ALA D 67 17.02 -19.81 23.29
C ALA D 67 15.76 -19.60 22.44
N GLU D 68 15.83 -18.71 21.45
CA GLU D 68 14.69 -18.46 20.57
C GLU D 68 14.38 -19.66 19.66
N ASP D 69 15.33 -20.61 19.49
CA ASP D 69 15.13 -21.84 18.70
C ASP D 69 14.17 -22.86 19.38
N TYR D 70 13.82 -22.63 20.66
CA TYR D 70 12.99 -23.51 21.46
C TYR D 70 11.74 -22.83 21.96
N ASP D 71 10.67 -23.60 22.15
CA ASP D 71 9.42 -23.10 22.70
C ASP D 71 9.33 -23.59 24.13
N VAL D 72 9.08 -22.69 25.09
CA VAL D 72 8.96 -23.10 26.49
C VAL D 72 7.56 -23.63 26.79
N VAL D 73 7.49 -24.91 27.18
CA VAL D 73 6.23 -25.59 27.49
C VAL D 73 5.84 -25.35 28.95
N LYS D 74 6.78 -25.49 29.88
CA LYS D 74 6.47 -25.31 31.30
C LYS D 74 7.78 -25.26 32.10
N VAL D 75 7.78 -24.62 33.28
CA VAL D 75 8.97 -24.65 34.14
C VAL D 75 8.75 -25.85 35.05
N ILE D 76 9.59 -26.87 34.95
CA ILE D 76 9.44 -28.07 35.76
C ILE D 76 10.35 -28.14 36.99
N GLY D 77 11.18 -27.12 37.19
CA GLY D 77 12.11 -27.09 38.29
C GLY D 77 12.70 -25.72 38.45
N ARG D 78 13.04 -25.37 39.68
CA ARG D 78 13.64 -24.09 40.01
C ARG D 78 14.70 -24.37 41.05
N GLY D 79 15.83 -23.71 40.92
CA GLY D 79 16.93 -23.91 41.85
C GLY D 79 17.66 -22.65 42.23
N ALA D 80 18.82 -22.90 42.87
CA ALA D 80 19.76 -21.89 43.33
C ALA D 80 20.09 -20.80 42.26
N PHE D 81 20.69 -21.21 41.11
CA PHE D 81 21.07 -20.24 40.12
C PHE D 81 20.21 -20.22 38.87
N GLY D 82 19.04 -20.85 38.87
CA GLY D 82 18.18 -20.81 37.69
C GLY D 82 16.89 -21.59 37.75
N GLU D 83 16.54 -22.20 36.61
CA GLU D 83 15.36 -23.02 36.45
C GLU D 83 15.54 -24.04 35.34
N VAL D 84 14.71 -25.07 35.34
CA VAL D 84 14.71 -26.09 34.32
C VAL D 84 13.39 -25.96 33.61
N GLN D 85 13.42 -25.84 32.28
CA GLN D 85 12.20 -25.68 31.50
C GLN D 85 11.97 -26.87 30.58
N LEU D 86 10.74 -27.36 30.49
CA LEU D 86 10.37 -28.38 29.53
C LEU D 86 10.21 -27.60 28.22
N VAL D 87 11.05 -27.87 27.21
CA VAL D 87 11.00 -27.15 25.95
C VAL D 87 10.83 -28.06 24.74
N ARG D 88 10.35 -27.51 23.62
CA ARG D 88 10.25 -28.25 22.38
C ARG D 88 11.05 -27.50 21.34
N HIS D 89 12.01 -28.16 20.68
CA HIS D 89 12.81 -27.51 19.65
C HIS D 89 11.92 -27.13 18.46
N LYS D 90 11.80 -25.84 18.14
CA LYS D 90 10.96 -25.32 17.07
C LYS D 90 11.13 -26.04 15.73
N ALA D 91 12.38 -26.24 15.30
CA ALA D 91 12.65 -26.88 14.01
C ALA D 91 12.39 -28.42 13.96
N SER D 92 12.96 -29.20 14.90
CA SER D 92 12.84 -30.65 14.93
C SER D 92 11.60 -31.20 15.60
N GLN D 93 10.91 -30.37 16.39
CA GLN D 93 9.73 -30.73 17.17
C GLN D 93 10.03 -31.66 18.37
N LYS D 94 11.31 -32.00 18.60
CA LYS D 94 11.75 -32.86 19.69
C LYS D 94 11.67 -32.15 21.05
N VAL D 95 11.22 -32.89 22.09
CA VAL D 95 11.09 -32.35 23.44
C VAL D 95 12.33 -32.62 24.31
N TYR D 96 12.80 -31.58 24.99
CA TYR D 96 13.94 -31.71 25.88
C TYR D 96 13.67 -31.02 27.24
N ALA D 97 14.57 -31.19 28.20
CA ALA D 97 14.53 -30.47 29.47
C ALA D 97 15.75 -29.52 29.36
N MET D 98 15.53 -28.20 29.49
CA MET D 98 16.60 -27.24 29.38
C MET D 98 16.87 -26.52 30.68
N LYS D 99 18.01 -26.80 31.32
CA LYS D 99 18.39 -26.09 32.54
C LYS D 99 19.07 -24.76 32.14
N LEU D 100 18.66 -23.66 32.79
CA LEU D 100 19.20 -22.31 32.60
C LEU D 100 19.96 -21.92 33.87
N LEU D 101 21.10 -21.22 33.72
CA LEU D 101 21.88 -20.77 34.86
C LEU D 101 22.20 -19.31 34.65
N SER D 102 21.80 -18.44 35.60
CA SER D 102 22.04 -17.01 35.52
C SER D 102 23.53 -16.74 35.67
N LYS D 103 24.12 -16.06 34.66
CA LYS D 103 25.54 -15.69 34.69
C LYS D 103 25.76 -14.66 35.81
N PHE D 104 24.82 -13.69 35.93
CA PHE D 104 24.79 -12.63 36.94
C PHE D 104 24.85 -13.17 38.38
N GLU D 105 24.05 -14.21 38.69
CA GLU D 105 24.02 -14.83 39.99
C GLU D 105 25.26 -15.66 40.28
N MET D 106 25.76 -16.40 39.29
CA MET D 106 26.96 -17.22 39.48
C MET D 106 28.21 -16.38 39.76
N ILE D 107 28.28 -15.19 39.15
CA ILE D 107 29.40 -14.29 39.39
C ILE D 107 29.25 -13.68 40.78
N LYS D 108 28.08 -13.03 41.04
CA LYS D 108 27.74 -12.39 42.32
C LYS D 108 27.96 -13.34 43.51
N ARG D 109 27.28 -14.50 43.52
CA ARG D 109 27.42 -15.47 44.60
C ARG D 109 28.67 -16.32 44.51
N SER D 110 29.76 -15.75 43.91
CA SER D 110 31.12 -16.27 43.71
C SER D 110 31.25 -17.81 43.56
N ASP D 111 30.28 -18.45 42.90
CA ASP D 111 30.33 -19.88 42.64
C ASP D 111 30.17 -19.99 41.13
N SER D 112 31.32 -20.05 40.40
CA SER D 112 31.33 -20.06 38.94
C SER D 112 32.28 -21.10 38.32
N ALA D 113 32.35 -22.30 38.90
CA ALA D 113 33.16 -23.38 38.36
C ALA D 113 32.43 -24.75 38.39
N PHE D 114 31.31 -24.84 39.14
CA PHE D 114 30.52 -26.07 39.30
C PHE D 114 29.93 -26.60 37.99
N PHE D 115 29.62 -25.69 37.07
CA PHE D 115 29.00 -26.07 35.81
C PHE D 115 29.91 -26.83 34.87
N TRP D 116 31.24 -26.69 35.02
CA TRP D 116 32.17 -27.36 34.14
C TRP D 116 32.08 -28.86 34.28
N GLU D 117 32.08 -29.37 35.52
CA GLU D 117 31.96 -30.82 35.72
C GLU D 117 30.52 -31.31 35.48
N GLU D 118 29.51 -30.46 35.68
CA GLU D 118 28.12 -30.82 35.42
C GLU D 118 27.94 -31.04 33.91
N ARG D 119 28.48 -30.13 33.11
CA ARG D 119 28.40 -30.21 31.66
C ARG D 119 29.19 -31.39 31.13
N ASP D 120 30.40 -31.60 31.62
CA ASP D 120 31.24 -32.70 31.18
C ASP D 120 30.65 -34.03 31.53
N ILE D 121 30.10 -34.19 32.75
CA ILE D 121 29.48 -35.45 33.17
C ILE D 121 28.31 -35.81 32.26
N MET D 122 27.42 -34.87 32.00
CA MET D 122 26.26 -35.14 31.17
C MET D 122 26.56 -35.30 29.69
N ALA D 123 27.62 -34.64 29.18
CA ALA D 123 27.95 -34.72 27.77
C ALA D 123 28.76 -35.94 27.42
N PHE D 124 29.66 -36.38 28.32
CA PHE D 124 30.59 -37.46 27.98
C PHE D 124 30.54 -38.76 28.84
N ALA D 125 29.63 -38.87 29.82
CA ALA D 125 29.58 -40.08 30.66
C ALA D 125 29.35 -41.37 29.89
N ASN D 126 28.45 -41.33 28.89
CA ASN D 126 28.09 -42.50 28.09
C ASN D 126 27.60 -43.65 28.95
N SER D 127 26.76 -43.31 29.96
CA SER D 127 26.19 -44.27 30.88
C SER D 127 24.68 -44.09 30.91
N PRO D 128 23.91 -45.20 30.95
CA PRO D 128 22.46 -45.06 31.05
C PRO D 128 22.00 -44.56 32.42
N TRP D 129 22.93 -44.42 33.39
CA TRP D 129 22.64 -43.90 34.72
C TRP D 129 22.80 -42.39 34.84
N VAL D 130 23.26 -41.69 33.80
CA VAL D 130 23.46 -40.26 33.84
C VAL D 130 22.57 -39.60 32.78
N VAL D 131 21.89 -38.49 33.14
CA VAL D 131 21.06 -37.76 32.21
C VAL D 131 21.96 -37.18 31.10
N GLN D 132 21.61 -37.44 29.84
CA GLN D 132 22.42 -37.03 28.72
C GLN D 132 22.18 -35.63 28.24
N LEU D 133 23.28 -34.91 28.01
CA LEU D 133 23.27 -33.55 27.50
C LEU D 133 23.49 -33.64 25.99
N PHE D 134 22.69 -32.91 25.22
CA PHE D 134 22.81 -32.88 23.77
C PHE D 134 23.50 -31.61 23.34
N TYR D 135 23.10 -30.47 23.91
CA TYR D 135 23.65 -29.17 23.54
C TYR D 135 23.86 -28.27 24.73
N ALA D 136 25.01 -27.61 24.79
CA ALA D 136 25.29 -26.59 25.77
C ALA D 136 25.54 -25.32 24.93
N PHE D 137 24.91 -24.22 25.31
CA PHE D 137 25.06 -22.94 24.60
C PHE D 137 24.84 -21.79 25.58
N GLN D 138 25.11 -20.54 25.17
CA GLN D 138 24.97 -19.41 26.07
C GLN D 138 24.61 -18.12 25.36
N ASP D 139 24.09 -17.18 26.10
CA ASP D 139 23.84 -15.84 25.61
C ASP D 139 24.45 -14.83 26.63
N ASP D 140 24.17 -13.52 26.53
CA ASP D 140 24.73 -12.56 27.49
C ASP D 140 24.23 -12.78 28.92
N ARG D 141 23.04 -13.39 29.09
CA ARG D 141 22.43 -13.58 30.41
C ARG D 141 22.56 -14.99 31.04
N TYR D 142 22.45 -16.07 30.24
CA TYR D 142 22.45 -17.43 30.80
C TYR D 142 23.33 -18.46 30.11
N LEU D 143 23.56 -19.57 30.81
CA LEU D 143 24.16 -20.79 30.30
C LEU D 143 22.95 -21.74 30.09
N TYR D 144 22.93 -22.51 29.01
CA TYR D 144 21.84 -23.42 28.75
C TYR D 144 22.37 -24.82 28.61
N MET D 145 21.62 -25.77 29.16
CA MET D 145 21.98 -27.18 29.04
C MET D 145 20.75 -27.96 28.57
N VAL D 146 20.74 -28.40 27.30
CA VAL D 146 19.64 -29.14 26.71
C VAL D 146 19.86 -30.62 26.99
N MET D 147 19.05 -31.18 27.85
CA MET D 147 19.17 -32.57 28.28
C MET D 147 17.98 -33.42 27.82
N GLU D 148 18.10 -34.76 27.99
CA GLU D 148 16.98 -35.64 27.69
C GLU D 148 15.98 -35.45 28.80
N TYR D 149 14.73 -35.23 28.41
CA TYR D 149 13.67 -35.04 29.37
C TYR D 149 13.35 -36.39 30.07
N MET D 150 13.19 -36.38 31.41
CA MET D 150 12.89 -37.57 32.19
C MET D 150 11.46 -37.41 32.67
N PRO D 151 10.50 -38.07 32.03
CA PRO D 151 9.08 -37.81 32.37
C PRO D 151 8.53 -38.48 33.64
N GLY D 152 9.31 -39.37 34.26
CA GLY D 152 8.90 -40.06 35.47
C GLY D 152 9.02 -39.27 36.76
N GLY D 153 9.58 -38.06 36.69
CA GLY D 153 9.76 -37.22 37.86
C GLY D 153 10.86 -37.70 38.77
N ASP D 154 11.01 -37.06 39.94
CA ASP D 154 12.06 -37.48 40.87
C ASP D 154 11.57 -38.52 41.90
N LEU D 155 12.50 -39.10 42.67
CA LEU D 155 12.19 -40.11 43.67
C LEU D 155 11.40 -39.57 44.87
N VAL D 156 11.46 -38.25 45.10
CA VAL D 156 10.71 -37.58 46.15
C VAL D 156 9.21 -37.74 45.87
N ASN D 157 8.79 -37.58 44.59
CA ASN D 157 7.40 -37.72 44.11
C ASN D 157 6.90 -39.18 44.15
N LEU D 158 7.82 -40.14 43.91
CA LEU D 158 7.53 -41.57 43.98
C LEU D 158 7.31 -41.99 45.44
N MET D 159 8.03 -41.37 46.41
CA MET D 159 7.85 -41.70 47.82
C MET D 159 6.62 -41.03 48.43
N SER D 160 6.26 -39.83 47.96
CA SER D 160 5.06 -39.16 48.46
C SER D 160 3.76 -39.74 47.89
N ASN D 161 3.84 -40.51 46.80
CA ASN D 161 2.66 -41.11 46.20
C ASN D 161 2.52 -42.62 46.50
N TYR D 162 3.55 -43.26 47.08
CA TYR D 162 3.49 -44.70 47.38
C TYR D 162 4.17 -45.05 48.69
N ASP D 163 3.69 -46.11 49.31
CA ASP D 163 4.35 -46.70 50.47
C ASP D 163 5.30 -47.70 49.78
N VAL D 164 6.62 -47.53 49.97
CA VAL D 164 7.59 -48.38 49.26
C VAL D 164 7.89 -49.70 49.95
N PRO D 165 7.47 -50.81 49.33
CA PRO D 165 7.81 -52.13 49.87
C PRO D 165 9.29 -52.47 49.67
N GLU D 166 9.81 -53.44 50.45
CA GLU D 166 11.22 -53.85 50.38
C GLU D 166 11.66 -54.35 49.01
N LYS D 167 10.72 -54.91 48.21
CA LYS D 167 11.05 -55.36 46.86
C LYS D 167 11.37 -54.15 45.96
N TRP D 168 10.67 -53.03 46.17
CA TRP D 168 10.90 -51.80 45.43
C TRP D 168 12.17 -51.14 45.94
N ALA D 169 12.34 -51.05 47.26
CA ALA D 169 13.53 -50.45 47.85
C ALA D 169 14.80 -51.19 47.43
N LYS D 170 14.76 -52.54 47.32
CA LYS D 170 15.92 -53.34 46.88
C LYS D 170 16.24 -53.12 45.39
N PHE D 171 15.25 -52.70 44.58
CA PHE D 171 15.47 -52.35 43.18
C PHE D 171 16.09 -50.95 43.08
N TYR D 172 15.42 -49.89 43.65
CA TYR D 172 15.89 -48.50 43.59
C TYR D 172 17.25 -48.31 44.24
N THR D 173 17.60 -49.15 45.20
CA THR D 173 18.90 -49.07 45.85
C THR D 173 19.99 -49.58 44.92
N ALA D 174 19.74 -50.66 44.20
CA ALA D 174 20.72 -51.22 43.26
C ALA D 174 20.91 -50.32 42.03
N GLU D 175 19.85 -49.67 41.60
CA GLU D 175 19.90 -48.73 40.50
C GLU D 175 20.74 -47.50 40.93
N VAL D 176 20.72 -47.11 42.23
CA VAL D 176 21.53 -46.01 42.75
C VAL D 176 22.98 -46.48 42.93
N VAL D 177 23.19 -47.72 43.38
CA VAL D 177 24.53 -48.28 43.59
C VAL D 177 25.28 -48.33 42.27
N LEU D 178 24.60 -48.77 41.21
CA LEU D 178 25.23 -48.86 39.89
C LEU D 178 25.48 -47.49 39.27
N ALA D 179 24.57 -46.53 39.53
CA ALA D 179 24.73 -45.17 39.08
C ALA D 179 25.96 -44.56 39.79
N LEU D 180 26.08 -44.78 41.11
CA LEU D 180 27.20 -44.26 41.87
C LEU D 180 28.50 -44.94 41.54
N ASP D 181 28.47 -46.22 41.17
CA ASP D 181 29.68 -46.91 40.74
C ASP D 181 30.21 -46.28 39.43
N ALA D 182 29.28 -45.93 38.52
CA ALA D 182 29.61 -45.29 37.24
C ALA D 182 30.25 -43.93 37.49
N ILE D 183 29.71 -43.15 38.44
CA ILE D 183 30.26 -41.84 38.80
C ILE D 183 31.69 -42.00 39.37
N HIS D 184 31.86 -42.93 40.33
CA HIS D 184 33.17 -43.15 40.93
C HIS D 184 34.16 -43.75 39.95
N SER D 185 33.69 -44.42 38.86
CA SER D 185 34.54 -45.00 37.81
C SER D 185 35.22 -43.90 37.02
N MET D 186 34.52 -42.81 36.71
CA MET D 186 35.16 -41.69 35.97
C MET D 186 35.84 -40.69 36.93
N GLY D 187 36.25 -41.15 38.12
CA GLY D 187 36.91 -40.31 39.10
C GLY D 187 36.09 -39.12 39.50
N LEU D 188 34.87 -39.37 40.01
CA LEU D 188 34.00 -38.28 40.43
C LEU D 188 33.29 -38.62 41.73
N ILE D 189 33.05 -37.61 42.57
CA ILE D 189 32.29 -37.81 43.82
C ILE D 189 31.12 -36.81 43.86
N HIS D 190 29.86 -37.36 43.87
CA HIS D 190 28.61 -36.58 43.82
C HIS D 190 28.48 -35.53 44.90
N ARG D 191 28.71 -35.91 46.17
CA ARG D 191 28.61 -35.04 47.35
C ARG D 191 27.17 -34.62 47.70
N ASP D 192 26.17 -34.96 46.87
CA ASP D 192 24.78 -34.57 47.13
C ASP D 192 23.76 -35.63 46.66
N VAL D 193 23.99 -36.89 47.05
CA VAL D 193 23.07 -37.97 46.69
C VAL D 193 21.84 -37.80 47.55
N LYS D 194 20.67 -37.65 46.94
CA LYS D 194 19.38 -37.45 47.61
C LYS D 194 18.23 -37.70 46.61
N PRO D 195 17.00 -37.99 47.05
CA PRO D 195 15.95 -38.34 46.07
C PRO D 195 15.48 -37.22 45.15
N ASP D 196 15.84 -35.97 45.44
CA ASP D 196 15.49 -34.84 44.56
C ASP D 196 16.35 -34.88 43.27
N ASN D 197 17.57 -35.48 43.36
CA ASN D 197 18.56 -35.65 42.30
C ASN D 197 18.55 -37.07 41.68
N MET D 198 17.46 -37.81 41.84
CA MET D 198 17.30 -39.14 41.26
C MET D 198 16.05 -39.10 40.41
N LEU D 199 16.19 -39.11 39.08
CA LEU D 199 15.05 -39.02 38.19
C LEU D 199 14.69 -40.36 37.56
N LEU D 200 13.44 -40.50 37.12
CA LEU D 200 12.99 -41.72 36.47
C LEU D 200 12.69 -41.46 35.02
N ASP D 201 13.11 -42.38 34.13
CA ASP D 201 12.86 -42.20 32.69
C ASP D 201 11.45 -42.69 32.27
N LYS D 202 11.18 -42.71 30.96
CA LYS D 202 9.88 -43.15 30.46
C LYS D 202 9.49 -44.54 30.93
N HIS D 203 10.46 -45.39 31.32
CA HIS D 203 10.17 -46.76 31.76
C HIS D 203 10.26 -47.00 33.25
N GLY D 204 10.55 -45.98 34.04
CA GLY D 204 10.66 -46.13 35.49
C GLY D 204 12.04 -46.47 36.01
N HIS D 205 13.08 -46.36 35.15
CA HIS D 205 14.45 -46.64 35.58
C HIS D 205 15.17 -45.35 35.94
N LEU D 206 16.02 -45.41 36.95
CA LEU D 206 16.76 -44.27 37.49
C LEU D 206 17.89 -43.71 36.60
N LYS D 207 18.12 -42.41 36.75
CA LYS D 207 19.22 -41.63 36.17
C LYS D 207 19.54 -40.52 37.17
N LEU D 208 20.81 -40.18 37.33
CA LEU D 208 21.22 -39.13 38.25
C LEU D 208 21.26 -37.78 37.53
N ALA D 209 20.96 -36.70 38.26
CA ALA D 209 20.97 -35.34 37.73
C ALA D 209 21.51 -34.34 38.82
N ASP D 210 21.72 -33.05 38.47
CA ASP D 210 22.27 -32.04 39.37
C ASP D 210 23.69 -32.40 39.84
N PHE D 211 24.63 -32.30 38.92
CA PHE D 211 26.02 -32.58 39.23
C PHE D 211 26.80 -31.30 39.65
N GLY D 212 26.07 -30.25 40.10
CA GLY D 212 26.61 -28.98 40.54
C GLY D 212 27.36 -29.01 41.86
N THR D 213 27.56 -30.20 42.39
CA THR D 213 28.32 -30.45 43.62
C THR D 213 29.48 -31.44 43.41
N CYS D 214 29.69 -31.92 42.18
CA CYS D 214 30.73 -32.90 41.92
C CYS D 214 32.12 -32.34 42.01
N MET D 215 33.04 -33.20 42.45
CA MET D 215 34.46 -32.86 42.55
C MET D 215 35.29 -34.03 41.99
N LYS D 216 36.16 -33.74 41.00
CA LYS D 216 37.03 -34.74 40.38
C LYS D 216 38.07 -35.22 41.40
N MET D 217 38.30 -36.55 41.46
CA MET D 217 39.25 -37.10 42.42
C MET D 217 40.70 -36.83 42.01
N ASP D 233 20.90 -32.23 55.22
CA ASP D 233 20.00 -33.23 55.78
C ASP D 233 20.46 -34.67 55.47
N TYR D 234 21.12 -34.86 54.32
CA TYR D 234 21.65 -36.18 53.95
C TYR D 234 23.16 -36.29 54.20
N ILE D 235 23.79 -35.22 54.73
CA ILE D 235 25.22 -35.02 55.00
C ILE D 235 25.92 -36.24 55.61
N SER D 236 27.20 -36.46 55.19
CA SER D 236 28.10 -37.52 55.65
C SER D 236 28.78 -37.05 56.95
N PRO D 237 29.12 -37.99 57.87
CA PRO D 237 29.80 -37.56 59.10
C PRO D 237 31.16 -36.95 58.79
N GLU D 238 31.93 -37.59 57.87
CA GLU D 238 33.24 -37.11 57.45
C GLU D 238 33.21 -35.63 56.97
N VAL D 239 32.03 -35.16 56.51
CA VAL D 239 31.80 -33.79 56.04
C VAL D 239 31.42 -32.88 57.20
N LEU D 240 30.43 -33.27 58.00
CA LEU D 240 30.00 -32.44 59.13
C LEU D 240 31.11 -32.33 60.21
N PHE D 248 38.65 -32.60 53.81
CA PHE D 248 39.17 -33.82 53.20
C PHE D 248 38.12 -34.95 53.26
N TYR D 249 37.28 -35.08 52.21
CA TYR D 249 36.21 -36.09 52.11
C TYR D 249 36.53 -37.21 51.04
N GLY D 250 35.59 -38.13 50.77
CA GLY D 250 35.80 -39.20 49.82
C GLY D 250 34.54 -39.88 49.29
N ARG D 251 34.74 -40.98 48.53
CA ARG D 251 33.68 -41.81 47.94
C ARG D 251 32.65 -42.21 48.97
N GLU D 252 33.09 -42.51 50.22
CA GLU D 252 32.23 -42.92 51.34
C GLU D 252 31.16 -41.87 51.67
N CYS D 253 31.38 -40.59 51.29
CA CYS D 253 30.36 -39.56 51.46
C CYS D 253 29.10 -39.91 50.62
N ASP D 254 29.31 -40.56 49.45
CA ASP D 254 28.23 -40.98 48.57
C ASP D 254 27.56 -42.24 49.08
N TRP D 255 28.34 -43.18 49.66
CA TRP D 255 27.76 -44.39 50.20
C TRP D 255 26.97 -44.18 51.48
N TRP D 256 27.31 -43.13 52.24
CA TRP D 256 26.56 -42.78 53.45
C TRP D 256 25.15 -42.35 53.05
N SER D 257 25.05 -41.49 52.01
CA SER D 257 23.77 -40.99 51.52
C SER D 257 22.88 -42.12 50.99
N VAL D 258 23.52 -43.23 50.48
CA VAL D 258 22.85 -44.43 49.98
C VAL D 258 22.01 -45.01 51.12
N GLY D 259 22.62 -45.14 52.30
CA GLY D 259 21.94 -45.61 53.48
C GLY D 259 20.73 -44.76 53.86
N VAL D 260 20.95 -43.43 53.99
CA VAL D 260 19.89 -42.47 54.34
C VAL D 260 18.68 -42.55 53.36
N PHE D 261 18.96 -42.92 52.09
CA PHE D 261 17.93 -43.11 51.06
C PHE D 261 17.08 -44.35 51.37
N LEU D 262 17.71 -45.51 51.65
CA LEU D 262 17.07 -46.80 51.99
C LEU D 262 16.19 -46.71 53.25
N TYR D 263 16.54 -45.80 54.16
CA TYR D 263 15.78 -45.55 55.37
C TYR D 263 14.53 -44.72 55.03
N GLU D 264 14.68 -43.69 54.17
CA GLU D 264 13.58 -42.83 53.77
C GLU D 264 12.46 -43.58 53.02
N MET D 265 12.78 -44.75 52.44
CA MET D 265 11.78 -45.53 51.71
C MET D 265 11.01 -46.51 52.62
N LEU D 266 11.75 -47.32 53.40
CA LEU D 266 11.18 -48.35 54.28
C LEU D 266 10.48 -47.78 55.54
N VAL D 267 10.92 -46.62 56.05
CA VAL D 267 10.35 -46.01 57.24
C VAL D 267 9.25 -44.99 56.89
N GLY D 268 9.59 -44.07 56.01
CA GLY D 268 8.68 -43.01 55.60
C GLY D 268 9.32 -41.65 55.76
N ASP D 269 10.20 -41.52 56.78
CA ASP D 269 10.93 -40.29 57.06
C ASP D 269 12.40 -40.54 57.41
N THR D 270 13.17 -39.43 57.54
CA THR D 270 14.60 -39.27 57.79
C THR D 270 15.15 -39.98 59.03
N PRO D 271 16.27 -40.73 58.89
CA PRO D 271 16.87 -41.37 60.06
C PRO D 271 17.41 -40.42 61.14
N PHE D 272 17.59 -39.14 60.81
CA PHE D 272 18.10 -38.14 61.76
C PHE D 272 17.28 -36.84 61.67
N TYR D 273 15.99 -36.93 61.28
CA TYR D 273 15.13 -35.76 61.12
C TYR D 273 14.79 -35.14 62.46
N ALA D 274 14.92 -33.81 62.55
CA ALA D 274 14.59 -33.03 63.74
C ALA D 274 13.94 -31.70 63.30
N ASP D 275 12.94 -31.22 64.06
CA ASP D 275 12.20 -29.98 63.79
C ASP D 275 13.12 -28.76 63.67
N SER D 276 14.31 -28.79 64.30
CA SER D 276 15.27 -27.69 64.23
C SER D 276 16.47 -28.05 63.34
N LEU D 277 17.15 -27.03 62.77
CA LEU D 277 18.32 -27.25 61.93
C LEU D 277 19.45 -27.79 62.80
N VAL D 278 19.66 -27.18 63.97
CA VAL D 278 20.69 -27.58 64.94
C VAL D 278 20.50 -28.99 65.47
N GLY D 279 19.24 -29.43 65.57
CA GLY D 279 18.88 -30.76 66.05
C GLY D 279 19.36 -31.87 65.14
N THR D 280 19.22 -31.67 63.83
CA THR D 280 19.65 -32.64 62.83
C THR D 280 21.20 -32.72 62.79
N TYR D 281 21.87 -31.55 62.93
CA TYR D 281 23.32 -31.41 62.97
C TYR D 281 23.96 -32.20 64.13
N SER D 282 23.22 -32.33 65.24
CA SER D 282 23.69 -33.06 66.40
C SER D 282 23.30 -34.52 66.28
N LYS D 283 22.04 -34.79 65.87
CA LYS D 283 21.49 -36.14 65.71
C LYS D 283 22.32 -36.96 64.73
N ILE D 284 22.78 -36.34 63.64
CA ILE D 284 23.60 -37.01 62.64
C ILE D 284 25.05 -37.25 63.10
N MET D 285 25.65 -36.28 63.82
CA MET D 285 27.03 -36.38 64.32
C MET D 285 27.19 -37.54 65.32
N ASP D 286 26.13 -37.80 66.12
CA ASP D 286 26.09 -38.87 67.11
C ASP D 286 25.32 -40.06 66.52
N HIS D 287 25.76 -40.55 65.35
CA HIS D 287 25.13 -41.64 64.59
C HIS D 287 25.30 -43.04 65.21
N LYS D 288 26.16 -43.17 66.22
CA LYS D 288 26.37 -44.45 66.88
C LYS D 288 25.20 -44.83 67.79
N ASN D 289 24.47 -43.84 68.33
CA ASN D 289 23.36 -44.13 69.25
C ASN D 289 21.99 -43.54 68.81
N SER D 290 21.93 -42.87 67.64
CA SER D 290 20.66 -42.29 67.16
C SER D 290 19.96 -43.10 66.04
N LEU D 291 20.38 -44.35 65.83
CA LEU D 291 19.80 -45.25 64.84
C LEU D 291 18.98 -46.33 65.55
N CYS D 292 17.79 -46.65 65.00
CA CYS D 292 16.94 -47.67 65.61
C CYS D 292 16.09 -48.43 64.58
N ALA D 297 5.71 -50.64 60.52
CA ALA D 297 6.23 -51.77 59.74
C ALA D 297 7.63 -52.24 60.23
N GLU D 298 8.12 -53.42 59.76
CA GLU D 298 9.40 -53.95 60.22
C GLU D 298 10.45 -54.11 59.11
N ILE D 299 11.66 -53.56 59.31
CA ILE D 299 12.75 -53.68 58.35
C ILE D 299 13.39 -55.06 58.42
N SER D 300 13.54 -55.72 57.26
CA SER D 300 14.10 -57.06 57.11
C SER D 300 15.40 -57.32 57.91
N LYS D 301 15.85 -58.58 57.96
CA LYS D 301 17.06 -58.92 58.70
C LYS D 301 18.26 -58.29 58.01
N HIS D 302 18.34 -58.47 56.69
CA HIS D 302 19.41 -57.91 55.89
C HIS D 302 19.16 -56.49 55.41
N ALA D 303 17.91 -55.98 55.55
CA ALA D 303 17.58 -54.60 55.25
C ALA D 303 18.06 -53.74 56.43
N LYS D 304 17.79 -54.18 57.67
CA LYS D 304 18.30 -53.50 58.85
C LYS D 304 19.85 -53.61 58.88
N ASN D 305 20.44 -54.67 58.31
CA ASN D 305 21.89 -54.86 58.27
C ASN D 305 22.59 -54.08 57.14
N LEU D 306 21.87 -53.77 56.03
CA LEU D 306 22.43 -52.98 54.90
C LEU D 306 22.39 -51.51 55.24
N ILE D 307 21.25 -51.00 55.79
CA ILE D 307 21.13 -49.59 56.19
C ILE D 307 21.90 -49.30 57.49
N CYS D 308 22.96 -50.09 57.78
CA CYS D 308 23.83 -50.05 58.95
C CYS D 308 25.28 -50.05 58.52
N ALA D 309 25.63 -50.89 57.54
CA ALA D 309 27.00 -50.92 57.05
C ALA D 309 27.35 -49.61 56.31
N PHE D 310 26.34 -48.90 55.75
CA PHE D 310 26.50 -47.61 55.08
C PHE D 310 26.62 -46.45 56.09
N LEU D 311 26.00 -46.60 57.27
CA LEU D 311 26.03 -45.56 58.27
C LEU D 311 27.04 -45.83 59.41
N THR D 312 28.35 -45.87 59.09
CA THR D 312 29.43 -46.06 60.07
C THR D 312 30.52 -44.95 59.92
N ASP D 313 31.61 -44.99 60.73
CA ASP D 313 32.72 -44.03 60.61
C ASP D 313 33.44 -44.34 59.31
N ARG D 314 33.87 -43.31 58.58
CA ARG D 314 34.51 -43.39 57.27
C ARG D 314 35.54 -44.51 57.08
N GLU D 315 36.33 -44.83 58.13
CA GLU D 315 37.40 -45.84 58.07
C GLU D 315 36.92 -47.26 57.80
N VAL D 316 35.74 -47.62 58.32
CA VAL D 316 35.21 -48.97 58.14
C VAL D 316 33.84 -49.00 57.46
N ARG D 317 33.48 -47.95 56.69
CA ARG D 317 32.19 -47.84 55.99
C ARG D 317 32.06 -48.87 54.84
N LEU D 318 30.82 -49.34 54.55
CA LEU D 318 30.60 -50.32 53.48
C LEU D 318 30.90 -49.71 52.10
N GLY D 319 31.74 -50.39 51.33
CA GLY D 319 32.12 -49.91 50.01
C GLY D 319 33.17 -48.82 50.05
N ARG D 320 33.96 -48.75 51.14
CA ARG D 320 35.04 -47.77 51.28
C ARG D 320 36.09 -48.06 50.20
N ASN D 321 36.48 -49.33 50.06
CA ASN D 321 37.45 -49.74 49.08
C ASN D 321 36.81 -49.87 47.69
N GLY D 322 35.69 -50.57 47.63
CA GLY D 322 35.00 -50.78 46.36
C GLY D 322 33.57 -51.30 46.41
N VAL D 323 32.96 -51.38 45.22
CA VAL D 323 31.58 -51.78 45.02
C VAL D 323 31.36 -53.31 45.08
N GLU D 324 32.43 -54.12 45.04
CA GLU D 324 32.29 -55.58 45.11
C GLU D 324 31.71 -56.04 46.47
N GLU D 325 32.04 -55.33 47.54
CA GLU D 325 31.60 -55.56 48.91
C GLU D 325 30.09 -55.31 49.05
N ILE D 326 29.60 -54.25 48.40
CA ILE D 326 28.18 -53.84 48.45
C ILE D 326 27.29 -54.77 47.62
N ARG D 327 27.80 -55.19 46.45
CA ARG D 327 27.11 -56.07 45.51
C ARG D 327 26.74 -57.40 46.12
N GLN D 328 27.65 -57.99 46.93
CA GLN D 328 27.38 -59.28 47.54
C GLN D 328 26.64 -59.18 48.87
N HIS D 329 26.11 -58.00 49.26
CA HIS D 329 25.36 -57.89 50.51
C HIS D 329 24.07 -58.70 50.41
N PRO D 330 23.71 -59.43 51.49
CA PRO D 330 22.51 -60.29 51.44
C PRO D 330 21.19 -59.61 51.08
N PHE D 331 21.03 -58.31 51.33
CA PHE D 331 19.79 -57.59 50.99
C PHE D 331 19.46 -57.63 49.47
N PHE D 332 20.52 -57.86 48.63
CA PHE D 332 20.47 -57.95 47.17
C PHE D 332 20.29 -59.37 46.62
N LYS D 333 19.80 -60.28 47.46
CA LYS D 333 19.45 -61.62 47.01
C LYS D 333 17.97 -61.55 46.60
N ASN D 334 17.67 -61.84 45.32
CA ASN D 334 16.31 -61.79 44.79
C ASN D 334 16.15 -62.73 43.56
N ASP D 335 14.90 -62.98 43.15
CA ASP D 335 14.64 -63.84 42.00
C ASP D 335 14.14 -63.06 40.76
N GLN D 336 14.37 -61.74 40.69
CA GLN D 336 13.89 -60.92 39.57
C GLN D 336 14.99 -60.37 38.65
N TRP D 337 16.05 -59.80 39.24
CA TRP D 337 17.15 -59.21 38.48
C TRP D 337 18.54 -59.66 38.99
N HIS D 338 19.55 -59.41 38.17
CA HIS D 338 20.97 -59.62 38.45
C HIS D 338 21.64 -58.25 38.25
N TRP D 339 22.85 -58.07 38.79
CA TRP D 339 23.55 -56.81 38.59
C TRP D 339 23.87 -56.54 37.12
N ASP D 340 24.04 -57.60 36.31
CA ASP D 340 24.35 -57.46 34.89
C ASP D 340 23.12 -57.18 34.00
N ASN D 341 21.90 -57.04 34.58
CA ASN D 341 20.73 -56.77 33.74
C ASN D 341 19.64 -55.95 34.41
N ILE D 342 19.78 -55.53 35.66
CA ILE D 342 18.72 -54.83 36.39
C ILE D 342 18.02 -53.69 35.59
N ARG D 343 18.78 -52.87 34.84
CA ARG D 343 18.18 -51.76 34.08
C ARG D 343 17.34 -52.20 32.89
N GLU D 344 17.46 -53.48 32.47
CA GLU D 344 16.65 -54.01 31.39
C GLU D 344 15.50 -54.93 31.90
N THR D 345 15.27 -54.97 33.23
CA THR D 345 14.16 -55.69 33.84
C THR D 345 13.00 -54.69 34.06
N ALA D 346 11.79 -55.17 34.37
CA ALA D 346 10.65 -54.28 34.56
C ALA D 346 10.74 -53.50 35.86
N ALA D 347 10.63 -52.17 35.77
CA ALA D 347 10.69 -51.29 36.92
C ALA D 347 9.42 -51.42 37.79
N PRO D 348 9.50 -51.09 39.11
CA PRO D 348 8.32 -51.22 39.98
C PRO D 348 7.17 -50.32 39.57
N VAL D 349 7.49 -49.07 39.21
CA VAL D 349 6.46 -48.12 38.78
C VAL D 349 6.80 -47.62 37.40
N VAL D 350 5.91 -47.85 36.43
CA VAL D 350 6.13 -47.39 35.07
C VAL D 350 5.25 -46.15 34.82
N PRO D 351 5.84 -45.03 34.38
CA PRO D 351 5.04 -43.81 34.15
C PRO D 351 3.92 -43.98 33.13
N GLU D 352 2.73 -43.44 33.42
CA GLU D 352 1.59 -43.48 32.48
C GLU D 352 1.47 -42.07 31.91
N LEU D 353 2.05 -41.86 30.71
CA LEU D 353 2.08 -40.53 30.12
C LEU D 353 1.13 -40.37 28.95
N SER D 354 0.44 -39.24 28.88
CA SER D 354 -0.54 -38.95 27.84
C SER D 354 0.07 -38.40 26.54
N SER D 355 1.21 -37.66 26.64
CA SER D 355 1.87 -37.04 25.47
C SER D 355 3.40 -36.86 25.70
N ASP D 356 4.12 -36.36 24.66
CA ASP D 356 5.55 -36.07 24.78
C ASP D 356 5.86 -34.89 25.71
N ILE D 357 4.83 -34.09 26.08
CA ILE D 357 4.97 -32.98 27.02
C ILE D 357 4.17 -33.18 28.31
N ASP D 358 3.85 -34.44 28.66
CA ASP D 358 3.15 -34.73 29.90
C ASP D 358 4.16 -34.52 31.03
N SER D 359 3.94 -33.46 31.83
CA SER D 359 4.81 -33.14 32.98
C SER D 359 4.05 -33.31 34.30
N SER D 360 3.18 -34.32 34.36
CA SER D 360 2.35 -34.61 35.53
C SER D 360 3.13 -35.18 36.70
N ASN D 361 4.35 -35.71 36.47
CA ASN D 361 5.16 -36.20 37.58
C ASN D 361 6.07 -35.12 38.18
N PHE D 362 5.80 -33.84 37.86
CA PHE D 362 6.54 -32.67 38.34
C PHE D 362 5.54 -31.68 38.87
N ASP D 363 5.82 -31.12 40.04
CA ASP D 363 4.92 -30.14 40.67
C ASP D 363 4.84 -28.86 39.86
N ASP D 364 3.77 -28.08 40.04
CA ASP D 364 3.68 -26.78 39.35
C ASP D 364 4.64 -25.80 40.05
N ILE D 365 5.35 -24.98 39.27
CA ILE D 365 6.30 -24.04 39.87
C ILE D 365 5.73 -22.61 39.84
N VAL D 372 14.27 -10.05 36.31
CA VAL D 372 15.54 -10.37 35.66
C VAL D 372 16.68 -9.41 36.10
N GLU D 373 17.41 -9.74 37.21
CA GLU D 373 18.53 -8.91 37.71
C GLU D 373 19.73 -8.83 36.71
N THR D 374 19.98 -7.62 36.16
CA THR D 374 21.03 -7.45 35.15
C THR D 374 22.37 -6.96 35.70
N PHE D 375 23.43 -7.22 34.91
CA PHE D 375 24.77 -6.76 35.22
C PHE D 375 24.80 -5.23 35.05
N PRO D 376 25.63 -4.54 35.86
CA PRO D 376 25.72 -3.08 35.72
C PRO D 376 26.62 -2.64 34.55
N ILE D 377 26.18 -1.65 33.73
CA ILE D 377 27.01 -1.15 32.61
C ILE D 377 28.30 -0.56 33.17
N PRO D 378 29.47 -1.09 32.72
CA PRO D 378 30.73 -0.65 33.33
C PRO D 378 31.42 0.54 32.65
N LYS D 379 32.29 1.19 33.44
CA LYS D 379 33.10 2.33 33.00
C LYS D 379 34.43 1.81 32.44
N ALA D 380 35.01 0.77 33.08
CA ALA D 380 36.24 0.12 32.63
C ALA D 380 36.00 -1.41 32.41
N PHE D 381 36.93 -2.09 31.69
CA PHE D 381 36.84 -3.52 31.41
C PHE D 381 36.72 -4.36 32.69
N VAL D 382 35.65 -5.14 32.79
CA VAL D 382 35.40 -6.00 33.93
C VAL D 382 35.62 -7.47 33.59
N GLY D 383 35.23 -7.86 32.37
CA GLY D 383 35.37 -9.23 31.89
C GLY D 383 34.44 -10.22 32.55
N ASN D 384 33.14 -9.93 32.58
CA ASN D 384 32.14 -10.82 33.18
C ASN D 384 31.84 -12.07 32.32
N GLN D 385 32.15 -12.03 31.02
CA GLN D 385 31.93 -13.18 30.15
C GLN D 385 33.09 -14.16 30.12
N LEU D 386 34.27 -13.74 30.60
CA LEU D 386 35.48 -14.55 30.61
C LEU D 386 35.36 -15.92 31.28
N PRO D 387 34.66 -16.08 32.41
CA PRO D 387 34.59 -17.41 33.05
C PRO D 387 33.71 -18.46 32.34
N PHE D 388 33.03 -18.04 31.25
CA PHE D 388 32.11 -18.84 30.46
C PHE D 388 32.64 -19.22 29.07
N ILE D 389 33.88 -18.80 28.72
CA ILE D 389 34.45 -19.16 27.43
C ILE D 389 34.73 -20.66 27.40
N GLY D 390 34.13 -21.36 26.46
CA GLY D 390 34.32 -22.80 26.31
C GLY D 390 33.11 -23.62 26.72
N PHE D 391 32.03 -22.97 27.16
CA PHE D 391 30.86 -23.66 27.59
C PHE D 391 30.10 -24.27 26.43
N THR D 392 30.04 -23.57 25.29
CA THR D 392 29.29 -24.06 24.13
C THR D 392 29.79 -25.44 23.64
N TYR D 393 28.85 -26.40 23.48
CA TYR D 393 29.09 -27.78 23.04
C TYR D 393 27.94 -28.23 22.16
N TYR D 394 28.26 -28.75 20.97
CA TYR D 394 27.23 -29.29 20.08
C TYR D 394 27.53 -30.77 19.86
N ARG D 395 26.56 -31.65 20.15
CA ARG D 395 26.74 -33.08 19.94
C ARG D 395 26.71 -33.30 18.41
N GLY E 1 -7.76 50.63 -43.90
CA GLY E 1 -6.90 49.49 -43.57
C GLY E 1 -7.43 48.66 -42.43
N ALA E 2 -7.18 49.11 -41.16
CA ALA E 2 -7.68 48.48 -39.93
C ALA E 2 -9.22 48.56 -39.81
N SER E 3 -9.90 49.21 -40.78
CA SER E 3 -11.34 49.22 -40.88
C SER E 3 -11.78 47.77 -41.22
N ARG E 4 -11.01 47.03 -42.06
CA ARG E 4 -11.28 45.64 -42.39
C ARG E 4 -11.15 44.79 -41.12
N GLN E 5 -10.10 45.01 -40.30
CA GLN E 5 -9.92 44.26 -39.06
C GLN E 5 -11.00 44.58 -38.03
N ARG E 6 -11.54 45.80 -38.05
CA ARG E 6 -12.62 46.24 -37.16
C ARG E 6 -13.92 45.54 -37.60
N LYS E 7 -14.18 45.46 -38.92
CA LYS E 7 -15.35 44.81 -39.51
C LYS E 7 -15.36 43.35 -39.11
N LEU E 8 -14.20 42.68 -39.21
CA LEU E 8 -14.01 41.28 -38.86
C LEU E 8 -14.13 41.02 -37.37
N GLU E 9 -13.58 41.90 -36.53
CA GLU E 9 -13.69 41.75 -35.08
C GLU E 9 -15.16 41.84 -34.60
N ALA E 10 -15.99 42.61 -35.33
CA ALA E 10 -17.41 42.77 -35.01
C ALA E 10 -18.20 41.48 -35.27
N LEU E 11 -17.89 40.80 -36.41
CA LEU E 11 -18.55 39.55 -36.77
C LEU E 11 -18.29 38.49 -35.72
N ILE E 12 -17.08 38.42 -35.20
CA ILE E 12 -16.71 37.40 -34.22
C ILE E 12 -17.34 37.68 -32.83
N ARG E 13 -17.71 38.95 -32.54
CA ARG E 13 -18.36 39.29 -31.27
C ARG E 13 -19.85 39.00 -31.29
N ASP E 14 -20.49 39.19 -32.46
CA ASP E 14 -21.93 38.99 -32.67
C ASP E 14 -22.37 37.56 -32.30
N PRO E 15 -23.30 37.42 -31.32
CA PRO E 15 -23.75 36.07 -30.92
C PRO E 15 -24.63 35.37 -31.96
N ARG E 16 -25.19 36.12 -32.91
CA ARG E 16 -25.98 35.54 -33.98
C ARG E 16 -25.09 35.11 -35.17
N SER E 17 -23.80 35.48 -35.18
CA SER E 17 -22.86 35.20 -36.26
C SER E 17 -22.38 33.75 -36.28
N PRO E 18 -22.30 33.16 -37.47
CA PRO E 18 -21.81 31.78 -37.56
C PRO E 18 -20.31 31.62 -37.27
N ILE E 19 -19.56 32.73 -37.29
CA ILE E 19 -18.15 32.70 -37.00
C ILE E 19 -17.82 33.33 -35.64
N ASN E 20 -18.74 33.28 -34.67
CA ASN E 20 -18.44 33.76 -33.32
C ASN E 20 -17.46 32.79 -32.65
N VAL E 21 -16.87 33.15 -31.50
CA VAL E 21 -15.82 32.32 -30.88
C VAL E 21 -16.31 30.95 -30.46
N GLU E 22 -17.56 30.84 -29.98
CA GLU E 22 -18.09 29.54 -29.59
C GLU E 22 -18.24 28.64 -30.82
N SER E 23 -18.65 29.24 -31.96
CA SER E 23 -18.84 28.54 -33.22
C SER E 23 -17.53 28.20 -33.94
N LEU E 24 -16.44 28.95 -33.65
CA LEU E 24 -15.08 28.68 -34.17
C LEU E 24 -14.43 27.53 -33.38
N LEU E 25 -14.73 27.44 -32.09
CA LEU E 25 -14.29 26.34 -31.22
C LEU E 25 -15.07 25.06 -31.56
N ASP E 26 -16.31 25.19 -32.05
CA ASP E 26 -17.09 24.05 -32.50
C ASP E 26 -16.45 23.47 -33.72
N GLY E 27 -16.01 24.30 -34.64
CA GLY E 27 -15.31 23.86 -35.83
C GLY E 27 -14.04 23.08 -35.53
N LEU E 28 -13.23 23.55 -34.57
CA LEU E 28 -12.02 22.84 -34.21
C LEU E 28 -12.36 21.50 -33.55
N ASN E 29 -13.32 21.50 -32.64
CA ASN E 29 -13.72 20.29 -31.93
C ASN E 29 -14.26 19.22 -32.86
N SER E 30 -15.10 19.62 -33.84
CA SER E 30 -15.72 18.73 -34.82
C SER E 30 -14.72 18.16 -35.80
N LEU E 31 -13.67 18.93 -36.11
CA LEU E 31 -12.61 18.49 -37.01
C LEU E 31 -11.79 17.42 -36.32
N VAL E 32 -11.47 17.60 -35.03
CA VAL E 32 -10.71 16.62 -34.29
C VAL E 32 -11.54 15.34 -34.10
N LEU E 33 -12.84 15.49 -33.79
CA LEU E 33 -13.72 14.35 -33.59
C LEU E 33 -13.85 13.50 -34.83
N ASP E 34 -13.92 14.13 -36.01
CA ASP E 34 -14.08 13.42 -37.28
C ASP E 34 -12.80 12.93 -37.93
N LEU E 35 -11.64 13.19 -37.32
CA LEU E 35 -10.36 12.74 -37.86
C LEU E 35 -9.67 11.74 -36.96
N ASP E 36 -9.96 11.74 -35.65
CA ASP E 36 -9.30 10.86 -34.70
C ASP E 36 -9.81 9.42 -34.76
N PHE E 37 -9.43 8.71 -35.82
CA PHE E 37 -9.70 7.31 -36.09
C PHE E 37 -8.39 6.74 -36.65
N PRO E 38 -7.96 5.56 -36.19
CA PRO E 38 -6.67 5.02 -36.66
C PRO E 38 -6.57 4.75 -38.17
N ALA E 39 -7.72 4.56 -38.84
CA ALA E 39 -7.75 4.35 -40.27
C ALA E 39 -7.38 5.65 -40.98
N LEU E 40 -7.92 6.79 -40.51
CA LEU E 40 -7.67 8.10 -41.08
C LEU E 40 -6.28 8.62 -40.70
N ARG E 41 -5.88 8.39 -39.44
CA ARG E 41 -4.58 8.79 -38.89
C ARG E 41 -3.39 8.20 -39.66
N LYS E 42 -3.63 7.26 -40.61
CA LYS E 42 -2.56 6.71 -41.44
C LYS E 42 -1.96 7.82 -42.34
N ASN E 43 -2.79 8.84 -42.72
CA ASN E 43 -2.45 10.05 -43.47
C ASN E 43 -1.51 10.89 -42.60
N LYS E 44 -0.32 11.30 -43.13
CA LYS E 44 0.65 12.09 -42.36
C LYS E 44 0.07 13.46 -41.95
N ASN E 45 -0.63 14.15 -42.88
CA ASN E 45 -1.27 15.44 -42.62
C ASN E 45 -2.21 15.38 -41.41
N ILE E 46 -3.09 14.36 -41.40
CA ILE E 46 -4.05 14.13 -40.32
C ILE E 46 -3.37 13.75 -39.02
N ASP E 47 -2.44 12.78 -39.05
CA ASP E 47 -1.77 12.35 -37.83
C ASP E 47 -0.98 13.48 -37.18
N ASN E 48 -0.31 14.30 -37.98
CA ASN E 48 0.49 15.39 -37.43
C ASN E 48 -0.38 16.53 -36.91
N PHE E 49 -1.50 16.85 -37.58
CA PHE E 49 -2.43 17.89 -37.13
C PHE E 49 -3.02 17.47 -35.78
N LEU E 50 -3.49 16.21 -35.66
CA LEU E 50 -4.07 15.71 -34.42
C LEU E 50 -3.06 15.67 -33.30
N ASN E 51 -1.80 15.42 -33.59
CA ASN E 51 -0.75 15.40 -32.58
C ASN E 51 -0.49 16.81 -32.03
N ARG E 52 -0.52 17.83 -32.93
CA ARG E 52 -0.33 19.23 -32.54
C ARG E 52 -1.42 19.74 -31.63
N TYR E 53 -2.70 19.44 -31.97
CA TYR E 53 -3.83 19.94 -31.22
C TYR E 53 -4.35 18.99 -30.14
N GLU E 54 -3.69 17.84 -29.91
CA GLU E 54 -4.17 16.88 -28.89
C GLU E 54 -4.22 17.47 -27.48
N LYS E 55 -3.12 18.11 -27.04
CA LYS E 55 -3.05 18.70 -25.71
C LYS E 55 -4.09 19.83 -25.50
N ILE E 56 -4.09 20.82 -26.40
CA ILE E 56 -4.99 21.96 -26.31
C ILE E 56 -6.47 21.54 -26.41
N VAL E 57 -6.81 20.52 -27.20
CA VAL E 57 -8.19 20.07 -27.32
C VAL E 57 -8.62 19.29 -26.06
N LYS E 58 -7.68 18.65 -25.35
CA LYS E 58 -7.99 18.00 -24.08
C LYS E 58 -8.31 19.10 -23.05
N LYS E 59 -7.49 20.16 -23.02
CA LYS E 59 -7.65 21.33 -22.16
C LYS E 59 -8.99 22.05 -22.39
N ILE E 60 -9.38 22.30 -23.68
CA ILE E 60 -10.60 22.99 -24.12
C ILE E 60 -11.87 22.21 -23.72
N ARG E 61 -11.83 20.89 -23.84
CA ARG E 61 -12.97 20.05 -23.44
C ARG E 61 -13.22 20.10 -21.92
N GLY E 62 -12.14 20.19 -21.16
CA GLY E 62 -12.23 20.28 -19.71
C GLY E 62 -12.78 21.61 -19.24
N LEU E 63 -12.49 22.68 -19.98
CA LEU E 63 -12.97 24.02 -19.64
C LEU E 63 -14.40 24.25 -20.08
N GLN E 64 -14.77 23.77 -21.26
CA GLN E 64 -16.11 24.01 -21.78
C GLN E 64 -17.20 23.27 -21.04
N MET E 65 -18.43 23.78 -21.12
CA MET E 65 -19.58 23.19 -20.48
C MET E 65 -19.84 21.81 -21.05
N LYS E 66 -20.13 20.83 -20.17
CA LYS E 66 -20.35 19.44 -20.53
C LYS E 66 -21.47 18.80 -19.69
N ALA E 67 -22.02 17.67 -20.15
CA ALA E 67 -23.08 16.97 -19.45
C ALA E 67 -22.72 16.54 -18.03
N GLU E 68 -21.42 16.30 -17.79
CA GLU E 68 -20.93 15.92 -16.46
C GLU E 68 -21.05 17.05 -15.45
N ASP E 69 -21.20 18.31 -15.90
CA ASP E 69 -21.38 19.47 -15.02
C ASP E 69 -22.77 19.50 -14.34
N TYR E 70 -23.72 18.63 -14.76
CA TYR E 70 -25.08 18.59 -14.27
C TYR E 70 -25.42 17.24 -13.67
N ASP E 71 -26.33 17.24 -12.70
CA ASP E 71 -26.82 16.02 -12.07
C ASP E 71 -28.21 15.79 -12.61
N VAL E 72 -28.51 14.58 -13.12
CA VAL E 72 -29.85 14.29 -13.61
C VAL E 72 -30.78 13.87 -12.49
N VAL E 73 -31.85 14.65 -12.29
CA VAL E 73 -32.83 14.44 -11.25
C VAL E 73 -33.94 13.49 -11.72
N LYS E 74 -34.46 13.68 -12.93
CA LYS E 74 -35.53 12.83 -13.45
C LYS E 74 -35.75 13.10 -14.93
N VAL E 75 -36.29 12.14 -15.70
CA VAL E 75 -36.62 12.39 -17.10
C VAL E 75 -38.06 12.87 -17.08
N ILE E 76 -38.31 14.13 -17.46
CA ILE E 76 -39.67 14.66 -17.41
C ILE E 76 -40.38 14.70 -18.77
N GLY E 77 -39.71 14.22 -19.81
CA GLY E 77 -40.29 14.18 -21.14
C GLY E 77 -39.48 13.35 -22.10
N ARG E 78 -40.15 12.79 -23.11
CA ARG E 78 -39.53 12.02 -24.19
C ARG E 78 -40.14 12.43 -25.47
N GLY E 79 -39.29 12.46 -26.49
CA GLY E 79 -39.72 12.84 -27.82
C GLY E 79 -39.05 12.05 -28.92
N ALA E 80 -39.29 12.50 -30.16
CA ALA E 80 -38.78 11.92 -31.39
C ALA E 80 -37.27 11.61 -31.34
N PHE E 81 -36.39 12.64 -31.14
CA PHE E 81 -34.97 12.37 -31.18
C PHE E 81 -34.27 12.45 -29.84
N GLY E 82 -35.02 12.42 -28.74
CA GLY E 82 -34.39 12.47 -27.43
C GLY E 82 -35.30 12.48 -26.22
N GLU E 83 -34.89 13.26 -25.22
CA GLU E 83 -35.60 13.40 -23.96
C GLU E 83 -35.27 14.73 -23.29
N VAL E 84 -36.16 15.17 -22.41
CA VAL E 84 -35.94 16.34 -21.57
C VAL E 84 -35.68 15.82 -20.14
N GLN E 85 -34.65 16.31 -19.48
CA GLN E 85 -34.30 15.87 -18.13
C GLN E 85 -34.33 17.03 -17.17
N LEU E 86 -34.88 16.83 -15.98
CA LEU E 86 -34.83 17.84 -14.93
C LEU E 86 -33.42 17.69 -14.34
N VAL E 87 -32.56 18.71 -14.46
CA VAL E 87 -31.18 18.61 -13.98
C VAL E 87 -30.82 19.73 -13.01
N ARG E 88 -29.79 19.53 -12.19
CA ARG E 88 -29.30 20.56 -11.29
C ARG E 88 -27.84 20.79 -11.61
N HIS E 89 -27.44 22.04 -11.89
CA HIS E 89 -26.05 22.34 -12.20
C HIS E 89 -25.19 22.10 -10.96
N LYS E 90 -24.24 21.16 -11.03
CA LYS E 90 -23.38 20.80 -9.91
C LYS E 90 -22.70 21.98 -9.20
N ALA E 91 -22.13 22.91 -9.97
CA ALA E 91 -21.43 24.05 -9.39
C ALA E 91 -22.34 25.12 -8.73
N SER E 92 -23.36 25.63 -9.46
CA SER E 92 -24.24 26.69 -9.00
C SER E 92 -25.42 26.22 -8.17
N GLN E 93 -25.75 24.93 -8.22
CA GLN E 93 -26.89 24.30 -7.54
C GLN E 93 -28.26 24.67 -8.16
N LYS E 94 -28.25 25.47 -9.25
CA LYS E 94 -29.46 25.92 -9.94
C LYS E 94 -30.13 24.80 -10.74
N VAL E 95 -31.47 24.73 -10.69
CA VAL E 95 -32.23 23.70 -11.39
C VAL E 95 -32.71 24.15 -12.78
N TYR E 96 -32.48 23.33 -13.81
CA TYR E 96 -32.91 23.63 -15.17
C TYR E 96 -33.62 22.42 -15.80
N ALA E 97 -34.20 22.61 -16.99
CA ALA E 97 -34.78 21.53 -17.79
C ALA E 97 -33.80 21.41 -18.98
N MET E 98 -33.21 20.23 -19.21
CA MET E 98 -32.24 20.05 -20.29
C MET E 98 -32.73 19.11 -21.38
N LYS E 99 -32.89 19.62 -22.59
CA LYS E 99 -33.33 18.82 -23.73
C LYS E 99 -32.12 18.24 -24.49
N LEU E 100 -32.09 16.90 -24.64
CA LEU E 100 -31.04 16.14 -25.33
C LEU E 100 -31.53 15.68 -26.68
N LEU E 101 -30.67 15.72 -27.69
CA LEU E 101 -31.04 15.26 -29.02
C LEU E 101 -29.92 14.38 -29.52
N SER E 102 -30.25 13.13 -29.88
CA SER E 102 -29.27 12.18 -30.39
C SER E 102 -28.78 12.63 -31.77
N LYS E 103 -27.45 12.83 -31.89
CA LYS E 103 -26.83 13.21 -33.16
C LYS E 103 -26.98 12.05 -34.16
N PHE E 104 -26.79 10.81 -33.67
CA PHE E 104 -26.93 9.59 -34.46
C PHE E 104 -28.34 9.45 -35.08
N GLU E 105 -29.39 9.66 -34.27
CA GLU E 105 -30.76 9.56 -34.77
C GLU E 105 -31.09 10.64 -35.76
N MET E 106 -30.63 11.86 -35.53
CA MET E 106 -30.90 12.97 -36.43
C MET E 106 -30.22 12.78 -37.79
N ILE E 107 -29.04 12.15 -37.81
CA ILE E 107 -28.34 11.87 -39.06
C ILE E 107 -29.06 10.72 -39.75
N LYS E 108 -29.24 9.57 -39.04
CA LYS E 108 -29.92 8.38 -39.54
C LYS E 108 -31.33 8.69 -40.12
N ARG E 109 -32.23 9.26 -39.32
CA ARG E 109 -33.57 9.59 -39.79
C ARG E 109 -33.63 10.89 -40.59
N SER E 110 -32.50 11.24 -41.29
CA SER E 110 -32.24 12.40 -42.16
C SER E 110 -33.06 13.69 -41.82
N ASP E 111 -33.19 13.98 -40.54
CA ASP E 111 -33.89 15.17 -40.07
C ASP E 111 -32.84 15.90 -39.19
N SER E 112 -32.06 16.85 -39.78
CA SER E 112 -30.97 17.49 -39.01
C SER E 112 -30.87 19.03 -39.17
N ALA E 113 -32.02 19.73 -39.25
CA ALA E 113 -32.01 21.19 -39.37
C ALA E 113 -33.06 21.89 -38.47
N PHE E 114 -34.00 21.09 -37.91
CA PHE E 114 -35.07 21.59 -37.08
C PHE E 114 -34.59 22.27 -35.80
N PHE E 115 -33.43 21.84 -35.27
CA PHE E 115 -32.91 22.37 -34.01
C PHE E 115 -32.37 23.78 -34.11
N TRP E 116 -32.06 24.26 -35.33
CA TRP E 116 -31.52 25.59 -35.48
C TRP E 116 -32.55 26.63 -35.12
N GLU E 117 -33.81 26.48 -35.60
CA GLU E 117 -34.87 27.44 -35.23
C GLU E 117 -35.36 27.25 -33.80
N GLU E 118 -35.30 26.02 -33.27
CA GLU E 118 -35.70 25.76 -31.89
C GLU E 118 -34.73 26.47 -30.94
N ARG E 119 -33.42 26.39 -31.23
CA ARG E 119 -32.38 27.01 -30.43
C ARG E 119 -32.45 28.52 -30.52
N ASP E 120 -32.63 29.05 -31.73
CA ASP E 120 -32.70 30.48 -31.94
C ASP E 120 -33.93 31.07 -31.29
N ILE E 121 -35.11 30.42 -31.42
CA ILE E 121 -36.35 30.92 -30.80
C ILE E 121 -36.19 31.04 -29.28
N MET E 122 -35.65 30.00 -28.63
CA MET E 122 -35.49 30.01 -27.18
C MET E 122 -34.37 30.89 -26.67
N ALA E 123 -33.32 31.08 -27.47
CA ALA E 123 -32.19 31.91 -27.03
C ALA E 123 -32.41 33.39 -27.23
N PHE E 124 -33.11 33.77 -28.32
CA PHE E 124 -33.23 35.18 -28.67
C PHE E 124 -34.64 35.79 -28.75
N ALA E 125 -35.73 35.04 -28.47
CA ALA E 125 -37.09 35.61 -28.59
C ALA E 125 -37.30 36.80 -27.67
N ASN E 126 -36.77 36.75 -26.44
CA ASN E 126 -36.94 37.79 -25.44
C ASN E 126 -38.41 38.13 -25.22
N SER E 127 -39.23 37.07 -25.12
CA SER E 127 -40.66 37.16 -24.87
C SER E 127 -40.99 36.32 -23.67
N PRO E 128 -41.87 36.81 -22.79
CA PRO E 128 -42.26 35.99 -21.64
C PRO E 128 -43.12 34.80 -22.02
N TRP E 129 -43.53 34.69 -23.30
CA TRP E 129 -44.32 33.59 -23.81
C TRP E 129 -43.49 32.43 -24.36
N VAL E 130 -42.17 32.54 -24.39
CA VAL E 130 -41.30 31.51 -24.92
C VAL E 130 -40.36 31.04 -23.80
N VAL E 131 -40.18 29.71 -23.67
CA VAL E 131 -39.26 29.15 -22.68
C VAL E 131 -37.82 29.60 -23.04
N GLN E 132 -37.09 30.15 -22.06
CA GLN E 132 -35.77 30.69 -22.31
C GLN E 132 -34.66 29.69 -22.21
N LEU E 133 -33.75 29.77 -23.18
CA LEU E 133 -32.57 28.92 -23.25
C LEU E 133 -31.42 29.71 -22.65
N PHE E 134 -30.64 29.08 -21.77
CA PHE E 134 -29.49 29.70 -21.16
C PHE E 134 -28.22 29.21 -21.83
N TYR E 135 -28.09 27.92 -22.07
CA TYR E 135 -26.89 27.34 -22.67
C TYR E 135 -27.21 26.26 -23.67
N ALA E 136 -26.56 26.29 -24.82
CA ALA E 136 -26.64 25.23 -25.79
C ALA E 136 -25.17 24.71 -25.89
N PHE E 137 -24.98 23.41 -25.83
CA PHE E 137 -23.66 22.79 -25.92
C PHE E 137 -23.78 21.38 -26.52
N GLN E 138 -22.66 20.73 -26.82
CA GLN E 138 -22.70 19.42 -27.44
C GLN E 138 -21.51 18.54 -27.10
N ASP E 139 -21.67 17.23 -27.26
CA ASP E 139 -20.58 16.27 -27.13
C ASP E 139 -20.60 15.38 -28.39
N ASP E 140 -19.81 14.28 -28.44
CA ASP E 140 -19.80 13.41 -29.61
C ASP E 140 -21.15 12.74 -29.89
N ARG E 141 -22.00 12.56 -28.86
CA ARG E 141 -23.27 11.87 -29.01
C ARG E 141 -24.54 12.75 -29.06
N TYR E 142 -24.61 13.87 -28.30
CA TYR E 142 -25.84 14.68 -28.24
C TYR E 142 -25.67 16.18 -28.36
N LEU E 143 -26.79 16.87 -28.63
CA LEU E 143 -26.96 18.33 -28.58
C LEU E 143 -27.71 18.57 -27.27
N TYR E 144 -27.34 19.59 -26.52
CA TYR E 144 -27.99 19.88 -25.25
C TYR E 144 -28.57 21.27 -25.26
N MET E 145 -29.74 21.43 -24.68
CA MET E 145 -30.38 22.73 -24.56
C MET E 145 -30.82 22.94 -23.11
N VAL E 146 -30.12 23.79 -22.35
CA VAL E 146 -30.42 24.07 -20.94
C VAL E 146 -31.43 25.21 -20.90
N MET E 147 -32.65 24.92 -20.48
CA MET E 147 -33.75 25.88 -20.47
C MET E 147 -34.24 26.15 -19.07
N GLU E 148 -35.10 27.17 -18.91
CA GLU E 148 -35.69 27.44 -17.61
C GLU E 148 -36.71 26.36 -17.36
N TYR E 149 -36.64 25.76 -16.16
CA TYR E 149 -37.58 24.71 -15.81
C TYR E 149 -38.97 25.34 -15.52
N MET E 150 -40.06 24.73 -16.07
CA MET E 150 -41.47 25.15 -15.93
C MET E 150 -42.19 24.17 -15.01
N PRO E 151 -42.24 24.44 -13.69
CA PRO E 151 -42.74 23.42 -12.76
C PRO E 151 -44.24 23.16 -12.75
N GLY E 152 -45.00 24.00 -13.44
CA GLY E 152 -46.45 23.85 -13.52
C GLY E 152 -46.96 22.77 -14.47
N GLY E 153 -46.06 22.13 -15.20
CA GLY E 153 -46.42 21.08 -16.14
C GLY E 153 -47.11 21.61 -17.38
N ASP E 154 -47.63 20.70 -18.24
CA ASP E 154 -48.30 21.15 -19.45
C ASP E 154 -49.81 21.30 -19.25
N LEU E 155 -50.49 21.86 -20.25
CA LEU E 155 -51.93 22.06 -20.17
C LEU E 155 -52.76 20.77 -20.28
N VAL E 156 -52.16 19.69 -20.75
CA VAL E 156 -52.80 18.38 -20.81
C VAL E 156 -53.06 17.91 -19.38
N ASN E 157 -52.01 18.02 -18.53
CA ASN E 157 -52.03 17.63 -17.13
C ASN E 157 -53.06 18.47 -16.37
N LEU E 158 -53.15 19.77 -16.67
CA LEU E 158 -54.12 20.65 -16.02
C LEU E 158 -55.53 20.20 -16.33
N MET E 159 -55.84 19.91 -17.61
CA MET E 159 -57.17 19.50 -18.02
C MET E 159 -57.59 18.16 -17.41
N SER E 160 -56.63 17.24 -17.24
CA SER E 160 -56.95 15.95 -16.65
C SER E 160 -57.11 16.01 -15.12
N ASN E 161 -56.62 17.07 -14.46
CA ASN E 161 -56.75 17.21 -13.02
C ASN E 161 -57.78 18.23 -12.56
N TYR E 162 -58.39 18.96 -13.48
CA TYR E 162 -59.38 19.98 -13.15
C TYR E 162 -60.52 19.96 -14.16
N ASP E 163 -61.68 20.41 -13.70
CA ASP E 163 -62.85 20.63 -14.56
C ASP E 163 -62.68 22.11 -14.90
N VAL E 164 -62.37 22.42 -16.19
CA VAL E 164 -62.07 23.80 -16.62
C VAL E 164 -63.34 24.70 -16.85
N PRO E 165 -63.57 25.67 -15.93
CA PRO E 165 -64.67 26.63 -16.16
C PRO E 165 -64.31 27.63 -17.26
N GLU E 166 -65.33 28.32 -17.81
CA GLU E 166 -65.14 29.29 -18.90
C GLU E 166 -64.26 30.48 -18.54
N LYS E 167 -64.20 30.83 -17.24
CA LYS E 167 -63.33 31.91 -16.79
C LYS E 167 -61.86 31.49 -16.95
N TRP E 168 -61.56 30.20 -16.69
CA TRP E 168 -60.21 29.67 -16.85
C TRP E 168 -59.89 29.52 -18.33
N ALA E 169 -60.84 28.98 -19.12
CA ALA E 169 -60.70 28.78 -20.56
C ALA E 169 -60.45 30.10 -21.28
N LYS E 170 -61.09 31.17 -20.82
CA LYS E 170 -60.91 32.51 -21.39
C LYS E 170 -59.49 33.00 -21.14
N PHE E 171 -58.94 32.72 -19.95
CA PHE E 171 -57.58 33.13 -19.60
C PHE E 171 -56.54 32.37 -20.42
N TYR E 172 -56.54 31.01 -20.37
CA TYR E 172 -55.56 30.23 -21.08
C TYR E 172 -55.64 30.45 -22.58
N THR E 173 -56.84 30.67 -23.14
CA THR E 173 -56.96 30.93 -24.58
C THR E 173 -56.27 32.24 -24.96
N ALA E 174 -56.53 33.30 -24.18
CA ALA E 174 -55.92 34.59 -24.45
C ALA E 174 -54.40 34.51 -24.37
N GLU E 175 -53.88 33.76 -23.38
CA GLU E 175 -52.44 33.59 -23.24
C GLU E 175 -51.85 32.92 -24.47
N VAL E 176 -52.53 31.89 -25.00
CA VAL E 176 -52.13 31.19 -26.23
C VAL E 176 -52.18 32.16 -27.43
N VAL E 177 -53.18 33.07 -27.49
CA VAL E 177 -53.34 34.04 -28.59
C VAL E 177 -52.13 34.97 -28.66
N LEU E 178 -51.76 35.57 -27.51
CA LEU E 178 -50.62 36.48 -27.38
C LEU E 178 -49.32 35.74 -27.74
N ALA E 179 -49.13 34.54 -27.16
CA ALA E 179 -47.97 33.70 -27.36
C ALA E 179 -47.82 33.36 -28.84
N LEU E 180 -48.95 33.04 -29.50
CA LEU E 180 -48.89 32.72 -30.92
C LEU E 180 -48.52 33.94 -31.72
N ASP E 181 -49.12 35.10 -31.38
CA ASP E 181 -48.81 36.40 -31.98
C ASP E 181 -47.28 36.67 -31.89
N ALA E 182 -46.64 36.30 -30.76
CA ALA E 182 -45.22 36.52 -30.59
C ALA E 182 -44.39 35.71 -31.58
N ILE E 183 -44.76 34.46 -31.79
CA ILE E 183 -44.07 33.59 -32.74
C ILE E 183 -44.29 34.07 -34.18
N HIS E 184 -45.55 34.46 -34.47
CA HIS E 184 -45.94 34.98 -35.78
C HIS E 184 -45.21 36.30 -36.07
N SER E 185 -44.97 37.13 -35.02
CA SER E 185 -44.20 38.39 -35.10
C SER E 185 -42.79 38.13 -35.57
N MET E 186 -42.21 36.99 -35.23
CA MET E 186 -40.86 36.64 -35.64
C MET E 186 -40.77 35.98 -37.02
N GLY E 187 -41.86 36.00 -37.77
CA GLY E 187 -41.92 35.39 -39.10
C GLY E 187 -41.87 33.88 -39.07
N LEU E 188 -42.53 33.27 -38.05
CA LEU E 188 -42.56 31.83 -37.88
C LEU E 188 -43.97 31.29 -37.74
N ILE E 189 -44.17 30.00 -38.12
CA ILE E 189 -45.41 29.24 -37.96
C ILE E 189 -45.09 28.06 -37.02
N HIS E 190 -45.85 27.90 -35.93
CA HIS E 190 -45.59 26.83 -34.98
C HIS E 190 -45.79 25.46 -35.62
N ARG E 191 -46.91 25.27 -36.36
CA ARG E 191 -47.31 24.02 -37.02
C ARG E 191 -47.74 22.93 -36.04
N ASP E 192 -47.55 23.12 -34.72
CA ASP E 192 -47.91 22.09 -33.74
C ASP E 192 -48.45 22.65 -32.44
N VAL E 193 -49.43 23.55 -32.56
CA VAL E 193 -50.08 24.13 -31.39
C VAL E 193 -50.99 23.07 -30.79
N LYS E 194 -50.73 22.69 -29.53
CA LYS E 194 -51.48 21.67 -28.80
C LYS E 194 -51.15 21.77 -27.31
N PRO E 195 -52.00 21.25 -26.39
CA PRO E 195 -51.72 21.45 -24.96
C PRO E 195 -50.50 20.74 -24.41
N ASP E 196 -49.91 19.81 -25.14
CA ASP E 196 -48.68 19.13 -24.70
C ASP E 196 -47.47 20.11 -24.79
N ASN E 197 -47.56 21.09 -25.70
CA ASN E 197 -46.55 22.12 -25.99
C ASN E 197 -46.88 23.47 -25.33
N MET E 198 -47.72 23.48 -24.29
CA MET E 198 -48.08 24.70 -23.57
C MET E 198 -47.71 24.42 -22.13
N LEU E 199 -46.66 25.06 -21.62
CA LEU E 199 -46.22 24.83 -20.24
C LEU E 199 -46.60 25.97 -19.30
N LEU E 200 -46.70 25.67 -18.01
CA LEU E 200 -47.03 26.67 -17.01
C LEU E 200 -45.82 26.92 -16.11
N ASP E 201 -45.49 28.19 -15.85
CA ASP E 201 -44.32 28.56 -15.05
C ASP E 201 -44.59 28.43 -13.53
N LYS E 202 -43.66 28.89 -12.66
CA LYS E 202 -43.87 28.80 -11.21
C LYS E 202 -45.12 29.51 -10.72
N HIS E 203 -45.64 30.48 -11.51
CA HIS E 203 -46.83 31.25 -11.13
C HIS E 203 -48.12 30.90 -11.86
N GLY E 204 -48.10 29.89 -12.72
CA GLY E 204 -49.30 29.46 -13.45
C GLY E 204 -49.51 30.14 -14.80
N HIS E 205 -48.48 30.81 -15.31
CA HIS E 205 -48.58 31.51 -16.58
C HIS E 205 -47.96 30.70 -17.74
N LEU E 206 -48.61 30.75 -18.88
CA LEU E 206 -48.21 29.99 -20.05
C LEU E 206 -46.90 30.45 -20.73
N LYS E 207 -46.19 29.50 -21.30
CA LYS E 207 -45.01 29.64 -22.14
C LYS E 207 -45.07 28.51 -23.15
N LEU E 208 -44.68 28.78 -24.40
CA LEU E 208 -44.67 27.75 -25.44
C LEU E 208 -43.33 27.00 -25.46
N ALA E 209 -43.37 25.72 -25.79
CA ALA E 209 -42.16 24.90 -25.87
C ALA E 209 -42.26 23.94 -27.09
N ASP E 210 -41.18 23.20 -27.42
CA ASP E 210 -41.15 22.29 -28.57
C ASP E 210 -41.32 23.04 -29.88
N PHE E 211 -40.27 23.77 -30.25
CA PHE E 211 -40.26 24.52 -31.50
C PHE E 211 -39.62 23.75 -32.66
N GLY E 212 -39.46 22.43 -32.54
CA GLY E 212 -38.88 21.58 -33.57
C GLY E 212 -39.68 21.56 -34.86
N THR E 213 -40.94 22.01 -34.80
CA THR E 213 -41.84 22.04 -35.94
C THR E 213 -41.93 23.41 -36.59
N CYS E 214 -41.23 24.44 -36.08
CA CYS E 214 -41.32 25.79 -36.63
C CYS E 214 -40.64 25.96 -37.97
N MET E 215 -41.16 26.89 -38.75
CA MET E 215 -40.64 27.21 -40.05
C MET E 215 -40.73 28.69 -40.30
N LYS E 216 -39.68 29.27 -40.89
CA LYS E 216 -39.68 30.68 -41.23
C LYS E 216 -40.56 30.83 -42.47
N MET E 217 -41.47 31.80 -42.47
CA MET E 217 -42.38 32.00 -43.61
C MET E 217 -41.64 32.59 -44.81
N ASP E 218 -41.94 32.10 -46.04
CA ASP E 218 -41.36 32.64 -47.27
C ASP E 218 -42.01 34.00 -47.64
N GLU E 219 -41.65 34.60 -48.79
CA GLU E 219 -42.20 35.89 -49.24
C GLU E 219 -43.77 35.98 -49.22
N THR E 220 -44.47 34.88 -49.51
CA THR E 220 -45.93 34.87 -49.49
C THR E 220 -46.56 34.65 -48.10
N GLY E 221 -45.75 34.19 -47.15
CA GLY E 221 -46.19 33.91 -45.78
C GLY E 221 -46.62 32.48 -45.58
N MET E 222 -46.18 31.59 -46.51
CA MET E 222 -46.47 30.15 -46.58
C MET E 222 -45.24 29.32 -46.23
N VAL E 223 -45.47 28.06 -45.87
CA VAL E 223 -44.40 27.14 -45.50
C VAL E 223 -44.48 25.92 -46.41
N HIS E 224 -43.35 25.55 -47.03
CA HIS E 224 -43.34 24.44 -47.96
C HIS E 224 -42.61 23.19 -47.46
N CYS E 225 -43.26 22.41 -46.56
CA CYS E 225 -42.75 21.12 -46.06
C CYS E 225 -43.81 20.33 -45.26
N ASP E 226 -43.53 19.01 -45.04
CA ASP E 226 -44.46 18.07 -44.40
C ASP E 226 -44.28 17.86 -42.87
N THR E 227 -45.38 17.39 -42.21
CA THR E 227 -45.55 17.08 -40.79
C THR E 227 -45.17 18.25 -39.87
N THR E 231 -49.51 15.84 -33.34
CA THR E 231 -50.71 15.02 -33.10
C THR E 231 -51.79 15.31 -34.15
N PRO E 232 -52.41 14.28 -34.77
CA PRO E 232 -53.46 14.52 -35.79
C PRO E 232 -54.70 15.26 -35.28
N ASP E 233 -55.10 15.00 -34.02
CA ASP E 233 -56.27 15.63 -33.40
C ASP E 233 -56.33 17.16 -33.58
N TYR E 234 -55.18 17.82 -33.66
CA TYR E 234 -55.11 19.26 -33.75
C TYR E 234 -54.75 19.82 -35.13
N ILE E 235 -54.47 18.98 -36.15
CA ILE E 235 -54.04 19.47 -37.46
C ILE E 235 -55.19 19.95 -38.28
N SER E 236 -55.08 21.17 -38.86
CA SER E 236 -56.10 21.82 -39.69
C SER E 236 -56.34 21.06 -41.03
N PRO E 237 -57.49 21.25 -41.72
CA PRO E 237 -57.74 20.52 -42.97
C PRO E 237 -56.77 20.85 -44.10
N GLU E 238 -56.42 22.13 -44.30
CA GLU E 238 -55.51 22.54 -45.39
C GLU E 238 -54.10 21.98 -45.19
N VAL E 239 -53.70 21.70 -43.94
CA VAL E 239 -52.43 21.10 -43.68
C VAL E 239 -52.54 19.63 -44.05
N LEU E 240 -53.64 18.93 -43.66
CA LEU E 240 -53.90 17.54 -44.00
C LEU E 240 -53.93 17.32 -45.51
N LYS E 241 -54.66 18.16 -46.26
CA LYS E 241 -54.76 18.05 -47.71
C LYS E 241 -53.45 18.37 -48.39
N SER E 242 -52.71 19.35 -47.88
CA SER E 242 -51.42 19.72 -48.46
C SER E 242 -50.29 18.75 -48.11
N GLN E 243 -50.51 17.81 -47.16
CA GLN E 243 -49.48 16.82 -46.83
C GLN E 243 -49.26 15.84 -48.00
N GLY E 244 -50.31 15.63 -48.83
CA GLY E 244 -50.26 14.77 -50.00
C GLY E 244 -50.29 15.50 -51.34
N GLY E 245 -49.36 16.43 -51.52
CA GLY E 245 -49.26 17.21 -52.75
C GLY E 245 -48.56 18.56 -52.61
N ASP E 246 -49.13 19.62 -53.24
CA ASP E 246 -48.60 20.98 -53.18
C ASP E 246 -48.90 21.61 -51.79
N GLY E 247 -47.92 21.47 -50.87
CA GLY E 247 -48.03 21.90 -49.48
C GLY E 247 -47.88 23.37 -49.20
N PHE E 248 -48.74 24.23 -49.80
CA PHE E 248 -48.68 25.67 -49.59
C PHE E 248 -49.69 26.11 -48.52
N TYR E 249 -49.19 26.56 -47.31
CA TYR E 249 -50.04 27.00 -46.17
C TYR E 249 -49.38 28.02 -45.22
N GLY E 250 -50.18 28.93 -44.68
CA GLY E 250 -49.69 30.00 -43.80
C GLY E 250 -49.97 29.88 -42.31
N ARG E 251 -50.04 31.05 -41.64
CA ARG E 251 -50.23 31.15 -40.19
C ARG E 251 -51.66 30.91 -39.69
N GLU E 252 -52.63 30.79 -40.61
CA GLU E 252 -54.04 30.56 -40.26
C GLU E 252 -54.29 29.17 -39.65
N CYS E 253 -53.47 28.17 -39.99
CA CYS E 253 -53.54 26.83 -39.41
C CYS E 253 -53.25 26.92 -37.92
N ASP E 254 -52.38 27.87 -37.48
CA ASP E 254 -52.08 28.02 -36.07
C ASP E 254 -53.30 28.49 -35.27
N TRP E 255 -54.28 29.15 -35.91
CA TRP E 255 -55.52 29.58 -35.26
C TRP E 255 -56.57 28.48 -35.20
N TRP E 256 -56.53 27.55 -36.18
CA TRP E 256 -57.41 26.38 -36.18
C TRP E 256 -57.14 25.58 -34.89
N SER E 257 -55.85 25.37 -34.57
CA SER E 257 -55.35 24.68 -33.37
C SER E 257 -55.83 25.33 -32.04
N VAL E 258 -56.13 26.64 -32.09
CA VAL E 258 -56.63 27.40 -30.94
C VAL E 258 -58.12 27.08 -30.71
N GLY E 259 -58.87 26.93 -31.80
CA GLY E 259 -60.28 26.56 -31.76
C GLY E 259 -60.45 25.16 -31.20
N VAL E 260 -59.61 24.22 -31.65
CA VAL E 260 -59.61 22.84 -31.16
C VAL E 260 -59.28 22.83 -29.64
N PHE E 261 -58.32 23.66 -29.23
CA PHE E 261 -57.91 23.78 -27.83
C PHE E 261 -59.05 24.32 -26.97
N LEU E 262 -59.72 25.37 -27.42
CA LEU E 262 -60.83 25.96 -26.66
C LEU E 262 -62.00 24.96 -26.53
N TYR E 263 -62.24 24.16 -27.59
CA TYR E 263 -63.28 23.15 -27.56
C TYR E 263 -62.90 22.07 -26.52
N GLU E 264 -61.68 21.52 -26.59
CA GLU E 264 -61.25 20.50 -25.63
C GLU E 264 -61.35 21.00 -24.18
N MET E 265 -61.05 22.29 -23.96
CA MET E 265 -61.12 22.87 -22.62
C MET E 265 -62.52 22.92 -22.04
N LEU E 266 -63.47 23.40 -22.83
CA LEU E 266 -64.85 23.55 -22.36
C LEU E 266 -65.68 22.26 -22.42
N VAL E 267 -65.55 21.49 -23.50
CA VAL E 267 -66.31 20.26 -23.71
C VAL E 267 -65.72 19.05 -22.99
N GLY E 268 -64.40 18.98 -22.88
CA GLY E 268 -63.74 17.84 -22.23
C GLY E 268 -63.23 16.77 -23.17
N ASP E 269 -63.54 16.91 -24.47
CA ASP E 269 -63.14 16.00 -25.54
C ASP E 269 -62.72 16.82 -26.77
N THR E 270 -61.93 16.27 -27.70
CA THR E 270 -61.55 17.01 -28.90
C THR E 270 -62.70 17.03 -29.91
N PRO E 271 -62.88 18.11 -30.68
CA PRO E 271 -64.02 18.17 -31.62
C PRO E 271 -64.07 17.10 -32.70
N PHE E 272 -62.91 16.57 -33.08
CA PHE E 272 -62.87 15.55 -34.13
C PHE E 272 -62.25 14.26 -33.64
N TYR E 273 -62.51 13.90 -32.39
CA TYR E 273 -62.00 12.67 -31.82
C TYR E 273 -62.67 11.45 -32.46
N ALA E 274 -61.87 10.45 -32.78
CA ALA E 274 -62.29 9.14 -33.26
C ALA E 274 -61.30 8.11 -32.73
N ASP E 275 -61.74 6.85 -32.65
CA ASP E 275 -60.90 5.77 -32.14
C ASP E 275 -59.62 5.55 -32.99
N SER E 276 -59.73 5.76 -34.31
CA SER E 276 -58.61 5.58 -35.23
C SER E 276 -58.01 6.91 -35.74
N LEU E 277 -56.79 6.88 -36.30
CA LEU E 277 -56.19 8.07 -36.88
C LEU E 277 -56.95 8.44 -38.15
N VAL E 278 -57.30 7.44 -38.97
CA VAL E 278 -58.05 7.63 -40.23
C VAL E 278 -59.47 8.19 -39.97
N GLY E 279 -60.07 7.87 -38.83
CA GLY E 279 -61.38 8.36 -38.45
C GLY E 279 -61.32 9.80 -38.03
N THR E 280 -60.27 10.13 -37.23
CA THR E 280 -59.99 11.49 -36.75
C THR E 280 -59.64 12.36 -37.98
N TYR E 281 -58.89 11.82 -38.96
CA TYR E 281 -58.50 12.61 -40.12
C TYR E 281 -59.74 12.91 -41.00
N SER E 282 -60.70 11.93 -41.09
CA SER E 282 -61.94 12.02 -41.87
C SER E 282 -62.94 12.99 -41.28
N LYS E 283 -62.98 13.06 -39.95
CA LYS E 283 -63.83 13.98 -39.22
C LYS E 283 -63.35 15.42 -39.44
N ILE E 284 -62.01 15.63 -39.50
CA ILE E 284 -61.43 16.94 -39.74
C ILE E 284 -61.75 17.42 -41.13
N MET E 285 -61.68 16.52 -42.11
CA MET E 285 -61.95 16.90 -43.49
C MET E 285 -63.44 17.26 -43.67
N ASP E 286 -64.33 16.55 -42.97
CA ASP E 286 -65.77 16.83 -43.02
C ASP E 286 -66.18 17.77 -41.87
N HIS E 287 -65.29 18.70 -41.49
CA HIS E 287 -65.52 19.64 -40.37
C HIS E 287 -66.81 20.46 -40.51
N LYS E 288 -67.31 20.64 -41.74
CA LYS E 288 -68.54 21.38 -41.97
C LYS E 288 -69.75 20.66 -41.35
N ASN E 289 -69.75 19.32 -41.43
CA ASN E 289 -70.85 18.50 -40.90
C ASN E 289 -70.52 17.75 -39.61
N SER E 290 -69.23 17.55 -39.29
CA SER E 290 -68.84 16.77 -38.11
C SER E 290 -68.70 17.56 -36.80
N LEU E 291 -68.56 18.90 -36.91
CA LEU E 291 -68.43 19.70 -35.71
C LEU E 291 -69.79 19.96 -35.11
N CYS E 292 -70.02 19.47 -33.89
CA CYS E 292 -71.26 19.78 -33.18
C CYS E 292 -71.05 19.68 -31.67
N PHE E 293 -71.66 20.62 -30.94
CA PHE E 293 -71.51 20.69 -29.50
C PHE E 293 -72.48 19.80 -28.79
N PRO E 294 -71.97 18.95 -27.89
CA PRO E 294 -72.87 18.05 -27.15
C PRO E 294 -73.84 18.82 -26.26
N GLU E 295 -75.04 18.27 -26.03
CA GLU E 295 -76.01 18.93 -25.15
C GLU E 295 -75.67 18.62 -23.69
N ALA E 297 -73.34 19.75 -21.19
CA ALA E 297 -72.27 20.64 -21.64
C ALA E 297 -72.79 22.04 -21.94
N GLU E 298 -72.96 22.85 -20.87
CA GLU E 298 -73.50 24.21 -20.93
C GLU E 298 -72.43 25.30 -21.12
N ILE E 299 -72.07 25.56 -22.40
CA ILE E 299 -71.08 26.57 -22.81
C ILE E 299 -71.78 27.80 -23.43
N SER E 300 -71.18 29.01 -23.28
CA SER E 300 -71.83 30.23 -23.73
C SER E 300 -71.94 30.36 -25.24
N LYS E 301 -72.82 31.26 -25.70
CA LYS E 301 -72.99 31.51 -27.12
C LYS E 301 -71.71 32.12 -27.69
N HIS E 302 -71.05 33.03 -26.94
CA HIS E 302 -69.80 33.68 -27.36
C HIS E 302 -68.67 32.67 -27.50
N ALA E 303 -68.59 31.71 -26.56
CA ALA E 303 -67.57 30.68 -26.59
C ALA E 303 -67.82 29.76 -27.80
N LYS E 304 -69.08 29.39 -28.04
CA LYS E 304 -69.44 28.55 -29.17
C LYS E 304 -69.13 29.26 -30.50
N ASN E 305 -69.44 30.54 -30.57
CA ASN E 305 -69.26 31.36 -31.75
C ASN E 305 -67.77 31.62 -32.04
N LEU E 306 -66.90 31.64 -31.00
CA LEU E 306 -65.46 31.84 -31.20
C LEU E 306 -64.86 30.57 -31.78
N ILE E 307 -65.20 29.40 -31.21
CA ILE E 307 -64.73 28.09 -31.69
C ILE E 307 -65.10 27.91 -33.17
N CYS E 308 -66.29 28.35 -33.54
CA CYS E 308 -66.77 28.24 -34.90
C CYS E 308 -66.08 29.19 -35.87
N ALA E 309 -65.59 30.35 -35.39
CA ALA E 309 -64.84 31.28 -36.26
C ALA E 309 -63.42 30.75 -36.56
N PHE E 310 -62.87 29.90 -35.67
CA PHE E 310 -61.56 29.29 -35.84
C PHE E 310 -61.67 27.99 -36.64
N LEU E 311 -62.74 27.23 -36.45
CA LEU E 311 -62.91 25.96 -37.15
C LEU E 311 -63.68 26.08 -38.49
N THR E 312 -63.26 27.00 -39.36
CA THR E 312 -63.85 27.19 -40.69
C THR E 312 -62.79 26.87 -41.77
N ASP E 313 -63.14 26.97 -43.08
CA ASP E 313 -62.18 26.82 -44.16
C ASP E 313 -61.19 28.01 -44.08
N ARG E 314 -59.91 27.77 -44.37
CA ARG E 314 -58.84 28.76 -44.25
C ARG E 314 -59.13 30.16 -44.82
N GLU E 315 -59.94 30.25 -45.89
CA GLU E 315 -60.25 31.50 -46.58
C GLU E 315 -61.04 32.50 -45.72
N VAL E 316 -61.92 32.00 -44.86
CA VAL E 316 -62.73 32.86 -44.01
C VAL E 316 -62.43 32.65 -42.49
N ARG E 317 -61.27 32.06 -42.16
CA ARG E 317 -60.88 31.80 -40.77
C ARG E 317 -60.51 33.07 -39.99
N LEU E 318 -60.84 33.09 -38.68
CA LEU E 318 -60.54 34.20 -37.78
C LEU E 318 -59.02 34.26 -37.55
N GLY E 319 -58.40 35.40 -37.82
CA GLY E 319 -56.95 35.53 -37.75
C GLY E 319 -56.29 35.70 -39.13
N ARG E 320 -57.10 35.54 -40.20
CA ARG E 320 -56.70 35.73 -41.60
C ARG E 320 -56.32 37.20 -41.80
N ASN E 321 -57.12 38.13 -41.21
CA ASN E 321 -56.90 39.58 -41.24
C ASN E 321 -56.26 40.11 -39.91
N GLY E 322 -55.32 39.37 -39.33
CA GLY E 322 -54.66 39.79 -38.10
C GLY E 322 -55.22 39.34 -36.75
N VAL E 323 -54.48 39.66 -35.66
CA VAL E 323 -54.82 39.28 -34.29
C VAL E 323 -55.83 40.23 -33.63
N GLU E 324 -56.09 41.42 -34.21
CA GLU E 324 -57.07 42.33 -33.61
C GLU E 324 -58.46 41.72 -33.71
N GLU E 325 -58.79 41.14 -34.88
CA GLU E 325 -60.06 40.43 -35.13
C GLU E 325 -60.39 39.47 -33.97
N ILE E 326 -59.37 38.67 -33.57
CA ILE E 326 -59.39 37.67 -32.51
C ILE E 326 -59.50 38.36 -31.14
N ARG E 327 -58.71 39.43 -30.96
CA ARG E 327 -58.63 40.22 -29.73
C ARG E 327 -59.95 40.83 -29.29
N GLN E 328 -60.72 41.39 -30.24
CA GLN E 328 -61.96 42.04 -29.90
C GLN E 328 -63.20 41.14 -29.98
N HIS E 329 -63.03 39.80 -30.00
CA HIS E 329 -64.17 38.91 -30.00
C HIS E 329 -64.91 39.04 -28.66
N PRO E 330 -66.23 39.05 -28.69
CA PRO E 330 -66.99 39.21 -27.44
C PRO E 330 -66.67 38.21 -26.33
N PHE E 331 -66.20 37.02 -26.68
CA PHE E 331 -65.88 36.00 -25.67
C PHE E 331 -64.90 36.49 -24.63
N PHE E 332 -63.86 37.22 -25.06
CA PHE E 332 -62.79 37.71 -24.18
C PHE E 332 -63.18 38.88 -23.25
N LYS E 333 -64.44 39.35 -23.28
CA LYS E 333 -64.90 40.43 -22.40
C LYS E 333 -64.95 39.91 -20.96
N ASN E 334 -64.16 40.52 -20.06
CA ASN E 334 -64.09 40.07 -18.66
C ASN E 334 -63.77 41.22 -17.66
N ASP E 335 -63.91 40.93 -16.36
CA ASP E 335 -63.65 41.91 -15.31
C ASP E 335 -62.34 41.63 -14.54
N GLN E 336 -61.41 40.81 -15.10
CA GLN E 336 -60.17 40.49 -14.39
C GLN E 336 -58.87 41.03 -15.06
N TRP E 337 -58.73 40.85 -16.37
CA TRP E 337 -57.51 41.26 -17.10
C TRP E 337 -57.80 42.01 -18.41
N HIS E 338 -56.74 42.62 -18.97
CA HIS E 338 -56.71 43.30 -20.27
C HIS E 338 -55.61 42.62 -21.07
N TRP E 339 -55.61 42.78 -22.41
CA TRP E 339 -54.57 42.19 -23.24
C TRP E 339 -53.18 42.71 -22.89
N ASP E 340 -53.09 43.95 -22.40
CA ASP E 340 -51.82 44.60 -22.06
C ASP E 340 -51.27 44.22 -20.68
N ASN E 341 -51.99 43.40 -19.89
CA ASN E 341 -51.50 43.03 -18.56
C ASN E 341 -51.83 41.63 -18.09
N ILE E 342 -52.53 40.81 -18.90
CA ILE E 342 -52.96 39.47 -18.51
C ILE E 342 -51.85 38.63 -17.82
N ARG E 343 -50.60 38.67 -18.33
CA ARG E 343 -49.50 37.89 -17.76
C ARG E 343 -49.01 38.39 -16.38
N GLU E 344 -49.47 39.57 -15.94
CA GLU E 344 -49.14 40.10 -14.62
C GLU E 344 -50.34 40.05 -13.66
N THR E 345 -51.46 39.42 -14.08
CA THR E 345 -52.64 39.17 -13.24
C THR E 345 -52.50 37.77 -12.60
N ALA E 346 -53.32 37.46 -11.57
CA ALA E 346 -53.24 36.15 -10.93
C ALA E 346 -53.81 35.04 -11.83
N ALA E 347 -53.00 34.00 -12.06
CA ALA E 347 -53.39 32.85 -12.89
C ALA E 347 -54.45 32.00 -12.15
N PRO E 348 -55.29 31.25 -12.92
CA PRO E 348 -56.33 30.44 -12.28
C PRO E 348 -55.78 29.38 -11.34
N VAL E 349 -54.71 28.68 -11.75
CA VAL E 349 -54.07 27.66 -10.93
C VAL E 349 -52.62 28.03 -10.74
N VAL E 350 -52.21 28.22 -9.48
CA VAL E 350 -50.83 28.54 -9.14
C VAL E 350 -50.18 27.28 -8.56
N PRO E 351 -49.07 26.82 -9.14
CA PRO E 351 -48.45 25.57 -8.66
C PRO E 351 -48.07 25.56 -7.18
N GLU E 352 -48.40 24.46 -6.49
CA GLU E 352 -48.01 24.28 -5.09
C GLU E 352 -46.88 23.24 -5.10
N LEU E 353 -45.65 23.71 -5.02
CA LEU E 353 -44.49 22.83 -5.12
C LEU E 353 -43.78 22.65 -3.78
N SER E 354 -43.34 21.42 -3.49
CA SER E 354 -42.68 21.04 -2.24
C SER E 354 -41.18 21.33 -2.20
N SER E 355 -40.51 21.31 -3.36
CA SER E 355 -39.07 21.57 -3.46
C SER E 355 -38.67 22.15 -4.84
N ASP E 356 -37.38 22.57 -5.02
CA ASP E 356 -36.93 23.06 -6.34
C ASP E 356 -36.85 21.94 -7.42
N ILE E 357 -36.98 20.67 -7.02
CA ILE E 357 -37.01 19.54 -7.93
C ILE E 357 -38.37 18.80 -7.93
N ASP E 358 -39.44 19.47 -7.47
CA ASP E 358 -40.78 18.89 -7.50
C ASP E 358 -41.23 18.83 -8.96
N SER E 359 -41.33 17.62 -9.49
CA SER E 359 -41.77 17.37 -10.87
C SER E 359 -43.08 16.58 -10.87
N SER E 360 -43.96 16.87 -9.89
CA SER E 360 -45.26 16.22 -9.72
C SER E 360 -46.28 16.62 -10.78
N ASN E 361 -46.06 17.74 -11.51
CA ASN E 361 -46.96 18.12 -12.59
C ASN E 361 -46.54 17.50 -13.94
N PHE E 362 -45.65 16.51 -13.91
CA PHE E 362 -45.17 15.79 -15.09
C PHE E 362 -45.31 14.30 -14.80
N ASP E 363 -45.83 13.55 -15.77
CA ASP E 363 -46.02 12.11 -15.63
C ASP E 363 -44.68 11.41 -15.57
N ASP E 364 -44.62 10.19 -15.03
CA ASP E 364 -43.36 9.46 -15.00
C ASP E 364 -42.99 8.98 -16.39
N ILE E 365 -41.67 8.89 -16.66
CA ILE E 365 -41.22 8.42 -17.97
C ILE E 365 -40.80 6.92 -17.90
N VAL E 372 -27.08 3.22 -26.09
CA VAL E 372 -27.90 3.15 -27.31
C VAL E 372 -27.03 3.23 -28.62
N GLU E 373 -27.68 3.04 -29.81
CA GLU E 373 -27.10 3.08 -31.16
C GLU E 373 -26.13 4.25 -31.39
N THR E 374 -24.83 3.89 -31.56
CA THR E 374 -23.68 4.77 -31.78
C THR E 374 -23.18 4.69 -33.24
N PHE E 375 -22.45 5.75 -33.69
CA PHE E 375 -21.90 5.85 -35.06
C PHE E 375 -20.87 4.77 -35.36
N PRO E 376 -20.92 4.20 -36.59
CA PRO E 376 -19.91 3.19 -36.96
C PRO E 376 -18.55 3.82 -37.23
N ILE E 377 -17.47 3.32 -36.57
CA ILE E 377 -16.11 3.81 -36.78
C ILE E 377 -15.72 3.74 -38.27
N PRO E 378 -15.37 4.87 -38.86
CA PRO E 378 -15.15 4.89 -40.31
C PRO E 378 -13.73 4.60 -40.80
N LYS E 379 -13.65 4.21 -42.08
CA LYS E 379 -12.41 3.91 -42.80
C LYS E 379 -11.86 5.20 -43.46
N ALA E 380 -12.78 6.03 -44.00
CA ALA E 380 -12.49 7.32 -44.64
C ALA E 380 -13.32 8.45 -43.96
N PHE E 381 -12.94 9.72 -44.19
CA PHE E 381 -13.65 10.88 -43.63
C PHE E 381 -15.13 10.91 -44.01
N VAL E 382 -16.00 10.94 -42.97
CA VAL E 382 -17.44 10.96 -43.15
C VAL E 382 -18.04 12.33 -42.82
N GLY E 383 -17.48 12.99 -41.80
CA GLY E 383 -17.92 14.30 -41.36
C GLY E 383 -19.28 14.31 -40.69
N ASN E 384 -19.51 13.43 -39.70
CA ASN E 384 -20.77 13.37 -38.97
C ASN E 384 -20.98 14.55 -38.00
N GLN E 385 -19.91 15.22 -37.60
CA GLN E 385 -20.03 16.38 -36.70
C GLN E 385 -20.26 17.70 -37.42
N LEU E 386 -20.05 17.74 -38.75
CA LEU E 386 -20.21 18.93 -39.57
C LEU E 386 -21.56 19.63 -39.47
N PRO E 387 -22.70 18.91 -39.44
CA PRO E 387 -24.00 19.62 -39.38
C PRO E 387 -24.34 20.32 -38.05
N PHE E 388 -23.48 20.13 -37.04
CA PHE E 388 -23.65 20.64 -35.68
C PHE E 388 -22.66 21.77 -35.32
N ILE E 389 -21.78 22.20 -36.26
CA ILE E 389 -20.84 23.28 -35.98
C ILE E 389 -21.63 24.57 -35.82
N GLY E 390 -21.50 25.19 -34.67
CA GLY E 390 -22.19 26.45 -34.39
C GLY E 390 -23.35 26.34 -33.44
N PHE E 391 -23.61 25.13 -32.93
CA PHE E 391 -24.70 24.92 -32.02
C PHE E 391 -24.41 25.52 -30.65
N THR E 392 -23.15 25.44 -30.17
CA THR E 392 -22.81 25.97 -28.84
C THR E 392 -23.15 27.46 -28.70
N TYR E 393 -23.79 27.80 -27.59
CA TYR E 393 -24.19 29.14 -27.23
C TYR E 393 -24.11 29.29 -25.73
N TYR E 394 -23.44 30.34 -25.25
CA TYR E 394 -23.38 30.62 -23.81
C TYR E 394 -23.98 32.00 -23.61
N ARG E 395 -25.00 32.09 -22.72
CA ARG E 395 -25.62 33.38 -22.40
C ARG E 395 -24.61 34.16 -21.51
N SER F 3 -12.80 31.75 -13.02
CA SER F 3 -13.81 30.85 -13.60
C SER F 3 -13.23 30.02 -14.77
N ARG F 4 -13.93 28.92 -15.14
CA ARG F 4 -13.53 28.09 -16.27
C ARG F 4 -13.68 28.90 -17.57
N GLN F 5 -14.73 29.72 -17.70
CA GLN F 5 -14.91 30.56 -18.88
C GLN F 5 -13.82 31.65 -18.96
N ARG F 6 -13.34 32.13 -17.80
CA ARG F 6 -12.28 33.13 -17.75
C ARG F 6 -10.93 32.49 -18.16
N LYS F 7 -10.67 31.23 -17.71
CA LYS F 7 -9.45 30.48 -18.03
C LYS F 7 -9.38 30.21 -19.54
N LEU F 8 -10.51 29.85 -20.12
CA LEU F 8 -10.64 29.58 -21.55
C LEU F 8 -10.55 30.84 -22.40
N GLU F 9 -11.15 31.94 -21.94
CA GLU F 9 -11.09 33.20 -22.66
C GLU F 9 -9.66 33.71 -22.72
N ALA F 10 -8.80 33.37 -21.73
CA ALA F 10 -7.39 33.78 -21.68
C ALA F 10 -6.57 33.06 -22.77
N LEU F 11 -6.83 31.75 -22.96
CA LEU F 11 -6.14 30.94 -23.97
C LEU F 11 -6.40 31.49 -25.38
N ILE F 12 -7.62 31.89 -25.66
CA ILE F 12 -8.01 32.41 -26.96
C ILE F 12 -7.43 33.82 -27.22
N ARG F 13 -7.11 34.58 -26.16
CA ARG F 13 -6.53 35.92 -26.31
C ARG F 13 -5.02 35.88 -26.58
N ASP F 14 -4.33 34.88 -25.99
CA ASP F 14 -2.89 34.68 -26.10
C ASP F 14 -2.42 34.51 -27.56
N PRO F 15 -1.55 35.40 -28.08
CA PRO F 15 -1.08 35.26 -29.47
C PRO F 15 -0.13 34.09 -29.73
N ARG F 16 0.47 33.53 -28.67
CA ARG F 16 1.32 32.35 -28.79
C ARG F 16 0.48 31.03 -28.67
N SER F 17 -0.83 31.11 -28.35
CA SER F 17 -1.73 29.96 -28.20
C SER F 17 -2.18 29.40 -29.53
N PRO F 18 -2.22 28.06 -29.66
CA PRO F 18 -2.66 27.46 -30.93
C PRO F 18 -4.17 27.63 -31.20
N ILE F 19 -4.95 27.97 -30.16
CA ILE F 19 -6.38 28.18 -30.33
C ILE F 19 -6.76 29.65 -30.22
N ASN F 20 -5.88 30.58 -30.60
CA ASN F 20 -6.23 32.00 -30.65
C ASN F 20 -7.22 32.26 -31.81
N VAL F 21 -7.82 33.46 -31.89
CA VAL F 21 -8.82 33.75 -32.92
C VAL F 21 -8.30 33.68 -34.34
N GLU F 22 -7.06 34.12 -34.60
CA GLU F 22 -6.48 34.03 -35.95
C GLU F 22 -6.31 32.56 -36.35
N SER F 23 -5.86 31.72 -35.41
CA SER F 23 -5.68 30.30 -35.63
C SER F 23 -7.01 29.56 -35.77
N LEU F 24 -8.08 30.00 -35.06
CA LEU F 24 -9.42 29.40 -35.15
C LEU F 24 -10.06 29.73 -36.50
N LEU F 25 -9.78 30.90 -37.05
CA LEU F 25 -10.23 31.28 -38.38
C LEU F 25 -9.44 30.51 -39.45
N ASP F 26 -8.18 30.16 -39.16
CA ASP F 26 -7.35 29.36 -40.06
C ASP F 26 -7.95 27.99 -40.18
N GLY F 27 -8.38 27.42 -39.05
CA GLY F 27 -9.04 26.12 -39.00
C GLY F 27 -10.30 26.07 -39.84
N LEU F 28 -11.15 27.12 -39.77
CA LEU F 28 -12.37 27.16 -40.57
C LEU F 28 -12.04 27.26 -42.04
N ASN F 29 -11.08 28.13 -42.39
CA ASN F 29 -10.68 28.34 -43.76
C ASN F 29 -10.09 27.10 -44.41
N SER F 30 -9.25 26.37 -43.66
CA SER F 30 -8.58 25.16 -44.12
C SER F 30 -9.55 24.01 -44.27
N LEU F 31 -10.60 23.96 -43.45
CA LEU F 31 -11.64 22.94 -43.53
C LEU F 31 -12.45 23.16 -44.79
N VAL F 32 -12.82 24.41 -45.10
CA VAL F 32 -13.57 24.71 -46.32
C VAL F 32 -12.71 24.44 -47.55
N LEU F 33 -11.42 24.82 -47.52
CA LEU F 33 -10.52 24.62 -48.65
C LEU F 33 -10.33 23.16 -48.99
N ASP F 34 -10.27 22.30 -47.96
CA ASP F 34 -10.06 20.87 -48.13
C ASP F 34 -11.32 20.04 -48.37
N LEU F 35 -12.51 20.67 -48.36
CA LEU F 35 -13.76 19.95 -48.58
C LEU F 35 -14.45 20.40 -49.85
N ASP F 36 -14.19 21.62 -50.34
CA ASP F 36 -14.85 22.13 -51.54
C ASP F 36 -14.31 21.54 -52.85
N PHE F 37 -14.63 20.29 -53.09
CA PHE F 37 -14.30 19.53 -54.31
C PHE F 37 -15.58 18.75 -54.64
N PRO F 38 -15.98 18.72 -55.92
CA PRO F 38 -17.26 18.07 -56.26
C PRO F 38 -17.32 16.57 -55.95
N ALA F 39 -16.16 15.91 -55.86
CA ALA F 39 -16.09 14.50 -55.51
C ALA F 39 -16.48 14.32 -54.04
N LEU F 40 -15.98 15.19 -53.16
CA LEU F 40 -16.25 15.16 -51.73
C LEU F 40 -17.65 15.67 -51.43
N ARG F 41 -18.09 16.72 -52.14
CA ARG F 41 -19.41 17.33 -51.98
C ARG F 41 -20.56 16.36 -52.26
N LYS F 42 -20.28 15.14 -52.74
CA LYS F 42 -21.32 14.12 -52.96
C LYS F 42 -21.90 13.67 -51.59
N ASN F 43 -21.09 13.76 -50.50
CA ASN F 43 -21.44 13.50 -49.11
C ASN F 43 -22.43 14.59 -48.68
N LYS F 44 -23.59 14.21 -48.11
CA LYS F 44 -24.60 15.18 -47.68
C LYS F 44 -24.06 16.09 -46.57
N ASN F 45 -23.38 15.52 -45.56
CA ASN F 45 -22.80 16.28 -44.45
C ASN F 45 -21.88 17.40 -44.96
N ILE F 46 -20.97 17.06 -45.88
CA ILE F 46 -20.02 17.99 -46.48
C ILE F 46 -20.72 19.03 -47.35
N ASP F 47 -21.63 18.62 -48.24
CA ASP F 47 -22.31 19.57 -49.11
C ASP F 47 -23.13 20.56 -48.32
N ASN F 48 -23.82 20.11 -47.27
CA ASN F 48 -24.64 21.00 -46.47
C ASN F 48 -23.82 21.95 -45.58
N PHE F 49 -22.69 21.48 -45.03
CA PHE F 49 -21.80 22.32 -44.22
C PHE F 49 -21.22 23.42 -45.09
N LEU F 50 -20.73 23.06 -46.29
CA LEU F 50 -20.17 24.03 -47.22
C LEU F 50 -21.19 25.06 -47.69
N ASN F 51 -22.47 24.66 -47.82
CA ASN F 51 -23.52 25.57 -48.22
C ASN F 51 -23.78 26.60 -47.14
N ARG F 52 -23.77 26.18 -45.86
CA ARG F 52 -23.97 27.05 -44.72
C ARG F 52 -22.87 28.10 -44.58
N TYR F 53 -21.60 27.70 -44.72
CA TYR F 53 -20.47 28.59 -44.52
C TYR F 53 -19.94 29.24 -45.79
N GLU F 54 -20.56 29.02 -46.95
CA GLU F 54 -20.08 29.61 -48.21
C GLU F 54 -20.04 31.15 -48.16
N LYS F 55 -21.17 31.77 -47.74
CA LYS F 55 -21.29 33.23 -47.66
C LYS F 55 -20.28 33.86 -46.71
N ILE F 56 -20.25 33.39 -45.46
CA ILE F 56 -19.36 33.93 -44.45
C ILE F 56 -17.87 33.73 -44.79
N VAL F 57 -17.50 32.61 -45.41
CA VAL F 57 -16.11 32.37 -45.78
C VAL F 57 -15.70 33.27 -46.96
N LYS F 58 -16.64 33.64 -47.85
CA LYS F 58 -16.36 34.58 -48.95
C LYS F 58 -16.07 35.95 -48.33
N LYS F 59 -16.92 36.37 -47.35
CA LYS F 59 -16.81 37.62 -46.61
C LYS F 59 -15.47 37.74 -45.85
N ILE F 60 -15.09 36.67 -45.10
CA ILE F 60 -13.85 36.57 -44.32
C ILE F 60 -12.58 36.69 -45.19
N ARG F 61 -12.57 36.03 -46.35
CA ARG F 61 -11.42 36.08 -47.24
C ARG F 61 -11.19 37.50 -47.79
N GLY F 62 -12.29 38.22 -48.04
CA GLY F 62 -12.23 39.59 -48.51
C GLY F 62 -11.72 40.56 -47.46
N LEU F 63 -12.01 40.29 -46.19
CA LEU F 63 -11.57 41.13 -45.10
C LEU F 63 -10.15 40.84 -44.68
N GLN F 64 -9.74 39.57 -44.64
CA GLN F 64 -8.40 39.21 -44.19
C GLN F 64 -7.31 39.63 -45.15
N MET F 65 -6.08 39.80 -44.61
CA MET F 65 -4.91 40.20 -45.42
C MET F 65 -4.65 39.16 -46.49
N LYS F 66 -4.38 39.62 -47.72
CA LYS F 66 -4.14 38.76 -48.88
C LYS F 66 -3.02 39.31 -49.79
N ALA F 67 -2.44 38.45 -50.65
CA ALA F 67 -1.37 38.87 -51.56
C ALA F 67 -1.77 40.00 -52.50
N GLU F 68 -3.06 40.12 -52.81
CA GLU F 68 -3.56 41.19 -53.66
C GLU F 68 -3.47 42.57 -52.99
N ASP F 69 -3.34 42.63 -51.64
CA ASP F 69 -3.17 43.88 -50.90
C ASP F 69 -1.79 44.56 -51.14
N TYR F 70 -0.83 43.86 -51.78
CA TYR F 70 0.52 44.32 -52.02
C TYR F 70 0.86 44.37 -53.49
N ASP F 71 1.75 45.30 -53.85
CA ASP F 71 2.24 45.42 -55.22
C ASP F 71 3.65 44.87 -55.24
N VAL F 72 3.95 43.94 -56.17
CA VAL F 72 5.30 43.40 -56.27
C VAL F 72 6.20 44.32 -57.08
N VAL F 73 7.26 44.81 -56.44
CA VAL F 73 8.24 45.70 -57.04
C VAL F 73 9.33 44.90 -57.76
N LYS F 74 9.91 43.89 -57.12
CA LYS F 74 10.98 43.09 -57.71
C LYS F 74 11.20 41.81 -56.89
N VAL F 75 11.74 40.74 -57.51
CA VAL F 75 12.09 39.54 -56.73
C VAL F 75 13.53 39.76 -56.30
N ILE F 76 13.78 39.87 -54.99
CA ILE F 76 15.13 40.13 -54.51
C ILE F 76 15.84 38.90 -53.95
N GLY F 77 15.20 37.75 -53.99
CA GLY F 77 15.82 36.53 -53.49
C GLY F 77 15.01 35.33 -53.89
N ARG F 78 15.69 34.21 -54.11
CA ARG F 78 15.03 32.94 -54.48
C ARG F 78 15.69 31.83 -53.66
N GLY F 79 14.90 30.83 -53.32
CA GLY F 79 15.39 29.74 -52.50
C GLY F 79 14.66 28.44 -52.66
N ALA F 80 14.88 27.55 -51.69
CA ALA F 80 14.36 26.19 -51.62
C ALA F 80 12.84 26.05 -52.03
N PHE F 81 11.87 26.52 -51.19
CA PHE F 81 10.47 26.39 -51.58
C PHE F 81 9.84 27.74 -51.83
N GLY F 82 10.62 28.72 -52.31
CA GLY F 82 10.04 30.02 -52.61
C GLY F 82 10.94 31.13 -53.07
N GLU F 83 10.50 32.35 -52.77
CA GLU F 83 11.19 33.57 -53.14
C GLU F 83 10.85 34.70 -52.19
N VAL F 84 11.70 35.73 -52.13
CA VAL F 84 11.49 36.94 -51.35
C VAL F 84 11.27 38.10 -52.32
N GLN F 85 10.12 38.79 -52.23
CA GLN F 85 9.78 39.87 -53.13
C GLN F 85 9.79 41.19 -52.42
N LEU F 86 10.31 42.23 -53.06
CA LEU F 86 10.26 43.58 -52.53
C LEU F 86 8.87 44.06 -52.88
N VAL F 87 8.02 44.34 -51.89
CA VAL F 87 6.63 44.73 -52.14
C VAL F 87 6.27 46.05 -51.47
N ARG F 88 5.22 46.72 -51.97
CA ARG F 88 4.72 47.94 -51.35
C ARG F 88 3.25 47.70 -51.03
N HIS F 89 2.85 47.90 -49.77
CA HIS F 89 1.46 47.71 -49.38
C HIS F 89 0.58 48.74 -50.08
N LYS F 90 -0.36 48.29 -50.92
CA LYS F 90 -1.26 49.16 -51.69
C LYS F 90 -1.95 50.26 -50.89
N ALA F 91 -2.50 49.91 -49.72
CA ALA F 91 -3.22 50.87 -48.90
C ALA F 91 -2.33 51.88 -48.16
N SER F 92 -1.32 51.42 -47.42
CA SER F 92 -0.44 52.28 -46.60
C SER F 92 0.74 52.88 -47.33
N GLN F 93 1.06 52.36 -48.50
CA GLN F 93 2.21 52.77 -49.31
C GLN F 93 3.59 52.37 -48.72
N LYS F 94 3.61 51.66 -47.58
CA LYS F 94 4.81 51.20 -46.90
C LYS F 94 5.50 50.05 -47.64
N VAL F 95 6.84 50.07 -47.68
CA VAL F 95 7.61 49.03 -48.36
C VAL F 95 8.11 47.91 -47.42
N TYR F 96 7.88 46.66 -47.81
CA TYR F 96 8.34 45.52 -47.03
C TYR F 96 9.09 44.48 -47.92
N ALA F 97 9.68 43.45 -47.31
CA ALA F 97 10.26 42.30 -48.01
C ALA F 97 9.30 41.17 -47.68
N MET F 98 8.74 40.51 -48.68
CA MET F 98 7.77 39.43 -48.43
C MET F 98 8.27 38.08 -48.88
N LYS F 99 8.42 37.13 -47.93
CA LYS F 99 8.87 35.79 -48.27
C LYS F 99 7.67 34.92 -48.55
N LEU F 100 7.70 34.17 -49.65
CA LEU F 100 6.64 33.25 -50.04
C LEU F 100 7.16 31.83 -49.94
N LEU F 101 6.33 30.89 -49.51
CA LEU F 101 6.72 29.49 -49.40
C LEU F 101 5.64 28.64 -50.03
N SER F 102 5.98 27.83 -51.02
CA SER F 102 5.04 26.97 -51.71
C SER F 102 4.57 25.86 -50.78
N LYS F 103 3.22 25.78 -50.56
CA LYS F 103 2.60 24.75 -49.73
C LYS F 103 2.81 23.38 -50.41
N PHE F 104 2.65 23.35 -51.75
CA PHE F 104 2.86 22.15 -52.54
C PHE F 104 4.28 21.57 -52.35
N GLU F 105 5.32 22.39 -52.53
CA GLU F 105 6.70 21.94 -52.39
C GLU F 105 7.00 21.46 -50.98
N MET F 106 6.50 22.15 -49.95
CA MET F 106 6.75 21.76 -48.57
C MET F 106 6.12 20.41 -48.25
N ILE F 107 4.94 20.13 -48.83
CA ILE F 107 4.30 18.84 -48.60
C ILE F 107 5.06 17.76 -49.38
N LYS F 108 5.25 17.97 -50.71
CA LYS F 108 5.99 17.07 -51.62
C LYS F 108 7.39 16.71 -51.07
N ARG F 109 8.24 17.70 -50.83
CA ARG F 109 9.59 17.45 -50.30
C ARG F 109 9.60 17.17 -48.78
N SER F 110 8.49 16.63 -48.23
CA SER F 110 8.21 16.23 -46.84
C SER F 110 8.95 17.04 -45.75
N ASP F 111 9.08 18.35 -45.96
CA ASP F 111 9.71 19.28 -45.04
C ASP F 111 8.63 20.35 -44.75
N SER F 112 7.85 20.17 -43.68
CA SER F 112 6.73 21.09 -43.41
C SER F 112 6.61 21.54 -41.94
N ALA F 113 7.73 21.77 -41.26
CA ALA F 113 7.71 22.22 -39.86
C ALA F 113 8.72 23.34 -39.57
N PHE F 114 9.66 23.57 -40.49
CA PHE F 114 10.72 24.55 -40.36
C PHE F 114 10.20 25.96 -40.25
N PHE F 115 9.05 26.26 -40.87
CA PHE F 115 8.49 27.60 -40.88
C PHE F 115 7.95 28.06 -39.55
N TRP F 116 7.65 27.13 -38.62
CA TRP F 116 7.10 27.50 -37.33
C TRP F 116 8.13 28.24 -36.53
N GLU F 117 9.37 27.76 -36.46
CA GLU F 117 10.41 28.49 -35.73
C GLU F 117 10.91 29.72 -36.47
N GLU F 118 10.85 29.72 -37.82
CA GLU F 118 11.25 30.89 -38.60
C GLU F 118 10.25 32.04 -38.34
N ARG F 119 8.97 31.74 -38.33
CA ARG F 119 7.92 32.70 -38.07
C ARG F 119 7.99 33.22 -36.64
N ASP F 120 8.14 32.31 -35.67
CA ASP F 120 8.21 32.69 -34.27
C ASP F 120 9.43 33.54 -33.98
N ILE F 121 10.61 33.19 -34.55
CA ILE F 121 11.83 33.97 -34.31
C ILE F 121 11.65 35.40 -34.80
N MET F 122 11.14 35.58 -36.03
CA MET F 122 10.98 36.91 -36.58
C MET F 122 9.84 37.70 -35.97
N ALA F 123 8.77 37.04 -35.49
CA ALA F 123 7.62 37.74 -34.91
C ALA F 123 7.84 38.14 -33.49
N PHE F 124 8.55 37.32 -32.70
CA PHE F 124 8.66 37.55 -31.26
C PHE F 124 10.06 37.76 -30.67
N ALA F 125 11.14 37.75 -31.46
CA ALA F 125 12.50 37.92 -30.90
C ALA F 125 12.69 39.25 -30.16
N ASN F 126 12.16 40.34 -30.73
CA ASN F 126 12.32 41.67 -30.15
C ASN F 126 13.78 42.03 -29.92
N SER F 127 14.60 41.75 -30.94
CA SER F 127 16.03 42.03 -30.92
C SER F 127 16.38 42.81 -32.16
N PRO F 128 17.24 43.83 -32.06
CA PRO F 128 17.63 44.57 -33.27
C PRO F 128 18.53 43.75 -34.20
N TRP F 129 18.94 42.55 -33.77
CA TRP F 129 19.75 41.65 -34.56
C TRP F 129 18.95 40.67 -35.40
N VAL F 130 17.62 40.65 -35.28
CA VAL F 130 16.76 39.72 -36.03
C VAL F 130 15.80 40.53 -36.90
N VAL F 131 15.64 40.12 -38.17
CA VAL F 131 14.71 40.77 -39.08
C VAL F 131 13.29 40.59 -38.54
N GLN F 132 12.55 41.69 -38.41
CA GLN F 132 11.22 41.69 -37.82
C GLN F 132 10.11 41.37 -38.78
N LEU F 133 9.21 40.47 -38.36
CA LEU F 133 8.04 40.06 -39.11
C LEU F 133 6.87 40.89 -38.61
N PHE F 134 6.10 41.45 -39.52
CA PHE F 134 4.93 42.24 -39.17
C PHE F 134 3.67 41.41 -39.33
N TYR F 135 3.57 40.68 -40.44
CA TYR F 135 2.38 39.90 -40.74
C TYR F 135 2.72 38.56 -41.36
N ALA F 136 2.06 37.51 -40.91
CA ALA F 136 2.13 36.20 -41.52
C ALA F 136 0.68 35.88 -41.95
N PHE F 137 0.51 35.42 -43.17
CA PHE F 137 -0.79 35.10 -43.73
C PHE F 137 -0.66 34.01 -44.79
N GLN F 138 -1.76 33.45 -45.28
CA GLN F 138 -1.68 32.38 -46.26
C GLN F 138 -2.84 32.36 -47.22
N ASP F 139 -2.66 31.73 -48.36
CA ASP F 139 -3.74 31.47 -49.29
C ASP F 139 -3.72 29.94 -49.63
N ASP F 140 -4.50 29.49 -50.64
CA ASP F 140 -4.50 28.07 -50.98
C ASP F 140 -3.14 27.57 -51.48
N ARG F 141 -2.29 28.47 -52.05
CA ARG F 141 -1.00 28.07 -52.61
C ARG F 141 0.27 28.35 -51.77
N TYR F 142 0.31 29.49 -51.04
CA TYR F 142 1.51 29.89 -50.31
C TYR F 142 1.33 30.34 -48.88
N LEU F 143 2.44 30.37 -48.14
CA LEU F 143 2.58 30.98 -46.81
C LEU F 143 3.31 32.30 -47.10
N TYR F 144 2.92 33.38 -46.44
CA TYR F 144 3.57 34.69 -46.66
C TYR F 144 4.13 35.23 -45.37
N MET F 145 5.29 35.84 -45.45
CA MET F 145 5.92 36.45 -44.30
C MET F 145 6.36 37.87 -44.64
N VAL F 146 5.63 38.88 -44.16
CA VAL F 146 5.91 40.27 -44.44
C VAL F 146 6.92 40.79 -43.42
N MET F 147 8.15 41.06 -43.86
CA MET F 147 9.23 41.47 -42.98
C MET F 147 9.69 42.90 -43.24
N GLU F 148 10.54 43.46 -42.36
CA GLU F 148 11.13 44.75 -42.63
C GLU F 148 12.19 44.56 -43.71
N TYR F 149 12.13 45.40 -44.73
CA TYR F 149 13.06 45.33 -45.85
C TYR F 149 14.46 45.84 -45.40
N MET F 150 15.54 45.13 -45.80
CA MET F 150 16.93 45.44 -45.48
C MET F 150 17.60 45.91 -46.75
N PRO F 151 17.73 47.23 -46.97
CA PRO F 151 18.22 47.72 -48.26
C PRO F 151 19.71 47.63 -48.52
N GLY F 152 20.50 47.30 -47.48
CA GLY F 152 21.95 47.18 -47.58
C GLY F 152 22.46 45.88 -48.20
N GLY F 153 21.55 44.95 -48.50
CA GLY F 153 21.91 43.68 -49.10
C GLY F 153 22.60 42.74 -48.12
N ASP F 154 23.07 41.57 -48.61
CA ASP F 154 23.76 40.64 -47.70
C ASP F 154 25.29 40.89 -47.63
N LEU F 155 25.98 40.19 -46.70
CA LEU F 155 27.42 40.33 -46.54
C LEU F 155 28.22 39.72 -47.68
N VAL F 156 27.60 38.86 -48.50
CA VAL F 156 28.23 38.26 -49.67
C VAL F 156 28.49 39.37 -50.67
N ASN F 157 27.46 40.21 -50.92
CA ASN F 157 27.51 41.35 -51.83
C ASN F 157 28.58 42.34 -51.36
N LEU F 158 28.68 42.59 -50.05
CA LEU F 158 29.67 43.50 -49.49
C LEU F 158 31.08 42.98 -49.74
N MET F 159 31.34 41.70 -49.50
CA MET F 159 32.68 41.13 -49.70
C MET F 159 33.10 41.13 -51.16
N SER F 160 32.14 40.94 -52.10
CA SER F 160 32.45 40.95 -53.53
C SER F 160 32.70 42.36 -54.07
N ASN F 161 32.25 43.40 -53.37
CA ASN F 161 32.44 44.78 -53.80
C ASN F 161 33.54 45.52 -53.03
N TYR F 162 34.06 44.94 -51.93
CA TYR F 162 35.10 45.61 -51.15
C TYR F 162 36.19 44.67 -50.69
N ASP F 163 37.41 45.22 -50.58
CA ASP F 163 38.53 44.53 -49.96
C ASP F 163 38.25 44.91 -48.51
N VAL F 164 37.89 43.93 -47.69
CA VAL F 164 37.51 44.20 -46.32
C VAL F 164 38.69 44.30 -45.39
N PRO F 165 38.98 45.50 -44.86
CA PRO F 165 40.06 45.63 -43.89
C PRO F 165 39.68 45.02 -42.55
N GLU F 166 40.67 44.68 -41.73
CA GLU F 166 40.46 44.07 -40.43
C GLU F 166 39.61 44.94 -39.49
N LYS F 167 39.63 46.29 -39.62
CA LYS F 167 38.79 47.18 -38.80
C LYS F 167 37.29 46.90 -39.13
N TRP F 168 36.99 46.65 -40.41
CA TRP F 168 35.62 46.33 -40.82
C TRP F 168 35.27 44.92 -40.40
N ALA F 169 36.20 43.97 -40.61
CA ALA F 169 35.97 42.59 -40.21
C ALA F 169 35.68 42.47 -38.69
N LYS F 170 36.42 43.23 -37.86
CA LYS F 170 36.25 43.27 -36.41
C LYS F 170 34.87 43.77 -36.07
N PHE F 171 34.32 44.75 -36.81
CA PHE F 171 32.97 45.28 -36.58
C PHE F 171 31.91 44.25 -36.95
N TYR F 172 31.90 43.74 -38.20
CA TYR F 172 30.88 42.78 -38.62
C TYR F 172 30.93 41.51 -37.81
N THR F 173 32.13 41.08 -37.36
CA THR F 173 32.21 39.86 -36.53
C THR F 173 31.55 40.12 -35.20
N ALA F 174 31.84 41.28 -34.59
CA ALA F 174 31.26 41.63 -33.30
C ALA F 174 29.76 41.63 -33.35
N GLU F 175 29.17 42.14 -34.44
CA GLU F 175 27.71 42.12 -34.63
C GLU F 175 27.15 40.70 -34.86
N VAL F 176 27.89 39.82 -35.54
CA VAL F 176 27.46 38.43 -35.71
C VAL F 176 27.50 37.71 -34.34
N VAL F 177 28.54 37.99 -33.50
CA VAL F 177 28.69 37.43 -32.15
C VAL F 177 27.48 37.84 -31.30
N LEU F 178 27.08 39.14 -31.32
CA LEU F 178 25.90 39.57 -30.53
C LEU F 178 24.60 39.04 -31.10
N ALA F 179 24.49 38.93 -32.42
CA ALA F 179 23.27 38.43 -33.05
C ALA F 179 23.04 36.95 -32.73
N LEU F 180 24.11 36.13 -32.71
CA LEU F 180 24.02 34.71 -32.38
C LEU F 180 23.76 34.55 -30.92
N ASP F 181 24.39 35.35 -30.06
CA ASP F 181 24.12 35.30 -28.62
C ASP F 181 22.65 35.52 -28.35
N ALA F 182 22.01 36.41 -29.10
CA ALA F 182 20.57 36.66 -28.95
C ALA F 182 19.76 35.42 -29.35
N ILE F 183 20.15 34.74 -30.42
CA ILE F 183 19.45 33.52 -30.86
C ILE F 183 19.66 32.37 -29.85
N HIS F 184 20.88 32.23 -29.34
CA HIS F 184 21.23 31.24 -28.34
C HIS F 184 20.46 31.53 -27.04
N SER F 185 20.25 32.83 -26.69
CA SER F 185 19.47 33.25 -25.52
C SER F 185 18.04 32.76 -25.61
N MET F 186 17.50 32.63 -26.81
CA MET F 186 16.15 32.10 -26.98
C MET F 186 16.10 30.55 -27.05
N GLY F 187 17.19 29.89 -26.72
CA GLY F 187 17.29 28.46 -26.75
C GLY F 187 17.26 27.89 -28.15
N LEU F 188 17.92 28.56 -29.10
CA LEU F 188 17.98 28.10 -30.48
C LEU F 188 19.40 28.04 -31.00
N ILE F 189 19.62 27.15 -31.98
CA ILE F 189 20.90 27.03 -32.68
C ILE F 189 20.61 27.30 -34.16
N HIS F 190 21.35 28.27 -34.79
CA HIS F 190 21.11 28.64 -36.19
C HIS F 190 21.34 27.49 -37.16
N ARG F 191 22.49 26.78 -37.02
CA ARG F 191 22.90 25.67 -37.89
C ARG F 191 23.30 26.08 -39.32
N ASP F 192 23.14 27.35 -39.68
CA ASP F 192 23.48 27.81 -41.02
C ASP F 192 24.01 29.24 -41.03
N VAL F 193 24.96 29.55 -40.16
CA VAL F 193 25.58 30.87 -40.11
C VAL F 193 26.48 30.96 -41.35
N LYS F 194 26.25 31.97 -42.19
CA LYS F 194 26.99 32.22 -43.42
C LYS F 194 26.66 33.65 -43.91
N PRO F 195 27.49 34.27 -44.76
CA PRO F 195 27.22 35.68 -45.15
C PRO F 195 25.99 35.91 -46.03
N ASP F 196 25.41 34.85 -46.59
CA ASP F 196 24.17 34.98 -47.38
C ASP F 196 22.97 35.29 -46.47
N ASN F 197 23.05 34.85 -45.19
CA ASN F 197 22.06 35.00 -44.14
C ASN F 197 22.36 36.18 -43.18
N MET F 198 23.20 37.12 -43.61
CA MET F 198 23.54 38.28 -42.80
C MET F 198 23.18 39.50 -43.63
N LEU F 199 22.13 40.23 -43.26
CA LEU F 199 21.69 41.40 -44.02
C LEU F 199 22.07 42.73 -43.35
N LEU F 200 22.21 43.78 -44.14
CA LEU F 200 22.54 45.09 -43.61
C LEU F 200 21.34 46.01 -43.74
N ASP F 201 21.04 46.77 -42.68
CA ASP F 201 19.89 47.66 -42.67
C ASP F 201 20.18 49.01 -43.42
N LYS F 202 19.27 50.00 -43.34
CA LYS F 202 19.43 51.30 -43.97
C LYS F 202 20.71 52.02 -43.52
N HIS F 203 21.23 51.69 -42.32
CA HIS F 203 22.44 52.36 -41.82
C HIS F 203 23.72 51.56 -41.85
N GLY F 204 23.69 50.35 -42.39
CA GLY F 204 24.87 49.50 -42.49
C GLY F 204 25.06 48.55 -41.33
N HIS F 205 24.04 48.35 -40.48
CA HIS F 205 24.10 47.45 -39.33
C HIS F 205 23.47 46.07 -39.60
N LEU F 206 24.10 45.03 -39.11
CA LEU F 206 23.67 43.65 -39.34
C LEU F 206 22.37 43.23 -38.68
N LYS F 207 21.66 42.29 -39.32
CA LYS F 207 20.49 41.58 -38.86
C LYS F 207 20.54 40.18 -39.48
N LEU F 208 20.14 39.14 -38.74
CA LEU F 208 20.13 37.76 -39.25
C LEU F 208 18.80 37.42 -39.91
N ALA F 209 18.84 36.60 -40.94
CA ALA F 209 17.64 36.17 -41.68
C ALA F 209 17.79 34.67 -42.07
N ASP F 210 16.73 34.03 -42.64
CA ASP F 210 16.80 32.60 -43.02
C ASP F 210 16.92 31.69 -41.79
N PHE F 211 15.83 31.63 -41.00
CA PHE F 211 15.82 30.79 -39.82
C PHE F 211 15.21 29.40 -40.05
N GLY F 212 15.08 28.98 -41.31
CA GLY F 212 14.53 27.68 -41.66
C GLY F 212 15.31 26.49 -41.13
N THR F 213 16.55 26.72 -40.71
CA THR F 213 17.43 25.68 -40.18
C THR F 213 17.53 25.67 -38.66
N CYS F 214 16.82 26.56 -37.95
CA CYS F 214 16.91 26.63 -36.50
C CYS F 214 16.27 25.47 -35.79
N MET F 215 16.78 25.18 -34.59
CA MET F 215 16.26 24.11 -33.75
C MET F 215 16.29 24.53 -32.31
N LYS F 216 15.22 24.23 -31.56
CA LYS F 216 15.17 24.53 -30.14
C LYS F 216 16.06 23.51 -29.43
N MET F 217 16.96 23.98 -28.56
CA MET F 217 17.87 23.09 -27.85
C MET F 217 17.12 22.37 -26.72
N ASP F 218 17.45 21.08 -26.50
CA ASP F 218 16.87 20.31 -25.39
C ASP F 218 17.55 20.73 -24.04
N GLU F 219 17.20 20.07 -22.90
CA GLU F 219 17.75 20.40 -21.57
C GLU F 219 19.31 20.48 -21.52
N THR F 220 20.01 19.63 -22.31
CA THR F 220 21.47 19.64 -22.33
C THR F 220 22.08 20.72 -23.24
N GLY F 221 21.28 21.30 -24.13
CA GLY F 221 21.70 22.31 -25.09
C GLY F 221 22.11 21.74 -26.42
N MET F 222 21.55 20.56 -26.77
CA MET F 222 21.86 19.82 -27.99
C MET F 222 20.69 19.79 -28.98
N VAL F 223 20.96 19.32 -30.20
CA VAL F 223 19.96 19.21 -31.25
C VAL F 223 20.07 17.81 -31.85
N HIS F 224 19.03 16.99 -31.62
CA HIS F 224 18.96 15.60 -32.06
C HIS F 224 18.40 15.50 -33.49
N CYS F 225 19.30 15.38 -34.48
CA CYS F 225 18.88 15.29 -35.88
C CYS F 225 19.86 14.50 -36.77
N ASP F 226 19.36 14.07 -37.95
CA ASP F 226 20.13 13.43 -39.01
C ASP F 226 20.38 14.48 -40.15
N THR F 227 19.42 15.46 -40.32
CA THR F 227 19.41 16.56 -41.29
C THR F 227 20.77 17.18 -41.47
N ALA F 228 21.46 16.77 -42.56
CA ALA F 228 22.78 17.28 -42.93
C ALA F 228 22.55 18.66 -43.52
N VAL F 229 22.38 19.64 -42.63
CA VAL F 229 22.08 21.03 -42.94
C VAL F 229 23.36 21.85 -43.27
N GLY F 230 23.15 23.03 -43.87
CA GLY F 230 24.22 23.97 -44.17
C GLY F 230 24.96 23.85 -45.47
N THR F 231 25.74 24.90 -45.75
CA THR F 231 26.60 25.05 -46.93
C THR F 231 27.90 24.27 -46.79
N PRO F 232 28.38 23.67 -47.89
CA PRO F 232 29.63 22.88 -47.82
C PRO F 232 30.83 23.56 -47.16
N ASP F 233 31.08 24.84 -47.48
CA ASP F 233 32.21 25.60 -46.97
C ASP F 233 32.15 26.01 -45.48
N TYR F 234 30.94 26.22 -44.96
CA TYR F 234 30.76 26.71 -43.59
C TYR F 234 30.40 25.63 -42.58
N ILE F 235 30.23 24.37 -43.01
CA ILE F 235 29.84 23.27 -42.15
C ILE F 235 30.96 22.87 -41.19
N SER F 236 30.59 22.42 -39.98
CA SER F 236 31.51 22.03 -38.91
C SER F 236 31.93 20.57 -38.99
N PRO F 237 33.03 20.14 -38.33
CA PRO F 237 33.42 18.73 -38.38
C PRO F 237 32.38 17.80 -37.75
N GLU F 238 31.88 18.13 -36.53
CA GLU F 238 30.87 17.30 -35.84
C GLU F 238 29.61 17.05 -36.67
N VAL F 239 29.18 18.03 -37.48
CA VAL F 239 28.01 17.84 -38.33
C VAL F 239 28.36 16.89 -39.46
N LEU F 240 29.55 17.02 -40.06
CA LEU F 240 29.99 16.13 -41.12
C LEU F 240 30.06 14.67 -40.67
N LYS F 241 30.59 14.41 -39.46
CA LYS F 241 30.66 13.05 -38.94
C LYS F 241 29.25 12.64 -38.39
N SER F 242 28.29 12.37 -39.31
CA SER F 242 26.88 11.99 -38.99
C SER F 242 26.19 11.34 -40.21
N GLY F 247 23.32 12.84 -35.40
CA GLY F 247 24.20 13.27 -34.32
C GLY F 247 23.64 14.33 -33.37
N PHE F 248 24.43 14.68 -32.32
CA PHE F 248 24.03 15.66 -31.30
C PHE F 248 24.93 16.88 -31.36
N TYR F 249 24.40 18.05 -31.77
CA TYR F 249 25.21 19.27 -31.95
C TYR F 249 24.82 20.35 -30.95
N GLY F 250 25.79 21.14 -30.50
CA GLY F 250 25.49 22.22 -29.57
C GLY F 250 25.61 23.63 -30.14
N ARG F 251 25.65 24.64 -29.25
CA ARG F 251 25.79 26.02 -29.69
C ARG F 251 27.16 26.28 -30.31
N GLU F 252 28.20 25.54 -29.89
CA GLU F 252 29.56 25.68 -30.40
C GLU F 252 29.67 25.46 -31.91
N CYS F 253 28.73 24.74 -32.54
CA CYS F 253 28.78 24.54 -33.99
C CYS F 253 28.54 25.83 -34.77
N ASP F 254 27.81 26.77 -34.17
CA ASP F 254 27.55 28.04 -34.80
C ASP F 254 28.84 28.84 -34.83
N TRP F 255 29.65 28.78 -33.74
CA TRP F 255 30.95 29.44 -33.58
C TRP F 255 31.99 28.99 -34.59
N TRP F 256 31.86 27.79 -35.13
CA TRP F 256 32.72 27.30 -36.22
C TRP F 256 32.48 28.19 -37.45
N SER F 257 31.19 28.38 -37.81
CA SER F 257 30.77 29.21 -38.93
C SER F 257 31.35 30.63 -38.83
N VAL F 258 31.47 31.15 -37.61
CA VAL F 258 32.01 32.46 -37.28
C VAL F 258 33.50 32.50 -37.53
N GLY F 259 34.21 31.42 -37.18
CA GLY F 259 35.65 31.34 -37.47
C GLY F 259 35.92 31.40 -38.97
N VAL F 260 35.07 30.67 -39.73
CA VAL F 260 35.10 30.59 -41.18
C VAL F 260 34.78 31.96 -41.81
N PHE F 261 33.72 32.64 -41.30
CA PHE F 261 33.30 33.96 -41.76
C PHE F 261 34.42 34.96 -41.60
N LEU F 262 35.06 34.99 -40.44
CA LEU F 262 36.16 35.90 -40.19
C LEU F 262 37.35 35.60 -41.11
N TYR F 263 37.62 34.32 -41.38
CA TYR F 263 38.69 33.93 -42.30
C TYR F 263 38.34 34.43 -43.72
N GLU F 264 37.13 34.13 -44.24
CA GLU F 264 36.73 34.58 -45.58
C GLU F 264 36.81 36.11 -45.71
N MET F 265 36.46 36.84 -44.65
CA MET F 265 36.52 38.30 -44.68
C MET F 265 37.93 38.86 -44.82
N LEU F 266 38.86 38.34 -44.02
CA LEU F 266 40.23 38.83 -44.01
C LEU F 266 41.12 38.29 -45.11
N VAL F 267 41.01 36.99 -45.39
CA VAL F 267 41.81 36.32 -46.38
C VAL F 267 41.26 36.47 -47.82
N GLY F 268 39.94 36.51 -47.96
CA GLY F 268 39.32 36.62 -49.29
C GLY F 268 38.87 35.30 -49.89
N ASP F 269 39.17 34.20 -49.23
CA ASP F 269 38.78 32.86 -49.67
C ASP F 269 38.35 32.06 -48.43
N THR F 270 37.60 30.95 -48.60
CA THR F 270 37.20 30.14 -47.44
C THR F 270 38.36 29.24 -46.98
N PRO F 271 38.48 28.97 -45.66
CA PRO F 271 39.64 28.21 -45.17
C PRO F 271 39.79 26.79 -45.68
N PHE F 272 38.68 26.15 -46.05
CA PHE F 272 38.72 24.78 -46.52
C PHE F 272 38.20 24.64 -47.94
N TYR F 273 38.46 25.65 -48.77
CA TYR F 273 38.02 25.63 -50.14
C TYR F 273 38.75 24.55 -50.94
N ALA F 274 38.00 23.81 -51.72
CA ALA F 274 38.52 22.84 -52.67
C ALA F 274 37.56 22.81 -53.90
N ASP F 275 38.05 22.29 -55.03
CA ASP F 275 37.27 22.21 -56.27
C ASP F 275 36.07 21.25 -56.13
N SER F 276 36.21 20.14 -55.38
CA SER F 276 35.11 19.17 -55.20
C SER F 276 34.43 19.26 -53.84
N LEU F 277 33.20 18.71 -53.73
CA LEU F 277 32.51 18.72 -52.44
C LEU F 277 33.22 17.76 -51.48
N VAL F 278 33.67 16.59 -51.97
CA VAL F 278 34.39 15.62 -51.15
C VAL F 278 35.74 16.17 -50.63
N GLY F 279 36.36 17.03 -51.44
CA GLY F 279 37.62 17.70 -51.12
C GLY F 279 37.49 18.77 -50.07
N THR F 280 36.41 19.54 -50.11
CA THR F 280 36.13 20.56 -49.11
C THR F 280 35.86 19.85 -47.76
N TYR F 281 35.12 18.73 -47.78
CA TYR F 281 34.84 17.97 -46.57
C TYR F 281 36.10 17.34 -46.04
N SER F 282 36.99 16.86 -46.91
CA SER F 282 38.23 16.24 -46.47
C SER F 282 39.11 17.25 -45.71
N LYS F 283 39.17 18.49 -46.24
CA LYS F 283 39.93 19.57 -45.64
C LYS F 283 39.31 19.98 -44.29
N ILE F 284 37.98 19.97 -44.17
CA ILE F 284 37.30 20.31 -42.92
C ILE F 284 37.64 19.30 -41.86
N MET F 285 37.64 18.00 -42.21
CA MET F 285 37.92 16.93 -41.26
C MET F 285 39.36 17.02 -40.73
N ASP F 286 40.30 17.33 -41.65
CA ASP F 286 41.72 17.46 -41.35
C ASP F 286 42.07 18.92 -40.99
N HIS F 287 41.15 19.66 -40.35
CA HIS F 287 41.39 21.08 -40.03
C HIS F 287 42.64 21.35 -39.19
N LYS F 288 43.10 20.34 -38.44
CA LYS F 288 44.30 20.47 -37.63
C LYS F 288 45.51 20.75 -38.53
N ASN F 289 45.57 20.11 -39.72
CA ASN F 289 46.68 20.27 -40.65
C ASN F 289 46.35 21.11 -41.90
N SER F 290 45.06 21.25 -42.24
CA SER F 290 44.65 21.95 -43.46
C SER F 290 44.45 23.44 -43.34
N LEU F 291 44.26 23.92 -42.11
CA LEU F 291 44.08 25.34 -41.92
C LEU F 291 45.41 26.05 -41.92
N CYS F 292 45.65 26.90 -42.90
CA CYS F 292 46.87 27.70 -42.92
C CYS F 292 46.63 29.02 -43.63
N PHE F 293 47.20 30.08 -43.07
CA PHE F 293 47.01 31.42 -43.58
C PHE F 293 48.01 31.71 -44.67
N PRO F 294 47.54 32.20 -45.82
CA PRO F 294 48.47 32.55 -46.90
C PRO F 294 49.48 33.61 -46.48
N GLU F 295 50.72 33.52 -47.01
CA GLU F 295 51.76 34.46 -46.64
C GLU F 295 51.47 35.90 -47.10
N ASP F 296 50.63 36.05 -48.16
CA ASP F 296 50.19 37.35 -48.70
C ASP F 296 48.87 37.89 -48.08
N ALA F 297 48.31 37.19 -47.10
CA ALA F 297 47.07 37.62 -46.44
C ALA F 297 47.35 38.64 -45.38
N GLU F 298 46.67 39.80 -45.40
CA GLU F 298 46.87 40.85 -44.38
C GLU F 298 46.00 40.64 -43.14
N ILE F 299 46.57 39.96 -42.12
CA ILE F 299 45.85 39.57 -40.91
C ILE F 299 46.77 39.67 -39.69
N SER F 300 46.27 40.23 -38.57
CA SER F 300 47.05 40.37 -37.32
C SER F 300 47.18 39.05 -36.56
N LYS F 301 48.07 39.01 -35.56
CA LYS F 301 48.25 37.81 -34.74
C LYS F 301 46.98 37.53 -33.94
N HIS F 302 46.31 38.58 -33.40
CA HIS F 302 45.05 38.45 -32.65
C HIS F 302 43.93 37.90 -33.52
N ALA F 303 43.83 38.38 -34.75
CA ALA F 303 42.83 37.92 -35.69
C ALA F 303 43.08 36.44 -36.01
N LYS F 304 44.36 36.06 -36.28
CA LYS F 304 44.76 34.69 -36.59
C LYS F 304 44.46 33.76 -35.43
N ASN F 305 44.77 34.21 -34.21
CA ASN F 305 44.59 33.46 -32.98
C ASN F 305 43.12 33.26 -32.64
N LEU F 306 42.23 34.21 -32.99
CA LEU F 306 40.79 34.04 -32.75
C LEU F 306 40.22 33.04 -33.73
N ILE F 307 40.56 33.13 -35.03
CA ILE F 307 40.09 32.16 -36.04
C ILE F 307 40.47 30.73 -35.61
N CYS F 308 41.67 30.57 -35.03
CA CYS F 308 42.16 29.28 -34.61
C CYS F 308 41.46 28.76 -33.37
N ALA F 309 40.96 29.64 -32.49
CA ALA F 309 40.20 29.24 -31.31
C ALA F 309 38.78 28.79 -31.67
N PHE F 310 38.24 29.30 -32.78
CA PHE F 310 36.90 28.91 -33.23
C PHE F 310 36.98 27.65 -34.08
N LEU F 311 38.04 27.50 -34.89
CA LEU F 311 38.19 26.36 -35.77
C LEU F 311 39.02 25.23 -35.11
N THR F 312 38.51 24.68 -34.01
CA THR F 312 39.08 23.55 -33.26
C THR F 312 38.01 22.42 -33.15
N ASP F 313 38.33 21.28 -32.50
CA ASP F 313 37.33 20.24 -32.23
C ASP F 313 36.34 20.81 -31.21
N ARG F 314 35.06 20.47 -31.35
CA ARG F 314 33.98 20.99 -30.52
C ARG F 314 34.22 21.03 -29.02
N GLU F 315 34.99 20.09 -28.48
CA GLU F 315 35.26 19.98 -27.04
C GLU F 315 36.04 21.15 -26.43
N VAL F 316 36.95 21.71 -27.22
CA VAL F 316 37.78 22.80 -26.76
C VAL F 316 37.52 24.12 -27.55
N ARG F 317 36.39 24.21 -28.30
CA ARG F 317 36.05 25.38 -29.11
C ARG F 317 35.66 26.60 -28.32
N LEU F 318 35.99 27.79 -28.82
CA LEU F 318 35.67 29.05 -28.17
C LEU F 318 34.16 29.30 -28.34
N GLY F 319 33.49 29.61 -27.24
CA GLY F 319 32.05 29.74 -27.24
C GLY F 319 31.34 28.52 -26.64
N ARG F 320 32.12 27.46 -26.27
CA ARG F 320 31.62 26.23 -25.63
C ARG F 320 31.00 26.60 -24.27
N ASN F 321 31.70 27.46 -23.50
CA ASN F 321 31.26 27.98 -22.20
C ASN F 321 30.58 29.37 -22.34
N GLY F 322 29.82 29.59 -23.41
CA GLY F 322 29.16 30.88 -23.64
C GLY F 322 29.94 32.05 -24.25
N VAL F 323 29.18 33.15 -24.54
CA VAL F 323 29.61 34.40 -25.19
C VAL F 323 30.64 35.25 -24.44
N GLU F 324 30.73 35.19 -23.09
CA GLU F 324 31.66 36.06 -22.34
C GLU F 324 33.16 35.81 -22.64
N GLU F 325 33.58 34.58 -23.02
CA GLU F 325 35.00 34.29 -23.33
C GLU F 325 35.41 34.84 -24.71
N ILE F 326 34.45 34.92 -25.65
CA ILE F 326 34.62 35.50 -27.00
C ILE F 326 34.65 37.05 -26.87
N ARG F 327 33.78 37.59 -26.01
CA ARG F 327 33.65 39.02 -25.78
C ARG F 327 34.93 39.67 -25.39
N GLN F 328 35.76 38.98 -24.60
CA GLN F 328 37.01 39.56 -24.19
C GLN F 328 38.23 39.03 -24.97
N HIS F 329 38.04 38.46 -26.20
CA HIS F 329 39.21 38.04 -26.99
C HIS F 329 39.94 39.29 -27.43
N PRO F 330 41.30 39.29 -27.36
CA PRO F 330 42.05 40.51 -27.68
C PRO F 330 41.77 41.13 -29.03
N PHE F 331 41.34 40.32 -30.01
CA PHE F 331 41.02 40.78 -31.36
C PHE F 331 40.05 41.96 -31.36
N PHE F 332 38.97 41.88 -30.56
CA PHE F 332 37.96 42.93 -30.54
C PHE F 332 38.33 44.17 -29.73
N LYS F 333 39.59 44.35 -29.33
CA LYS F 333 39.99 45.58 -28.64
C LYS F 333 40.16 46.66 -29.73
N ASN F 334 39.43 47.79 -29.62
CA ASN F 334 39.46 48.87 -30.61
C ASN F 334 39.13 50.25 -29.96
N ASP F 335 39.30 51.34 -30.71
CA ASP F 335 39.02 52.69 -30.17
C ASP F 335 37.71 53.31 -30.69
N GLN F 336 36.80 52.51 -31.24
CA GLN F 336 35.57 53.03 -31.85
C GLN F 336 34.29 52.65 -31.12
N TRP F 337 34.12 51.36 -30.78
CA TRP F 337 32.91 50.86 -30.14
C TRP F 337 33.19 49.96 -28.93
N HIS F 338 32.16 49.72 -28.14
CA HIS F 338 32.13 48.80 -27.00
C HIS F 338 31.00 47.80 -27.28
N TRP F 339 30.98 46.65 -26.59
CA TRP F 339 29.91 45.69 -26.82
C TRP F 339 28.53 46.25 -26.48
N ASP F 340 28.47 47.20 -25.54
CA ASP F 340 27.20 47.80 -25.09
C ASP F 340 26.67 48.91 -26.01
N ASN F 341 27.38 49.26 -27.09
CA ASN F 341 26.91 50.33 -27.97
C ASN F 341 27.24 50.17 -29.44
N ILE F 342 27.93 49.09 -29.85
CA ILE F 342 28.36 48.92 -31.23
C ILE F 342 27.26 49.20 -32.29
N ARG F 343 26.01 48.77 -32.05
CA ARG F 343 24.92 48.98 -33.01
C ARG F 343 24.44 50.44 -33.11
N GLU F 344 24.87 51.31 -32.19
CA GLU F 344 24.56 52.73 -32.27
C GLU F 344 25.77 53.58 -32.69
N THR F 345 26.91 52.94 -33.08
CA THR F 345 28.10 53.60 -33.62
C THR F 345 28.00 53.61 -35.16
N ALA F 346 28.84 54.40 -35.86
CA ALA F 346 28.77 54.46 -37.31
C ALA F 346 29.32 53.20 -37.97
N ALA F 347 28.51 52.59 -38.87
CA ALA F 347 28.89 51.39 -39.59
C ALA F 347 29.97 51.66 -40.63
N PRO F 348 30.81 50.66 -41.01
CA PRO F 348 31.87 50.90 -42.01
C PRO F 348 31.36 51.35 -43.38
N VAL F 349 30.29 50.72 -43.87
CA VAL F 349 29.70 51.05 -45.15
C VAL F 349 28.25 51.40 -44.93
N VAL F 350 27.88 52.64 -45.26
CA VAL F 350 26.50 53.08 -45.12
C VAL F 350 25.85 53.09 -46.50
N PRO F 351 24.69 52.39 -46.65
CA PRO F 351 24.03 52.36 -47.96
C PRO F 351 23.61 53.74 -48.47
N GLU F 352 23.85 54.00 -49.77
CA GLU F 352 23.44 55.27 -50.41
C GLU F 352 22.27 54.86 -51.29
N LEU F 353 21.04 55.08 -50.76
CA LEU F 353 19.85 54.65 -51.48
C LEU F 353 19.13 55.84 -52.10
N SER F 354 18.67 55.67 -53.35
CA SER F 354 18.00 56.71 -54.10
C SER F 354 16.48 56.84 -53.79
N SER F 355 15.83 55.72 -53.37
CA SER F 355 14.40 55.70 -53.05
C SER F 355 14.05 54.60 -52.03
N ASP F 356 12.77 54.55 -51.57
CA ASP F 356 12.29 53.50 -50.66
C ASP F 356 12.24 52.09 -51.31
N ILE F 357 12.35 52.00 -52.63
CA ILE F 357 12.39 50.75 -53.37
C ILE F 357 13.73 50.50 -54.08
N ASP F 358 14.81 51.19 -53.66
CA ASP F 358 16.12 50.98 -54.24
C ASP F 358 16.60 49.59 -53.79
N SER F 359 16.71 48.65 -54.72
CA SER F 359 17.18 47.28 -54.45
C SER F 359 18.51 47.01 -55.15
N SER F 360 19.37 48.04 -55.21
CA SER F 360 20.65 47.99 -55.89
C SER F 360 21.69 47.12 -55.19
N ASN F 361 21.50 46.83 -53.90
CA ASN F 361 22.44 45.95 -53.19
C ASN F 361 22.02 44.47 -53.26
N PHE F 362 21.10 44.14 -54.18
CA PHE F 362 20.62 42.81 -54.42
C PHE F 362 20.76 42.54 -55.91
N ASP F 363 21.32 41.37 -56.25
CA ASP F 363 21.48 40.97 -57.62
C ASP F 363 20.13 40.70 -58.27
N ASP F 364 20.09 40.75 -59.61
CA ASP F 364 18.87 40.46 -60.34
C ASP F 364 18.63 38.94 -60.26
N ILE F 365 17.35 38.53 -60.10
CA ILE F 365 17.04 37.12 -59.99
C ILE F 365 16.43 36.58 -61.29
N GLU F 366 16.91 35.39 -61.74
CA GLU F 366 16.40 34.68 -62.94
C GLU F 366 15.19 33.79 -62.56
N ASP F 367 14.16 33.76 -63.44
CA ASP F 367 12.92 32.98 -63.26
C ASP F 367 13.10 31.43 -63.33
N VAL F 372 5.09 25.85 -62.41
CA VAL F 372 4.52 26.01 -61.08
C VAL F 372 3.57 24.86 -60.71
N GLU F 373 4.09 23.75 -60.15
CA GLU F 373 3.30 22.55 -59.79
C GLU F 373 2.18 22.82 -58.73
N THR F 374 0.92 22.54 -59.12
CA THR F 374 -0.26 22.72 -58.27
C THR F 374 -0.71 21.39 -57.61
N PHE F 375 -1.54 21.47 -56.56
CA PHE F 375 -2.07 20.28 -55.88
C PHE F 375 -3.10 19.57 -56.76
N PRO F 376 -3.10 18.22 -56.80
CA PRO F 376 -4.09 17.51 -57.65
C PRO F 376 -5.48 17.50 -57.03
N ILE F 377 -6.55 17.79 -57.82
CA ILE F 377 -7.92 17.79 -57.29
C ILE F 377 -8.27 16.37 -56.76
N PRO F 378 -8.59 16.25 -55.46
CA PRO F 378 -8.74 14.91 -54.89
C PRO F 378 -10.14 14.28 -54.97
N LYS F 379 -10.14 12.95 -54.87
CA LYS F 379 -11.34 12.13 -54.89
C LYS F 379 -11.90 11.98 -53.46
N ALA F 380 -10.98 11.80 -52.49
CA ALA F 380 -11.30 11.68 -51.06
C ALA F 380 -10.55 12.77 -50.25
N PHE F 381 -10.97 13.01 -48.98
CA PHE F 381 -10.34 14.01 -48.11
C PHE F 381 -8.87 13.72 -47.90
N VAL F 382 -8.01 14.68 -48.25
CA VAL F 382 -6.56 14.54 -48.12
C VAL F 382 -6.02 15.38 -46.98
N GLY F 383 -6.60 16.57 -46.79
CA GLY F 383 -6.20 17.48 -45.73
C GLY F 383 -4.86 18.13 -45.93
N ASN F 384 -4.60 18.70 -47.12
CA ASN F 384 -3.33 19.37 -47.43
C ASN F 384 -3.17 20.72 -46.73
N GLN F 385 -4.27 21.34 -46.27
CA GLN F 385 -4.20 22.61 -45.54
C GLN F 385 -3.99 22.45 -44.05
N LEU F 386 -4.21 21.24 -43.50
CA LEU F 386 -4.06 20.95 -42.08
C LEU F 386 -2.73 21.32 -41.44
N PRO F 387 -1.56 21.10 -42.10
CA PRO F 387 -0.27 21.45 -41.44
C PRO F 387 0.05 22.95 -41.32
N PHE F 388 -0.83 23.80 -41.91
CA PHE F 388 -0.70 25.26 -41.96
C PHE F 388 -1.71 26.01 -41.06
N ILE F 389 -2.57 25.29 -40.31
CA ILE F 389 -3.53 25.95 -39.43
C ILE F 389 -2.76 26.61 -38.28
N GLY F 390 -2.92 27.93 -38.15
CA GLY F 390 -2.26 28.69 -37.09
C GLY F 390 -1.10 29.54 -37.57
N PHE F 391 -0.84 29.54 -38.88
CA PHE F 391 0.26 30.31 -39.43
C PHE F 391 -0.05 31.79 -39.41
N THR F 392 -1.33 32.18 -39.66
CA THR F 392 -1.70 33.60 -39.68
C THR F 392 -1.38 34.31 -38.36
N TYR F 393 -0.70 35.45 -38.47
CA TYR F 393 -0.32 36.29 -37.35
C TYR F 393 -0.41 37.75 -37.79
N TYR F 394 -1.11 38.58 -36.99
CA TYR F 394 -1.20 40.00 -37.31
C TYR F 394 -0.61 40.76 -36.13
N ARG F 395 0.40 41.61 -36.38
CA ARG F 395 1.02 42.39 -35.31
C ARG F 395 0.00 43.46 -34.88
N GLY G 1 -20.83 -25.38 15.21
CA GLY G 1 -21.89 -24.50 14.69
C GLY G 1 -21.35 -23.24 14.04
N ALA G 2 -21.06 -22.19 14.84
CA ALA G 2 -20.46 -20.92 14.36
C ALA G 2 -19.00 -21.13 13.84
N SER G 3 -18.51 -22.38 13.87
CA SER G 3 -17.25 -22.74 13.25
C SER G 3 -17.46 -22.64 11.74
N ARG G 4 -18.68 -22.95 11.21
CA ARG G 4 -18.99 -22.77 9.80
C ARG G 4 -18.92 -21.28 9.42
N GLN G 5 -19.48 -20.39 10.26
CA GLN G 5 -19.44 -18.95 9.99
C GLN G 5 -18.02 -18.41 10.06
N ARG G 6 -17.18 -18.98 10.92
CA ARG G 6 -15.79 -18.59 11.08
C ARG G 6 -14.98 -19.04 9.86
N LYS G 7 -15.24 -20.28 9.37
CA LYS G 7 -14.59 -20.86 8.19
C LYS G 7 -14.87 -20.00 6.99
N LEU G 8 -16.14 -19.57 6.83
CA LEU G 8 -16.60 -18.75 5.72
C LEU G 8 -16.06 -17.33 5.79
N GLU G 9 -16.01 -16.73 6.98
CA GLU G 9 -15.47 -15.38 7.14
C GLU G 9 -13.99 -15.33 6.79
N ALA G 10 -13.25 -16.44 7.02
CA ALA G 10 -11.83 -16.54 6.70
C ALA G 10 -11.60 -16.55 5.18
N LEU G 11 -12.43 -17.28 4.42
CA LEU G 11 -12.32 -17.37 2.97
C LEU G 11 -12.49 -15.99 2.35
N ILE G 12 -13.44 -15.21 2.83
CA ILE G 12 -13.71 -13.89 2.27
C ILE G 12 -12.61 -12.86 2.62
N ARG G 13 -11.85 -13.10 3.72
CA ARG G 13 -10.73 -12.21 4.10
C ARG G 13 -9.45 -12.49 3.29
N ASP G 14 -9.21 -13.77 2.96
CA ASP G 14 -8.05 -14.24 2.22
C ASP G 14 -7.93 -13.54 0.86
N PRO G 15 -6.81 -12.81 0.63
CA PRO G 15 -6.64 -12.13 -0.66
C PRO G 15 -6.36 -13.08 -1.84
N ARG G 16 -5.95 -14.31 -1.57
CA ARG G 16 -5.73 -15.30 -2.64
C ARG G 16 -7.05 -16.06 -2.97
N SER G 17 -8.14 -15.85 -2.19
CA SER G 17 -9.41 -16.53 -2.36
C SER G 17 -10.24 -15.97 -3.51
N PRO G 18 -10.86 -16.84 -4.31
CA PRO G 18 -11.70 -16.36 -5.41
C PRO G 18 -12.98 -15.68 -4.95
N ILE G 19 -13.38 -15.90 -3.68
CA ILE G 19 -14.58 -15.28 -3.15
C ILE G 19 -14.26 -14.17 -2.15
N ASN G 20 -13.11 -13.47 -2.31
CA ASN G 20 -12.82 -12.31 -1.46
C ASN G 20 -13.75 -11.14 -1.86
N VAL G 21 -13.80 -10.06 -1.07
CA VAL G 21 -14.75 -8.97 -1.36
C VAL G 21 -14.53 -8.27 -2.71
N GLU G 22 -13.29 -8.12 -3.14
CA GLU G 22 -13.02 -7.48 -4.44
C GLU G 22 -13.53 -8.36 -5.58
N SER G 23 -13.36 -9.68 -5.44
CA SER G 23 -13.81 -10.64 -6.43
C SER G 23 -15.32 -10.83 -6.45
N LEU G 24 -16.00 -10.62 -5.30
CA LEU G 24 -17.45 -10.68 -5.20
C LEU G 24 -18.07 -9.41 -5.85
N LEU G 25 -17.41 -8.27 -5.74
CA LEU G 25 -17.82 -7.03 -6.38
C LEU G 25 -17.58 -7.12 -7.91
N ASP G 26 -16.59 -7.90 -8.33
CA ASP G 26 -16.32 -8.13 -9.74
C ASP G 26 -17.47 -8.92 -10.33
N GLY G 27 -17.96 -9.91 -9.61
CA GLY G 27 -19.10 -10.70 -10.03
C GLY G 27 -20.35 -9.87 -10.24
N LEU G 28 -20.63 -8.93 -9.33
CA LEU G 28 -21.79 -8.07 -9.47
C LEU G 28 -21.62 -7.14 -10.65
N ASN G 29 -20.45 -6.53 -10.79
CA ASN G 29 -20.17 -5.59 -11.87
C ASN G 29 -20.25 -6.25 -13.24
N SER G 30 -19.71 -7.49 -13.39
CA SER G 30 -19.71 -8.26 -14.62
C SER G 30 -21.09 -8.71 -15.02
N LEU G 31 -21.95 -9.00 -14.03
CA LEU G 31 -23.32 -9.42 -14.26
C LEU G 31 -24.10 -8.24 -14.79
N VAL G 32 -23.92 -7.04 -14.24
CA VAL G 32 -24.61 -5.85 -14.72
C VAL G 32 -24.11 -5.49 -16.12
N LEU G 33 -22.82 -5.58 -16.36
CA LEU G 33 -22.24 -5.24 -17.67
C LEU G 33 -22.77 -6.15 -18.78
N ASP G 34 -22.94 -7.44 -18.47
CA ASP G 34 -23.42 -8.42 -19.45
C ASP G 34 -24.91 -8.54 -19.60
N LEU G 35 -25.69 -7.78 -18.83
CA LEU G 35 -27.15 -7.83 -18.91
C LEU G 35 -27.73 -6.51 -19.37
N ASP G 36 -27.03 -5.37 -19.18
CA ASP G 36 -27.58 -4.07 -19.56
C ASP G 36 -27.52 -3.80 -21.06
N PHE G 37 -28.38 -4.46 -21.80
CA PHE G 37 -28.59 -4.33 -23.25
C PHE G 37 -30.11 -4.35 -23.44
N PRO G 38 -30.66 -3.46 -24.28
CA PRO G 38 -32.13 -3.39 -24.41
C PRO G 38 -32.79 -4.67 -24.96
N ALA G 39 -32.01 -5.51 -25.67
CA ALA G 39 -32.49 -6.78 -26.18
C ALA G 39 -32.72 -7.74 -25.01
N LEU G 40 -31.79 -7.77 -24.06
CA LEU G 40 -31.86 -8.65 -22.89
C LEU G 40 -32.84 -8.13 -21.87
N ARG G 41 -32.84 -6.80 -21.66
CA ARG G 41 -33.74 -6.10 -20.74
C ARG G 41 -35.23 -6.30 -21.05
N LYS G 42 -35.59 -6.96 -22.17
CA LYS G 42 -36.97 -7.27 -22.50
C LYS G 42 -37.52 -8.29 -21.48
N ASN G 43 -36.63 -9.16 -20.92
CA ASN G 43 -36.88 -10.16 -19.88
C ASN G 43 -37.23 -9.39 -18.59
N LYS G 44 -38.37 -9.72 -17.92
CA LYS G 44 -38.77 -9.03 -16.70
C LYS G 44 -37.75 -9.23 -15.57
N ASN G 45 -37.25 -10.48 -15.38
CA ASN G 45 -36.25 -10.80 -14.35
C ASN G 45 -35.02 -9.90 -14.46
N ILE G 46 -34.49 -9.78 -15.69
CA ILE G 46 -33.33 -8.96 -16.00
C ILE G 46 -33.60 -7.46 -15.84
N ASP G 47 -34.72 -6.97 -16.39
CA ASP G 47 -35.02 -5.54 -16.28
C ASP G 47 -35.22 -5.11 -14.83
N ASN G 48 -35.88 -5.95 -14.03
CA ASN G 48 -36.13 -5.61 -12.63
C ASN G 48 -34.87 -5.68 -11.77
N PHE G 49 -33.99 -6.68 -12.02
CA PHE G 49 -32.72 -6.82 -11.30
C PHE G 49 -31.86 -5.60 -11.58
N LEU G 50 -31.72 -5.21 -12.86
CA LEU G 50 -30.92 -4.05 -13.26
C LEU G 50 -31.47 -2.75 -12.69
N ASN G 51 -32.78 -2.66 -12.52
CA ASN G 51 -33.40 -1.46 -11.95
C ASN G 51 -33.05 -1.34 -10.46
N ARG G 52 -33.04 -2.48 -9.74
CA ARG G 52 -32.71 -2.51 -8.32
C ARG G 52 -31.27 -2.10 -8.04
N TYR G 53 -30.33 -2.63 -8.83
CA TYR G 53 -28.92 -2.38 -8.61
C TYR G 53 -28.34 -1.21 -9.43
N GLU G 54 -29.16 -0.48 -10.19
CA GLU G 54 -28.67 0.63 -11.00
C GLU G 54 -27.97 1.72 -10.16
N LYS G 55 -28.64 2.19 -9.08
CA LYS G 55 -28.09 3.24 -8.22
C LYS G 55 -26.79 2.83 -7.53
N ILE G 56 -26.80 1.66 -6.85
CA ILE G 56 -25.64 1.17 -6.13
C ILE G 56 -24.44 0.87 -7.04
N VAL G 57 -24.69 0.37 -8.26
CA VAL G 57 -23.60 0.08 -9.18
C VAL G 57 -23.01 1.38 -9.76
N LYS G 58 -23.81 2.46 -9.86
CA LYS G 58 -23.29 3.76 -10.30
C LYS G 58 -22.36 4.28 -9.21
N LYS G 59 -22.80 4.17 -7.94
CA LYS G 59 -22.06 4.59 -6.74
C LYS G 59 -20.71 3.84 -6.60
N ILE G 60 -20.72 2.49 -6.77
CA ILE G 60 -19.56 1.59 -6.67
C ILE G 60 -18.51 1.90 -7.72
N ARG G 61 -18.93 2.17 -8.96
CA ARG G 61 -18.00 2.50 -10.04
C ARG G 61 -17.27 3.80 -9.78
N GLY G 62 -17.97 4.77 -9.19
CA GLY G 62 -17.39 6.06 -8.84
C GLY G 62 -16.36 5.96 -7.74
N LEU G 63 -16.59 5.05 -6.79
CA LEU G 63 -15.67 4.85 -5.67
C LEU G 63 -14.45 4.00 -6.03
N GLN G 64 -14.64 2.92 -6.80
CA GLN G 64 -13.55 2.02 -7.14
C GLN G 64 -12.53 2.63 -8.07
N MET G 65 -11.31 2.08 -8.04
CA MET G 65 -10.21 2.55 -8.88
C MET G 65 -10.54 2.38 -10.35
N LYS G 66 -10.24 3.40 -11.15
CA LYS G 66 -10.53 3.44 -12.58
C LYS G 66 -9.41 4.10 -13.39
N ALA G 67 -9.37 3.86 -14.71
CA ALA G 67 -8.34 4.45 -15.56
C ALA G 67 -8.33 5.98 -15.54
N GLU G 68 -9.49 6.61 -15.26
CA GLU G 68 -9.58 8.07 -15.16
C GLU G 68 -8.81 8.63 -13.95
N ASP G 69 -8.48 7.78 -12.94
CA ASP G 69 -7.70 8.19 -11.77
C ASP G 69 -6.22 8.45 -12.08
N TYR G 70 -5.74 8.08 -13.29
CA TYR G 70 -4.34 8.18 -13.72
C TYR G 70 -4.19 9.04 -14.95
N ASP G 71 -3.03 9.70 -15.09
CA ASP G 71 -2.71 10.49 -16.25
C ASP G 71 -1.69 9.72 -17.07
N VAL G 72 -1.92 9.53 -18.37
CA VAL G 72 -0.95 8.81 -19.21
C VAL G 72 0.15 9.73 -19.68
N VAL G 73 1.38 9.41 -19.31
CA VAL G 73 2.58 10.17 -19.64
C VAL G 73 3.16 9.74 -20.98
N LYS G 74 3.30 8.42 -21.22
CA LYS G 74 3.87 7.91 -22.47
C LYS G 74 3.64 6.39 -22.58
N VAL G 75 3.63 5.83 -23.79
CA VAL G 75 3.54 4.37 -23.95
C VAL G 75 4.98 3.88 -23.99
N ILE G 76 5.41 3.11 -22.99
CA ILE G 76 6.80 2.65 -22.94
C ILE G 76 6.99 1.19 -23.39
N GLY G 77 5.91 0.54 -23.80
CA GLY G 77 5.97 -0.84 -24.27
C GLY G 77 4.69 -1.23 -24.97
N ARG G 78 4.79 -2.13 -25.93
CA ARG G 78 3.63 -2.62 -26.66
C ARG G 78 3.85 -4.10 -26.85
N GLY G 79 2.79 -4.87 -26.63
CA GLY G 79 2.86 -6.32 -26.71
C GLY G 79 1.67 -6.96 -27.39
N ALA G 80 1.60 -8.28 -27.27
CA ALA G 80 0.58 -9.12 -27.88
C ALA G 80 -0.87 -8.61 -27.69
N PHE G 81 -1.34 -8.52 -26.43
CA PHE G 81 -2.70 -8.11 -26.20
C PHE G 81 -2.86 -6.72 -25.61
N GLY G 82 -1.84 -5.88 -25.69
CA GLY G 82 -1.95 -4.53 -25.15
C GLY G 82 -0.70 -3.68 -25.20
N GLU G 83 -0.53 -2.88 -24.14
CA GLU G 83 0.56 -1.93 -24.03
C GLU G 83 0.85 -1.59 -22.57
N VAL G 84 2.05 -1.07 -22.31
CA VAL G 84 2.47 -0.63 -21.00
C VAL G 84 2.60 0.88 -21.05
N GLN G 85 1.93 1.59 -20.16
CA GLN G 85 1.97 3.04 -20.17
C GLN G 85 2.61 3.57 -18.94
N LEU G 86 3.45 4.58 -19.08
CA LEU G 86 4.03 5.28 -17.92
C LEU G 86 2.91 6.23 -17.46
N VAL G 87 2.38 6.05 -16.25
CA VAL G 87 1.26 6.87 -15.76
C VAL G 87 1.56 7.51 -14.41
N ARG G 88 0.85 8.58 -14.08
CA ARG G 88 1.00 9.24 -12.78
C ARG G 88 -0.36 9.25 -12.13
N HIS G 89 -0.50 8.72 -10.89
CA HIS G 89 -1.78 8.72 -10.19
C HIS G 89 -2.19 10.16 -9.87
N LYS G 90 -3.33 10.61 -10.41
CA LYS G 90 -3.83 11.98 -10.24
C LYS G 90 -3.89 12.45 -8.80
N ALA G 91 -4.41 11.64 -7.90
CA ALA G 91 -4.55 12.03 -6.50
C ALA G 91 -3.21 12.09 -5.69
N SER G 92 -2.41 11.00 -5.71
CA SER G 92 -1.16 10.90 -4.94
C SER G 92 0.06 11.50 -5.63
N GLN G 93 -0.02 11.72 -6.94
CA GLN G 93 1.08 12.22 -7.78
C GLN G 93 2.19 11.19 -8.02
N LYS G 94 2.02 9.95 -7.50
CA LYS G 94 2.99 8.85 -7.61
C LYS G 94 3.03 8.29 -9.03
N VAL G 95 4.25 7.98 -9.53
CA VAL G 95 4.40 7.44 -10.89
C VAL G 95 4.48 5.89 -10.92
N TYR G 96 3.72 5.27 -11.82
CA TYR G 96 3.73 3.83 -11.98
C TYR G 96 3.85 3.42 -13.47
N ALA G 97 4.02 2.14 -13.72
CA ALA G 97 3.98 1.58 -15.07
C ALA G 97 2.69 0.77 -15.08
N MET G 98 1.77 1.04 -16.00
CA MET G 98 0.49 0.36 -16.06
C MET G 98 0.33 -0.51 -17.31
N LYS G 99 0.20 -1.83 -17.11
CA LYS G 99 0.01 -2.75 -18.22
C LYS G 99 -1.51 -2.86 -18.52
N LEU G 100 -1.91 -2.71 -19.80
CA LEU G 100 -3.30 -2.82 -20.24
C LEU G 100 -3.45 -4.05 -21.12
N LEU G 101 -4.57 -4.78 -21.00
CA LEU G 101 -4.81 -5.96 -21.81
C LEU G 101 -6.20 -5.85 -22.37
N SER G 102 -6.34 -5.91 -23.71
CA SER G 102 -7.65 -5.85 -24.36
C SER G 102 -8.47 -7.11 -24.06
N LYS G 103 -9.67 -6.91 -23.47
CA LYS G 103 -10.56 -8.03 -23.16
C LYS G 103 -11.04 -8.67 -24.48
N PHE G 104 -11.37 -7.80 -25.45
CA PHE G 104 -11.81 -8.23 -26.77
C PHE G 104 -10.78 -9.16 -27.46
N GLU G 105 -9.50 -8.74 -27.54
CA GLU G 105 -8.47 -9.53 -28.18
C GLU G 105 -8.23 -10.84 -27.46
N MET G 106 -8.25 -10.84 -26.13
CA MET G 106 -8.01 -12.06 -25.37
C MET G 106 -9.13 -13.08 -25.58
N ILE G 107 -10.38 -12.61 -25.75
CA ILE G 107 -11.49 -13.52 -26.01
C ILE G 107 -11.35 -14.03 -27.44
N LYS G 108 -11.27 -13.11 -28.43
CA LYS G 108 -11.11 -13.41 -29.86
C LYS G 108 -9.96 -14.39 -30.14
N ARG G 109 -8.73 -14.04 -29.76
CA ARG G 109 -7.57 -14.90 -29.98
C ARG G 109 -7.46 -16.03 -28.96
N SER G 110 -8.62 -16.49 -28.41
CA SER G 110 -8.82 -17.59 -27.43
C SER G 110 -7.65 -17.84 -26.44
N ASP G 111 -7.00 -16.76 -25.98
CA ASP G 111 -5.91 -16.80 -25.02
C ASP G 111 -6.37 -15.92 -23.86
N SER G 112 -7.04 -16.52 -22.84
CA SER G 112 -7.61 -15.73 -21.74
C SER G 112 -7.36 -16.31 -20.33
N ALA G 113 -6.19 -16.89 -20.08
CA ALA G 113 -5.87 -17.45 -18.76
C ALA G 113 -4.45 -17.12 -18.29
N PHE G 114 -3.59 -16.66 -19.21
CA PHE G 114 -2.21 -16.33 -18.94
C PHE G 114 -2.09 -15.27 -17.86
N PHE G 115 -3.02 -14.27 -17.81
CA PHE G 115 -2.95 -13.12 -16.91
C PHE G 115 -3.10 -13.47 -15.44
N TRP G 116 -3.69 -14.64 -15.14
CA TRP G 116 -3.90 -15.04 -13.75
C TRP G 116 -2.56 -15.28 -13.08
N GLU G 117 -1.61 -16.00 -13.73
CA GLU G 117 -0.31 -16.23 -13.12
C GLU G 117 0.58 -14.99 -13.17
N GLU G 118 0.39 -14.12 -14.18
CA GLU G 118 1.16 -12.88 -14.27
C GLU G 118 0.77 -11.96 -13.10
N ARG G 119 -0.51 -11.86 -12.81
CA ARG G 119 -1.02 -11.04 -11.73
C ARG G 119 -0.61 -11.60 -10.39
N ASP G 120 -0.73 -12.92 -10.20
CA ASP G 120 -0.38 -13.55 -8.94
C ASP G 120 1.10 -13.44 -8.65
N ILE G 121 1.97 -13.66 -9.67
CA ILE G 121 3.43 -13.55 -9.47
C ILE G 121 3.81 -12.14 -9.01
N MET G 122 3.31 -11.10 -9.69
CA MET G 122 3.65 -9.73 -9.33
C MET G 122 3.01 -9.23 -8.05
N ALA G 123 1.83 -9.75 -7.69
CA ALA G 123 1.16 -9.28 -6.48
C ALA G 123 1.68 -9.94 -5.21
N PHE G 124 2.07 -11.22 -5.29
CA PHE G 124 2.41 -11.98 -4.09
C PHE G 124 3.82 -12.54 -3.98
N ALA G 125 4.71 -12.37 -4.98
CA ALA G 125 6.06 -12.96 -4.91
C ALA G 125 6.85 -12.51 -3.71
N ASN G 126 6.77 -11.21 -3.36
CA ASN G 126 7.53 -10.61 -2.27
C ASN G 126 9.02 -10.85 -2.40
N SER G 127 9.54 -10.77 -3.64
CA SER G 127 10.94 -10.98 -3.96
C SER G 127 11.43 -9.73 -4.63
N PRO G 128 12.65 -9.29 -4.29
CA PRO G 128 13.20 -8.10 -4.96
C PRO G 128 13.55 -8.34 -6.42
N TRP G 129 13.45 -9.59 -6.90
CA TRP G 129 13.72 -9.95 -8.28
C TRP G 129 12.50 -9.91 -9.18
N VAL G 130 11.31 -9.63 -8.64
CA VAL G 130 10.06 -9.59 -9.40
C VAL G 130 9.45 -8.19 -9.29
N VAL G 131 9.01 -7.61 -10.43
CA VAL G 131 8.35 -6.31 -10.46
C VAL G 131 7.04 -6.40 -9.63
N GLN G 132 6.87 -5.48 -8.69
CA GLN G 132 5.72 -5.51 -7.81
C GLN G 132 4.49 -4.86 -8.35
N LEU G 133 3.35 -5.55 -8.20
CA LEU G 133 2.04 -5.04 -8.59
C LEU G 133 1.40 -4.44 -7.35
N PHE G 134 0.84 -3.24 -7.49
CA PHE G 134 0.17 -2.56 -6.41
C PHE G 134 -1.33 -2.70 -6.55
N TYR G 135 -1.85 -2.52 -7.77
CA TYR G 135 -3.29 -2.58 -8.00
C TYR G 135 -3.62 -3.25 -9.32
N ALA G 136 -4.59 -4.13 -9.31
CA ALA G 136 -5.13 -4.74 -10.51
C ALA G 136 -6.61 -4.30 -10.51
N PHE G 137 -7.09 -3.82 -11.64
CA PHE G 137 -8.47 -3.36 -11.78
C PHE G 137 -8.92 -3.53 -13.23
N GLN G 138 -10.21 -3.34 -13.51
CA GLN G 138 -10.71 -3.52 -14.86
C GLN G 138 -11.89 -2.63 -15.17
N ASP G 139 -12.14 -2.43 -16.46
CA ASP G 139 -13.31 -1.73 -16.92
C ASP G 139 -13.97 -2.61 -18.00
N ASP G 140 -14.96 -2.09 -18.76
CA ASP G 140 -15.62 -2.90 -19.78
C ASP G 140 -14.67 -3.31 -20.94
N ARG G 141 -13.59 -2.54 -21.18
CA ARG G 141 -12.69 -2.82 -22.29
C ARG G 141 -11.33 -3.50 -21.94
N TYR G 142 -10.71 -3.15 -20.79
CA TYR G 142 -9.38 -3.67 -20.45
C TYR G 142 -9.20 -4.19 -19.03
N LEU G 143 -8.10 -4.94 -18.83
CA LEU G 143 -7.55 -5.36 -17.56
C LEU G 143 -6.35 -4.43 -17.31
N TYR G 144 -6.17 -3.94 -16.09
CA TYR G 144 -5.07 -3.04 -15.78
C TYR G 144 -4.19 -3.63 -14.69
N MET G 145 -2.89 -3.45 -14.82
CA MET G 145 -1.94 -3.88 -13.80
C MET G 145 -0.99 -2.73 -13.47
N VAL G 146 -1.16 -2.08 -12.31
CA VAL G 146 -0.34 -0.95 -11.89
C VAL G 146 0.87 -1.50 -11.16
N MET G 147 2.04 -1.38 -11.76
CA MET G 147 3.29 -1.91 -11.23
C MET G 147 4.27 -0.81 -10.86
N GLU G 148 5.37 -1.18 -10.17
CA GLU G 148 6.40 -0.21 -9.85
C GLU G 148 7.13 0.06 -11.13
N TYR G 149 7.32 1.32 -11.47
CA TYR G 149 7.99 1.69 -12.71
C TYR G 149 9.48 1.40 -12.57
N MET G 150 10.10 0.82 -13.62
CA MET G 150 11.53 0.49 -13.66
C MET G 150 12.21 1.45 -14.60
N PRO G 151 12.83 2.53 -14.09
CA PRO G 151 13.33 3.57 -15.00
C PRO G 151 14.63 3.29 -15.73
N GLY G 152 15.31 2.20 -15.36
CA GLY G 152 16.56 1.79 -15.99
C GLY G 152 16.43 1.12 -17.34
N GLY G 153 15.20 0.86 -17.77
CA GLY G 153 14.96 0.21 -19.05
C GLY G 153 15.30 -1.27 -19.04
N ASP G 154 15.26 -1.92 -20.20
CA ASP G 154 15.56 -3.34 -20.26
C ASP G 154 17.02 -3.58 -20.59
N LEU G 155 17.45 -4.84 -20.48
CA LEU G 155 18.84 -5.20 -20.76
C LEU G 155 19.21 -5.13 -22.24
N VAL G 156 18.21 -5.10 -23.15
CA VAL G 156 18.43 -4.95 -24.57
C VAL G 156 19.00 -3.56 -24.82
N ASN G 157 18.38 -2.53 -24.21
CA ASN G 157 18.78 -1.13 -24.30
C ASN G 157 20.18 -0.94 -23.72
N LEU G 158 20.51 -1.61 -22.60
CA LEU G 158 21.83 -1.55 -22.00
C LEU G 158 22.88 -2.11 -22.96
N MET G 159 22.64 -3.27 -23.56
CA MET G 159 23.59 -3.88 -24.48
C MET G 159 23.81 -3.07 -25.75
N SER G 160 22.77 -2.39 -26.25
CA SER G 160 22.92 -1.56 -27.44
C SER G 160 23.63 -0.21 -27.16
N ASN G 161 23.71 0.21 -25.90
CA ASN G 161 24.37 1.44 -25.52
C ASN G 161 25.73 1.24 -24.87
N TYR G 162 26.10 0.01 -24.54
CA TYR G 162 27.38 -0.27 -23.92
C TYR G 162 28.05 -1.51 -24.48
N ASP G 163 29.36 -1.48 -24.46
CA ASP G 163 30.22 -2.59 -24.78
C ASP G 163 30.24 -3.29 -23.40
N VAL G 164 29.74 -4.53 -23.31
CA VAL G 164 29.64 -5.16 -21.99
C VAL G 164 30.95 -5.90 -21.57
N PRO G 165 31.69 -5.37 -20.57
CA PRO G 165 32.87 -6.11 -20.08
C PRO G 165 32.46 -7.33 -19.25
N GLU G 166 33.37 -8.31 -19.11
CA GLU G 166 33.09 -9.55 -18.38
C GLU G 166 32.74 -9.32 -16.90
N LYS G 167 33.19 -8.23 -16.29
CA LYS G 167 32.84 -7.92 -14.90
C LYS G 167 31.35 -7.57 -14.82
N TRP G 168 30.82 -6.88 -15.85
CA TRP G 168 29.40 -6.52 -15.91
C TRP G 168 28.59 -7.75 -16.22
N ALA G 169 29.04 -8.55 -17.20
CA ALA G 169 28.39 -9.79 -17.63
C ALA G 169 28.27 -10.78 -16.49
N LYS G 170 29.27 -10.84 -15.61
CA LYS G 170 29.28 -11.71 -14.45
C LYS G 170 28.19 -11.25 -13.46
N PHE G 171 28.03 -9.93 -13.28
CA PHE G 171 27.02 -9.36 -12.38
C PHE G 171 25.61 -9.63 -12.86
N TYR G 172 25.28 -9.21 -14.09
CA TYR G 172 23.94 -9.39 -14.61
C TYR G 172 23.57 -10.85 -14.74
N THR G 173 24.54 -11.74 -15.07
CA THR G 173 24.24 -13.17 -15.13
C THR G 173 23.85 -13.70 -13.76
N ALA G 174 24.64 -13.38 -12.74
CA ALA G 174 24.35 -13.77 -11.37
C ALA G 174 22.99 -13.29 -10.90
N GLU G 175 22.59 -12.05 -11.28
CA GLU G 175 21.30 -11.51 -10.87
C GLU G 175 20.16 -12.29 -11.52
N VAL G 176 20.34 -12.67 -12.83
CA VAL G 176 19.37 -13.49 -13.59
C VAL G 176 19.26 -14.85 -12.94
N VAL G 177 20.41 -15.42 -12.50
CA VAL G 177 20.51 -16.71 -11.82
C VAL G 177 19.70 -16.72 -10.52
N LEU G 178 19.76 -15.63 -9.75
CA LEU G 178 18.97 -15.55 -8.52
C LEU G 178 17.50 -15.26 -8.79
N ALA G 179 17.20 -14.43 -9.80
CA ALA G 179 15.81 -14.10 -10.13
C ALA G 179 15.08 -15.33 -10.65
N LEU G 180 15.75 -16.16 -11.46
CA LEU G 180 15.17 -17.39 -11.98
C LEU G 180 14.98 -18.38 -10.87
N ASP G 181 15.97 -18.50 -9.96
CA ASP G 181 15.85 -19.42 -8.84
C ASP G 181 14.64 -19.07 -7.98
N ALA G 182 14.34 -17.76 -7.83
CA ALA G 182 13.20 -17.30 -7.07
C ALA G 182 11.90 -17.72 -7.73
N ILE G 183 11.81 -17.60 -9.06
CA ILE G 183 10.61 -17.99 -9.78
C ILE G 183 10.42 -19.51 -9.71
N HIS G 184 11.52 -20.26 -9.85
CA HIS G 184 11.52 -21.71 -9.78
C HIS G 184 11.12 -22.15 -8.36
N SER G 185 11.55 -21.41 -7.32
CA SER G 185 11.19 -21.67 -5.92
C SER G 185 9.69 -21.60 -5.71
N MET G 186 8.99 -20.75 -6.47
CA MET G 186 7.54 -20.65 -6.37
C MET G 186 6.81 -21.69 -7.24
N GLY G 187 7.53 -22.67 -7.76
CA GLY G 187 6.98 -23.71 -8.61
C GLY G 187 6.55 -23.19 -9.96
N LEU G 188 7.30 -22.27 -10.56
CA LEU G 188 6.98 -21.72 -11.87
C LEU G 188 8.18 -21.80 -12.82
N ILE G 189 7.88 -21.86 -14.10
CA ILE G 189 8.89 -21.85 -15.15
C ILE G 189 8.58 -20.63 -16.01
N HIS G 190 9.56 -19.75 -16.24
CA HIS G 190 9.35 -18.54 -17.03
C HIS G 190 8.99 -18.84 -18.49
N ARG G 191 9.72 -19.76 -19.15
CA ARG G 191 9.54 -20.12 -20.57
C ARG G 191 9.92 -19.02 -21.57
N ASP G 192 10.24 -17.81 -21.10
CA ASP G 192 10.60 -16.71 -21.99
C ASP G 192 11.70 -15.79 -21.40
N VAL G 193 12.78 -16.40 -20.91
CA VAL G 193 13.90 -15.64 -20.38
C VAL G 193 14.64 -15.04 -21.58
N LYS G 194 14.75 -13.70 -21.61
CA LYS G 194 15.40 -12.93 -22.66
C LYS G 194 15.64 -11.50 -22.16
N PRO G 195 16.60 -10.73 -22.73
CA PRO G 195 16.89 -9.40 -22.17
C PRO G 195 15.78 -8.36 -22.30
N ASP G 196 14.76 -8.62 -23.12
CA ASP G 196 13.62 -7.69 -23.23
C ASP G 196 12.75 -7.74 -21.95
N ASN G 197 12.78 -8.88 -21.23
CA ASN G 197 12.04 -9.16 -20.01
C ASN G 197 12.91 -9.05 -18.76
N MET G 198 14.01 -8.31 -18.84
CA MET G 198 14.90 -8.10 -17.70
C MET G 198 14.99 -6.61 -17.53
N LEU G 199 14.34 -6.05 -16.51
CA LEU G 199 14.35 -4.61 -16.31
C LEU G 199 15.31 -4.16 -15.21
N LEU G 200 15.76 -2.91 -15.27
CA LEU G 200 16.64 -2.38 -14.26
C LEU G 200 15.90 -1.34 -13.44
N ASP G 201 16.01 -1.39 -12.10
CA ASP G 201 15.34 -0.44 -11.22
C ASP G 201 16.07 0.95 -11.16
N LYS G 202 15.64 1.87 -10.27
CA LYS G 202 16.30 3.17 -10.17
C LYS G 202 17.78 3.07 -9.83
N HIS G 203 18.24 1.95 -9.24
CA HIS G 203 19.64 1.75 -8.85
C HIS G 203 20.48 0.84 -9.74
N GLY G 204 19.89 0.35 -10.81
CA GLY G 204 20.62 -0.52 -11.74
C GLY G 204 20.53 -2.01 -11.45
N HIS G 205 19.62 -2.40 -10.58
CA HIS G 205 19.44 -3.80 -10.22
C HIS G 205 18.29 -4.46 -10.95
N LEU G 206 18.50 -5.71 -11.37
CA LEU G 206 17.56 -6.46 -12.15
C LEU G 206 16.28 -6.85 -11.44
N LYS G 207 15.19 -6.91 -12.20
CA LYS G 207 13.87 -7.42 -11.83
C LYS G 207 13.29 -8.06 -13.10
N LEU G 208 12.59 -9.17 -12.97
CA LEU G 208 11.98 -9.83 -14.11
C LEU G 208 10.55 -9.29 -14.33
N ALA G 209 10.14 -9.24 -15.60
CA ALA G 209 8.82 -8.76 -15.98
C ALA G 209 8.26 -9.63 -17.15
N ASP G 210 6.97 -9.42 -17.54
CA ASP G 210 6.31 -10.19 -18.60
C ASP G 210 6.21 -11.69 -18.23
N PHE G 211 5.33 -11.98 -17.28
CA PHE G 211 5.10 -13.34 -16.83
C PHE G 211 3.93 -14.03 -17.55
N GLY G 212 3.50 -13.51 -18.69
CA GLY G 212 2.42 -14.10 -19.47
C GLY G 212 2.69 -15.52 -19.95
N THR G 213 3.96 -15.93 -19.95
CA THR G 213 4.39 -17.25 -20.40
C THR G 213 4.63 -18.24 -19.28
N CYS G 214 4.43 -17.86 -18.01
CA CYS G 214 4.69 -18.74 -16.89
C CYS G 214 3.72 -19.87 -16.75
N MET G 215 4.18 -20.96 -16.16
CA MET G 215 3.35 -22.13 -15.92
C MET G 215 3.72 -22.74 -14.57
N LYS G 216 2.70 -23.13 -13.78
CA LYS G 216 2.95 -23.78 -12.51
C LYS G 216 3.38 -25.22 -12.84
N MET G 217 4.49 -25.67 -12.27
CA MET G 217 5.02 -27.00 -12.55
C MET G 217 4.16 -28.07 -11.85
N ASP G 218 3.95 -29.23 -12.52
CA ASP G 218 3.24 -30.36 -11.89
C ASP G 218 4.15 -31.06 -10.83
N GLU G 219 3.72 -32.17 -10.22
CA GLU G 219 4.49 -32.88 -9.18
C GLU G 219 5.96 -33.19 -9.55
N THR G 220 6.23 -33.49 -10.83
CA THR G 220 7.59 -33.78 -11.30
C THR G 220 8.45 -32.57 -11.63
N GLY G 221 7.82 -31.40 -11.77
CA GLY G 221 8.50 -30.18 -12.11
C GLY G 221 8.51 -29.89 -13.61
N MET G 222 7.48 -30.41 -14.32
CA MET G 222 7.33 -30.28 -15.77
C MET G 222 6.10 -29.43 -16.17
N VAL G 223 6.01 -29.08 -17.45
CA VAL G 223 4.93 -28.27 -18.00
C VAL G 223 4.62 -28.72 -19.43
N HIS G 224 3.34 -28.63 -19.83
CA HIS G 224 2.95 -28.99 -21.20
C HIS G 224 1.93 -27.99 -21.75
N CYS G 225 2.28 -27.29 -22.85
CA CYS G 225 1.39 -26.28 -23.42
C CYS G 225 1.71 -25.97 -24.93
N ASP G 226 2.17 -24.74 -25.30
CA ASP G 226 2.46 -24.33 -26.69
C ASP G 226 3.62 -23.29 -26.79
N THR G 227 3.81 -22.66 -27.97
CA THR G 227 4.85 -21.66 -28.14
C THR G 227 4.54 -20.39 -27.38
N THR G 231 10.79 -16.60 -27.56
CA THR G 231 11.33 -15.94 -28.74
C THR G 231 12.14 -16.88 -29.62
N PRO G 232 12.15 -16.65 -30.94
CA PRO G 232 12.95 -17.51 -31.82
C PRO G 232 14.42 -17.71 -31.44
N ASP G 233 15.17 -16.64 -31.09
CA ASP G 233 16.60 -16.72 -30.77
C ASP G 233 16.97 -17.31 -29.40
N TYR G 234 16.09 -17.21 -28.42
CA TYR G 234 16.37 -17.70 -27.08
C TYR G 234 15.71 -19.04 -26.72
N ILE G 235 14.97 -19.65 -27.68
CA ILE G 235 14.28 -20.91 -27.44
C ILE G 235 15.27 -22.06 -27.33
N SER G 236 15.01 -22.99 -26.40
CA SER G 236 15.88 -24.16 -26.21
C SER G 236 15.47 -25.24 -27.22
N PRO G 237 16.33 -26.24 -27.54
CA PRO G 237 15.94 -27.24 -28.53
C PRO G 237 14.84 -28.20 -28.05
N GLU G 238 14.76 -28.48 -26.73
CA GLU G 238 13.70 -29.33 -26.22
C GLU G 238 12.32 -28.66 -26.34
N VAL G 239 12.26 -27.32 -26.29
CA VAL G 239 11.00 -26.61 -26.46
C VAL G 239 10.61 -26.62 -27.94
N LEU G 240 11.60 -26.46 -28.83
CA LEU G 240 11.36 -26.50 -30.27
C LEU G 240 10.82 -27.87 -30.70
N LYS G 241 11.41 -28.97 -30.20
CA LYS G 241 10.94 -30.31 -30.55
C LYS G 241 9.53 -30.58 -29.97
N SER G 242 9.25 -30.00 -28.78
CA SER G 242 7.98 -30.05 -28.06
C SER G 242 6.86 -29.28 -28.77
N GLN G 243 7.20 -28.30 -29.62
CA GLN G 243 6.19 -27.55 -30.37
C GLN G 243 5.42 -28.51 -31.31
N GLY G 244 6.12 -29.53 -31.83
CA GLY G 244 5.55 -30.58 -32.64
C GLY G 244 4.59 -31.39 -31.80
N GLY G 245 5.13 -32.22 -30.91
CA GLY G 245 4.35 -33.06 -29.99
C GLY G 245 3.62 -32.32 -28.86
N ASP G 246 3.64 -32.91 -27.64
CA ASP G 246 2.99 -32.30 -26.45
C ASP G 246 4.00 -31.39 -25.66
N GLY G 247 5.14 -31.97 -25.25
CA GLY G 247 6.23 -31.26 -24.58
C GLY G 247 6.30 -31.24 -23.06
N PHE G 248 7.05 -32.19 -22.46
CA PHE G 248 7.23 -32.21 -21.00
C PHE G 248 8.59 -31.68 -20.63
N TYR G 249 8.74 -30.35 -20.69
CA TYR G 249 10.01 -29.72 -20.34
C TYR G 249 9.95 -29.10 -18.93
N GLY G 250 11.11 -28.94 -18.32
CA GLY G 250 11.19 -28.43 -16.95
C GLY G 250 11.94 -27.12 -16.80
N ARG G 251 12.48 -26.93 -15.60
CA ARG G 251 13.20 -25.70 -15.26
C ARG G 251 14.49 -25.51 -16.08
N GLU G 252 15.09 -26.61 -16.54
CA GLU G 252 16.34 -26.58 -17.28
C GLU G 252 16.28 -25.70 -18.53
N CYS G 253 15.08 -25.56 -19.13
CA CYS G 253 14.89 -24.72 -20.33
C CYS G 253 15.12 -23.23 -20.05
N ASP G 254 14.88 -22.80 -18.79
CA ASP G 254 15.16 -21.44 -18.38
C ASP G 254 16.67 -21.23 -18.22
N TRP G 255 17.46 -22.31 -17.98
CA TRP G 255 18.91 -22.18 -17.89
C TRP G 255 19.57 -22.15 -19.26
N TRP G 256 18.93 -22.71 -20.30
CA TRP G 256 19.43 -22.60 -21.67
C TRP G 256 19.45 -21.11 -22.07
N SER G 257 18.34 -20.40 -21.74
CA SER G 257 18.13 -18.98 -21.96
C SER G 257 19.22 -18.11 -21.31
N VAL G 258 19.86 -18.60 -20.23
CA VAL G 258 20.93 -17.86 -19.56
C VAL G 258 22.23 -17.98 -20.37
N GLY G 259 22.51 -19.16 -20.90
CA GLY G 259 23.70 -19.39 -21.72
C GLY G 259 23.65 -18.58 -22.98
N VAL G 260 22.42 -18.38 -23.54
CA VAL G 260 22.23 -17.53 -24.74
C VAL G 260 22.45 -16.05 -24.35
N PHE G 261 21.95 -15.65 -23.19
CA PHE G 261 22.07 -14.30 -22.67
C PHE G 261 23.55 -13.93 -22.42
N LEU G 262 24.29 -14.81 -21.75
CA LEU G 262 25.70 -14.57 -21.45
C LEU G 262 26.53 -14.48 -22.74
N TYR G 263 26.17 -15.29 -23.76
CA TYR G 263 26.86 -15.24 -25.04
C TYR G 263 26.57 -13.90 -25.71
N GLU G 264 25.30 -13.47 -25.80
CA GLU G 264 24.97 -12.18 -26.41
C GLU G 264 25.70 -11.01 -25.73
N MET G 265 25.85 -11.09 -24.39
CA MET G 265 26.51 -10.04 -23.64
C MET G 265 27.99 -9.92 -23.96
N LEU G 266 28.70 -11.04 -24.00
CA LEU G 266 30.13 -11.02 -24.26
C LEU G 266 30.52 -10.92 -25.72
N VAL G 267 29.83 -11.67 -26.58
CA VAL G 267 30.13 -11.71 -28.01
C VAL G 267 29.52 -10.56 -28.80
N GLY G 268 28.35 -10.08 -28.39
CA GLY G 268 27.69 -8.97 -29.08
C GLY G 268 26.62 -9.39 -30.07
N ASP G 269 26.46 -10.69 -30.28
CA ASP G 269 25.46 -11.29 -31.16
C ASP G 269 24.91 -12.56 -30.50
N THR G 270 23.72 -13.04 -30.94
CA THR G 270 23.17 -14.28 -30.36
C THR G 270 23.89 -15.51 -30.94
N PRO G 271 24.05 -16.59 -30.15
CA PRO G 271 24.80 -17.75 -30.65
C PRO G 271 24.22 -18.46 -31.86
N PHE G 272 22.91 -18.37 -32.06
CA PHE G 272 22.25 -19.03 -33.18
C PHE G 272 21.55 -18.05 -34.08
N TYR G 273 22.14 -16.86 -34.27
CA TYR G 273 21.53 -15.86 -35.12
C TYR G 273 21.62 -16.24 -36.59
N ALA G 274 20.50 -16.07 -37.30
CA ALA G 274 20.36 -16.26 -38.74
C ALA G 274 19.38 -15.23 -39.27
N ASP G 275 19.51 -14.89 -40.56
CA ASP G 275 18.67 -13.88 -41.21
C ASP G 275 17.17 -14.26 -41.19
N SER G 276 16.82 -15.56 -41.05
CA SER G 276 15.41 -15.94 -40.99
C SER G 276 15.10 -16.93 -39.87
N LEU G 277 13.83 -16.95 -39.45
CA LEU G 277 13.31 -17.86 -38.42
C LEU G 277 13.60 -19.32 -38.78
N VAL G 278 13.61 -19.66 -40.08
CA VAL G 278 13.93 -21.02 -40.56
C VAL G 278 15.38 -21.42 -40.26
N GLY G 279 16.27 -20.43 -40.33
CA GLY G 279 17.68 -20.62 -40.09
C GLY G 279 18.02 -20.61 -38.63
N THR G 280 17.38 -19.68 -37.88
CA THR G 280 17.60 -19.57 -36.44
C THR G 280 17.11 -20.86 -35.76
N TYR G 281 15.94 -21.41 -36.19
CA TYR G 281 15.39 -22.65 -35.63
C TYR G 281 16.29 -23.86 -35.95
N SER G 282 16.89 -23.87 -37.16
CA SER G 282 17.78 -24.94 -37.62
C SER G 282 19.11 -24.94 -36.87
N LYS G 283 19.67 -23.73 -36.61
CA LYS G 283 20.92 -23.55 -35.87
C LYS G 283 20.78 -24.03 -34.42
N ILE G 284 19.60 -23.79 -33.81
CA ILE G 284 19.29 -24.21 -32.44
C ILE G 284 19.25 -25.73 -32.35
N MET G 285 18.66 -26.39 -33.36
CA MET G 285 18.57 -27.84 -33.38
C MET G 285 19.93 -28.49 -33.56
N ASP G 286 20.78 -27.88 -34.40
CA ASP G 286 22.15 -28.34 -34.64
C ASP G 286 23.14 -27.65 -33.68
N HIS G 287 22.72 -27.34 -32.45
CA HIS G 287 23.54 -26.65 -31.45
C HIS G 287 24.88 -27.34 -31.15
N LYS G 288 24.97 -28.66 -31.39
CA LYS G 288 26.21 -29.39 -31.14
C LYS G 288 27.31 -28.92 -32.11
N ASN G 289 26.94 -28.63 -33.36
CA ASN G 289 27.89 -28.20 -34.38
C ASN G 289 27.84 -26.70 -34.72
N SER G 290 26.72 -26.01 -34.41
CA SER G 290 26.56 -24.59 -34.77
C SER G 290 27.07 -23.59 -33.75
N LEU G 291 27.27 -24.03 -32.50
CA LEU G 291 27.76 -23.12 -31.48
C LEU G 291 29.26 -22.97 -31.60
N CYS G 292 29.74 -21.77 -31.91
CA CYS G 292 31.17 -21.51 -31.98
C CYS G 292 31.47 -20.05 -31.64
N PHE G 293 32.53 -19.83 -30.87
CA PHE G 293 32.92 -18.50 -30.46
C PHE G 293 33.81 -17.88 -31.51
N PRO G 294 33.49 -16.65 -31.93
CA PRO G 294 34.31 -15.99 -32.98
C PRO G 294 35.78 -15.88 -32.56
N GLU G 295 36.70 -16.00 -33.54
CA GLU G 295 38.14 -15.96 -33.28
C GLU G 295 38.58 -14.62 -32.66
N ASP G 296 37.87 -13.53 -33.02
CA ASP G 296 38.13 -12.16 -32.55
C ASP G 296 37.42 -11.78 -31.24
N ALA G 297 36.58 -12.67 -30.69
CA ALA G 297 35.84 -12.39 -29.44
C ALA G 297 36.75 -12.64 -28.22
N GLU G 298 36.98 -11.62 -27.38
CA GLU G 298 37.83 -11.80 -26.20
C GLU G 298 37.00 -12.25 -25.02
N ILE G 299 36.81 -13.57 -24.88
CA ILE G 299 36.02 -14.18 -23.80
C ILE G 299 36.89 -15.20 -23.07
N SER G 300 36.89 -15.17 -21.70
CA SER G 300 37.72 -16.05 -20.89
C SER G 300 37.36 -17.54 -21.02
N LYS G 301 38.24 -18.43 -20.54
CA LYS G 301 37.99 -19.86 -20.58
C LYS G 301 36.81 -20.18 -19.68
N HIS G 302 36.71 -19.55 -18.49
CA HIS G 302 35.61 -19.77 -17.56
C HIS G 302 34.27 -19.33 -18.15
N ALA G 303 34.26 -18.18 -18.84
CA ALA G 303 33.05 -17.66 -19.46
C ALA G 303 32.63 -18.57 -20.60
N LYS G 304 33.59 -19.05 -21.42
CA LYS G 304 33.31 -19.97 -22.53
C LYS G 304 32.76 -21.28 -22.01
N ASN G 305 33.36 -21.79 -20.94
CA ASN G 305 33.01 -23.06 -20.31
C ASN G 305 31.63 -22.98 -19.64
N LEU G 306 31.22 -21.79 -19.14
CA LEU G 306 29.90 -21.66 -18.51
C LEU G 306 28.82 -21.66 -19.56
N ILE G 307 29.01 -20.90 -20.66
CA ILE G 307 28.07 -20.86 -21.79
C ILE G 307 27.84 -22.26 -22.36
N CYS G 308 28.91 -23.05 -22.42
CA CYS G 308 28.83 -24.40 -22.94
C CYS G 308 28.14 -25.37 -22.01
N ALA G 309 28.16 -25.12 -20.69
CA ALA G 309 27.44 -25.97 -19.73
C ALA G 309 25.93 -25.72 -19.78
N PHE G 310 25.51 -24.51 -20.22
CA PHE G 310 24.11 -24.16 -20.36
C PHE G 310 23.58 -24.56 -21.74
N LEU G 311 24.42 -24.43 -22.78
CA LEU G 311 23.99 -24.77 -24.13
C LEU G 311 24.26 -26.24 -24.53
N THR G 312 23.84 -27.19 -23.70
CA THR G 312 23.98 -28.61 -23.97
C THR G 312 22.55 -29.26 -24.11
N ASP G 313 22.47 -30.58 -24.39
CA ASP G 313 21.19 -31.27 -24.40
C ASP G 313 20.67 -31.29 -22.95
N ARG G 314 19.35 -31.15 -22.78
CA ARG G 314 18.71 -31.06 -21.48
C ARG G 314 19.16 -32.08 -20.41
N GLU G 315 19.56 -33.29 -20.82
CA GLU G 315 19.95 -34.36 -19.91
C GLU G 315 21.22 -34.08 -19.12
N VAL G 316 22.16 -33.36 -19.73
CA VAL G 316 23.42 -33.04 -19.06
C VAL G 316 23.60 -31.50 -18.84
N ARG G 317 22.51 -30.72 -18.92
CA ARG G 317 22.55 -29.26 -18.75
C ARG G 317 22.81 -28.82 -17.31
N LEU G 318 23.52 -27.68 -17.16
CA LEU G 318 23.80 -27.08 -15.86
C LEU G 318 22.52 -26.48 -15.25
N GLY G 319 22.17 -26.91 -14.05
CA GLY G 319 20.90 -26.52 -13.41
C GLY G 319 19.86 -27.64 -13.37
N ARG G 320 20.21 -28.81 -13.99
CA ARG G 320 19.39 -30.01 -14.04
C ARG G 320 19.23 -30.53 -12.62
N ASN G 321 20.32 -30.56 -11.84
CA ASN G 321 20.24 -31.04 -10.46
C ASN G 321 19.71 -29.94 -9.53
N GLY G 322 20.26 -28.75 -9.67
CA GLY G 322 19.87 -27.61 -8.87
C GLY G 322 20.68 -26.36 -9.19
N VAL G 323 20.37 -25.26 -8.48
CA VAL G 323 21.05 -23.98 -8.69
C VAL G 323 22.46 -23.95 -8.06
N GLU G 324 22.76 -24.88 -7.10
CA GLU G 324 24.06 -24.95 -6.43
C GLU G 324 25.20 -25.16 -7.41
N GLU G 325 25.00 -26.04 -8.40
CA GLU G 325 25.97 -26.37 -9.44
C GLU G 325 26.42 -25.11 -10.22
N ILE G 326 25.45 -24.19 -10.49
CA ILE G 326 25.62 -22.93 -11.25
C ILE G 326 26.37 -21.93 -10.38
N ARG G 327 25.95 -21.81 -9.11
CA ARG G 327 26.51 -20.89 -8.13
C ARG G 327 28.00 -21.06 -7.91
N GLN G 328 28.50 -22.32 -7.87
CA GLN G 328 29.92 -22.58 -7.67
C GLN G 328 30.75 -22.61 -8.92
N HIS G 329 30.22 -22.18 -10.08
CA HIS G 329 31.02 -22.19 -11.30
C HIS G 329 32.15 -21.19 -11.17
N PRO G 330 33.35 -21.55 -11.61
CA PRO G 330 34.49 -20.64 -11.48
C PRO G 330 34.30 -19.25 -12.06
N PHE G 331 33.45 -19.10 -13.09
CA PHE G 331 33.22 -17.81 -13.74
C PHE G 331 32.76 -16.75 -12.73
N PHE G 332 31.96 -17.16 -11.74
CA PHE G 332 31.43 -16.27 -10.70
C PHE G 332 32.46 -15.88 -9.61
N LYS G 333 33.72 -16.35 -9.71
CA LYS G 333 34.77 -16.00 -8.74
C LYS G 333 35.07 -14.53 -8.97
N ASN G 334 34.53 -13.70 -8.07
CA ASN G 334 34.62 -12.24 -8.15
C ASN G 334 35.12 -11.60 -6.83
N ASP G 335 35.52 -10.31 -6.90
CA ASP G 335 36.02 -9.63 -5.72
C ASP G 335 35.00 -8.68 -5.06
N GLN G 336 33.75 -8.56 -5.56
CA GLN G 336 32.81 -7.58 -5.01
C GLN G 336 31.58 -8.09 -4.25
N TRP G 337 30.92 -9.13 -4.73
CA TRP G 337 29.68 -9.63 -4.12
C TRP G 337 29.68 -11.11 -3.67
N HIS G 338 28.71 -11.49 -2.86
CA HIS G 338 28.37 -12.85 -2.46
C HIS G 338 26.93 -13.08 -2.94
N TRP G 339 26.54 -14.35 -3.09
CA TRP G 339 25.18 -14.66 -3.52
C TRP G 339 24.12 -14.13 -2.53
N ASP G 340 24.47 -13.99 -1.25
CA ASP G 340 23.55 -13.51 -0.23
C ASP G 340 23.45 -11.98 -0.14
N ASN G 341 24.23 -11.23 -0.95
CA ASN G 341 24.16 -9.77 -0.89
C ASN G 341 24.33 -9.03 -2.23
N ILE G 342 24.47 -9.70 -3.38
CA ILE G 342 24.71 -8.99 -4.67
C ILE G 342 23.73 -7.83 -4.98
N ARG G 343 22.47 -7.95 -4.57
CA ARG G 343 21.48 -6.89 -4.81
C ARG G 343 21.65 -5.66 -3.92
N GLU G 344 22.49 -5.75 -2.89
CA GLU G 344 22.83 -4.62 -2.02
C GLU G 344 24.23 -4.07 -2.27
N THR G 345 24.93 -4.55 -3.33
CA THR G 345 26.22 -4.05 -3.78
C THR G 345 25.97 -3.01 -4.91
N ALA G 346 27.00 -2.22 -5.29
CA ALA G 346 26.84 -1.23 -6.36
C ALA G 346 26.71 -1.85 -7.73
N ALA G 347 25.64 -1.51 -8.48
CA ALA G 347 25.40 -2.02 -9.83
C ALA G 347 26.38 -1.39 -10.84
N PRO G 348 26.68 -2.08 -11.97
CA PRO G 348 27.61 -1.52 -12.97
C PRO G 348 27.15 -0.22 -13.57
N VAL G 349 25.85 -0.13 -13.92
CA VAL G 349 25.31 1.09 -14.50
C VAL G 349 24.17 1.55 -13.66
N VAL G 350 24.29 2.76 -13.11
CA VAL G 350 23.23 3.34 -12.29
C VAL G 350 22.51 4.40 -13.13
N PRO G 351 21.19 4.27 -13.28
CA PRO G 351 20.45 5.22 -14.15
C PRO G 351 20.57 6.66 -13.75
N GLU G 352 20.80 7.56 -14.75
CA GLU G 352 20.89 9.01 -14.53
C GLU G 352 19.58 9.60 -15.01
N LEU G 353 18.64 9.83 -14.09
CA LEU G 353 17.32 10.30 -14.47
C LEU G 353 17.08 11.75 -14.06
N SER G 354 16.51 12.56 -14.98
CA SER G 354 16.21 13.99 -14.79
C SER G 354 14.92 14.30 -14.02
N SER G 355 13.91 13.40 -14.10
CA SER G 355 12.65 13.58 -13.38
C SER G 355 11.98 12.22 -13.03
N ASP G 356 10.87 12.24 -12.27
CA ASP G 356 10.14 11.00 -11.96
C ASP G 356 9.42 10.39 -13.19
N ILE G 357 9.36 11.12 -14.31
CA ILE G 357 8.80 10.60 -15.55
C ILE G 357 9.83 10.51 -16.69
N ASP G 358 11.12 10.45 -16.35
CA ASP G 358 12.18 10.32 -17.34
C ASP G 358 12.09 8.89 -17.88
N SER G 359 11.67 8.75 -19.14
CA SER G 359 11.55 7.44 -19.82
C SER G 359 12.56 7.32 -20.96
N SER G 360 13.76 7.90 -20.77
CA SER G 360 14.83 7.91 -21.75
C SER G 360 15.49 6.57 -21.95
N ASN G 361 15.32 5.61 -21.01
CA ASN G 361 15.88 4.27 -21.20
C ASN G 361 14.89 3.32 -21.91
N PHE G 362 13.84 3.88 -22.52
CA PHE G 362 12.83 3.15 -23.27
C PHE G 362 12.69 3.82 -24.62
N ASP G 363 12.71 3.02 -25.69
CA ASP G 363 12.56 3.53 -27.03
C ASP G 363 11.15 4.06 -27.26
N ASP G 364 10.98 4.93 -28.28
CA ASP G 364 9.66 5.42 -28.62
C ASP G 364 8.88 4.29 -29.28
N ILE G 365 7.57 4.20 -28.98
CA ILE G 365 6.79 3.09 -29.49
C ILE G 365 5.98 3.48 -30.74
N GLU G 366 6.01 2.61 -31.78
CA GLU G 366 5.31 2.79 -33.05
C GLU G 366 3.80 2.48 -32.90
N ASP G 367 2.93 3.37 -33.41
CA ASP G 367 1.47 3.15 -33.33
C ASP G 367 0.86 2.65 -34.63
N VAL G 372 -9.10 -0.21 -32.88
CA VAL G 372 -9.62 -0.42 -31.52
C VAL G 372 -10.95 -1.19 -31.55
N GLU G 373 -10.89 -2.49 -31.93
CA GLU G 373 -12.06 -3.37 -32.06
C GLU G 373 -12.85 -3.57 -30.75
N THR G 374 -14.13 -3.14 -30.74
CA THR G 374 -15.03 -3.26 -29.58
C THR G 374 -15.96 -4.50 -29.71
N PHE G 375 -16.54 -4.91 -28.58
CA PHE G 375 -17.45 -6.04 -28.51
C PHE G 375 -18.79 -5.70 -29.20
N PRO G 376 -19.37 -6.66 -29.95
CA PRO G 376 -20.66 -6.38 -30.59
C PRO G 376 -21.84 -6.47 -29.62
N ILE G 377 -22.77 -5.47 -29.66
CA ILE G 377 -23.96 -5.46 -28.80
C ILE G 377 -24.79 -6.72 -29.07
N PRO G 378 -25.03 -7.54 -28.03
CA PRO G 378 -25.68 -8.83 -28.27
C PRO G 378 -27.22 -8.85 -28.15
N LYS G 379 -27.80 -9.88 -28.76
CA LYS G 379 -29.24 -10.14 -28.78
C LYS G 379 -29.61 -11.00 -27.56
N ALA G 380 -28.77 -12.01 -27.26
CA ALA G 380 -28.87 -12.94 -26.13
C ALA G 380 -27.63 -12.84 -25.22
N PHE G 381 -27.72 -13.32 -23.97
CA PHE G 381 -26.61 -13.31 -23.01
C PHE G 381 -25.38 -14.05 -23.56
N VAL G 382 -24.26 -13.35 -23.60
CA VAL G 382 -23.01 -13.91 -24.10
C VAL G 382 -22.04 -14.19 -22.97
N GLY G 383 -22.00 -13.29 -21.99
CA GLY G 383 -21.12 -13.42 -20.84
C GLY G 383 -19.65 -13.18 -21.15
N ASN G 384 -19.33 -12.07 -21.80
CA ASN G 384 -17.94 -11.73 -22.13
C ASN G 384 -17.12 -11.25 -20.92
N GLN G 385 -17.79 -10.81 -19.84
CA GLN G 385 -17.08 -10.37 -18.65
C GLN G 385 -16.77 -11.49 -17.68
N LEU G 386 -17.41 -12.66 -17.84
CA LEU G 386 -17.26 -13.82 -16.98
C LEU G 386 -15.82 -14.32 -16.79
N PRO G 387 -14.95 -14.36 -17.81
CA PRO G 387 -13.58 -14.86 -17.58
C PRO G 387 -12.60 -13.93 -16.80
N PHE G 388 -13.10 -12.73 -16.48
CA PHE G 388 -12.36 -11.68 -15.78
C PHE G 388 -12.83 -11.42 -14.35
N ILE G 389 -13.83 -12.19 -13.84
CA ILE G 389 -14.31 -12.04 -12.48
C ILE G 389 -13.21 -12.49 -11.53
N GLY G 390 -12.78 -11.57 -10.69
CA GLY G 390 -11.75 -11.86 -9.70
C GLY G 390 -10.41 -11.24 -9.98
N PHE G 391 -10.30 -10.48 -11.08
CA PHE G 391 -9.06 -9.87 -11.44
C PHE G 391 -8.70 -8.72 -10.50
N THR G 392 -9.70 -7.92 -10.08
CA THR G 392 -9.43 -6.77 -9.21
C THR G 392 -8.69 -7.17 -7.91
N TYR G 393 -7.63 -6.41 -7.58
CA TYR G 393 -6.81 -6.60 -6.40
C TYR G 393 -6.35 -5.24 -5.91
N TYR G 394 -6.52 -4.95 -4.62
CA TYR G 394 -6.03 -3.69 -4.05
C TYR G 394 -5.06 -4.04 -2.94
N ARG G 395 -3.81 -3.53 -3.03
CA ARG G 395 -2.81 -3.80 -1.98
C ARG G 395 -3.20 -2.96 -0.75
N SER H 3 -11.51 8.39 2.73
CA SER H 3 -11.05 7.85 1.45
C SER H 3 -12.21 7.16 0.69
N ARG H 4 -12.05 6.99 -0.64
CA ARG H 4 -13.05 6.29 -1.45
C ARG H 4 -13.11 4.82 -1.04
N GLN H 5 -11.96 4.19 -0.73
CA GLN H 5 -11.94 2.80 -0.27
C GLN H 5 -12.61 2.64 1.12
N ARG H 6 -12.52 3.68 1.95
CA ARG H 6 -13.16 3.69 3.27
C ARG H 6 -14.69 3.81 3.11
N LYS H 7 -15.14 4.69 2.17
CA LYS H 7 -16.55 4.90 1.86
C LYS H 7 -17.19 3.60 1.37
N LEU H 8 -16.48 2.90 0.49
CA LEU H 8 -16.92 1.63 -0.09
C LEU H 8 -16.90 0.49 0.93
N GLU H 9 -15.88 0.43 1.80
CA GLU H 9 -15.81 -0.60 2.82
C GLU H 9 -16.99 -0.48 3.81
N ALA H 10 -17.50 0.75 4.03
CA ALA H 10 -18.62 1.01 4.93
C ALA H 10 -19.94 0.46 4.35
N LEU H 11 -20.16 0.63 3.04
CA LEU H 11 -21.36 0.14 2.36
C LEU H 11 -21.45 -1.37 2.45
N ILE H 12 -20.33 -2.07 2.29
CA ILE H 12 -20.31 -3.53 2.33
C ILE H 12 -20.52 -4.06 3.76
N ARG H 13 -20.24 -3.25 4.81
CA ARG H 13 -20.46 -3.66 6.20
C ARG H 13 -21.91 -3.50 6.65
N ASP H 14 -22.59 -2.46 6.14
CA ASP H 14 -23.97 -2.13 6.46
C ASP H 14 -24.93 -3.29 6.13
N PRO H 15 -25.67 -3.81 7.14
CA PRO H 15 -26.61 -4.92 6.87
C PRO H 15 -27.86 -4.54 6.09
N ARG H 16 -28.16 -3.23 6.01
CA ARG H 16 -29.30 -2.75 5.22
C ARG H 16 -28.87 -2.48 3.75
N SER H 17 -27.55 -2.54 3.44
CA SER H 17 -27.02 -2.26 2.10
C SER H 17 -27.23 -3.42 1.12
N PRO H 18 -27.61 -3.10 -0.12
CA PRO H 18 -27.80 -4.17 -1.12
C PRO H 18 -26.51 -4.84 -1.55
N ILE H 19 -25.36 -4.22 -1.29
CA ILE H 19 -24.08 -4.80 -1.64
C ILE H 19 -23.31 -5.29 -0.42
N ASN H 20 -24.00 -5.71 0.66
CA ASN H 20 -23.32 -6.30 1.80
C ASN H 20 -22.78 -7.73 1.41
N VAL H 21 -21.95 -8.33 2.25
CA VAL H 21 -21.32 -9.62 1.93
C VAL H 21 -22.30 -10.76 1.70
N GLU H 22 -23.39 -10.83 2.46
CA GLU H 22 -24.36 -11.91 2.27
C GLU H 22 -25.03 -11.76 0.92
N SER H 23 -25.37 -10.52 0.54
CA SER H 23 -25.99 -10.19 -0.72
C SER H 23 -25.04 -10.51 -1.87
N LEU H 24 -23.72 -10.14 -1.76
CA LEU H 24 -22.66 -10.40 -2.78
C LEU H 24 -22.44 -11.92 -3.02
N LEU H 25 -22.59 -12.73 -1.97
CA LEU H 25 -22.50 -14.18 -2.05
C LEU H 25 -23.75 -14.76 -2.74
N ASP H 26 -24.92 -14.11 -2.56
CA ASP H 26 -26.14 -14.51 -3.24
C ASP H 26 -26.01 -14.24 -4.74
N GLY H 27 -25.35 -13.15 -5.11
CA GLY H 27 -25.09 -12.83 -6.50
C GLY H 27 -24.25 -13.90 -7.17
N LEU H 28 -23.19 -14.38 -6.50
CA LEU H 28 -22.36 -15.45 -7.05
C LEU H 28 -23.15 -16.75 -7.14
N ASN H 29 -23.90 -17.09 -6.08
CA ASN H 29 -24.69 -18.31 -6.05
C ASN H 29 -25.77 -18.35 -7.12
N SER H 30 -26.47 -17.22 -7.33
CA SER H 30 -27.54 -17.08 -8.31
C SER H 30 -27.02 -17.12 -9.76
N LEU H 31 -25.80 -16.63 -9.97
CA LEU H 31 -25.18 -16.66 -11.28
C LEU H 31 -24.82 -18.09 -11.62
N VAL H 32 -24.29 -18.87 -10.67
CA VAL H 32 -23.95 -20.25 -10.92
C VAL H 32 -25.22 -21.07 -11.13
N LEU H 33 -26.25 -20.83 -10.34
CA LEU H 33 -27.52 -21.56 -10.45
C LEU H 33 -28.18 -21.37 -11.81
N ASP H 34 -28.12 -20.15 -12.34
CA ASP H 34 -28.73 -19.79 -13.62
C ASP H 34 -27.91 -20.09 -14.86
N LEU H 35 -26.67 -20.59 -14.69
CA LEU H 35 -25.81 -20.90 -15.82
C LEU H 35 -25.50 -22.37 -15.93
N ASP H 36 -25.59 -23.13 -14.82
CA ASP H 36 -25.25 -24.56 -14.85
C ASP H 36 -26.34 -25.44 -15.47
N PHE H 37 -26.46 -25.35 -16.80
CA PHE H 37 -27.36 -26.13 -17.64
C PHE H 37 -26.53 -26.52 -18.86
N PRO H 38 -26.60 -27.79 -19.31
CA PRO H 38 -25.74 -28.22 -20.43
C PRO H 38 -25.97 -27.48 -21.75
N ALA H 39 -27.17 -26.89 -21.92
CA ALA H 39 -27.50 -26.11 -23.10
C ALA H 39 -26.67 -24.80 -23.09
N LEU H 40 -26.60 -24.14 -21.91
CA LEU H 40 -25.88 -22.90 -21.74
C LEU H 40 -24.37 -23.12 -21.69
N ARG H 41 -23.95 -24.21 -21.04
CA ARG H 41 -22.54 -24.60 -20.91
C ARG H 41 -21.84 -24.84 -22.26
N LYS H 42 -22.59 -24.83 -23.38
CA LYS H 42 -22.01 -24.94 -24.72
C LYS H 42 -21.13 -23.69 -25.01
N ASN H 43 -21.49 -22.51 -24.42
CA ASN H 43 -20.77 -21.23 -24.48
C ASN H 43 -19.44 -21.42 -23.73
N LYS H 44 -18.30 -21.05 -24.36
CA LYS H 44 -16.98 -21.23 -23.73
C LYS H 44 -16.85 -20.38 -22.47
N ASN H 45 -17.27 -19.10 -22.52
CA ASN H 45 -17.24 -18.20 -21.37
C ASN H 45 -17.94 -18.81 -20.14
N ILE H 46 -19.16 -19.33 -20.33
CA ILE H 46 -19.97 -19.94 -19.30
C ILE H 46 -19.36 -21.23 -18.79
N ASP H 47 -18.95 -22.15 -19.68
CA ASP H 47 -18.36 -23.42 -19.26
C ASP H 47 -17.08 -23.20 -18.45
N ASN H 48 -16.24 -22.26 -18.88
CA ASN H 48 -14.98 -22.03 -18.18
C ASN H 48 -15.16 -21.31 -16.84
N PHE H 49 -16.13 -20.37 -16.77
CA PHE H 49 -16.41 -19.67 -15.51
C PHE H 49 -16.95 -20.67 -14.49
N LEU H 50 -17.89 -21.53 -14.90
CA LEU H 50 -18.45 -22.53 -14.01
C LEU H 50 -17.42 -23.55 -13.55
N ASN H 51 -16.43 -23.85 -14.38
CA ASN H 51 -15.37 -24.79 -14.01
C ASN H 51 -14.47 -24.18 -12.93
N ARG H 52 -14.15 -22.88 -13.04
CA ARG H 52 -13.35 -22.14 -12.07
C ARG H 52 -14.01 -22.05 -10.69
N TYR H 53 -15.32 -21.73 -10.65
CA TYR H 53 -16.04 -21.53 -9.39
C TYR H 53 -16.78 -22.75 -8.88
N GLU H 54 -16.69 -23.90 -9.55
CA GLU H 54 -17.39 -25.12 -9.11
C GLU H 54 -16.99 -25.56 -7.68
N LYS H 55 -15.68 -25.66 -7.42
CA LYS H 55 -15.13 -26.07 -6.11
C LYS H 55 -15.54 -25.11 -4.98
N ILE H 56 -15.27 -23.80 -5.15
CA ILE H 56 -15.57 -22.81 -4.12
C ILE H 56 -17.06 -22.69 -3.84
N VAL H 57 -17.91 -22.82 -4.86
CA VAL H 57 -19.36 -22.74 -4.66
C VAL H 57 -19.89 -23.99 -3.97
N LYS H 58 -19.24 -25.16 -4.15
CA LYS H 58 -19.62 -26.38 -3.41
C LYS H 58 -19.29 -26.16 -1.91
N LYS H 59 -18.08 -25.60 -1.63
CA LYS H 59 -17.60 -25.28 -0.29
C LYS H 59 -18.55 -24.27 0.43
N ILE H 60 -18.94 -23.18 -0.25
CA ILE H 60 -19.80 -22.09 0.25
C ILE H 60 -21.19 -22.59 0.60
N ARG H 61 -21.76 -23.48 -0.23
CA ARG H 61 -23.09 -24.04 0.03
C ARG H 61 -23.12 -24.92 1.27
N GLY H 62 -22.01 -25.63 1.51
CA GLY H 62 -21.84 -26.50 2.66
C GLY H 62 -21.74 -25.72 3.96
N LEU H 63 -21.11 -24.55 3.89
CA LEU H 63 -20.93 -23.70 5.05
C LEU H 63 -22.15 -22.87 5.37
N GLN H 64 -22.83 -22.35 4.36
CA GLN H 64 -24.01 -21.50 4.58
C GLN H 64 -25.22 -22.27 5.14
N MET H 65 -26.13 -21.54 5.81
CA MET H 65 -27.34 -22.10 6.39
C MET H 65 -28.21 -22.66 5.29
N LYS H 66 -28.76 -23.87 5.51
CA LYS H 66 -29.60 -24.58 4.54
C LYS H 66 -30.78 -25.30 5.21
N ALA H 67 -31.82 -25.66 4.44
CA ALA H 67 -33.00 -26.34 4.98
C ALA H 67 -32.67 -27.66 5.66
N GLU H 68 -31.58 -28.31 5.24
CA GLU H 68 -31.17 -29.59 5.85
C GLU H 68 -30.67 -29.42 7.28
N ASP H 69 -30.31 -28.18 7.69
CA ASP H 69 -29.89 -27.87 9.07
C ASP H 69 -31.03 -27.95 10.10
N TYR H 70 -32.29 -28.06 9.63
CA TYR H 70 -33.48 -28.06 10.47
C TYR H 70 -34.29 -29.33 10.30
N ASP H 71 -35.01 -29.72 11.36
CA ASP H 71 -35.91 -30.86 11.35
C ASP H 71 -37.31 -30.32 11.32
N VAL H 72 -38.15 -30.78 10.38
CA VAL H 72 -39.54 -30.32 10.36
C VAL H 72 -40.41 -31.10 11.30
N VAL H 73 -40.99 -30.40 12.29
CA VAL H 73 -41.84 -30.99 13.31
C VAL H 73 -43.29 -31.11 12.85
N LYS H 74 -43.85 -30.05 12.26
CA LYS H 74 -45.24 -30.03 11.78
C LYS H 74 -45.50 -28.82 10.90
N VAL H 75 -46.48 -28.89 9.97
CA VAL H 75 -46.85 -27.70 9.19
C VAL H 75 -47.95 -27.02 9.98
N ILE H 76 -47.67 -25.82 10.50
CA ILE H 76 -48.64 -25.10 11.32
C ILE H 76 -49.42 -24.00 10.58
N GLY H 77 -49.14 -23.80 9.30
CA GLY H 77 -49.80 -22.78 8.51
C GLY H 77 -49.55 -23.00 7.04
N ARG H 78 -50.50 -22.61 6.21
CA ARG H 78 -50.36 -22.73 4.77
C ARG H 78 -50.97 -21.48 4.17
N GLY H 79 -50.33 -20.98 3.13
CA GLY H 79 -50.77 -19.75 2.51
C GLY H 79 -50.60 -19.72 1.02
N ALA H 80 -50.80 -18.52 0.47
CA ALA H 80 -50.72 -18.22 -0.95
C ALA H 80 -49.47 -18.86 -1.67
N PHE H 81 -48.23 -18.48 -1.29
CA PHE H 81 -47.06 -19.00 -1.96
C PHE H 81 -46.25 -20.00 -1.18
N GLY H 82 -46.78 -20.54 -0.10
CA GLY H 82 -46.03 -21.50 0.69
C GLY H 82 -46.69 -22.02 1.94
N GLU H 83 -45.86 -22.25 2.96
CA GLU H 83 -46.29 -22.80 4.24
C GLU H 83 -45.37 -22.39 5.39
N VAL H 84 -45.87 -22.48 6.63
CA VAL H 84 -45.11 -22.21 7.84
C VAL H 84 -44.92 -23.52 8.54
N GLN H 85 -43.67 -23.88 8.82
CA GLN H 85 -43.39 -25.14 9.49
C GLN H 85 -42.80 -24.93 10.85
N LEU H 86 -43.23 -25.70 11.83
CA LEU H 86 -42.64 -25.67 13.16
C LEU H 86 -41.36 -26.52 13.00
N VAL H 87 -40.17 -25.92 13.16
CA VAL H 87 -38.91 -26.65 12.95
C VAL H 87 -38.00 -26.58 14.17
N ARG H 88 -37.06 -27.53 14.28
CA ARG H 88 -36.07 -27.51 15.36
C ARG H 88 -34.71 -27.52 14.70
N HIS H 89 -33.86 -26.56 15.03
CA HIS H 89 -32.52 -26.50 14.47
C HIS H 89 -31.70 -27.71 14.95
N LYS H 90 -31.28 -28.58 14.03
CA LYS H 90 -30.54 -29.80 14.34
C LYS H 90 -29.34 -29.58 15.26
N ALA H 91 -28.51 -28.58 14.99
CA ALA H 91 -27.32 -28.32 15.78
C ALA H 91 -27.58 -27.76 17.18
N SER H 92 -28.34 -26.64 17.30
CA SER H 92 -28.60 -25.96 18.57
C SER H 92 -29.77 -26.51 19.38
N GLN H 93 -30.63 -27.32 18.77
CA GLN H 93 -31.83 -27.90 19.34
C GLN H 93 -32.96 -26.88 19.59
N LYS H 94 -32.75 -25.60 19.22
CA LYS H 94 -33.72 -24.52 19.36
C LYS H 94 -34.90 -24.63 18.40
N VAL H 95 -36.12 -24.35 18.88
CA VAL H 95 -37.33 -24.42 18.06
C VAL H 95 -37.73 -23.07 17.44
N TYR H 96 -38.03 -23.06 16.14
CA TYR H 96 -38.45 -21.86 15.45
C TYR H 96 -39.70 -22.13 14.57
N ALA H 97 -40.28 -21.07 14.00
CA ALA H 97 -41.36 -21.19 13.02
C ALA H 97 -40.68 -20.74 11.70
N MET H 98 -40.70 -21.58 10.66
CA MET H 98 -40.04 -21.26 9.42
C MET H 98 -41.00 -21.12 8.29
N LYS H 99 -41.08 -19.92 7.73
CA LYS H 99 -41.94 -19.62 6.59
C LYS H 99 -41.19 -19.92 5.28
N LEU H 100 -41.81 -20.68 4.39
CA LEU H 100 -41.25 -21.04 3.10
C LEU H 100 -42.07 -20.34 2.01
N LEU H 101 -41.40 -19.85 0.94
CA LEU H 101 -42.08 -19.20 -0.18
C LEU H 101 -41.53 -19.80 -1.45
N SER H 102 -42.41 -20.36 -2.29
CA SER H 102 -42.01 -20.96 -3.56
C SER H 102 -41.52 -19.88 -4.52
N LYS H 103 -40.28 -20.04 -5.02
CA LYS H 103 -39.70 -19.12 -5.99
C LYS H 103 -40.48 -19.20 -7.31
N PHE H 104 -40.82 -20.45 -7.70
CA PHE H 104 -41.60 -20.71 -8.89
C PHE H 104 -42.96 -19.97 -8.87
N GLU H 105 -43.75 -20.13 -7.78
CA GLU H 105 -45.05 -19.48 -7.68
C GLU H 105 -44.95 -17.97 -7.69
N MET H 106 -43.95 -17.40 -7.02
CA MET H 106 -43.78 -15.94 -6.99
C MET H 106 -43.43 -15.36 -8.36
N ILE H 107 -42.66 -16.13 -9.17
CA ILE H 107 -42.33 -15.68 -10.52
C ILE H 107 -43.60 -15.82 -11.39
N LYS H 108 -44.19 -17.03 -11.44
CA LYS H 108 -45.41 -17.35 -12.19
C LYS H 108 -46.55 -16.36 -11.90
N ARG H 109 -46.97 -16.23 -10.64
CA ARG H 109 -48.04 -15.30 -10.26
C ARG H 109 -47.59 -13.85 -10.18
N SER H 110 -46.53 -13.48 -10.96
CA SER H 110 -45.90 -12.15 -11.12
C SER H 110 -45.94 -11.22 -9.88
N ASP H 111 -45.79 -11.80 -8.70
CA ASP H 111 -45.78 -11.08 -7.43
C ASP H 111 -44.46 -11.49 -6.78
N SER H 112 -43.41 -10.69 -6.98
CA SER H 112 -42.07 -11.05 -6.47
C SER H 112 -41.31 -9.89 -5.80
N ALA H 113 -42.02 -9.05 -5.04
CA ALA H 113 -41.39 -7.94 -4.32
C ALA H 113 -41.94 -7.78 -2.88
N PHE H 114 -43.05 -8.46 -2.55
CA PHE H 114 -43.70 -8.37 -1.25
C PHE H 114 -42.84 -8.87 -0.13
N PHE H 115 -41.95 -9.84 -0.40
CA PHE H 115 -41.10 -10.45 0.62
C PHE H 115 -40.02 -9.53 1.15
N TRP H 116 -39.66 -8.49 0.39
CA TRP H 116 -38.61 -7.58 0.83
C TRP H 116 -39.05 -6.82 2.06
N GLU H 117 -40.27 -6.27 2.07
CA GLU H 117 -40.73 -5.54 3.25
C GLU H 117 -41.12 -6.48 4.38
N GLU H 118 -41.55 -7.73 4.08
CA GLU H 118 -41.88 -8.72 5.11
C GLU H 118 -40.59 -9.11 5.87
N ARG H 119 -39.51 -9.34 5.13
CA ARG H 119 -38.22 -9.69 5.70
C ARG H 119 -37.62 -8.51 6.48
N ASP H 120 -37.67 -7.30 5.93
CA ASP H 120 -37.15 -6.13 6.60
C ASP H 120 -37.90 -5.80 7.86
N ILE H 121 -39.24 -5.91 7.84
CA ILE H 121 -40.04 -5.63 9.05
C ILE H 121 -39.69 -6.57 10.19
N MET H 122 -39.61 -7.86 9.91
CA MET H 122 -39.30 -8.84 10.92
C MET H 122 -37.86 -8.84 11.36
N ALA H 123 -36.91 -8.46 10.50
CA ALA H 123 -35.50 -8.46 10.86
C ALA H 123 -35.07 -7.23 11.61
N PHE H 124 -35.64 -6.07 11.28
CA PHE H 124 -35.18 -4.81 11.84
C PHE H 124 -36.18 -3.97 12.68
N ALA H 125 -37.43 -4.41 12.87
CA ALA H 125 -38.38 -3.58 13.63
C ALA H 125 -37.95 -3.27 15.06
N ASN H 126 -37.37 -4.26 15.74
CA ASN H 126 -36.94 -4.13 17.14
C ASN H 126 -38.07 -3.69 18.04
N SER H 127 -39.24 -4.31 17.83
CA SER H 127 -40.46 -4.03 18.59
C SER H 127 -40.99 -5.32 19.12
N PRO H 128 -41.45 -5.35 20.37
CA PRO H 128 -42.03 -6.58 20.90
C PRO H 128 -43.40 -6.92 20.28
N TRP H 129 -43.93 -6.04 19.44
CA TRP H 129 -45.19 -6.25 18.75
C TRP H 129 -45.03 -6.90 17.38
N VAL H 130 -43.81 -7.16 16.91
CA VAL H 130 -43.58 -7.75 15.60
C VAL H 130 -42.84 -9.05 15.80
N VAL H 131 -43.26 -10.12 15.10
CA VAL H 131 -42.57 -11.40 15.16
C VAL H 131 -41.13 -11.23 14.63
N GLN H 132 -40.15 -11.68 15.41
CA GLN H 132 -38.76 -11.47 15.06
C GLN H 132 -38.18 -12.53 14.17
N LEU H 133 -37.47 -12.08 13.14
CA LEU H 133 -36.78 -12.94 12.19
C LEU H 133 -35.33 -13.06 12.66
N PHE H 134 -34.81 -14.28 12.70
CA PHE H 134 -33.44 -14.52 13.09
C PHE H 134 -32.58 -14.76 11.84
N TYR H 135 -33.09 -15.55 10.89
CA TYR H 135 -32.33 -15.87 9.70
C TYR H 135 -33.21 -15.92 8.46
N ALA H 136 -32.73 -15.34 7.38
CA ALA H 136 -33.37 -15.45 6.09
C ALA H 136 -32.30 -16.12 5.20
N PHE H 137 -32.70 -17.14 4.45
CA PHE H 137 -31.80 -17.86 3.55
C PHE H 137 -32.59 -18.44 2.38
N GLN H 138 -31.90 -19.00 1.38
CA GLN H 138 -32.61 -19.53 0.21
C GLN H 138 -31.91 -20.69 -0.43
N ASP H 139 -32.66 -21.47 -1.20
CA ASP H 139 -32.08 -22.51 -2.02
C ASP H 139 -32.62 -22.32 -3.47
N ASP H 140 -32.42 -23.28 -4.38
CA ASP H 140 -32.92 -23.15 -5.75
C ASP H 140 -34.45 -23.10 -5.83
N ARG H 141 -35.17 -23.68 -4.83
CA ARG H 141 -36.62 -23.75 -4.85
C ARG H 141 -37.39 -22.75 -3.96
N TYR H 142 -36.92 -22.51 -2.72
CA TYR H 142 -37.63 -21.62 -1.79
C TYR H 142 -36.81 -20.51 -1.12
N LEU H 143 -37.52 -19.50 -0.59
CA LEU H 143 -37.04 -18.46 0.30
C LEU H 143 -37.44 -18.93 1.71
N TYR H 144 -36.56 -18.80 2.70
CA TYR H 144 -36.86 -19.25 4.04
C TYR H 144 -36.76 -18.10 5.03
N MET H 145 -37.68 -18.07 5.99
CA MET H 145 -37.67 -17.06 7.01
C MET H 145 -37.82 -17.72 8.35
N VAL H 146 -36.73 -17.81 9.12
CA VAL H 146 -36.71 -18.45 10.45
C VAL H 146 -37.11 -17.39 11.49
N MET H 147 -38.29 -17.56 12.07
CA MET H 147 -38.84 -16.60 13.02
C MET H 147 -38.99 -17.21 14.43
N GLU H 148 -39.31 -16.35 15.43
CA GLU H 148 -39.59 -16.86 16.75
C GLU H 148 -40.94 -17.51 16.72
N TYR H 149 -41.02 -18.74 17.24
CA TYR H 149 -42.27 -19.49 17.25
C TYR H 149 -43.27 -18.85 18.24
N MET H 150 -44.56 -18.71 17.87
CA MET H 150 -45.62 -18.17 18.71
C MET H 150 -46.54 -19.29 19.12
N PRO H 151 -46.38 -19.87 20.32
CA PRO H 151 -47.16 -21.07 20.65
C PRO H 151 -48.61 -20.87 21.04
N GLY H 152 -49.04 -19.61 21.24
CA GLY H 152 -50.40 -19.28 21.62
C GLY H 152 -51.43 -19.28 20.50
N GLY H 153 -50.99 -19.49 19.27
CA GLY H 153 -51.87 -19.51 18.11
C GLY H 153 -52.37 -18.13 17.72
N ASP H 154 -53.28 -18.04 16.74
CA ASP H 154 -53.80 -16.72 16.32
C ASP H 154 -55.07 -16.32 17.09
N LEU H 155 -55.52 -15.07 16.92
CA LEU H 155 -56.71 -14.59 17.61
C LEU H 155 -58.02 -15.18 17.09
N VAL H 156 -57.99 -15.80 15.89
CA VAL H 156 -59.15 -16.49 15.33
C VAL H 156 -59.46 -17.71 16.21
N ASN H 157 -58.41 -18.50 16.52
CA ASN H 157 -58.46 -19.68 17.37
C ASN H 157 -58.98 -19.30 18.77
N LEU H 158 -58.53 -18.15 19.33
CA LEU H 158 -58.97 -17.71 20.64
C LEU H 158 -60.46 -17.39 20.62
N MET H 159 -60.94 -16.67 19.60
CA MET H 159 -62.35 -16.31 19.52
C MET H 159 -63.26 -17.52 19.33
N SER H 160 -62.78 -18.56 18.60
CA SER H 160 -63.58 -19.78 18.40
C SER H 160 -63.62 -20.68 19.64
N ASN H 161 -62.70 -20.51 20.58
CA ASN H 161 -62.67 -21.29 21.79
C ASN H 161 -63.20 -20.57 23.03
N TYR H 162 -63.44 -19.26 22.95
CA TYR H 162 -63.90 -18.47 24.11
C TYR H 162 -64.95 -17.45 23.74
N ASP H 163 -65.84 -17.15 24.68
CA ASP H 163 -66.73 -16.02 24.51
C ASP H 163 -65.89 -14.92 25.10
N VAL H 164 -65.52 -13.94 24.26
CA VAL H 164 -64.60 -12.89 24.69
C VAL H 164 -65.29 -11.77 25.46
N PRO H 165 -65.04 -11.63 26.78
CA PRO H 165 -65.60 -10.49 27.52
C PRO H 165 -64.90 -9.17 27.17
N GLU H 166 -65.53 -8.04 27.49
CA GLU H 166 -65.01 -6.72 27.18
C GLU H 166 -63.68 -6.40 27.85
N LYS H 167 -63.38 -7.04 29.00
CA LYS H 167 -62.08 -6.83 29.65
C LYS H 167 -60.98 -7.43 28.75
N TRP H 168 -61.25 -8.57 28.10
CA TRP H 168 -60.31 -9.23 27.21
C TRP H 168 -60.22 -8.45 25.90
N ALA H 169 -61.37 -8.02 25.36
CA ALA H 169 -61.42 -7.23 24.13
C ALA H 169 -60.69 -5.91 24.25
N LYS H 170 -60.74 -5.28 25.43
CA LYS H 170 -60.03 -4.03 25.74
C LYS H 170 -58.52 -4.27 25.73
N PHE H 171 -58.07 -5.42 26.24
CA PHE H 171 -56.66 -5.76 26.26
C PHE H 171 -56.12 -6.05 24.85
N TYR H 172 -56.72 -7.01 24.12
CA TYR H 172 -56.26 -7.35 22.78
C TYR H 172 -56.37 -6.18 21.84
N THR H 173 -57.40 -5.32 21.97
CA THR H 173 -57.48 -4.13 21.10
C THR H 173 -56.30 -3.18 21.38
N ALA H 174 -55.99 -2.90 22.67
CA ALA H 174 -54.87 -2.05 23.08
C ALA H 174 -53.55 -2.55 22.59
N GLU H 175 -53.33 -3.87 22.56
CA GLU H 175 -52.09 -4.40 22.03
C GLU H 175 -52.07 -4.21 20.49
N VAL H 176 -53.21 -4.38 19.80
CA VAL H 176 -53.29 -4.16 18.35
C VAL H 176 -53.00 -2.71 18.04
N VAL H 177 -53.54 -1.77 18.84
CA VAL H 177 -53.32 -0.31 18.68
C VAL H 177 -51.82 0.06 18.80
N LEU H 178 -51.11 -0.50 19.80
CA LEU H 178 -49.69 -0.24 19.95
C LEU H 178 -48.88 -0.93 18.87
N ALA H 179 -49.30 -2.13 18.46
CA ALA H 179 -48.58 -2.87 17.42
C ALA H 179 -48.70 -2.16 16.06
N LEU H 180 -49.87 -1.59 15.78
CA LEU H 180 -50.09 -0.88 14.52
C LEU H 180 -49.34 0.41 14.55
N ASP H 181 -49.39 1.14 15.68
CA ASP H 181 -48.63 2.38 15.82
C ASP H 181 -47.12 2.14 15.57
N ALA H 182 -46.61 0.98 15.96
CA ALA H 182 -45.21 0.65 15.74
C ALA H 182 -44.94 0.48 14.24
N ILE H 183 -45.86 -0.15 13.51
CA ILE H 183 -45.72 -0.34 12.06
C ILE H 183 -45.84 1.02 11.33
N HIS H 184 -46.79 1.84 11.77
CA HIS H 184 -46.98 3.17 11.22
C HIS H 184 -45.77 4.07 11.50
N SER H 185 -45.11 3.90 12.69
CA SER H 185 -43.87 4.61 13.07
C SER H 185 -42.77 4.35 12.06
N MET H 186 -42.73 3.16 11.49
CA MET H 186 -41.73 2.82 10.48
C MET H 186 -42.12 3.22 9.05
N GLY H 187 -43.16 4.04 8.91
CA GLY H 187 -43.64 4.49 7.62
C GLY H 187 -44.25 3.38 6.80
N LEU H 188 -45.00 2.49 7.44
CA LEU H 188 -45.66 1.39 6.73
C LEU H 188 -47.15 1.31 7.04
N ILE H 189 -47.91 0.75 6.10
CA ILE H 189 -49.33 0.51 6.27
C ILE H 189 -49.53 -0.99 6.09
N HIS H 190 -50.16 -1.68 7.08
CA HIS H 190 -50.38 -3.13 7.03
C HIS H 190 -51.26 -3.57 5.85
N ARG H 191 -52.41 -2.89 5.64
CA ARG H 191 -53.40 -3.19 4.59
C ARG H 191 -54.16 -4.51 4.82
N ASP H 192 -53.79 -5.30 5.82
CA ASP H 192 -54.46 -6.57 6.08
C ASP H 192 -54.56 -6.90 7.57
N VAL H 193 -55.02 -5.93 8.38
CA VAL H 193 -55.19 -6.15 9.80
C VAL H 193 -56.44 -7.02 9.95
N LYS H 194 -56.28 -8.20 10.57
CA LYS H 194 -57.34 -9.19 10.80
C LYS H 194 -56.85 -10.20 11.85
N PRO H 195 -57.74 -10.93 12.54
CA PRO H 195 -57.28 -11.82 13.63
C PRO H 195 -56.45 -13.03 13.20
N ASP H 196 -56.42 -13.34 11.91
CA ASP H 196 -55.59 -14.45 11.41
C ASP H 196 -54.09 -14.06 11.44
N ASN H 197 -53.81 -12.74 11.37
CA ASN H 197 -52.49 -12.13 11.37
C ASN H 197 -52.10 -11.55 12.75
N MET H 198 -52.73 -12.03 13.83
CA MET H 198 -52.43 -11.56 15.19
C MET H 198 -52.10 -12.79 15.97
N LEU H 199 -50.84 -12.99 16.36
CA LEU H 199 -50.45 -14.20 17.09
C LEU H 199 -50.21 -13.93 18.57
N LEU H 200 -50.30 -14.98 19.39
CA LEU H 200 -50.06 -14.85 20.82
C LEU H 200 -48.78 -15.59 21.19
N ASP H 201 -47.92 -14.96 22.01
CA ASP H 201 -46.66 -15.56 22.43
C ASP H 201 -46.84 -16.59 23.59
N LYS H 202 -45.71 -17.10 24.18
CA LYS H 202 -45.78 -18.07 25.29
C LYS H 202 -46.58 -17.54 26.51
N HIS H 203 -46.68 -16.22 26.65
CA HIS H 203 -47.38 -15.63 27.79
C HIS H 203 -48.77 -15.07 27.50
N GLY H 204 -49.24 -15.19 26.27
CA GLY H 204 -50.57 -14.69 25.91
C GLY H 204 -50.58 -13.28 25.36
N HIS H 205 -49.41 -12.73 25.03
CA HIS H 205 -49.32 -11.38 24.49
C HIS H 205 -49.22 -11.37 22.98
N LEU H 206 -49.78 -10.33 22.37
CA LEU H 206 -49.88 -10.18 20.92
C LEU H 206 -48.59 -9.80 20.21
N LYS H 207 -48.47 -10.25 18.96
CA LYS H 207 -47.42 -9.91 17.97
C LYS H 207 -48.09 -9.98 16.59
N LEU H 208 -47.72 -9.09 15.67
CA LEU H 208 -48.26 -9.11 14.32
C LEU H 208 -47.40 -9.97 13.39
N ALA H 209 -48.04 -10.61 12.43
CA ALA H 209 -47.35 -11.47 11.45
C ALA H 209 -48.02 -11.30 10.04
N ASP H 210 -47.42 -11.91 8.98
CA ASP H 210 -47.91 -11.81 7.59
C ASP H 210 -47.87 -10.36 7.09
N PHE H 211 -46.65 -9.87 6.84
CA PHE H 211 -46.44 -8.54 6.34
C PHE H 211 -46.33 -8.48 4.80
N GLY H 212 -46.78 -9.52 4.10
CA GLY H 212 -46.76 -9.57 2.64
C GLY H 212 -47.59 -8.50 1.96
N THR H 213 -48.47 -7.84 2.69
CA THR H 213 -49.34 -6.78 2.16
C THR H 213 -48.87 -5.37 2.51
N CYS H 214 -47.75 -5.21 3.22
CA CYS H 214 -47.28 -3.90 3.63
C CYS H 214 -46.75 -3.06 2.50
N MET H 215 -46.82 -1.73 2.68
CA MET H 215 -46.34 -0.75 1.72
C MET H 215 -45.72 0.42 2.46
N LYS H 216 -44.57 0.89 1.98
CA LYS H 216 -43.92 2.06 2.56
C LYS H 216 -44.73 3.27 2.10
N MET H 217 -45.08 4.17 3.02
CA MET H 217 -45.86 5.35 2.67
C MET H 217 -44.96 6.36 1.96
N ASP H 218 -45.50 7.06 0.94
CA ASP H 218 -44.76 8.12 0.27
C ASP H 218 -44.73 9.42 1.15
N GLU H 219 -44.15 10.53 0.65
CA GLU H 219 -44.04 11.79 1.41
C GLU H 219 -45.37 12.30 2.03
N THR H 220 -46.52 12.05 1.38
CA THR H 220 -47.82 12.48 1.91
C THR H 220 -48.44 11.51 2.94
N GLY H 221 -47.91 10.28 2.99
CA GLY H 221 -48.39 9.22 3.89
C GLY H 221 -49.43 8.34 3.23
N MET H 222 -49.37 8.21 1.90
CA MET H 222 -50.31 7.44 1.09
C MET H 222 -49.66 6.21 0.44
N VAL H 223 -50.49 5.33 -0.12
CA VAL H 223 -50.06 4.12 -0.79
C VAL H 223 -50.89 4.04 -2.07
N HIS H 224 -50.21 4.12 -3.21
CA HIS H 224 -50.88 4.03 -4.49
C HIS H 224 -50.69 2.62 -5.03
N CYS H 225 -51.80 1.97 -5.40
CA CYS H 225 -51.75 0.62 -5.95
C CYS H 225 -53.06 0.23 -6.63
N ASP H 226 -52.95 -0.61 -7.67
CA ASP H 226 -54.10 -1.18 -8.38
C ASP H 226 -54.55 -2.53 -7.78
N THR H 227 -53.97 -2.93 -6.63
CA THR H 227 -54.24 -4.19 -5.95
C THR H 227 -55.38 -4.07 -4.90
N ALA H 228 -56.48 -4.79 -5.15
CA ALA H 228 -57.58 -4.82 -4.20
C ALA H 228 -57.22 -5.92 -3.20
N VAL H 229 -56.38 -5.55 -2.21
CA VAL H 229 -55.82 -6.40 -1.16
C VAL H 229 -56.86 -6.80 -0.06
N GLY H 230 -56.44 -7.64 0.87
CA GLY H 230 -57.18 -8.03 2.05
C GLY H 230 -58.35 -8.98 1.96
N THR H 231 -58.93 -9.24 3.14
CA THR H 231 -60.08 -10.10 3.31
C THR H 231 -61.39 -9.36 3.07
N PRO H 232 -62.38 -10.04 2.50
CA PRO H 232 -63.67 -9.38 2.22
C PRO H 232 -64.32 -8.70 3.42
N ASP H 233 -64.34 -9.32 4.59
CA ASP H 233 -64.98 -8.79 5.79
C ASP H 233 -64.27 -7.62 6.47
N TYR H 234 -62.94 -7.55 6.35
CA TYR H 234 -62.16 -6.51 7.03
C TYR H 234 -61.74 -5.34 6.15
N ILE H 235 -62.10 -5.35 4.86
CA ILE H 235 -61.73 -4.29 3.93
C ILE H 235 -62.50 -3.00 4.20
N SER H 236 -61.83 -1.87 3.98
CA SER H 236 -62.35 -0.52 4.20
C SER H 236 -63.08 -0.01 2.96
N PRO H 237 -64.03 0.94 3.11
CA PRO H 237 -64.74 1.45 1.94
C PRO H 237 -63.87 2.20 0.92
N GLU H 238 -62.87 2.99 1.35
CA GLU H 238 -62.00 3.73 0.40
C GLU H 238 -61.18 2.81 -0.50
N VAL H 239 -60.86 1.61 -0.02
CA VAL H 239 -60.12 0.64 -0.80
C VAL H 239 -61.07 0.00 -1.82
N LEU H 240 -62.33 -0.29 -1.40
CA LEU H 240 -63.35 -0.84 -2.31
C LEU H 240 -63.60 0.09 -3.52
N LYS H 241 -63.74 1.41 -3.27
CA LYS H 241 -63.95 2.39 -4.34
C LYS H 241 -62.69 2.56 -5.22
N ASP H 246 -60.09 0.71 -6.85
CA ASP H 246 -58.76 1.26 -7.16
C ASP H 246 -58.51 2.69 -6.59
N GLY H 247 -57.23 3.13 -6.59
CA GLY H 247 -56.80 4.45 -6.14
C GLY H 247 -55.65 4.57 -5.13
N PHE H 248 -55.55 5.77 -4.50
CA PHE H 248 -54.55 6.14 -3.48
C PHE H 248 -55.23 6.34 -2.12
N TYR H 249 -54.58 5.93 -1.02
CA TYR H 249 -55.17 6.02 0.33
C TYR H 249 -54.13 5.98 1.46
N GLY H 250 -54.52 6.30 2.70
CA GLY H 250 -53.59 6.35 3.82
C GLY H 250 -53.62 5.32 4.94
N ARG H 251 -53.15 5.75 6.15
CA ARG H 251 -53.04 4.92 7.34
C ARG H 251 -54.38 4.63 8.00
N GLU H 252 -55.31 5.57 7.91
CA GLU H 252 -56.65 5.43 8.48
C GLU H 252 -57.36 4.17 8.02
N CYS H 253 -56.94 3.51 6.93
CA CYS H 253 -57.56 2.26 6.51
C CYS H 253 -57.22 1.11 7.44
N ASP H 254 -56.08 1.16 8.13
CA ASP H 254 -55.70 0.12 9.09
C ASP H 254 -56.60 0.18 10.33
N TRP H 255 -56.97 1.41 10.77
CA TRP H 255 -57.85 1.64 11.91
C TRP H 255 -59.30 1.25 11.66
N TRP H 256 -59.72 1.19 10.39
CA TRP H 256 -61.05 0.70 10.05
C TRP H 256 -61.13 -0.78 10.46
N SER H 257 -60.10 -1.56 10.12
CA SER H 257 -59.99 -3.00 10.42
C SER H 257 -59.98 -3.29 11.94
N VAL H 258 -59.53 -2.33 12.76
CA VAL H 258 -59.51 -2.38 14.24
C VAL H 258 -60.94 -2.24 14.80
N GLY H 259 -61.75 -1.39 14.17
CA GLY H 259 -63.16 -1.28 14.54
C GLY H 259 -63.88 -2.57 14.20
N VAL H 260 -63.58 -3.14 13.02
CA VAL H 260 -64.15 -4.43 12.61
C VAL H 260 -63.71 -5.54 13.57
N PHE H 261 -62.43 -5.54 14.00
CA PHE H 261 -61.87 -6.52 14.94
C PHE H 261 -62.56 -6.43 16.30
N LEU H 262 -62.70 -5.22 16.83
CA LEU H 262 -63.35 -5.02 18.11
C LEU H 262 -64.82 -5.44 18.03
N TYR H 263 -65.50 -5.18 16.90
CA TYR H 263 -66.89 -5.59 16.73
C TYR H 263 -66.96 -7.13 16.72
N GLU H 264 -66.14 -7.81 15.90
CA GLU H 264 -66.16 -9.27 15.85
C GLU H 264 -65.90 -9.89 17.25
N MET H 265 -65.01 -9.30 18.03
CA MET H 265 -64.70 -9.81 19.35
C MET H 265 -65.87 -9.73 20.34
N LEU H 266 -66.55 -8.60 20.38
CA LEU H 266 -67.63 -8.39 21.32
C LEU H 266 -68.96 -8.96 20.88
N VAL H 267 -69.30 -8.79 19.60
CA VAL H 267 -70.56 -9.23 19.02
C VAL H 267 -70.56 -10.71 18.62
N GLY H 268 -69.42 -11.22 18.14
CA GLY H 268 -69.35 -12.60 17.71
C GLY H 268 -69.49 -12.82 16.21
N ASP H 269 -69.79 -11.75 15.48
CA ASP H 269 -69.93 -11.79 14.03
C ASP H 269 -69.31 -10.52 13.46
N THR H 270 -68.99 -10.52 12.18
CA THR H 270 -68.41 -9.35 11.53
C THR H 270 -69.51 -8.30 11.24
N PRO H 271 -69.24 -6.97 11.32
CA PRO H 271 -70.34 -5.99 11.19
C PRO H 271 -71.05 -5.93 9.85
N PHE H 272 -70.37 -6.38 8.80
CA PHE H 272 -70.87 -6.30 7.44
C PHE H 272 -70.99 -7.64 6.75
N TYR H 273 -71.26 -8.69 7.52
CA TYR H 273 -71.38 -10.03 6.97
C TYR H 273 -72.61 -10.18 6.06
N ALA H 274 -72.44 -10.92 4.94
CA ALA H 274 -73.54 -11.25 4.03
C ALA H 274 -73.43 -12.69 3.45
N ASP H 275 -74.59 -13.34 3.20
CA ASP H 275 -74.67 -14.70 2.64
C ASP H 275 -74.05 -14.74 1.22
N SER H 276 -74.03 -13.57 0.52
CA SER H 276 -73.47 -13.33 -0.81
C SER H 276 -72.15 -12.57 -0.70
N LEU H 277 -71.27 -12.71 -1.71
CA LEU H 277 -69.98 -12.01 -1.69
C LEU H 277 -70.22 -10.52 -1.85
N VAL H 278 -71.00 -10.13 -2.85
CA VAL H 278 -71.34 -8.74 -3.15
C VAL H 278 -72.10 -8.01 -2.01
N GLY H 279 -72.93 -8.76 -1.28
CA GLY H 279 -73.68 -8.21 -0.17
C GLY H 279 -72.79 -7.69 0.95
N THR H 280 -71.56 -8.20 1.04
CA THR H 280 -70.62 -7.80 2.04
C THR H 280 -70.09 -6.45 1.68
N TYR H 281 -69.64 -6.26 0.43
CA TYR H 281 -69.15 -4.95 0.00
C TYR H 281 -70.29 -3.94 -0.16
N SER H 282 -71.53 -4.41 -0.33
CA SER H 282 -72.71 -3.57 -0.46
C SER H 282 -72.88 -2.76 0.85
N LYS H 283 -72.81 -3.51 1.99
CA LYS H 283 -72.94 -3.02 3.35
C LYS H 283 -71.76 -2.15 3.75
N ILE H 284 -70.51 -2.56 3.41
CA ILE H 284 -69.27 -1.84 3.76
C ILE H 284 -69.32 -0.38 3.34
N MET H 285 -69.85 -0.07 2.15
CA MET H 285 -69.97 1.35 1.72
C MET H 285 -71.18 2.00 2.35
N ASP H 286 -72.28 1.25 2.45
CA ASP H 286 -73.47 1.76 3.12
C ASP H 286 -73.30 1.63 4.65
N HIS H 287 -72.06 1.74 5.17
CA HIS H 287 -71.78 1.59 6.58
C HIS H 287 -72.58 2.54 7.47
N LYS H 288 -73.00 3.68 6.94
CA LYS H 288 -73.80 4.64 7.71
C LYS H 288 -75.15 4.03 8.12
N ASN H 289 -75.74 3.21 7.25
CA ASN H 289 -77.04 2.60 7.50
C ASN H 289 -76.99 1.08 7.80
N SER H 290 -75.90 0.40 7.42
CA SER H 290 -75.79 -1.05 7.61
C SER H 290 -75.20 -1.49 8.95
N LEU H 291 -74.47 -0.58 9.62
CA LEU H 291 -73.86 -0.92 10.90
C LEU H 291 -74.87 -0.79 11.99
N CYS H 292 -75.19 -1.89 12.65
CA CYS H 292 -76.09 -1.84 13.79
C CYS H 292 -75.75 -2.95 14.79
N PHE H 293 -75.83 -2.61 16.09
CA PHE H 293 -75.48 -3.56 17.12
C PHE H 293 -76.69 -4.38 17.50
N PRO H 294 -76.52 -5.69 17.53
CA PRO H 294 -77.66 -6.55 17.91
C PRO H 294 -78.14 -6.29 19.33
N GLU H 295 -79.46 -6.44 19.58
CA GLU H 295 -79.99 -6.19 20.89
C GLU H 295 -79.53 -7.23 21.92
N ASP H 296 -79.10 -8.43 21.47
CA ASP H 296 -78.58 -9.49 22.34
C ASP H 296 -77.06 -9.39 22.63
N ALA H 297 -76.36 -8.45 21.96
CA ALA H 297 -74.92 -8.25 22.08
C ALA H 297 -74.54 -7.55 23.37
N GLU H 298 -73.59 -8.14 24.12
CA GLU H 298 -73.15 -7.51 25.38
C GLU H 298 -71.99 -6.57 25.12
N ILE H 299 -72.29 -5.29 24.97
CA ILE H 299 -71.30 -4.29 24.66
C ILE H 299 -71.62 -2.97 25.37
N SER H 300 -70.60 -2.31 25.96
CA SER H 300 -70.79 -1.04 26.68
C SER H 300 -71.00 0.14 25.74
N LYS H 301 -71.40 1.32 26.28
CA LYS H 301 -71.59 2.50 25.45
C LYS H 301 -70.26 2.96 24.90
N HIS H 302 -69.18 2.91 25.71
CA HIS H 302 -67.83 3.31 25.28
C HIS H 302 -67.31 2.40 24.19
N ALA H 303 -67.59 1.10 24.29
CA ALA H 303 -67.16 0.14 23.28
C ALA H 303 -67.90 0.39 21.97
N LYS H 304 -69.22 0.66 22.07
CA LYS H 304 -70.05 0.95 20.91
C LYS H 304 -69.60 2.24 20.22
N ASN H 305 -69.29 3.24 21.02
CA ASN H 305 -68.87 4.55 20.55
C ASN H 305 -67.45 4.50 19.93
N LEU H 306 -66.58 3.57 20.39
CA LEU H 306 -65.24 3.45 19.81
C LEU H 306 -65.33 2.80 18.45
N ILE H 307 -66.11 1.71 18.32
CA ILE H 307 -66.33 1.01 17.04
C ILE H 307 -66.87 1.97 16.00
N CYS H 308 -67.73 2.89 16.41
CA CYS H 308 -68.32 3.86 15.52
C CYS H 308 -67.36 4.95 15.09
N ALA H 309 -66.37 5.27 15.92
CA ALA H 309 -65.36 6.27 15.54
C ALA H 309 -64.36 5.70 14.49
N PHE H 310 -64.21 4.37 14.46
CA PHE H 310 -63.35 3.69 13.51
C PHE H 310 -64.10 3.36 12.22
N LEU H 311 -65.41 3.04 12.33
CA LEU H 311 -66.20 2.68 11.14
C LEU H 311 -66.94 3.87 10.52
N THR H 312 -66.21 4.96 10.25
CA THR H 312 -66.76 6.17 9.61
C THR H 312 -66.08 6.35 8.23
N ASP H 313 -66.45 7.39 7.47
CA ASP H 313 -65.78 7.73 6.21
C ASP H 313 -64.36 8.21 6.58
N ARG H 314 -63.38 7.87 5.75
CA ARG H 314 -61.96 8.16 5.98
C ARG H 314 -61.63 9.59 6.44
N GLU H 315 -62.40 10.59 6.02
CA GLU H 315 -62.17 12.00 6.33
C GLU H 315 -62.31 12.35 7.81
N VAL H 316 -63.25 11.70 8.49
CA VAL H 316 -63.48 11.96 9.91
C VAL H 316 -63.16 10.73 10.81
N ARG H 317 -62.39 9.73 10.28
CA ARG H 317 -62.05 8.52 11.02
C ARG H 317 -61.08 8.74 12.16
N LEU H 318 -61.23 7.97 13.25
CA LEU H 318 -60.34 8.05 14.41
C LEU H 318 -58.97 7.46 14.05
N GLY H 319 -57.90 8.24 14.26
CA GLY H 319 -56.56 7.81 13.88
C GLY H 319 -56.02 8.52 12.64
N ARG H 320 -56.89 9.36 11.99
CA ARG H 320 -56.56 10.19 10.83
C ARG H 320 -55.50 11.21 11.27
N ASN H 321 -55.74 11.87 12.43
CA ASN H 321 -54.81 12.84 13.02
C ASN H 321 -53.53 12.16 13.62
N GLY H 322 -53.76 11.23 14.56
CA GLY H 322 -52.70 10.47 15.19
C GLY H 322 -53.21 9.36 16.08
N VAL H 323 -52.30 8.63 16.71
CA VAL H 323 -52.68 7.56 17.61
C VAL H 323 -53.11 8.14 19.00
N GLU H 324 -52.76 9.39 19.32
CA GLU H 324 -53.11 10.00 20.60
C GLU H 324 -54.62 10.04 20.81
N GLU H 325 -55.39 10.39 19.76
CA GLU H 325 -56.86 10.50 19.82
C GLU H 325 -57.48 9.14 20.20
N ILE H 326 -56.87 8.01 19.73
CA ILE H 326 -57.23 6.62 19.99
C ILE H 326 -56.92 6.22 21.45
N ARG H 327 -55.67 6.48 21.91
CA ARG H 327 -55.15 6.16 23.23
C ARG H 327 -55.90 6.83 24.38
N GLN H 328 -56.55 7.97 24.13
CA GLN H 328 -57.33 8.60 25.20
C GLN H 328 -58.85 8.41 25.05
N HIS H 329 -59.28 7.40 24.26
CA HIS H 329 -60.71 7.11 24.17
C HIS H 329 -61.14 6.51 25.51
N PRO H 330 -62.33 6.91 26.01
CA PRO H 330 -62.79 6.42 27.31
C PRO H 330 -62.89 4.91 27.44
N PHE H 331 -63.05 4.18 26.32
CA PHE H 331 -63.15 2.71 26.36
C PHE H 331 -61.97 2.06 27.04
N PHE H 332 -60.76 2.54 26.75
CA PHE H 332 -59.55 1.94 27.30
C PHE H 332 -59.28 2.20 28.78
N LYS H 333 -60.16 2.95 29.46
CA LYS H 333 -59.93 3.23 30.87
C LYS H 333 -60.25 1.98 31.70
N ASN H 334 -59.22 1.47 32.38
CA ASN H 334 -59.29 0.24 33.14
C ASN H 334 -58.40 0.26 34.40
N ASP H 335 -58.69 -0.63 35.37
CA ASP H 335 -57.93 -0.71 36.63
C ASP H 335 -56.78 -1.72 36.60
N GLN H 336 -56.37 -2.24 35.43
CA GLN H 336 -55.34 -3.28 35.37
C GLN H 336 -54.02 -2.86 34.72
N TRP H 337 -54.08 -2.17 33.58
CA TRP H 337 -52.89 -1.75 32.84
C TRP H 337 -52.96 -0.28 32.38
N HIS H 338 -51.81 0.26 31.96
CA HIS H 338 -51.60 1.59 31.36
C HIS H 338 -50.94 1.33 30.00
N TRP H 339 -50.96 2.32 29.10
CA TRP H 339 -50.31 2.12 27.79
C TRP H 339 -48.83 1.84 27.90
N ASP H 340 -48.18 2.39 28.94
CA ASP H 340 -46.75 2.24 29.14
C ASP H 340 -46.33 0.93 29.79
N ASN H 341 -47.29 0.05 30.17
CA ASN H 341 -46.91 -1.21 30.79
C ASN H 341 -47.78 -2.42 30.43
N ILE H 342 -48.77 -2.28 29.55
CA ILE H 342 -49.69 -3.38 29.23
C ILE H 342 -48.98 -4.70 28.87
N ARG H 343 -47.87 -4.64 28.11
CA ARG H 343 -47.04 -5.79 27.70
C ARG H 343 -46.40 -6.57 28.87
N GLU H 344 -46.30 -5.92 30.04
CA GLU H 344 -45.75 -6.57 31.20
C GLU H 344 -46.82 -6.92 32.27
N THR H 345 -48.12 -6.75 31.95
CA THR H 345 -49.22 -7.15 32.83
C THR H 345 -49.68 -8.55 32.43
N ALA H 346 -50.48 -9.23 33.28
CA ALA H 346 -50.92 -10.59 32.98
C ALA H 346 -51.96 -10.63 31.85
N ALA H 347 -51.71 -11.47 30.83
CA ALA H 347 -52.61 -11.62 29.70
C ALA H 347 -53.88 -12.37 30.10
N PRO H 348 -55.01 -12.16 29.39
CA PRO H 348 -56.26 -12.86 29.75
C PRO H 348 -56.19 -14.37 29.66
N VAL H 349 -55.56 -14.87 28.61
CA VAL H 349 -55.42 -16.32 28.43
C VAL H 349 -53.96 -16.62 28.28
N VAL H 350 -53.42 -17.41 29.21
CA VAL H 350 -52.01 -17.78 29.16
C VAL H 350 -51.91 -19.20 28.63
N PRO H 351 -51.13 -19.42 27.55
CA PRO H 351 -51.02 -20.77 26.98
C PRO H 351 -50.53 -21.81 27.99
N GLU H 352 -51.17 -22.99 27.97
CA GLU H 352 -50.75 -24.13 28.82
C GLU H 352 -50.07 -25.11 27.86
N LEU H 353 -48.73 -25.03 27.78
CA LEU H 353 -47.98 -25.84 26.81
C LEU H 353 -47.25 -26.99 27.49
N SER H 354 -47.31 -28.16 26.88
CA SER H 354 -46.69 -29.36 27.41
C SER H 354 -45.19 -29.51 27.07
N SER H 355 -44.74 -28.94 25.92
CA SER H 355 -43.35 -29.05 25.46
C SER H 355 -42.95 -27.87 24.57
N ASP H 356 -41.65 -27.81 24.16
CA ASP H 356 -41.17 -26.75 23.25
C ASP H 356 -41.74 -26.89 21.80
N ILE H 357 -42.36 -28.02 21.47
CA ILE H 357 -42.99 -28.25 20.18
C ILE H 357 -44.51 -28.48 20.30
N ASP H 358 -45.13 -28.01 21.38
CA ASP H 358 -46.57 -28.12 21.54
C ASP H 358 -47.20 -27.13 20.55
N SER H 359 -47.89 -27.67 19.53
CA SER H 359 -48.56 -26.86 18.50
C SER H 359 -50.08 -27.06 18.56
N SER H 360 -50.61 -27.22 19.79
CA SER H 360 -52.03 -27.49 20.01
C SER H 360 -52.92 -26.29 19.78
N ASN H 361 -52.37 -25.06 19.74
CA ASN H 361 -53.18 -23.87 19.45
C ASN H 361 -53.22 -23.54 17.94
N PHE H 362 -52.81 -24.52 17.11
CA PHE H 362 -52.80 -24.42 15.67
C PHE H 362 -53.55 -25.62 15.13
N ASP H 363 -54.50 -25.39 14.22
CA ASP H 363 -55.26 -26.48 13.62
C ASP H 363 -54.35 -27.34 12.74
N ASP H 364 -54.79 -28.58 12.45
CA ASP H 364 -54.03 -29.44 11.55
C ASP H 364 -54.19 -28.90 10.13
N ILE H 365 -53.13 -28.99 9.31
CA ILE H 365 -53.20 -28.44 7.96
C ILE H 365 -53.41 -29.51 6.86
N GLU H 366 -54.32 -29.25 5.89
CA GLU H 366 -54.62 -30.14 4.75
C GLU H 366 -53.53 -29.91 3.64
N ASP H 367 -52.79 -31.01 3.29
CA ASP H 367 -51.64 -31.14 2.37
C ASP H 367 -51.67 -30.30 1.04
N ASP H 368 -52.86 -30.03 0.47
CA ASP H 368 -53.04 -29.22 -0.75
C ASP H 368 -52.01 -29.51 -1.87
N VAL H 372 -46.14 -30.39 -6.50
CA VAL H 372 -45.25 -29.23 -6.61
C VAL H 372 -44.86 -28.99 -8.08
N GLU H 373 -44.82 -27.70 -8.50
CA GLU H 373 -44.41 -27.27 -9.83
C GLU H 373 -42.97 -26.70 -9.77
N THR H 374 -42.02 -27.33 -10.49
CA THR H 374 -40.62 -26.86 -10.53
C THR H 374 -40.33 -26.04 -11.81
N PHE H 375 -39.21 -25.32 -11.83
CA PHE H 375 -38.81 -24.52 -12.99
C PHE H 375 -38.36 -25.41 -14.15
N PRO H 376 -38.73 -25.04 -15.40
CA PRO H 376 -38.31 -25.85 -16.54
C PRO H 376 -36.85 -25.61 -16.93
N ILE H 377 -36.08 -26.69 -17.22
CA ILE H 377 -34.67 -26.55 -17.64
C ILE H 377 -34.59 -25.71 -18.92
N PRO H 378 -33.84 -24.60 -18.89
CA PRO H 378 -33.85 -23.70 -20.06
C PRO H 378 -32.77 -23.95 -21.12
N LYS H 379 -33.05 -23.42 -22.32
CA LYS H 379 -32.16 -23.52 -23.47
C LYS H 379 -31.19 -22.33 -23.50
N ALA H 380 -31.70 -21.14 -23.16
CA ALA H 380 -30.90 -19.91 -23.07
C ALA H 380 -31.06 -19.29 -21.65
N PHE H 381 -30.17 -18.33 -21.28
CA PHE H 381 -30.21 -17.67 -19.97
C PHE H 381 -31.55 -16.99 -19.70
N VAL H 382 -32.19 -17.40 -18.59
CA VAL H 382 -33.49 -16.87 -18.18
C VAL H 382 -33.35 -15.94 -16.99
N GLY H 383 -32.47 -16.30 -16.06
CA GLY H 383 -32.23 -15.51 -14.85
C GLY H 383 -33.36 -15.55 -13.83
N ASN H 384 -33.83 -16.75 -13.48
CA ASN H 384 -34.91 -16.89 -12.50
C ASN H 384 -34.48 -16.61 -11.05
N GLN H 385 -33.17 -16.69 -10.77
CA GLN H 385 -32.65 -16.42 -9.43
C GLN H 385 -32.38 -14.95 -9.16
N LEU H 386 -32.33 -14.12 -10.21
CA LEU H 386 -32.03 -12.70 -10.14
C LEU H 386 -32.91 -11.88 -9.20
N PRO H 387 -34.24 -12.11 -9.13
CA PRO H 387 -35.07 -11.28 -8.21
C PRO H 387 -34.93 -11.57 -6.70
N PHE H 388 -34.13 -12.60 -6.35
CA PHE H 388 -33.87 -13.08 -4.99
C PHE H 388 -32.46 -12.77 -4.46
N ILE H 389 -31.61 -12.09 -5.26
CA ILE H 389 -30.27 -11.75 -4.80
C ILE H 389 -30.38 -10.71 -3.68
N GLY H 390 -29.83 -11.06 -2.51
CA GLY H 390 -29.85 -10.18 -1.36
C GLY H 390 -30.84 -10.56 -0.27
N PHE H 391 -31.54 -11.68 -0.46
CA PHE H 391 -32.51 -12.13 0.52
C PHE H 391 -31.82 -12.67 1.76
N THR H 392 -30.68 -13.35 1.62
CA THR H 392 -29.98 -13.93 2.77
C THR H 392 -29.61 -12.88 3.82
N TYR H 393 -29.94 -13.17 5.08
CA TYR H 393 -29.67 -12.33 6.24
C TYR H 393 -29.35 -13.22 7.41
N TYR H 394 -28.22 -12.96 8.10
CA TYR H 394 -27.86 -13.70 9.30
C TYR H 394 -27.78 -12.72 10.46
N ARG H 395 -28.55 -12.98 11.53
CA ARG H 395 -28.52 -12.10 12.71
C ARG H 395 -27.17 -12.34 13.42
#